data_2JWL
#
_entry.id   2JWL
#
_entity_poly.entity_id   1
_entity_poly.type   'polypeptide(L)'
_entity_poly.pdbx_seq_one_letter_code
;GSVPVILEVAGIGKYAISIGGERQEGLTEEMVTQLSRQEFDKDNNTLFLVGGAKEVPYEEVIKALNLLHLAGIK
;
_entity_poly.pdbx_strand_id   A,B
#
# COMPACT_ATOMS: atom_id res chain seq x y z
N GLY A 1 -0.66 17.49 -0.02
CA GLY A 1 -1.24 16.89 -1.25
C GLY A 1 -2.72 16.59 -1.10
N SER A 2 -3.37 16.26 -2.22
CA SER A 2 -4.79 15.94 -2.21
C SER A 2 -5.03 14.48 -1.84
N VAL A 3 -4.72 13.57 -2.76
CA VAL A 3 -4.90 12.14 -2.52
C VAL A 3 -3.90 11.31 -3.34
N PRO A 4 -3.00 10.53 -2.68
CA PRO A 4 -1.99 9.69 -3.37
C PRO A 4 -2.52 8.82 -4.51
N VAL A 5 -1.66 7.90 -4.97
CA VAL A 5 -2.02 6.91 -5.97
C VAL A 5 -2.13 5.57 -5.24
N ILE A 6 -3.32 4.98 -5.26
CA ILE A 6 -3.56 3.73 -4.54
C ILE A 6 -3.91 2.59 -5.49
N LEU A 7 -3.22 1.46 -5.31
CA LEU A 7 -3.49 0.25 -6.10
C LEU A 7 -3.93 -0.85 -5.15
N GLU A 8 -5.10 -1.42 -5.46
CA GLU A 8 -5.71 -2.46 -4.64
C GLU A 8 -5.83 -3.80 -5.37
N VAL A 9 -5.39 -4.85 -4.69
CA VAL A 9 -5.47 -6.23 -5.18
C VAL A 9 -6.79 -6.87 -4.72
N ALA A 10 -7.78 -6.85 -5.63
CA ALA A 10 -9.11 -7.37 -5.34
C ALA A 10 -9.18 -8.90 -5.36
N GLY A 11 -8.21 -9.55 -5.99
CA GLY A 11 -8.24 -11.00 -6.04
C GLY A 11 -7.05 -11.61 -6.78
N ILE A 12 -7.35 -12.36 -7.84
CA ILE A 12 -6.35 -12.99 -8.67
C ILE A 12 -6.39 -12.41 -10.08
N GLY A 13 -5.65 -11.34 -10.28
CA GLY A 13 -5.60 -10.70 -11.59
C GLY A 13 -6.52 -9.49 -11.71
N LYS A 14 -7.33 -9.22 -10.68
CA LYS A 14 -8.24 -8.08 -10.69
C LYS A 14 -7.71 -7.00 -9.75
N TYR A 15 -7.67 -5.77 -10.25
CA TYR A 15 -7.17 -4.65 -9.45
C TYR A 15 -8.00 -3.37 -9.58
N ALA A 16 -7.91 -2.55 -8.55
CA ALA A 16 -8.60 -1.27 -8.47
C ALA A 16 -7.58 -0.17 -8.23
N ILE A 17 -7.77 1.01 -8.83
CA ILE A 17 -6.81 2.11 -8.62
C ILE A 17 -7.50 3.42 -8.29
N SER A 18 -6.99 4.10 -7.27
CA SER A 18 -7.52 5.39 -6.85
C SER A 18 -6.51 6.48 -7.16
N ILE A 19 -6.89 7.35 -8.09
CA ILE A 19 -6.05 8.43 -8.55
C ILE A 19 -6.60 9.78 -8.09
N GLY A 20 -5.92 10.41 -7.13
CA GLY A 20 -6.36 11.72 -6.64
C GLY A 20 -7.86 11.79 -6.34
N GLY A 21 -8.38 10.81 -5.62
CA GLY A 21 -9.79 10.81 -5.28
C GLY A 21 -10.67 10.00 -6.23
N GLU A 22 -10.25 9.82 -7.49
CA GLU A 22 -11.06 9.06 -8.45
C GLU A 22 -10.67 7.58 -8.41
N ARG A 23 -11.68 6.72 -8.25
CA ARG A 23 -11.47 5.27 -8.16
C ARG A 23 -11.88 4.55 -9.45
N GLN A 24 -11.00 3.65 -9.94
CA GLN A 24 -11.29 2.86 -11.13
C GLN A 24 -11.27 1.38 -10.76
N GLU A 25 -12.33 0.65 -11.11
CA GLU A 25 -12.44 -0.78 -10.78
C GLU A 25 -12.49 -1.66 -12.03
N GLY A 26 -12.08 -2.92 -11.86
CA GLY A 26 -12.12 -3.88 -12.95
C GLY A 26 -10.93 -3.77 -13.88
N LEU A 27 -9.79 -3.31 -13.37
CA LEU A 27 -8.60 -3.13 -14.20
C LEU A 27 -7.75 -4.40 -14.26
N THR A 28 -7.08 -4.57 -15.40
CA THR A 28 -6.20 -5.71 -15.64
C THR A 28 -4.76 -5.36 -15.24
N GLU A 29 -3.87 -6.35 -15.26
CA GLU A 29 -2.48 -6.10 -14.91
C GLU A 29 -1.79 -5.20 -15.94
N GLU A 30 -1.98 -5.48 -17.23
CA GLU A 30 -1.38 -4.67 -18.28
C GLU A 30 -1.91 -3.24 -18.25
N MET A 31 -3.21 -3.10 -17.96
CA MET A 31 -3.83 -1.79 -17.89
C MET A 31 -3.41 -1.03 -16.63
N VAL A 32 -3.28 -1.73 -15.50
CA VAL A 32 -2.86 -1.09 -14.25
C VAL A 32 -1.46 -0.51 -14.42
N THR A 33 -0.62 -1.20 -15.19
CA THR A 33 0.74 -0.75 -15.47
C THR A 33 0.70 0.56 -16.25
N GLN A 34 -0.09 0.55 -17.34
CA GLN A 34 -0.26 1.72 -18.20
C GLN A 34 -0.62 2.97 -17.40
N LEU A 35 -1.65 2.83 -16.57
CA LEU A 35 -2.13 3.93 -15.74
C LEU A 35 -1.09 4.35 -14.70
N SER A 36 -0.50 3.39 -14.00
CA SER A 36 0.50 3.68 -12.99
C SER A 36 1.69 4.45 -13.57
N ARG A 37 2.13 4.00 -14.75
CA ARG A 37 3.26 4.63 -15.45
C ARG A 37 2.91 6.05 -15.91
N GLN A 38 1.71 6.22 -16.46
CA GLN A 38 1.28 7.53 -16.94
C GLN A 38 1.17 8.52 -15.80
N GLU A 39 0.65 8.09 -14.65
CA GLU A 39 0.51 8.99 -13.51
C GLU A 39 1.87 9.35 -12.91
N PHE A 40 2.79 8.38 -12.88
CA PHE A 40 4.12 8.63 -12.33
C PHE A 40 4.96 9.53 -13.24
N ASP A 41 4.76 9.46 -14.56
CA ASP A 41 5.52 10.29 -15.49
C ASP A 41 5.05 11.74 -15.45
N LYS A 42 3.79 11.96 -15.07
CA LYS A 42 3.25 13.32 -14.98
C LYS A 42 3.59 13.93 -13.62
N ASP A 43 3.59 13.12 -12.57
CA ASP A 43 3.92 13.57 -11.22
C ASP A 43 4.99 12.65 -10.62
N ASN A 44 6.19 13.19 -10.42
CA ASN A 44 7.30 12.41 -9.88
C ASN A 44 7.26 12.27 -8.35
N ASN A 45 6.47 13.11 -7.66
CA ASN A 45 6.38 13.02 -6.20
C ASN A 45 5.10 12.33 -5.74
N THR A 46 4.47 11.55 -6.64
CA THR A 46 3.23 10.86 -6.34
C THR A 46 3.45 9.73 -5.33
N LEU A 47 2.81 9.82 -4.16
CA LEU A 47 2.93 8.76 -3.16
C LEU A 47 2.25 7.49 -3.68
N PHE A 48 3.03 6.41 -3.80
CA PHE A 48 2.49 5.14 -4.29
C PHE A 48 2.32 4.14 -3.15
N LEU A 49 1.13 3.58 -3.06
CA LEU A 49 0.81 2.62 -2.01
C LEU A 49 0.02 1.42 -2.56
N VAL A 50 0.35 0.23 -2.07
CA VAL A 50 -0.28 -1.01 -2.52
C VAL A 50 -0.94 -1.78 -1.37
N GLY A 51 -2.18 -2.23 -1.57
CA GLY A 51 -2.88 -2.98 -0.54
C GLY A 51 -3.66 -4.13 -1.13
N GLY A 52 -3.77 -5.22 -0.37
CA GLY A 52 -4.50 -6.40 -0.84
C GLY A 52 -5.62 -6.80 0.11
N ALA A 53 -6.63 -7.49 -0.41
CA ALA A 53 -7.77 -7.92 0.40
C ALA A 53 -7.43 -9.17 1.21
N LYS A 54 -8.26 -9.47 2.19
CA LYS A 54 -8.06 -10.62 3.07
C LYS A 54 -8.06 -11.95 2.32
N GLU A 55 -8.79 -12.02 1.20
CA GLU A 55 -8.88 -13.25 0.42
C GLU A 55 -7.76 -13.42 -0.60
N VAL A 56 -6.83 -12.46 -0.71
CA VAL A 56 -5.73 -12.57 -1.68
C VAL A 56 -4.47 -13.16 -1.04
N PRO A 57 -3.78 -14.11 -1.73
CA PRO A 57 -2.53 -14.70 -1.21
C PRO A 57 -1.43 -13.65 -1.15
N TYR A 58 -0.56 -13.68 -0.14
CA TYR A 58 0.51 -12.69 -0.03
C TYR A 58 1.44 -12.72 -1.24
N GLU A 59 1.67 -13.91 -1.79
CA GLU A 59 2.55 -14.07 -2.94
C GLU A 59 2.08 -13.18 -4.10
N GLU A 60 0.77 -12.94 -4.19
CA GLU A 60 0.24 -12.13 -5.28
C GLU A 60 0.54 -10.65 -5.03
N VAL A 61 0.54 -10.26 -3.75
CA VAL A 61 0.84 -8.88 -3.38
C VAL A 61 2.27 -8.56 -3.77
N ILE A 62 3.16 -9.54 -3.56
CA ILE A 62 4.57 -9.40 -3.92
C ILE A 62 4.68 -9.19 -5.43
N LYS A 63 3.98 -10.02 -6.18
CA LYS A 63 3.94 -9.92 -7.64
C LYS A 63 3.49 -8.53 -8.07
N ALA A 64 2.43 -8.01 -7.45
CA ALA A 64 1.93 -6.67 -7.75
C ALA A 64 3.02 -5.62 -7.55
N LEU A 65 3.67 -5.68 -6.38
CA LEU A 65 4.76 -4.76 -6.07
C LEU A 65 5.87 -4.93 -7.10
N ASN A 66 6.10 -6.19 -7.49
CA ASN A 66 7.11 -6.52 -8.50
C ASN A 66 6.78 -5.85 -9.83
N LEU A 67 5.51 -5.87 -10.22
CA LEU A 67 5.10 -5.27 -11.50
C LEU A 67 5.35 -3.76 -11.50
N LEU A 68 5.07 -3.13 -10.36
CA LEU A 68 5.27 -1.69 -10.23
C LEU A 68 6.76 -1.35 -10.36
N HIS A 69 7.60 -2.16 -9.73
CA HIS A 69 9.04 -1.96 -9.80
C HIS A 69 9.53 -2.09 -11.25
N LEU A 70 8.98 -3.07 -11.96
CA LEU A 70 9.35 -3.30 -13.36
C LEU A 70 9.11 -2.05 -14.22
N ALA A 71 8.02 -1.34 -13.96
CA ALA A 71 7.71 -0.12 -14.73
C ALA A 71 8.32 1.14 -14.11
N GLY A 72 9.18 0.97 -13.11
CA GLY A 72 9.83 2.06 -12.40
C GLY A 72 8.89 2.94 -11.59
N ILE A 73 7.98 2.33 -10.85
CA ILE A 73 7.07 3.08 -9.98
C ILE A 73 7.66 3.14 -8.56
N LYS A 74 8.37 2.09 -8.17
CA LYS A 74 8.98 2.03 -6.85
C LYS A 74 10.00 0.90 -6.78
N GLY B 1 -17.01 2.50 3.30
CA GLY B 1 -16.15 2.79 4.47
C GLY B 1 -15.68 4.24 4.51
N SER B 2 -15.07 4.63 5.63
CA SER B 2 -14.58 5.99 5.79
C SER B 2 -13.18 6.14 5.20
N VAL B 3 -12.19 5.57 5.89
CA VAL B 3 -10.81 5.64 5.42
C VAL B 3 -9.99 4.42 5.92
N PRO B 4 -9.46 3.58 4.99
CA PRO B 4 -8.67 2.37 5.35
C PRO B 4 -7.56 2.60 6.38
N VAL B 5 -6.71 1.58 6.53
CA VAL B 5 -5.53 1.65 7.38
C VAL B 5 -4.33 1.73 6.43
N ILE B 6 -3.57 2.83 6.53
CA ILE B 6 -2.43 3.06 5.65
C ILE B 6 -1.12 3.11 6.42
N LEU B 7 -0.13 2.34 5.93
CA LEU B 7 1.20 2.32 6.53
C LEU B 7 2.19 2.82 5.47
N GLU B 8 2.96 3.85 5.85
CA GLU B 8 3.92 4.48 4.96
C GLU B 8 5.37 4.32 5.45
N VAL B 9 6.23 3.90 4.52
CA VAL B 9 7.67 3.74 4.77
C VAL B 9 8.39 5.05 4.42
N ALA B 10 8.65 5.85 5.45
CA ALA B 10 9.29 7.15 5.29
C ALA B 10 10.80 7.05 5.04
N GLY B 11 11.40 5.92 5.39
CA GLY B 11 12.83 5.77 5.18
C GLY B 11 13.38 4.42 5.62
N ILE B 12 14.36 4.46 6.51
CA ILE B 12 14.97 3.25 7.06
C ILE B 12 14.63 3.11 8.53
N GLY B 13 13.50 2.47 8.81
CA GLY B 13 13.09 2.26 10.18
C GLY B 13 12.04 3.25 10.67
N LYS B 14 11.73 4.27 9.86
CA LYS B 14 10.73 5.28 10.22
C LYS B 14 9.45 5.04 9.41
N TYR B 15 8.32 5.04 10.11
CA TYR B 15 7.03 4.82 9.46
C TYR B 15 5.92 5.75 9.96
N ALA B 16 4.94 5.92 9.09
CA ALA B 16 3.77 6.75 9.35
C ALA B 16 2.51 5.92 9.15
N ILE B 17 1.49 6.12 9.98
CA ILE B 17 0.25 5.34 9.83
C ILE B 17 -1.00 6.21 9.85
N SER B 18 -1.89 5.97 8.90
CA SER B 18 -3.15 6.70 8.82
C SER B 18 -4.30 5.77 9.17
N ILE B 19 -4.94 6.07 10.28
CA ILE B 19 -6.04 5.29 10.79
C ILE B 19 -7.36 6.05 10.67
N GLY B 20 -8.23 5.63 9.75
CA GLY B 20 -9.52 6.29 9.57
C GLY B 20 -9.44 7.81 9.53
N GLY B 21 -8.51 8.35 8.73
CA GLY B 21 -8.38 9.79 8.63
C GLY B 21 -7.32 10.39 9.55
N GLU B 22 -7.01 9.74 10.67
CA GLU B 22 -5.99 10.27 11.59
C GLU B 22 -4.61 9.75 11.23
N ARG B 23 -3.65 10.66 11.07
CA ARG B 23 -2.28 10.31 10.68
C ARG B 23 -1.31 10.41 11.87
N GLN B 24 -0.48 9.37 12.05
CA GLN B 24 0.53 9.35 13.11
C GLN B 24 1.92 9.23 12.47
N GLU B 25 2.83 10.13 12.85
CA GLU B 25 4.18 10.14 12.28
C GLU B 25 5.26 9.88 13.34
N GLY B 26 6.40 9.39 12.88
CA GLY B 26 7.53 9.11 13.78
C GLY B 26 7.40 7.80 14.52
N LEU B 27 6.71 6.83 13.93
CA LEU B 27 6.52 5.54 14.57
C LEU B 27 7.65 4.55 14.27
N THR B 28 7.90 3.68 15.24
CA THR B 28 8.94 2.65 15.13
C THR B 28 8.34 1.36 14.58
N GLU B 29 9.18 0.38 14.28
CA GLU B 29 8.69 -0.90 13.76
C GLU B 29 7.88 -1.65 14.82
N GLU B 30 8.39 -1.73 16.05
CA GLU B 30 7.68 -2.42 17.13
C GLU B 30 6.35 -1.74 17.44
N MET B 31 6.35 -0.41 17.39
CA MET B 31 5.13 0.36 17.65
C MET B 31 4.13 0.24 16.51
N VAL B 32 4.63 0.25 15.25
CA VAL B 32 3.74 0.13 14.10
C VAL B 32 3.00 -1.21 14.15
N THR B 33 3.69 -2.24 14.64
CA THR B 33 3.10 -3.57 14.78
C THR B 33 1.96 -3.53 15.78
N GLN B 34 2.25 -2.96 16.96
CA GLN B 34 1.26 -2.82 18.04
C GLN B 34 -0.04 -2.18 17.54
N LEU B 35 0.11 -1.04 16.87
CA LEU B 35 -1.03 -0.31 16.33
C LEU B 35 -1.76 -1.10 15.24
N SER B 36 -1.01 -1.65 14.29
CA SER B 36 -1.59 -2.42 13.21
C SER B 36 -2.40 -3.61 13.73
N ARG B 37 -1.84 -4.31 14.72
CA ARG B 37 -2.50 -5.45 15.34
C ARG B 37 -3.76 -5.04 16.10
N GLN B 38 -3.68 -3.94 16.85
CA GLN B 38 -4.83 -3.48 17.62
C GLN B 38 -5.97 -3.05 16.71
N GLU B 39 -5.65 -2.40 15.59
CA GLU B 39 -6.69 -1.95 14.67
C GLU B 39 -7.32 -3.13 13.94
N PHE B 40 -6.52 -4.13 13.59
CA PHE B 40 -7.03 -5.30 12.90
C PHE B 40 -7.88 -6.19 13.82
N ASP B 41 -7.56 -6.24 15.12
CA ASP B 41 -8.33 -7.07 16.05
C ASP B 41 -9.69 -6.45 16.34
N LYS B 42 -9.80 -5.12 16.22
CA LYS B 42 -11.06 -4.43 16.45
C LYS B 42 -11.93 -4.46 15.19
N ASP B 43 -11.30 -4.36 14.03
CA ASP B 43 -12.00 -4.39 12.75
C ASP B 43 -11.35 -5.43 11.83
N ASN B 44 -12.08 -6.51 11.55
CA ASN B 44 -11.55 -7.58 10.71
C ASN B 44 -11.66 -7.28 9.21
N ASN B 45 -12.47 -6.30 8.81
CA ASN B 45 -12.62 -5.96 7.40
C ASN B 45 -11.83 -4.69 7.02
N THR B 46 -10.85 -4.33 7.85
CA THR B 46 -10.05 -3.13 7.61
C THR B 46 -9.14 -3.29 6.41
N LEU B 47 -9.32 -2.46 5.38
CA LEU B 47 -8.46 -2.51 4.20
C LEU B 47 -7.05 -2.08 4.59
N PHE B 48 -6.07 -2.96 4.38
CA PHE B 48 -4.68 -2.66 4.72
C PHE B 48 -3.87 -2.42 3.45
N LEU B 49 -3.17 -1.28 3.45
CA LEU B 49 -2.35 -0.88 2.30
C LEU B 49 -0.99 -0.34 2.75
N VAL B 50 0.05 -0.70 1.99
CA VAL B 50 1.42 -0.30 2.31
C VAL B 50 2.08 0.46 1.16
N GLY B 51 2.72 1.59 1.46
CA GLY B 51 3.38 2.38 0.44
C GLY B 51 4.72 2.92 0.94
N GLY B 52 5.68 3.05 0.01
CA GLY B 52 7.00 3.55 0.36
C GLY B 52 7.39 4.77 -0.45
N ALA B 53 8.28 5.60 0.10
CA ALA B 53 8.73 6.80 -0.59
C ALA B 53 9.77 6.47 -1.66
N LYS B 54 10.03 7.44 -2.53
CA LYS B 54 10.99 7.28 -3.63
C LYS B 54 12.41 6.99 -3.14
N GLU B 55 12.76 7.50 -1.96
CA GLU B 55 14.10 7.32 -1.40
C GLU B 55 14.28 6.02 -0.62
N VAL B 56 13.23 5.20 -0.48
CA VAL B 56 13.34 3.95 0.26
C VAL B 56 13.65 2.75 -0.66
N PRO B 57 14.59 1.85 -0.27
CA PRO B 57 14.91 0.67 -1.08
C PRO B 57 13.71 -0.29 -1.12
N TYR B 58 13.47 -0.97 -2.24
CA TYR B 58 12.33 -1.88 -2.34
C TYR B 58 12.43 -3.02 -1.32
N GLU B 59 13.66 -3.46 -1.04
CA GLU B 59 13.87 -4.55 -0.08
C GLU B 59 13.25 -4.19 1.28
N GLU B 60 13.21 -2.90 1.61
CA GLU B 60 12.66 -2.49 2.90
C GLU B 60 11.14 -2.59 2.87
N VAL B 61 10.55 -2.31 1.71
CA VAL B 61 9.10 -2.39 1.56
C VAL B 61 8.67 -3.83 1.76
N ILE B 62 9.47 -4.77 1.24
CA ILE B 62 9.19 -6.20 1.40
C ILE B 62 9.21 -6.55 2.88
N LYS B 63 10.25 -6.08 3.57
CA LYS B 63 10.38 -6.29 5.01
C LYS B 63 9.15 -5.79 5.76
N ALA B 64 8.68 -4.58 5.40
CA ALA B 64 7.49 -3.99 6.02
C ALA B 64 6.28 -4.91 5.84
N LEU B 65 6.06 -5.35 4.60
CA LEU B 65 4.97 -6.26 4.30
C LEU B 65 5.15 -7.56 5.09
N ASN B 66 6.41 -7.98 5.21
CA ASN B 66 6.76 -9.18 5.96
C ASN B 66 6.36 -9.03 7.43
N LEU B 67 6.62 -7.86 8.01
CA LEU B 67 6.29 -7.62 9.42
C LEU B 67 4.79 -7.70 9.65
N LEU B 68 4.02 -7.16 8.71
CA LEU B 68 2.57 -7.17 8.81
C LEU B 68 2.05 -8.60 8.76
N HIS B 69 2.63 -9.42 7.87
CA HIS B 69 2.24 -10.82 7.75
C HIS B 69 2.55 -11.57 9.06
N LEU B 70 3.68 -11.26 9.66
CA LEU B 70 4.09 -11.89 10.92
C LEU B 70 3.03 -11.68 12.01
N ALA B 71 2.44 -10.49 12.06
CA ALA B 71 1.42 -10.19 13.08
C ALA B 71 0.00 -10.54 12.61
N GLY B 72 -0.10 -11.23 11.47
CA GLY B 72 -1.37 -11.61 10.88
C GLY B 72 -2.23 -10.46 10.39
N ILE B 73 -1.63 -9.50 9.71
CA ILE B 73 -2.38 -8.38 9.15
C ILE B 73 -2.75 -8.70 7.69
N LYS B 74 -1.88 -9.43 7.01
CA LYS B 74 -2.12 -9.80 5.62
C LYS B 74 -1.16 -10.91 5.18
N GLY A 1 -0.54 17.32 0.08
CA GLY A 1 -1.12 16.71 -1.14
C GLY A 1 -2.61 16.47 -1.01
N SER A 2 -3.28 16.26 -2.15
CA SER A 2 -4.72 16.01 -2.16
C SER A 2 -5.02 14.56 -1.79
N VAL A 3 -4.73 13.65 -2.72
CA VAL A 3 -4.97 12.22 -2.49
C VAL A 3 -3.98 11.36 -3.31
N PRO A 4 -3.10 10.58 -2.64
CA PRO A 4 -2.10 9.72 -3.31
C PRO A 4 -2.64 8.85 -4.45
N VAL A 5 -1.78 7.94 -4.93
CA VAL A 5 -2.15 6.95 -5.93
C VAL A 5 -2.27 5.62 -5.19
N ILE A 6 -3.46 5.03 -5.22
CA ILE A 6 -3.71 3.79 -4.49
C ILE A 6 -4.04 2.63 -5.44
N LEU A 7 -3.33 1.52 -5.28
CA LEU A 7 -3.58 0.32 -6.06
C LEU A 7 -4.05 -0.79 -5.12
N GLU A 8 -5.20 -1.38 -5.43
CA GLU A 8 -5.81 -2.42 -4.62
C GLU A 8 -5.93 -3.75 -5.35
N VAL A 9 -5.48 -4.81 -4.67
CA VAL A 9 -5.56 -6.18 -5.18
C VAL A 9 -6.87 -6.82 -4.73
N ALA A 10 -7.87 -6.78 -5.62
CA ALA A 10 -9.20 -7.31 -5.33
C ALA A 10 -9.26 -8.84 -5.34
N GLY A 11 -8.28 -9.48 -5.97
CA GLY A 11 -8.28 -10.94 -6.03
C GLY A 11 -7.09 -11.53 -6.75
N ILE A 12 -7.37 -12.28 -7.81
CA ILE A 12 -6.33 -12.90 -8.63
C ILE A 12 -6.38 -12.34 -10.04
N GLY A 13 -5.64 -11.25 -10.25
CA GLY A 13 -5.59 -10.63 -11.56
C GLY A 13 -6.51 -9.42 -11.69
N LYS A 14 -7.34 -9.17 -10.68
CA LYS A 14 -8.27 -8.03 -10.70
C LYS A 14 -7.74 -6.95 -9.75
N TYR A 15 -7.69 -5.72 -10.25
CA TYR A 15 -7.19 -4.61 -9.43
C TYR A 15 -8.03 -3.34 -9.59
N ALA A 16 -7.94 -2.51 -8.56
CA ALA A 16 -8.63 -1.24 -8.49
C ALA A 16 -7.62 -0.13 -8.24
N ILE A 17 -7.80 1.05 -8.85
CA ILE A 17 -6.84 2.13 -8.64
C ILE A 17 -7.53 3.45 -8.31
N SER A 18 -7.02 4.13 -7.29
CA SER A 18 -7.56 5.41 -6.88
C SER A 18 -6.55 6.50 -7.18
N ILE A 19 -6.92 7.37 -8.12
CA ILE A 19 -6.07 8.45 -8.57
C ILE A 19 -6.63 9.80 -8.11
N GLY A 20 -5.96 10.43 -7.13
CA GLY A 20 -6.39 11.73 -6.65
C GLY A 20 -7.89 11.81 -6.36
N GLY A 21 -8.42 10.82 -5.64
CA GLY A 21 -9.84 10.82 -5.30
C GLY A 21 -10.71 10.01 -6.25
N GLU A 22 -10.28 9.84 -7.52
CA GLU A 22 -11.09 9.08 -8.48
C GLU A 22 -10.70 7.60 -8.44
N ARG A 23 -11.70 6.74 -8.28
CA ARG A 23 -11.49 5.30 -8.20
C ARG A 23 -11.90 4.57 -9.48
N GLN A 24 -11.02 3.69 -9.96
CA GLN A 24 -11.30 2.89 -11.16
C GLN A 24 -11.27 1.40 -10.79
N GLU A 25 -12.34 0.68 -11.13
CA GLU A 25 -12.45 -0.75 -10.80
C GLU A 25 -12.51 -1.63 -12.05
N GLY A 26 -12.11 -2.90 -11.89
CA GLY A 26 -12.15 -3.84 -12.98
C GLY A 26 -10.95 -3.74 -13.90
N LEU A 27 -9.81 -3.27 -13.39
CA LEU A 27 -8.63 -3.11 -14.22
C LEU A 27 -7.79 -4.38 -14.27
N THR A 28 -7.11 -4.56 -15.41
CA THR A 28 -6.25 -5.72 -15.65
C THR A 28 -4.81 -5.37 -15.25
N GLU A 29 -3.92 -6.36 -15.29
CA GLU A 29 -2.52 -6.13 -14.94
C GLU A 29 -1.84 -5.24 -15.97
N GLU A 30 -2.02 -5.52 -17.25
CA GLU A 30 -1.42 -4.70 -18.31
C GLU A 30 -1.94 -3.27 -18.26
N MET A 31 -3.24 -3.13 -17.97
CA MET A 31 -3.86 -1.81 -17.88
C MET A 31 -3.42 -1.06 -16.63
N VAL A 32 -3.31 -1.76 -15.49
CA VAL A 32 -2.88 -1.14 -14.25
C VAL A 32 -1.47 -0.55 -14.42
N THR A 33 -0.64 -1.25 -15.20
CA THR A 33 0.72 -0.80 -15.47
C THR A 33 0.69 0.50 -16.25
N GLN A 34 -0.10 0.50 -17.34
CA GLN A 34 -0.27 1.67 -18.21
C GLN A 34 -0.64 2.93 -17.41
N LEU A 35 -1.66 2.78 -16.57
CA LEU A 35 -2.14 3.88 -15.74
C LEU A 35 -1.11 4.30 -14.71
N SER A 36 -0.53 3.33 -14.01
CA SER A 36 0.48 3.61 -12.99
C SER A 36 1.69 4.37 -13.58
N ARG A 37 2.13 3.92 -14.75
CA ARG A 37 3.25 4.53 -15.45
C ARG A 37 2.92 5.95 -15.91
N GLN A 38 1.73 6.14 -16.47
CA GLN A 38 1.31 7.45 -16.96
C GLN A 38 1.19 8.45 -15.81
N GLU A 39 0.67 8.01 -14.66
CA GLU A 39 0.51 8.90 -13.53
C GLU A 39 1.86 9.29 -12.94
N PHE A 40 2.80 8.35 -12.90
CA PHE A 40 4.12 8.62 -12.34
C PHE A 40 4.95 9.54 -13.25
N ASP A 41 4.75 9.47 -14.57
CA ASP A 41 5.50 10.31 -15.50
C ASP A 41 5.00 11.76 -15.47
N LYS A 42 3.73 11.93 -15.11
CA LYS A 42 3.16 13.28 -15.03
C LYS A 42 3.46 13.91 -13.66
N ASP A 43 3.48 13.10 -12.61
CA ASP A 43 3.79 13.55 -11.27
C ASP A 43 4.88 12.67 -10.66
N ASN A 44 6.05 13.26 -10.41
CA ASN A 44 7.18 12.51 -9.86
C ASN A 44 7.13 12.41 -8.33
N ASN A 45 6.34 13.24 -7.65
CA ASN A 45 6.25 13.19 -6.20
C ASN A 45 4.98 12.48 -5.72
N THR A 46 4.37 11.69 -6.62
CA THR A 46 3.14 10.97 -6.31
C THR A 46 3.37 9.85 -5.30
N LEU A 47 2.75 9.94 -4.12
CA LEU A 47 2.88 8.89 -3.12
C LEU A 47 2.21 7.62 -3.64
N PHE A 48 2.98 6.53 -3.75
CA PHE A 48 2.44 5.26 -4.23
C PHE A 48 2.24 4.28 -3.08
N LEU A 49 1.02 3.77 -2.97
CA LEU A 49 0.65 2.83 -1.92
C LEU A 49 -0.16 1.66 -2.49
N VAL A 50 0.13 0.47 -2.00
CA VAL A 50 -0.53 -0.74 -2.48
C VAL A 50 -1.16 -1.56 -1.35
N GLY A 51 -2.39 -2.03 -1.56
CA GLY A 51 -3.07 -2.83 -0.54
C GLY A 51 -3.76 -4.04 -1.14
N GLY A 52 -3.79 -5.13 -0.39
CA GLY A 52 -4.43 -6.36 -0.84
C GLY A 52 -5.54 -6.79 0.09
N ALA A 53 -6.52 -7.52 -0.46
CA ALA A 53 -7.66 -7.99 0.33
C ALA A 53 -7.29 -9.24 1.15
N LYS A 54 -8.14 -9.56 2.11
CA LYS A 54 -7.93 -10.71 3.00
C LYS A 54 -7.90 -12.04 2.23
N GLU A 55 -8.62 -12.11 1.12
CA GLU A 55 -8.70 -13.33 0.32
C GLU A 55 -7.56 -13.48 -0.70
N VAL A 56 -6.67 -12.49 -0.82
CA VAL A 56 -5.57 -12.56 -1.78
C VAL A 56 -4.31 -13.20 -1.17
N PRO A 57 -3.62 -14.13 -1.90
CA PRO A 57 -2.40 -14.76 -1.39
C PRO A 57 -1.27 -13.75 -1.33
N TYR A 58 -0.41 -13.82 -0.30
CA TYR A 58 0.69 -12.85 -0.19
C TYR A 58 1.64 -12.90 -1.38
N GLU A 59 1.88 -14.10 -1.90
CA GLU A 59 2.79 -14.26 -3.05
C GLU A 59 2.31 -13.40 -4.23
N GLU A 60 0.99 -13.20 -4.33
CA GLU A 60 0.47 -12.41 -5.44
C GLU A 60 0.70 -10.93 -5.19
N VAL A 61 0.69 -10.54 -3.92
CA VAL A 61 0.95 -9.15 -3.55
C VAL A 61 2.38 -8.79 -3.93
N ILE A 62 3.30 -9.73 -3.69
CA ILE A 62 4.71 -9.56 -4.03
C ILE A 62 4.84 -9.35 -5.54
N LYS A 63 4.13 -10.20 -6.29
CA LYS A 63 4.10 -10.11 -7.75
C LYS A 63 3.64 -8.73 -8.21
N ALA A 64 2.57 -8.21 -7.58
CA ALA A 64 2.04 -6.88 -7.91
C ALA A 64 3.12 -5.82 -7.69
N LEU A 65 3.77 -5.88 -6.53
CA LEU A 65 4.84 -4.94 -6.21
C LEU A 65 5.95 -5.06 -7.26
N ASN A 66 6.20 -6.30 -7.67
CA ASN A 66 7.20 -6.60 -8.68
C ASN A 66 6.89 -5.90 -10.01
N LEU A 67 5.61 -5.92 -10.40
CA LEU A 67 5.21 -5.30 -11.67
C LEU A 67 5.40 -3.79 -11.62
N LEU A 68 5.08 -3.20 -10.47
CA LEU A 68 5.23 -1.76 -10.31
C LEU A 68 6.70 -1.36 -10.41
N HIS A 69 7.57 -2.15 -9.78
CA HIS A 69 9.01 -1.90 -9.84
C HIS A 69 9.51 -2.01 -11.27
N LEU A 70 8.99 -2.99 -12.01
CA LEU A 70 9.38 -3.20 -13.41
C LEU A 70 9.10 -1.96 -14.25
N ALA A 71 7.97 -1.29 -13.99
CA ALA A 71 7.62 -0.08 -14.75
C ALA A 71 8.17 1.21 -14.11
N GLY A 72 9.03 1.06 -13.10
CA GLY A 72 9.61 2.17 -12.38
C GLY A 72 8.63 3.00 -11.56
N ILE A 73 7.73 2.35 -10.83
CA ILE A 73 6.79 3.07 -9.97
C ILE A 73 7.35 3.12 -8.55
N LYS A 74 8.04 2.06 -8.15
CA LYS A 74 8.64 1.99 -6.82
C LYS A 74 9.57 0.78 -6.71
N GLY B 1 -16.88 2.38 3.13
CA GLY B 1 -16.00 2.66 4.30
C GLY B 1 -15.59 4.12 4.36
N SER B 2 -15.11 4.55 5.53
CA SER B 2 -14.67 5.93 5.71
C SER B 2 -13.27 6.13 5.15
N VAL B 3 -12.26 5.58 5.83
CA VAL B 3 -10.88 5.70 5.39
C VAL B 3 -10.04 4.51 5.88
N PRO B 4 -9.50 3.67 4.95
CA PRO B 4 -8.70 2.48 5.29
C PRO B 4 -7.59 2.72 6.33
N VAL B 5 -6.74 1.70 6.50
CA VAL B 5 -5.56 1.78 7.35
C VAL B 5 -4.36 1.88 6.40
N ILE B 6 -3.62 2.97 6.51
CA ILE B 6 -2.48 3.21 5.62
C ILE B 6 -1.16 3.24 6.39
N LEU B 7 -0.19 2.46 5.91
CA LEU B 7 1.15 2.42 6.51
C LEU B 7 2.14 2.92 5.45
N GLU B 8 2.92 3.94 5.83
CA GLU B 8 3.89 4.56 4.94
C GLU B 8 5.33 4.41 5.44
N VAL B 9 6.20 3.98 4.51
CA VAL B 9 7.62 3.82 4.77
C VAL B 9 8.36 5.12 4.42
N ALA B 10 8.60 5.94 5.44
CA ALA B 10 9.24 7.23 5.28
C ALA B 10 10.75 7.12 5.03
N GLY B 11 11.35 5.98 5.37
CA GLY B 11 12.78 5.81 5.17
C GLY B 11 13.29 4.46 5.61
N ILE B 12 14.29 4.47 6.48
CA ILE B 12 14.88 3.24 7.02
C ILE B 12 14.55 3.11 8.50
N GLY B 13 13.41 2.46 8.79
CA GLY B 13 13.01 2.25 10.16
C GLY B 13 11.97 3.26 10.66
N LYS B 14 11.67 4.27 9.86
CA LYS B 14 10.68 5.29 10.22
C LYS B 14 9.41 5.07 9.41
N TYR B 15 8.28 5.06 10.10
CA TYR B 15 7.00 4.84 9.44
C TYR B 15 5.89 5.76 9.95
N ALA B 16 4.90 5.96 9.08
CA ALA B 16 3.74 6.78 9.35
C ALA B 16 2.48 5.94 9.16
N ILE B 17 1.45 6.14 9.99
CA ILE B 17 0.23 5.36 9.84
C ILE B 17 -1.02 6.23 9.86
N SER B 18 -1.92 5.98 8.91
CA SER B 18 -3.17 6.73 8.82
C SER B 18 -4.32 5.80 9.16
N ILE B 19 -4.97 6.09 10.28
CA ILE B 19 -6.07 5.30 10.78
C ILE B 19 -7.38 6.07 10.66
N GLY B 20 -8.25 5.65 9.74
CA GLY B 20 -9.54 6.30 9.56
C GLY B 20 -9.46 7.83 9.53
N GLY B 21 -8.53 8.36 8.73
CA GLY B 21 -8.39 9.82 8.63
C GLY B 21 -7.34 10.42 9.55
N GLU B 22 -7.02 9.76 10.67
CA GLU B 22 -6.01 10.28 11.59
C GLU B 22 -4.63 9.76 11.23
N ARG B 23 -3.68 10.68 11.07
CA ARG B 23 -2.30 10.33 10.70
C ARG B 23 -1.33 10.42 11.88
N GLN B 24 -0.51 9.38 12.05
CA GLN B 24 0.50 9.36 13.12
C GLN B 24 1.89 9.24 12.48
N GLU B 25 2.80 10.14 12.86
CA GLU B 25 4.15 10.15 12.29
C GLU B 25 5.22 9.90 13.35
N GLY B 26 6.38 9.40 12.90
CA GLY B 26 7.50 9.14 13.79
C GLY B 26 7.38 7.82 14.53
N LEU B 27 6.69 6.85 13.94
CA LEU B 27 6.49 5.55 14.58
C LEU B 27 7.64 4.59 14.28
N THR B 28 7.90 3.71 15.25
CA THR B 28 8.94 2.70 15.14
C THR B 28 8.36 1.39 14.58
N GLU B 29 9.20 0.41 14.30
CA GLU B 29 8.72 -0.87 13.79
C GLU B 29 7.92 -1.63 14.85
N GLU B 30 8.42 -1.70 16.07
CA GLU B 30 7.72 -2.39 17.15
C GLU B 30 6.38 -1.72 17.44
N MET B 31 6.38 -0.38 17.40
CA MET B 31 5.16 0.38 17.65
C MET B 31 4.16 0.26 16.49
N VAL B 32 4.65 0.27 15.24
CA VAL B 32 3.78 0.14 14.08
C VAL B 32 3.04 -1.21 14.13
N THR B 33 3.74 -2.23 14.63
CA THR B 33 3.16 -3.56 14.77
C THR B 33 2.01 -3.52 15.77
N GLN B 34 2.29 -2.94 16.95
CA GLN B 34 1.31 -2.81 18.03
C GLN B 34 0.01 -2.18 17.53
N LEU B 35 0.15 -1.03 16.86
CA LEU B 35 -0.99 -0.30 16.32
C LEU B 35 -1.70 -1.10 15.23
N SER B 36 -0.96 -1.64 14.28
CA SER B 36 -1.53 -2.41 13.19
C SER B 36 -2.33 -3.61 13.71
N ARG B 37 -1.77 -4.30 14.70
CA ARG B 37 -2.42 -5.46 15.31
C ARG B 37 -3.68 -5.06 16.07
N GLN B 38 -3.61 -3.96 16.83
CA GLN B 38 -4.76 -3.51 17.61
C GLN B 38 -5.90 -3.08 16.69
N GLU B 39 -5.58 -2.42 15.59
CA GLU B 39 -6.62 -1.97 14.67
C GLU B 39 -7.27 -3.14 13.95
N PHE B 40 -6.49 -4.16 13.59
CA PHE B 40 -7.03 -5.33 12.91
C PHE B 40 -7.89 -6.19 13.82
N ASP B 41 -7.57 -6.24 15.11
CA ASP B 41 -8.35 -7.05 16.05
C ASP B 41 -9.70 -6.40 16.36
N LYS B 42 -9.77 -5.07 16.25
CA LYS B 42 -11.01 -4.35 16.50
C LYS B 42 -11.90 -4.34 15.24
N ASP B 43 -11.26 -4.26 14.08
CA ASP B 43 -11.98 -4.27 12.80
C ASP B 43 -11.36 -5.33 11.88
N ASN B 44 -12.14 -6.36 11.56
CA ASN B 44 -11.64 -7.45 10.72
C ASN B 44 -11.77 -7.15 9.21
N ASN B 45 -12.60 -6.17 8.84
CA ASN B 45 -12.76 -5.83 7.42
C ASN B 45 -11.97 -4.57 7.03
N THR B 46 -10.97 -4.22 7.85
CA THR B 46 -10.16 -3.04 7.62
C THR B 46 -9.25 -3.21 6.40
N LEU B 47 -9.44 -2.39 5.37
CA LEU B 47 -8.59 -2.46 4.18
C LEU B 47 -7.17 -2.02 4.56
N PHE B 48 -6.20 -2.91 4.35
CA PHE B 48 -4.81 -2.61 4.67
C PHE B 48 -4.00 -2.32 3.41
N LEU B 49 -3.36 -1.15 3.40
CA LEU B 49 -2.56 -0.70 2.27
C LEU B 49 -1.22 -0.15 2.74
N VAL B 50 -0.16 -0.48 2.00
CA VAL B 50 1.18 -0.05 2.36
C VAL B 50 1.89 0.70 1.21
N GLY B 51 2.56 1.81 1.51
CA GLY B 51 3.27 2.56 0.49
C GLY B 51 4.64 3.00 0.96
N GLY B 52 5.60 3.05 0.02
CA GLY B 52 6.94 3.46 0.35
C GLY B 52 7.38 4.67 -0.45
N ALA B 53 8.31 5.45 0.10
CA ALA B 53 8.80 6.64 -0.58
C ALA B 53 9.83 6.31 -1.65
N LYS B 54 10.12 7.27 -2.52
CA LYS B 54 11.07 7.09 -3.61
C LYS B 54 12.49 6.79 -3.11
N GLU B 55 12.84 7.29 -1.94
CA GLU B 55 14.17 7.08 -1.37
C GLU B 55 14.32 5.78 -0.57
N VAL B 56 13.25 5.00 -0.43
CA VAL B 56 13.33 3.74 0.33
C VAL B 56 13.69 2.55 -0.58
N PRO B 57 14.61 1.65 -0.14
CA PRO B 57 14.98 0.47 -0.94
C PRO B 57 13.83 -0.52 -1.00
N TYR B 58 13.60 -1.19 -2.14
CA TYR B 58 12.50 -2.13 -2.26
C TYR B 58 12.61 -3.28 -1.25
N GLU B 59 13.83 -3.74 -1.00
CA GLU B 59 14.05 -4.84 -0.06
C GLU B 59 13.46 -4.49 1.33
N GLU B 60 13.46 -3.20 1.67
CA GLU B 60 12.94 -2.80 2.97
C GLU B 60 11.41 -2.82 2.95
N VAL B 61 10.83 -2.55 1.79
CA VAL B 61 9.38 -2.58 1.65
C VAL B 61 8.90 -4.01 1.85
N ILE B 62 9.66 -4.97 1.30
CA ILE B 62 9.34 -6.39 1.45
C ILE B 62 9.38 -6.76 2.93
N LYS B 63 10.42 -6.29 3.63
CA LYS B 63 10.56 -6.51 5.07
C LYS B 63 9.34 -5.99 5.82
N ALA B 64 8.88 -4.78 5.48
CA ALA B 64 7.71 -4.18 6.12
C ALA B 64 6.48 -5.07 5.93
N LEU B 65 6.27 -5.51 4.69
CA LEU B 65 5.16 -6.41 4.39
C LEU B 65 5.29 -7.69 5.21
N ASN B 66 6.53 -8.14 5.35
CA ASN B 66 6.86 -9.34 6.12
C ASN B 66 6.42 -9.17 7.58
N LEU B 67 6.69 -8.00 8.16
CA LEU B 67 6.34 -7.77 9.57
C LEU B 67 4.82 -7.78 9.75
N LEU B 68 4.10 -7.21 8.80
CA LEU B 68 2.64 -7.17 8.88
C LEU B 68 2.08 -8.58 8.82
N HIS B 69 2.63 -9.42 7.93
CA HIS B 69 2.20 -10.79 7.81
C HIS B 69 2.46 -11.55 9.11
N LEU B 70 3.62 -11.28 9.72
CA LEU B 70 3.99 -11.93 10.98
C LEU B 70 2.95 -11.68 12.07
N ALA B 71 2.40 -10.46 12.11
CA ALA B 71 1.40 -10.11 13.12
C ALA B 71 -0.04 -10.39 12.64
N GLY B 72 -0.17 -11.06 11.50
CA GLY B 72 -1.46 -11.39 10.91
C GLY B 72 -2.28 -10.20 10.42
N ILE B 73 -1.63 -9.26 9.74
CA ILE B 73 -2.33 -8.10 9.18
C ILE B 73 -2.70 -8.41 7.72
N LYS B 74 -1.81 -9.12 7.02
CA LYS B 74 -2.03 -9.48 5.63
C LYS B 74 -1.00 -10.50 5.17
N GLY A 1 -0.51 17.33 -0.08
CA GLY A 1 -1.12 16.67 -1.27
C GLY A 1 -2.61 16.46 -1.11
N SER A 2 -3.29 16.23 -2.22
CA SER A 2 -4.74 16.01 -2.20
C SER A 2 -5.05 14.57 -1.83
N VAL A 3 -4.79 13.64 -2.75
CA VAL A 3 -5.04 12.22 -2.50
C VAL A 3 -4.07 11.33 -3.29
N PRO A 4 -3.19 10.56 -2.60
CA PRO A 4 -2.19 9.67 -3.25
C PRO A 4 -2.73 8.80 -4.40
N VAL A 5 -1.87 7.88 -4.85
CA VAL A 5 -2.23 6.89 -5.85
C VAL A 5 -2.31 5.55 -5.11
N ILE A 6 -3.49 4.93 -5.15
CA ILE A 6 -3.72 3.67 -4.44
C ILE A 6 -4.07 2.53 -5.38
N LEU A 7 -3.36 1.40 -5.22
CA LEU A 7 -3.63 0.20 -6.02
C LEU A 7 -4.08 -0.92 -5.07
N GLU A 8 -5.23 -1.50 -5.40
CA GLU A 8 -5.84 -2.55 -4.58
C GLU A 8 -5.94 -3.88 -5.34
N VAL A 9 -5.47 -4.93 -4.67
CA VAL A 9 -5.51 -6.29 -5.20
C VAL A 9 -6.82 -6.96 -4.77
N ALA A 10 -7.82 -6.90 -5.66
CA ALA A 10 -9.15 -7.45 -5.39
C ALA A 10 -9.18 -8.97 -5.41
N GLY A 11 -8.19 -9.61 -6.05
CA GLY A 11 -8.18 -11.06 -6.12
C GLY A 11 -6.98 -11.63 -6.84
N ILE A 12 -7.24 -12.37 -7.90
CA ILE A 12 -6.20 -12.98 -8.72
C ILE A 12 -6.25 -12.42 -10.13
N GLY A 13 -5.55 -11.30 -10.33
CA GLY A 13 -5.53 -10.66 -11.62
C GLY A 13 -6.46 -9.47 -11.75
N LYS A 14 -7.31 -9.24 -10.74
CA LYS A 14 -8.23 -8.12 -10.74
C LYS A 14 -7.74 -7.05 -9.79
N TYR A 15 -7.68 -5.81 -10.28
CA TYR A 15 -7.20 -4.70 -9.46
C TYR A 15 -8.04 -3.43 -9.62
N ALA A 16 -7.96 -2.60 -8.57
CA ALA A 16 -8.66 -1.32 -8.50
C ALA A 16 -7.64 -0.22 -8.24
N ILE A 17 -7.82 0.95 -8.85
CA ILE A 17 -6.86 2.05 -8.64
C ILE A 17 -7.56 3.36 -8.31
N SER A 18 -7.07 4.04 -7.29
CA SER A 18 -7.60 5.33 -6.88
C SER A 18 -6.59 6.42 -7.19
N ILE A 19 -6.96 7.29 -8.11
CA ILE A 19 -6.12 8.38 -8.56
C ILE A 19 -6.67 9.72 -8.11
N GLY A 20 -6.01 10.36 -7.14
CA GLY A 20 -6.46 11.67 -6.66
C GLY A 20 -7.96 11.73 -6.37
N GLY A 21 -8.48 10.74 -5.65
CA GLY A 21 -9.90 10.73 -5.32
C GLY A 21 -10.76 9.92 -6.29
N GLU A 22 -10.33 9.75 -7.54
CA GLU A 22 -11.12 8.99 -8.51
C GLU A 22 -10.74 7.51 -8.47
N ARG A 23 -11.73 6.65 -8.31
CA ARG A 23 -11.52 5.20 -8.23
C ARG A 23 -11.91 4.48 -9.51
N GLN A 24 -11.04 3.60 -9.99
CA GLN A 24 -11.30 2.80 -11.19
C GLN A 24 -11.26 1.31 -10.82
N GLU A 25 -12.33 0.58 -11.18
CA GLU A 25 -12.43 -0.85 -10.85
C GLU A 25 -12.48 -1.73 -12.10
N GLY A 26 -12.08 -2.99 -11.93
CA GLY A 26 -12.10 -3.95 -13.02
C GLY A 26 -10.91 -3.83 -13.95
N LEU A 27 -9.78 -3.36 -13.43
CA LEU A 27 -8.59 -3.18 -14.24
C LEU A 27 -7.74 -4.45 -14.30
N THR A 28 -7.07 -4.62 -15.45
CA THR A 28 -6.18 -5.76 -15.69
C THR A 28 -4.76 -5.40 -15.29
N GLU A 29 -3.85 -6.37 -15.33
CA GLU A 29 -2.46 -6.12 -14.97
C GLU A 29 -1.78 -5.21 -16.00
N GLU A 30 -1.96 -5.48 -17.29
CA GLU A 30 -1.36 -4.66 -18.34
C GLU A 30 -1.90 -3.24 -18.29
N MET A 31 -3.20 -3.11 -18.01
CA MET A 31 -3.84 -1.80 -17.92
C MET A 31 -3.40 -1.05 -16.67
N VAL A 32 -3.31 -1.76 -15.52
CA VAL A 32 -2.90 -1.12 -14.27
C VAL A 32 -1.50 -0.52 -14.43
N THR A 33 -0.65 -1.21 -15.21
CA THR A 33 0.69 -0.74 -15.49
C THR A 33 0.65 0.58 -16.26
N GLN A 34 -0.14 0.57 -17.35
CA GLN A 34 -0.32 1.75 -18.21
C GLN A 34 -0.70 2.98 -17.41
N LEU A 35 -1.73 2.83 -16.57
CA LEU A 35 -2.22 3.92 -15.73
C LEU A 35 -1.20 4.34 -14.70
N SER A 36 -0.62 3.38 -14.00
CA SER A 36 0.38 3.68 -12.97
C SER A 36 1.56 4.46 -13.54
N ARG A 37 2.02 4.03 -14.71
CA ARG A 37 3.14 4.69 -15.40
C ARG A 37 2.78 6.11 -15.84
N GLN A 38 1.58 6.25 -16.41
CA GLN A 38 1.14 7.57 -16.88
C GLN A 38 0.99 8.56 -15.72
N GLU A 39 0.48 8.09 -14.59
CA GLU A 39 0.31 8.97 -13.44
C GLU A 39 1.65 9.35 -12.83
N PHE A 40 2.60 8.42 -12.80
CA PHE A 40 3.91 8.69 -12.22
C PHE A 40 4.73 9.62 -13.11
N ASP A 41 4.55 9.56 -14.44
CA ASP A 41 5.30 10.42 -15.35
C ASP A 41 4.78 11.86 -15.30
N LYS A 42 3.51 12.03 -14.94
CA LYS A 42 2.91 13.36 -14.84
C LYS A 42 3.21 13.98 -13.47
N ASP A 43 3.19 13.16 -12.43
CA ASP A 43 3.48 13.61 -11.07
C ASP A 43 4.54 12.71 -10.44
N ASN A 44 5.74 13.27 -10.23
CA ASN A 44 6.85 12.50 -9.67
C ASN A 44 6.78 12.38 -8.14
N ASN A 45 5.97 13.20 -7.47
CA ASN A 45 5.86 13.14 -6.02
C ASN A 45 4.60 12.40 -5.56
N THR A 46 4.02 11.60 -6.47
CA THR A 46 2.79 10.85 -6.18
C THR A 46 3.04 9.73 -5.17
N LEU A 47 2.37 9.79 -4.02
CA LEU A 47 2.52 8.73 -3.02
C LEU A 47 1.98 7.42 -3.59
N PHE A 48 2.85 6.41 -3.73
CA PHE A 48 2.44 5.12 -4.25
C PHE A 48 2.28 4.13 -3.11
N LEU A 49 1.06 3.60 -3.01
CA LEU A 49 0.69 2.65 -1.96
C LEU A 49 -0.14 1.50 -2.50
N VAL A 50 0.12 0.29 -1.99
CA VAL A 50 -0.58 -0.90 -2.45
C VAL A 50 -1.24 -1.69 -1.31
N GLY A 51 -2.45 -2.20 -1.53
CA GLY A 51 -3.13 -2.98 -0.50
C GLY A 51 -3.82 -4.20 -1.12
N GLY A 52 -3.85 -5.30 -0.36
CA GLY A 52 -4.47 -6.53 -0.85
C GLY A 52 -5.57 -7.02 0.06
N ALA A 53 -6.49 -7.81 -0.51
CA ALA A 53 -7.63 -8.34 0.25
C ALA A 53 -7.23 -9.57 1.08
N LYS A 54 -8.09 -9.91 2.05
CA LYS A 54 -7.86 -11.05 2.94
C LYS A 54 -7.78 -12.39 2.20
N GLU A 55 -8.51 -12.50 1.09
CA GLU A 55 -8.53 -13.72 0.29
C GLU A 55 -7.40 -13.78 -0.73
N VAL A 56 -6.60 -12.72 -0.86
CA VAL A 56 -5.50 -12.70 -1.81
C VAL A 56 -4.23 -13.34 -1.24
N PRO A 57 -3.51 -14.18 -2.02
CA PRO A 57 -2.25 -14.80 -1.58
C PRO A 57 -1.16 -13.74 -1.52
N TYR A 58 -0.30 -13.76 -0.50
CA TYR A 58 0.75 -12.74 -0.41
C TYR A 58 1.71 -12.81 -1.59
N GLU A 59 1.95 -14.02 -2.09
CA GLU A 59 2.87 -14.20 -3.23
C GLU A 59 2.41 -13.33 -4.42
N GLU A 60 1.10 -13.11 -4.53
CA GLU A 60 0.58 -12.31 -5.64
C GLU A 60 0.81 -10.83 -5.38
N VAL A 61 0.80 -10.45 -4.09
CA VAL A 61 1.05 -9.06 -3.72
C VAL A 61 2.48 -8.71 -4.08
N ILE A 62 3.40 -9.65 -3.83
CA ILE A 62 4.81 -9.47 -4.16
C ILE A 62 4.94 -9.25 -5.67
N LYS A 63 4.26 -10.12 -6.43
CA LYS A 63 4.23 -10.02 -7.89
C LYS A 63 3.71 -8.65 -8.34
N ALA A 64 2.62 -8.18 -7.73
CA ALA A 64 2.05 -6.87 -8.06
C ALA A 64 3.09 -5.77 -7.82
N LEU A 65 3.71 -5.82 -6.65
CA LEU A 65 4.76 -4.87 -6.29
C LEU A 65 5.89 -4.93 -7.32
N ASN A 66 6.19 -6.16 -7.75
CA ASN A 66 7.23 -6.41 -8.74
C ASN A 66 6.90 -5.72 -10.07
N LEU A 67 5.62 -5.78 -10.48
CA LEU A 67 5.21 -5.17 -11.75
C LEU A 67 5.38 -3.67 -11.70
N LEU A 68 5.04 -3.06 -10.56
CA LEU A 68 5.18 -1.63 -10.39
C LEU A 68 6.64 -1.22 -10.48
N HIS A 69 7.51 -2.00 -9.85
CA HIS A 69 8.95 -1.73 -9.89
C HIS A 69 9.47 -1.83 -11.32
N LEU A 70 8.98 -2.83 -12.06
CA LEU A 70 9.39 -3.03 -13.45
C LEU A 70 9.11 -1.80 -14.31
N ALA A 71 7.97 -1.14 -14.07
CA ALA A 71 7.61 0.05 -14.84
C ALA A 71 8.14 1.35 -14.20
N GLY A 72 9.01 1.21 -13.20
CA GLY A 72 9.58 2.34 -12.46
C GLY A 72 8.59 3.15 -11.66
N ILE A 73 7.69 2.49 -10.93
CA ILE A 73 6.74 3.19 -10.08
C ILE A 73 7.29 3.25 -8.66
N LYS A 74 7.99 2.20 -8.25
CA LYS A 74 8.58 2.13 -6.91
C LYS A 74 9.55 0.95 -6.81
N GLY B 1 -16.87 2.33 3.28
CA GLY B 1 -15.95 2.64 4.41
C GLY B 1 -15.56 4.11 4.46
N SER B 2 -15.06 4.56 5.60
CA SER B 2 -14.65 5.95 5.77
C SER B 2 -13.26 6.17 5.20
N VAL B 3 -12.24 5.65 5.88
CA VAL B 3 -10.86 5.79 5.42
C VAL B 3 -9.99 4.60 5.88
N PRO B 4 -9.47 3.78 4.93
CA PRO B 4 -8.63 2.60 5.25
C PRO B 4 -7.52 2.82 6.28
N VAL B 5 -6.68 1.80 6.43
CA VAL B 5 -5.50 1.86 7.27
C VAL B 5 -4.29 1.93 6.33
N ILE B 6 -3.52 3.01 6.43
CA ILE B 6 -2.37 3.22 5.56
C ILE B 6 -1.05 3.26 6.32
N LEU B 7 -0.07 2.49 5.85
CA LEU B 7 1.26 2.47 6.44
C LEU B 7 2.27 2.96 5.39
N GLU B 8 3.04 3.97 5.79
CA GLU B 8 4.02 4.59 4.91
C GLU B 8 5.46 4.40 5.41
N VAL B 9 6.32 3.95 4.49
CA VAL B 9 7.74 3.76 4.77
C VAL B 9 8.50 5.05 4.43
N ALA B 10 8.72 5.86 5.46
CA ALA B 10 9.39 7.15 5.31
C ALA B 10 10.89 7.02 5.07
N GLY B 11 11.47 5.87 5.42
CA GLY B 11 12.89 5.68 5.22
C GLY B 11 13.38 4.31 5.65
N ILE B 12 14.38 4.32 6.53
CA ILE B 12 14.95 3.08 7.07
C ILE B 12 14.62 2.95 8.55
N GLY B 13 13.47 2.36 8.84
CA GLY B 13 13.04 2.16 10.21
C GLY B 13 12.03 3.18 10.70
N LYS B 14 11.76 4.20 9.90
CA LYS B 14 10.78 5.24 10.24
C LYS B 14 9.51 5.04 9.43
N TYR B 15 8.37 5.03 10.12
CA TYR B 15 7.09 4.83 9.46
C TYR B 15 5.99 5.75 9.96
N ALA B 16 5.00 5.95 9.09
CA ALA B 16 3.84 6.78 9.35
C ALA B 16 2.58 5.95 9.16
N ILE B 17 1.56 6.15 9.99
CA ILE B 17 0.32 5.37 9.83
C ILE B 17 -0.92 6.25 9.86
N SER B 18 -1.82 6.02 8.91
CA SER B 18 -3.07 6.77 8.83
C SER B 18 -4.22 5.84 9.17
N ILE B 19 -4.87 6.14 10.28
CA ILE B 19 -5.98 5.34 10.79
C ILE B 19 -7.29 6.11 10.67
N GLY B 20 -8.16 5.71 9.74
CA GLY B 20 -9.45 6.37 9.58
C GLY B 20 -9.36 7.89 9.55
N GLY B 21 -8.42 8.43 8.75
CA GLY B 21 -8.29 9.87 8.65
C GLY B 21 -7.22 10.46 9.58
N GLU B 22 -6.91 9.79 10.69
CA GLU B 22 -5.90 10.32 11.62
C GLU B 22 -4.52 9.79 11.25
N ARG B 23 -3.56 10.70 11.10
CA ARG B 23 -2.19 10.35 10.72
C ARG B 23 -1.22 10.42 11.91
N GLN B 24 -0.41 9.39 12.08
CA GLN B 24 0.60 9.34 13.14
C GLN B 24 1.99 9.22 12.50
N GLU B 25 2.91 10.10 12.88
CA GLU B 25 4.26 10.10 12.32
C GLU B 25 5.33 9.84 13.38
N GLY B 26 6.49 9.35 12.93
CA GLY B 26 7.60 9.07 13.82
C GLY B 26 7.47 7.76 14.55
N LEU B 27 6.77 6.79 13.95
CA LEU B 27 6.57 5.50 14.59
C LEU B 27 7.70 4.51 14.29
N THR B 28 7.95 3.64 15.26
CA THR B 28 8.99 2.61 15.16
C THR B 28 8.38 1.33 14.62
N GLU B 29 9.21 0.32 14.34
CA GLU B 29 8.71 -0.94 13.82
C GLU B 29 7.89 -1.69 14.86
N GLU B 30 8.39 -1.77 16.10
CA GLU B 30 7.68 -2.46 17.17
C GLU B 30 6.34 -1.76 17.46
N MET B 31 6.36 -0.43 17.42
CA MET B 31 5.15 0.35 17.66
C MET B 31 4.16 0.23 16.51
N VAL B 32 4.65 0.26 15.27
CA VAL B 32 3.78 0.14 14.10
C VAL B 32 3.02 -1.18 14.15
N THR B 33 3.69 -2.22 14.65
CA THR B 33 3.10 -3.54 14.79
C THR B 33 1.94 -3.49 15.78
N GLN B 34 2.23 -2.92 16.96
CA GLN B 34 1.25 -2.76 18.05
C GLN B 34 -0.04 -2.10 17.54
N LEU B 35 0.12 -0.97 16.87
CA LEU B 35 -1.01 -0.22 16.33
C LEU B 35 -1.73 -1.00 15.24
N SER B 36 -0.99 -1.54 14.29
CA SER B 36 -1.57 -2.31 13.19
C SER B 36 -2.42 -3.47 13.71
N ARG B 37 -1.88 -4.19 14.70
CA ARG B 37 -2.55 -5.33 15.31
C ARG B 37 -3.82 -4.89 16.05
N GLN B 38 -3.72 -3.80 16.81
CA GLN B 38 -4.86 -3.31 17.58
C GLN B 38 -5.99 -2.85 16.66
N GLU B 39 -5.64 -2.21 15.55
CA GLU B 39 -6.66 -1.74 14.61
C GLU B 39 -7.32 -2.90 13.88
N PHE B 40 -6.54 -3.93 13.53
CA PHE B 40 -7.08 -5.08 12.83
C PHE B 40 -7.96 -5.95 13.73
N ASP B 41 -7.66 -6.00 15.03
CA ASP B 41 -8.47 -6.81 15.95
C ASP B 41 -9.80 -6.13 16.25
N LYS B 42 -9.86 -4.80 16.12
CA LYS B 42 -11.10 -4.07 16.36
C LYS B 42 -11.97 -4.05 15.10
N ASP B 43 -11.32 -3.93 13.94
CA ASP B 43 -12.01 -3.92 12.66
C ASP B 43 -11.38 -4.94 11.72
N ASN B 44 -12.13 -6.02 11.43
CA ASN B 44 -11.62 -7.09 10.58
C ASN B 44 -11.74 -6.77 9.09
N ASN B 45 -12.54 -5.76 8.71
CA ASN B 45 -12.69 -5.41 7.29
C ASN B 45 -11.86 -4.17 6.93
N THR B 46 -10.86 -3.85 7.75
CA THR B 46 -10.01 -2.68 7.52
C THR B 46 -9.11 -2.86 6.30
N LEU B 47 -9.26 -2.00 5.29
CA LEU B 47 -8.40 -2.08 4.10
C LEU B 47 -6.95 -1.80 4.51
N PHE B 48 -6.07 -2.79 4.32
CA PHE B 48 -4.66 -2.62 4.67
C PHE B 48 -3.85 -2.36 3.40
N LEU B 49 -3.18 -1.21 3.40
CA LEU B 49 -2.39 -0.77 2.26
C LEU B 49 -1.05 -0.17 2.71
N VAL B 50 0.01 -0.47 1.96
CA VAL B 50 1.35 0.02 2.31
C VAL B 50 2.03 0.77 1.16
N GLY B 51 2.73 1.86 1.47
CA GLY B 51 3.42 2.63 0.44
C GLY B 51 4.80 3.06 0.91
N GLY B 52 5.76 3.10 -0.01
CA GLY B 52 7.13 3.49 0.34
C GLY B 52 7.62 4.67 -0.46
N ALA B 53 8.61 5.39 0.09
CA ALA B 53 9.17 6.57 -0.57
C ALA B 53 10.18 6.20 -1.66
N LYS B 54 10.48 7.17 -2.51
CA LYS B 54 11.41 6.98 -3.63
C LYS B 54 12.82 6.64 -3.16
N GLU B 55 13.21 7.13 -2.00
CA GLU B 55 14.54 6.88 -1.43
C GLU B 55 14.61 5.58 -0.63
N VAL B 56 13.48 4.91 -0.44
CA VAL B 56 13.46 3.66 0.32
C VAL B 56 13.82 2.44 -0.56
N PRO B 57 14.65 1.51 -0.05
CA PRO B 57 15.01 0.29 -0.78
C PRO B 57 13.82 -0.65 -0.83
N TYR B 58 13.56 -1.32 -1.95
CA TYR B 58 12.41 -2.22 -2.03
C TYR B 58 12.54 -3.38 -1.05
N GLU B 59 13.77 -3.83 -0.81
CA GLU B 59 14.00 -4.94 0.12
C GLU B 59 13.40 -4.61 1.49
N GLU B 60 13.39 -3.32 1.86
CA GLU B 60 12.85 -2.94 3.15
C GLU B 60 11.33 -2.95 3.12
N VAL B 61 10.76 -2.66 1.95
CA VAL B 61 9.30 -2.69 1.80
C VAL B 61 8.82 -4.12 1.99
N ILE B 62 9.59 -5.08 1.43
CA ILE B 62 9.26 -6.50 1.57
C ILE B 62 9.27 -6.87 3.06
N LYS B 63 10.33 -6.44 3.75
CA LYS B 63 10.47 -6.65 5.19
C LYS B 63 9.27 -6.09 5.95
N ALA B 64 8.87 -4.86 5.61
CA ALA B 64 7.71 -4.22 6.26
C ALA B 64 6.46 -5.06 6.07
N LEU B 65 6.24 -5.48 4.82
CA LEU B 65 5.11 -6.33 4.48
C LEU B 65 5.18 -7.62 5.29
N ASN B 66 6.41 -8.12 5.44
CA ASN B 66 6.67 -9.34 6.19
C ASN B 66 6.25 -9.18 7.67
N LEU B 67 6.55 -8.01 8.25
CA LEU B 67 6.21 -7.77 9.65
C LEU B 67 4.71 -7.76 9.85
N LEU B 68 3.99 -7.16 8.90
CA LEU B 68 2.53 -7.11 8.98
C LEU B 68 1.94 -8.51 8.91
N HIS B 69 2.49 -9.35 8.02
CA HIS B 69 2.04 -10.73 7.89
C HIS B 69 2.30 -11.49 9.18
N LEU B 70 3.45 -11.27 9.79
CA LEU B 70 3.82 -11.93 11.04
C LEU B 70 2.79 -11.67 12.14
N ALA B 71 2.27 -10.44 12.21
CA ALA B 71 1.27 -10.10 13.22
C ALA B 71 -0.17 -10.37 12.75
N GLY B 72 -0.31 -11.05 11.61
CA GLY B 72 -1.60 -11.36 11.02
C GLY B 72 -2.40 -10.16 10.54
N ILE B 73 -1.75 -9.23 9.86
CA ILE B 73 -2.44 -8.06 9.31
C ILE B 73 -2.80 -8.34 7.85
N LYS B 74 -1.93 -9.07 7.15
CA LYS B 74 -2.16 -9.41 5.76
C LYS B 74 -1.16 -10.47 5.28
N GLY A 1 -0.25 17.11 0.25
CA GLY A 1 -0.82 16.55 -0.99
C GLY A 1 -2.33 16.36 -0.92
N SER A 2 -2.97 16.24 -2.08
CA SER A 2 -4.41 16.05 -2.13
C SER A 2 -4.79 14.61 -1.82
N VAL A 3 -4.51 13.70 -2.76
CA VAL A 3 -4.82 12.29 -2.57
C VAL A 3 -3.86 11.40 -3.39
N PRO A 4 -2.98 10.60 -2.72
CA PRO A 4 -2.01 9.72 -3.40
C PRO A 4 -2.57 8.86 -4.54
N VAL A 5 -1.73 7.94 -5.01
CA VAL A 5 -2.12 6.96 -6.02
C VAL A 5 -2.24 5.63 -5.28
N ILE A 6 -3.44 5.06 -5.29
CA ILE A 6 -3.70 3.81 -4.58
C ILE A 6 -4.04 2.66 -5.51
N LEU A 7 -3.32 1.55 -5.36
CA LEU A 7 -3.56 0.34 -6.14
C LEU A 7 -4.00 -0.77 -5.20
N GLU A 8 -5.14 -1.37 -5.52
CA GLU A 8 -5.73 -2.42 -4.70
C GLU A 8 -5.82 -3.77 -5.43
N VAL A 9 -5.34 -4.81 -4.76
CA VAL A 9 -5.41 -6.18 -5.26
C VAL A 9 -6.73 -6.81 -4.83
N ALA A 10 -7.71 -6.77 -5.73
CA ALA A 10 -9.05 -7.30 -5.46
C ALA A 10 -9.12 -8.82 -5.49
N GLY A 11 -8.15 -9.47 -6.13
CA GLY A 11 -8.17 -10.93 -6.19
C GLY A 11 -6.98 -11.53 -6.92
N ILE A 12 -7.27 -12.27 -7.98
CA ILE A 12 -6.25 -12.90 -8.81
C ILE A 12 -6.30 -12.33 -10.21
N GLY A 13 -5.61 -11.22 -10.40
CA GLY A 13 -5.57 -10.59 -11.70
C GLY A 13 -6.51 -9.38 -11.84
N LYS A 14 -7.33 -9.13 -10.80
CA LYS A 14 -8.26 -8.00 -10.81
C LYS A 14 -7.73 -6.91 -9.86
N TYR A 15 -7.69 -5.68 -10.36
CA TYR A 15 -7.19 -4.56 -9.55
C TYR A 15 -8.03 -3.30 -9.70
N ALA A 16 -7.94 -2.47 -8.66
CA ALA A 16 -8.62 -1.19 -8.58
C ALA A 16 -7.60 -0.09 -8.34
N ILE A 17 -7.77 1.08 -8.96
CA ILE A 17 -6.80 2.16 -8.76
C ILE A 17 -7.48 3.50 -8.44
N SER A 18 -6.97 4.17 -7.41
CA SER A 18 -7.49 5.46 -7.01
C SER A 18 -6.47 6.55 -7.31
N ILE A 19 -6.83 7.42 -8.23
CA ILE A 19 -5.98 8.50 -8.68
C ILE A 19 -6.51 9.85 -8.22
N GLY A 20 -5.83 10.47 -7.25
CA GLY A 20 -6.26 11.78 -6.76
C GLY A 20 -7.76 11.87 -6.47
N GLY A 21 -8.30 10.88 -5.75
CA GLY A 21 -9.71 10.90 -5.41
C GLY A 21 -10.59 10.10 -6.37
N GLU A 22 -10.17 9.93 -7.62
CA GLU A 22 -10.98 9.17 -8.58
C GLU A 22 -10.60 7.69 -8.55
N ARG A 23 -11.61 6.84 -8.39
CA ARG A 23 -11.41 5.39 -8.31
C ARG A 23 -11.84 4.67 -9.58
N GLN A 24 -10.97 3.78 -10.08
CA GLN A 24 -11.28 2.97 -11.27
C GLN A 24 -11.28 1.49 -10.89
N GLU A 25 -12.37 0.79 -11.22
CA GLU A 25 -12.50 -0.63 -10.88
C GLU A 25 -12.58 -1.53 -12.13
N GLY A 26 -12.18 -2.79 -11.96
CA GLY A 26 -12.24 -3.75 -13.04
C GLY A 26 -11.05 -3.67 -13.99
N LEU A 27 -9.90 -3.22 -13.48
CA LEU A 27 -8.73 -3.07 -14.33
C LEU A 27 -7.90 -4.36 -14.40
N THR A 28 -7.26 -4.55 -15.55
CA THR A 28 -6.41 -5.70 -15.81
C THR A 28 -4.97 -5.37 -15.43
N GLU A 29 -4.07 -6.35 -15.52
CA GLU A 29 -2.67 -6.12 -15.19
C GLU A 29 -1.99 -5.23 -16.22
N GLU A 30 -2.22 -5.48 -17.51
CA GLU A 30 -1.62 -4.65 -18.56
C GLU A 30 -2.14 -3.21 -18.49
N MET A 31 -3.43 -3.08 -18.17
CA MET A 31 -4.04 -1.76 -18.03
C MET A 31 -3.54 -1.02 -16.81
N VAL A 32 -3.46 -1.72 -15.67
CA VAL A 32 -2.98 -1.12 -14.43
C VAL A 32 -1.56 -0.54 -14.62
N THR A 33 -0.75 -1.25 -15.41
CA THR A 33 0.61 -0.81 -15.70
C THR A 33 0.59 0.49 -16.48
N GLN A 34 -0.19 0.50 -17.57
CA GLN A 34 -0.36 1.67 -18.44
C GLN A 34 -0.72 2.93 -17.63
N LEU A 35 -1.73 2.80 -16.79
CA LEU A 35 -2.20 3.90 -15.96
C LEU A 35 -1.15 4.33 -14.94
N SER A 36 -0.54 3.36 -14.26
CA SER A 36 0.47 3.67 -13.25
C SER A 36 1.66 4.41 -13.86
N ARG A 37 2.08 3.96 -15.04
CA ARG A 37 3.21 4.57 -15.75
C ARG A 37 2.87 5.98 -16.22
N GLN A 38 1.68 6.18 -16.77
CA GLN A 38 1.28 7.50 -17.26
C GLN A 38 1.17 8.49 -16.12
N GLU A 39 0.65 8.07 -14.98
CA GLU A 39 0.52 8.96 -13.84
C GLU A 39 1.88 9.31 -13.24
N PHE A 40 2.80 8.34 -13.22
CA PHE A 40 4.12 8.58 -12.66
C PHE A 40 4.98 9.47 -13.57
N ASP A 41 4.77 9.40 -14.90
CA ASP A 41 5.54 10.22 -15.82
C ASP A 41 5.09 11.68 -15.76
N LYS A 42 3.84 11.91 -15.36
CA LYS A 42 3.31 13.27 -15.25
C LYS A 42 3.69 13.87 -13.90
N ASP A 43 3.66 13.06 -12.84
CA ASP A 43 4.02 13.50 -11.50
C ASP A 43 5.08 12.57 -10.92
N ASN A 44 6.26 13.11 -10.62
CA ASN A 44 7.36 12.31 -10.09
C ASN A 44 7.32 12.19 -8.56
N ASN A 45 6.63 13.10 -7.87
CA ASN A 45 6.55 13.03 -6.41
C ASN A 45 5.24 12.39 -5.93
N THR A 46 4.59 11.62 -6.81
CA THR A 46 3.33 10.97 -6.49
C THR A 46 3.53 9.84 -5.47
N LEU A 47 2.93 9.99 -4.28
CA LEU A 47 3.03 8.94 -3.27
C LEU A 47 2.29 7.70 -3.75
N PHE A 48 3.00 6.57 -3.79
CA PHE A 48 2.40 5.31 -4.25
C PHE A 48 2.21 4.34 -3.10
N LEU A 49 0.99 3.82 -2.97
CA LEU A 49 0.63 2.88 -1.93
C LEU A 49 -0.17 1.71 -2.49
N VAL A 50 0.12 0.50 -2.01
CA VAL A 50 -0.55 -0.70 -2.49
C VAL A 50 -1.18 -1.52 -1.36
N GLY A 51 -2.40 -2.01 -1.57
CA GLY A 51 -3.06 -2.82 -0.56
C GLY A 51 -3.76 -4.02 -1.16
N GLY A 52 -3.79 -5.12 -0.42
CA GLY A 52 -4.43 -6.34 -0.88
C GLY A 52 -5.56 -6.79 0.03
N ALA A 53 -6.52 -7.53 -0.51
CA ALA A 53 -7.67 -8.01 0.26
C ALA A 53 -7.32 -9.25 1.09
N LYS A 54 -8.18 -9.55 2.07
CA LYS A 54 -7.99 -10.69 2.96
C LYS A 54 -8.00 -12.02 2.20
N GLU A 55 -8.74 -12.11 1.11
CA GLU A 55 -8.83 -13.33 0.31
C GLU A 55 -7.68 -13.47 -0.70
N VAL A 56 -6.81 -12.47 -0.80
CA VAL A 56 -5.69 -12.52 -1.73
C VAL A 56 -4.44 -13.16 -1.08
N PRO A 57 -3.77 -14.12 -1.77
CA PRO A 57 -2.56 -14.73 -1.23
C PRO A 57 -1.44 -13.69 -1.18
N TYR A 58 -0.57 -13.73 -0.18
CA TYR A 58 0.51 -12.74 -0.06
C TYR A 58 1.44 -12.79 -1.27
N GLU A 59 1.66 -13.99 -1.82
CA GLU A 59 2.53 -14.15 -2.97
C GLU A 59 2.06 -13.28 -4.13
N GLU A 60 0.74 -13.04 -4.23
CA GLU A 60 0.22 -12.22 -5.33
C GLU A 60 0.56 -10.76 -5.09
N VAL A 61 0.55 -10.35 -3.82
CA VAL A 61 0.88 -8.98 -3.46
C VAL A 61 2.32 -8.69 -3.86
N ILE A 62 3.20 -9.66 -3.61
CA ILE A 62 4.62 -9.53 -3.98
C ILE A 62 4.75 -9.36 -5.48
N LYS A 63 4.00 -10.18 -6.22
CA LYS A 63 3.98 -10.11 -7.68
C LYS A 63 3.54 -8.72 -8.16
N ALA A 64 2.49 -8.18 -7.53
CA ALA A 64 1.99 -6.84 -7.87
C ALA A 64 3.09 -5.80 -7.67
N LEU A 65 3.74 -5.88 -6.51
CA LEU A 65 4.83 -4.95 -6.19
C LEU A 65 5.93 -5.06 -7.24
N ASN A 66 6.20 -6.29 -7.67
CA ASN A 66 7.21 -6.55 -8.69
C ASN A 66 6.86 -5.85 -10.00
N LEU A 67 5.58 -5.89 -10.38
CA LEU A 67 5.14 -5.27 -11.64
C LEU A 67 5.36 -3.77 -11.62
N LEU A 68 5.06 -3.16 -10.47
CA LEU A 68 5.23 -1.72 -10.30
C LEU A 68 6.72 -1.36 -10.42
N HIS A 69 7.57 -2.17 -9.80
CA HIS A 69 9.00 -1.94 -9.86
C HIS A 69 9.50 -2.11 -11.30
N LEU A 70 8.94 -3.09 -12.00
CA LEU A 70 9.32 -3.34 -13.39
C LEU A 70 9.04 -2.12 -14.27
N ALA A 71 7.93 -1.43 -14.03
CA ALA A 71 7.58 -0.23 -14.81
C ALA A 71 8.14 1.06 -14.18
N GLY A 72 9.02 0.91 -13.19
CA GLY A 72 9.62 2.03 -12.49
C GLY A 72 8.66 2.91 -11.68
N ILE A 73 7.74 2.29 -10.95
CA ILE A 73 6.82 3.03 -10.11
C ILE A 73 7.37 3.09 -8.68
N LYS A 74 8.04 2.01 -8.26
CA LYS A 74 8.62 1.94 -6.94
C LYS A 74 9.56 0.73 -6.82
N GLY B 1 -16.75 2.13 2.90
CA GLY B 1 -15.91 2.40 4.10
C GLY B 1 -15.55 3.86 4.23
N SER B 2 -15.14 4.27 5.43
CA SER B 2 -14.75 5.66 5.67
C SER B 2 -13.34 5.92 5.16
N VAL B 3 -12.34 5.39 5.86
CA VAL B 3 -10.95 5.57 5.47
C VAL B 3 -10.08 4.38 5.96
N PRO B 4 -9.53 3.56 5.03
CA PRO B 4 -8.69 2.39 5.37
C PRO B 4 -7.59 2.64 6.42
N VAL B 5 -6.73 1.64 6.57
CA VAL B 5 -5.56 1.73 7.44
C VAL B 5 -4.37 1.85 6.50
N ILE B 6 -3.64 2.95 6.59
CA ILE B 6 -2.50 3.19 5.70
C ILE B 6 -1.17 3.22 6.47
N LEU B 7 -0.21 2.43 6.00
CA LEU B 7 1.13 2.39 6.59
C LEU B 7 2.13 2.87 5.54
N GLU B 8 2.92 3.86 5.92
CA GLU B 8 3.89 4.47 5.02
C GLU B 8 5.33 4.29 5.50
N VAL B 9 6.19 3.83 4.58
CA VAL B 9 7.61 3.65 4.83
C VAL B 9 8.35 4.94 4.50
N ALA B 10 8.58 5.75 5.54
CA ALA B 10 9.24 7.05 5.40
C ALA B 10 10.74 6.95 5.15
N GLY B 11 11.34 5.81 5.51
CA GLY B 11 12.76 5.65 5.32
C GLY B 11 13.30 4.30 5.75
N ILE B 12 14.29 4.33 6.64
CA ILE B 12 14.89 3.12 7.19
C ILE B 12 14.56 2.98 8.66
N GLY B 13 13.40 2.39 8.94
CA GLY B 13 12.98 2.19 10.32
C GLY B 13 11.95 3.22 10.80
N LYS B 14 11.65 4.22 9.98
CA LYS B 14 10.68 5.25 10.33
C LYS B 14 9.39 5.03 9.53
N TYR B 15 8.25 5.03 10.23
CA TYR B 15 6.97 4.82 9.57
C TYR B 15 5.86 5.75 10.07
N ALA B 16 4.88 5.93 9.20
CA ALA B 16 3.71 6.75 9.46
C ALA B 16 2.46 5.91 9.28
N ILE B 17 1.44 6.10 10.11
CA ILE B 17 0.21 5.31 9.97
C ILE B 17 -1.05 6.17 9.99
N SER B 18 -1.94 5.92 9.05
CA SER B 18 -3.20 6.65 8.96
C SER B 18 -4.35 5.71 9.30
N ILE B 19 -5.01 6.01 10.41
CA ILE B 19 -6.10 5.20 10.91
C ILE B 19 -7.43 5.95 10.78
N GLY B 20 -8.28 5.53 9.84
CA GLY B 20 -9.58 6.17 9.68
C GLY B 20 -9.51 7.69 9.64
N GLY B 21 -8.58 8.24 8.84
CA GLY B 21 -8.47 9.69 8.73
C GLY B 21 -7.41 10.30 9.66
N GLU B 22 -7.09 9.65 10.79
CA GLU B 22 -6.09 10.18 11.72
C GLU B 22 -4.70 9.67 11.35
N ARG B 23 -3.75 10.59 11.20
CA ARG B 23 -2.38 10.25 10.82
C ARG B 23 -1.41 10.36 12.00
N GLN B 24 -0.58 9.33 12.19
CA GLN B 24 0.44 9.33 13.25
C GLN B 24 1.82 9.23 12.60
N GLU B 25 2.72 10.16 12.98
CA GLU B 25 4.07 10.19 12.41
C GLU B 25 5.15 9.96 13.46
N GLY B 26 6.30 9.46 13.01
CA GLY B 26 7.43 9.21 13.90
C GLY B 26 7.33 7.90 14.65
N LEU B 27 6.65 6.91 14.06
CA LEU B 27 6.49 5.62 14.71
C LEU B 27 7.66 4.67 14.42
N THR B 28 7.94 3.82 15.41
CA THR B 28 8.98 2.80 15.32
C THR B 28 8.40 1.50 14.79
N GLU B 29 9.25 0.51 14.56
CA GLU B 29 8.78 -0.78 14.06
C GLU B 29 7.97 -1.53 15.12
N GLU B 30 8.45 -1.57 16.36
CA GLU B 30 7.73 -2.25 17.44
C GLU B 30 6.39 -1.57 17.70
N MET B 31 6.38 -0.24 17.63
CA MET B 31 5.15 0.53 17.83
C MET B 31 4.17 0.33 16.69
N VAL B 32 4.65 0.38 15.44
CA VAL B 32 3.80 0.21 14.28
C VAL B 32 3.07 -1.15 14.34
N THR B 33 3.79 -2.17 14.86
CA THR B 33 3.22 -3.51 15.01
C THR B 33 2.06 -3.48 16.00
N GLN B 34 2.34 -2.90 17.18
CA GLN B 34 1.35 -2.77 18.27
C GLN B 34 0.04 -2.15 17.77
N LEU B 35 0.17 -1.02 17.09
CA LEU B 35 -0.97 -0.29 16.55
C LEU B 35 -1.70 -1.09 15.47
N SER B 36 -0.95 -1.66 14.54
CA SER B 36 -1.53 -2.45 13.46
C SER B 36 -2.34 -3.64 14.00
N ARG B 37 -1.77 -4.31 15.00
CA ARG B 37 -2.40 -5.47 15.64
C ARG B 37 -3.67 -5.07 16.39
N GLN B 38 -3.60 -3.97 17.15
CA GLN B 38 -4.75 -3.51 17.93
C GLN B 38 -5.90 -3.11 17.02
N GLU B 39 -5.60 -2.46 15.91
CA GLU B 39 -6.63 -2.02 14.99
C GLU B 39 -7.25 -3.20 14.25
N PHE B 40 -6.44 -4.20 13.91
CA PHE B 40 -6.94 -5.38 13.22
C PHE B 40 -7.78 -6.27 14.12
N ASP B 41 -7.47 -6.32 15.43
CA ASP B 41 -8.23 -7.15 16.35
C ASP B 41 -9.61 -6.54 16.63
N LYS B 42 -9.72 -5.21 16.49
CA LYS B 42 -11.00 -4.54 16.70
C LYS B 42 -11.86 -4.60 15.44
N ASP B 43 -11.22 -4.47 14.27
CA ASP B 43 -11.92 -4.54 12.98
C ASP B 43 -11.24 -5.57 12.09
N ASN B 44 -11.99 -6.61 11.71
CA ASN B 44 -11.45 -7.68 10.89
C ASN B 44 -11.57 -7.38 9.38
N ASN B 45 -12.47 -6.48 8.99
CA ASN B 45 -12.63 -6.15 7.57
C ASN B 45 -11.90 -4.86 7.18
N THR B 46 -10.92 -4.47 8.01
CA THR B 46 -10.15 -3.25 7.78
C THR B 46 -9.24 -3.38 6.55
N LEU B 47 -9.50 -2.58 5.52
CA LEU B 47 -8.66 -2.61 4.33
C LEU B 47 -7.26 -2.10 4.68
N PHE B 48 -6.23 -2.92 4.41
CA PHE B 48 -4.86 -2.55 4.72
C PHE B 48 -4.07 -2.26 3.45
N LEU B 49 -3.41 -1.11 3.44
CA LEU B 49 -2.60 -0.67 2.30
C LEU B 49 -1.27 -0.12 2.76
N VAL B 50 -0.21 -0.45 2.02
CA VAL B 50 1.15 -0.02 2.39
C VAL B 50 1.85 0.71 1.24
N GLY B 51 2.53 1.81 1.53
CA GLY B 51 3.25 2.56 0.51
C GLY B 51 4.62 3.00 0.99
N GLY B 52 5.58 3.05 0.07
CA GLY B 52 6.94 3.46 0.40
C GLY B 52 7.38 4.67 -0.39
N ALA B 53 8.33 5.43 0.16
CA ALA B 53 8.83 6.63 -0.51
C ALA B 53 9.86 6.31 -1.58
N LYS B 54 10.11 7.29 -2.45
CA LYS B 54 11.06 7.14 -3.56
C LYS B 54 12.49 6.86 -3.08
N GLU B 55 12.85 7.39 -1.91
CA GLU B 55 14.18 7.20 -1.34
C GLU B 55 14.32 5.88 -0.57
N VAL B 56 13.24 5.13 -0.42
CA VAL B 56 13.28 3.86 0.30
C VAL B 56 13.63 2.68 -0.64
N PRO B 57 14.58 1.81 -0.25
CA PRO B 57 14.93 0.64 -1.06
C PRO B 57 13.75 -0.33 -1.11
N TYR B 58 13.51 -1.01 -2.23
CA TYR B 58 12.38 -1.93 -2.33
C TYR B 58 12.49 -3.06 -1.31
N GLU B 59 13.72 -3.50 -1.03
CA GLU B 59 13.95 -4.58 -0.07
C GLU B 59 13.33 -4.24 1.30
N GLU B 60 13.30 -2.93 1.63
CA GLU B 60 12.75 -2.52 2.93
C GLU B 60 11.23 -2.65 2.91
N VAL B 61 10.64 -2.38 1.75
CA VAL B 61 9.19 -2.49 1.60
C VAL B 61 8.77 -3.93 1.82
N ILE B 62 9.56 -4.86 1.26
CA ILE B 62 9.29 -6.29 1.42
C ILE B 62 9.35 -6.67 2.89
N LYS B 63 10.39 -6.16 3.58
CA LYS B 63 10.55 -6.38 5.01
C LYS B 63 9.33 -5.89 5.79
N ALA B 64 8.85 -4.69 5.44
CA ALA B 64 7.66 -4.12 6.09
C ALA B 64 6.46 -5.04 5.92
N LEU B 65 6.26 -5.49 4.68
CA LEU B 65 5.16 -6.40 4.36
C LEU B 65 5.27 -7.68 5.19
N ASN B 66 6.51 -8.15 5.34
CA ASN B 66 6.77 -9.35 6.14
C ASN B 66 6.35 -9.15 7.59
N LEU B 67 6.63 -7.97 8.15
CA LEU B 67 6.29 -7.70 9.55
C LEU B 67 4.79 -7.75 9.76
N LEU B 68 4.04 -7.18 8.80
CA LEU B 68 2.59 -7.17 8.89
C LEU B 68 2.06 -8.59 8.83
N HIS B 69 2.64 -9.40 7.94
CA HIS B 69 2.23 -10.80 7.82
C HIS B 69 2.55 -11.55 9.11
N LEU B 70 3.70 -11.25 9.71
CA LEU B 70 4.11 -11.89 10.95
C LEU B 70 3.09 -11.65 12.07
N ALA B 71 2.54 -10.43 12.13
CA ALA B 71 1.55 -10.10 13.16
C ALA B 71 0.10 -10.40 12.70
N GLY B 72 -0.03 -11.09 11.57
CA GLY B 72 -1.33 -11.43 10.99
C GLY B 72 -2.18 -10.26 10.53
N ILE B 73 -1.56 -9.30 9.84
CA ILE B 73 -2.29 -8.16 9.31
C ILE B 73 -2.65 -8.45 7.85
N LYS B 74 -1.77 -9.14 7.14
CA LYS B 74 -1.99 -9.48 5.75
C LYS B 74 -0.96 -10.51 5.27
N GLY A 1 1.43 16.26 0.99
CA GLY A 1 0.77 15.55 -0.15
C GLY A 1 -0.67 15.96 -0.33
N SER A 2 -1.15 15.91 -1.57
CA SER A 2 -2.53 16.27 -1.87
C SER A 2 -3.43 15.05 -1.85
N VAL A 3 -3.22 14.13 -2.80
CA VAL A 3 -4.01 12.90 -2.89
C VAL A 3 -3.23 11.80 -3.63
N PRO A 4 -2.57 10.88 -2.88
CA PRO A 4 -1.77 9.79 -3.45
C PRO A 4 -2.43 8.98 -4.56
N VAL A 5 -1.70 7.96 -5.03
CA VAL A 5 -2.18 7.01 -6.01
C VAL A 5 -2.31 5.68 -5.27
N ILE A 6 -3.52 5.11 -5.28
CA ILE A 6 -3.78 3.87 -4.56
C ILE A 6 -4.11 2.71 -5.49
N LEU A 7 -3.40 1.60 -5.32
CA LEU A 7 -3.65 0.39 -6.10
C LEU A 7 -4.10 -0.71 -5.15
N GLU A 8 -5.25 -1.32 -5.45
CA GLU A 8 -5.84 -2.35 -4.63
C GLU A 8 -5.95 -3.69 -5.35
N VAL A 9 -5.49 -4.74 -4.67
CA VAL A 9 -5.56 -6.11 -5.16
C VAL A 9 -6.87 -6.75 -4.71
N ALA A 10 -7.87 -6.71 -5.60
CA ALA A 10 -9.21 -7.23 -5.32
C ALA A 10 -9.26 -8.76 -5.32
N GLY A 11 -8.29 -9.41 -5.96
CA GLY A 11 -8.30 -10.86 -6.01
C GLY A 11 -7.11 -11.45 -6.73
N ILE A 12 -7.39 -12.22 -7.78
CA ILE A 12 -6.36 -12.85 -8.60
C ILE A 12 -6.41 -12.28 -10.01
N GLY A 13 -5.66 -11.21 -10.23
CA GLY A 13 -5.61 -10.59 -11.54
C GLY A 13 -6.54 -9.40 -11.68
N LYS A 14 -7.37 -9.14 -10.67
CA LYS A 14 -8.29 -8.00 -10.69
C LYS A 14 -7.78 -6.92 -9.75
N TYR A 15 -7.71 -5.68 -10.26
CA TYR A 15 -7.23 -4.57 -9.45
C TYR A 15 -8.09 -3.31 -9.60
N ALA A 16 -8.00 -2.48 -8.57
CA ALA A 16 -8.72 -1.22 -8.48
C ALA A 16 -7.70 -0.10 -8.24
N ILE A 17 -7.90 1.06 -8.86
CA ILE A 17 -6.95 2.16 -8.66
C ILE A 17 -7.64 3.48 -8.33
N SER A 18 -7.12 4.17 -7.31
CA SER A 18 -7.67 5.45 -6.90
C SER A 18 -6.67 6.55 -7.20
N ILE A 19 -7.06 7.41 -8.13
CA ILE A 19 -6.24 8.51 -8.59
C ILE A 19 -6.85 9.86 -8.18
N GLY A 20 -6.21 10.55 -7.22
CA GLY A 20 -6.71 11.83 -6.78
C GLY A 20 -8.20 11.85 -6.46
N GLY A 21 -8.68 10.85 -5.73
CA GLY A 21 -10.08 10.79 -5.36
C GLY A 21 -10.93 9.97 -6.32
N GLU A 22 -10.51 9.81 -7.58
CA GLU A 22 -11.30 9.03 -8.54
C GLU A 22 -10.89 7.56 -8.49
N ARG A 23 -11.89 6.69 -8.30
CA ARG A 23 -11.66 5.25 -8.21
C ARG A 23 -12.06 4.51 -9.48
N GLN A 24 -11.15 3.65 -9.98
CA GLN A 24 -11.43 2.85 -11.17
C GLN A 24 -11.38 1.36 -10.79
N GLU A 25 -12.44 0.63 -11.13
CA GLU A 25 -12.53 -0.80 -10.79
C GLU A 25 -12.58 -1.69 -12.04
N GLY A 26 -12.16 -2.94 -11.87
CA GLY A 26 -12.19 -3.90 -12.97
C GLY A 26 -11.02 -3.78 -13.90
N LEU A 27 -9.87 -3.31 -13.41
CA LEU A 27 -8.70 -3.14 -14.26
C LEU A 27 -7.84 -4.40 -14.30
N THR A 28 -7.17 -4.58 -15.45
CA THR A 28 -6.29 -5.71 -15.69
C THR A 28 -4.86 -5.33 -15.31
N GLU A 29 -3.94 -6.29 -15.33
CA GLU A 29 -2.56 -6.01 -14.98
C GLU A 29 -1.87 -5.11 -16.02
N GLU A 30 -2.07 -5.40 -17.31
CA GLU A 30 -1.47 -4.60 -18.37
C GLU A 30 -2.00 -3.17 -18.33
N MET A 31 -3.29 -3.01 -18.07
CA MET A 31 -3.90 -1.69 -18.00
C MET A 31 -3.45 -0.93 -16.74
N VAL A 32 -3.36 -1.63 -15.60
CA VAL A 32 -2.92 -0.99 -14.36
C VAL A 32 -1.51 -0.41 -14.55
N THR A 33 -0.69 -1.10 -15.33
CA THR A 33 0.67 -0.65 -15.63
C THR A 33 0.61 0.66 -16.41
N GLN A 34 -0.18 0.65 -17.50
CA GLN A 34 -0.36 1.82 -18.36
C GLN A 34 -0.71 3.09 -17.56
N LEU A 35 -1.73 2.96 -16.72
CA LEU A 35 -2.19 4.07 -15.89
C LEU A 35 -1.13 4.48 -14.87
N SER A 36 -0.56 3.51 -14.17
CA SER A 36 0.46 3.78 -13.16
C SER A 36 1.67 4.51 -13.78
N ARG A 37 2.09 4.05 -14.96
CA ARG A 37 3.21 4.63 -15.67
C ARG A 37 2.91 6.05 -16.14
N GLN A 38 1.71 6.26 -16.69
CA GLN A 38 1.33 7.58 -17.19
C GLN A 38 1.25 8.59 -16.05
N GLU A 39 0.73 8.17 -14.90
CA GLU A 39 0.62 9.08 -13.77
C GLU A 39 1.98 9.41 -13.18
N PHE A 40 2.88 8.42 -13.17
CA PHE A 40 4.22 8.64 -12.63
C PHE A 40 5.08 9.51 -13.54
N ASP A 41 4.85 9.44 -14.86
CA ASP A 41 5.63 10.25 -15.80
C ASP A 41 5.19 11.72 -15.76
N LYS A 42 3.93 11.96 -15.38
CA LYS A 42 3.41 13.33 -15.29
C LYS A 42 3.77 13.95 -13.93
N ASP A 43 3.75 13.13 -12.88
CA ASP A 43 4.09 13.58 -11.53
C ASP A 43 5.13 12.64 -10.92
N ASN A 44 6.35 13.13 -10.73
CA ASN A 44 7.43 12.32 -10.19
C ASN A 44 7.40 12.21 -8.66
N ASN A 45 6.61 13.05 -7.98
CA ASN A 45 6.54 13.00 -6.51
C ASN A 45 5.24 12.35 -6.03
N THR A 46 4.59 11.59 -6.91
CA THR A 46 3.33 10.93 -6.57
C THR A 46 3.52 9.81 -5.56
N LEU A 47 2.94 9.96 -4.37
CA LEU A 47 3.03 8.92 -3.34
C LEU A 47 2.28 7.67 -3.82
N PHE A 48 2.98 6.53 -3.86
CA PHE A 48 2.37 5.28 -4.31
C PHE A 48 2.17 4.32 -3.13
N LEU A 49 0.95 3.83 -2.99
CA LEU A 49 0.58 2.90 -1.94
C LEU A 49 -0.22 1.73 -2.49
N VAL A 50 0.08 0.53 -2.00
CA VAL A 50 -0.59 -0.68 -2.47
C VAL A 50 -1.23 -1.48 -1.33
N GLY A 51 -2.45 -1.96 -1.53
CA GLY A 51 -3.13 -2.74 -0.51
C GLY A 51 -3.82 -3.94 -1.12
N GLY A 52 -3.87 -5.04 -0.36
CA GLY A 52 -4.51 -6.27 -0.81
C GLY A 52 -5.63 -6.70 0.11
N ALA A 53 -6.58 -7.44 -0.43
CA ALA A 53 -7.72 -7.92 0.35
C ALA A 53 -7.34 -9.15 1.18
N LYS A 54 -8.18 -9.48 2.15
CA LYS A 54 -7.95 -10.62 3.05
C LYS A 54 -7.93 -11.95 2.29
N GLU A 55 -8.65 -12.03 1.18
CA GLU A 55 -8.74 -13.25 0.39
C GLU A 55 -7.61 -13.40 -0.63
N VAL A 56 -6.72 -12.40 -0.76
CA VAL A 56 -5.62 -12.49 -1.73
C VAL A 56 -4.37 -13.12 -1.10
N PRO A 57 -3.68 -14.05 -1.82
CA PRO A 57 -2.46 -14.69 -1.31
C PRO A 57 -1.33 -13.67 -1.25
N TYR A 58 -0.47 -13.73 -0.23
CA TYR A 58 0.63 -12.76 -0.11
C TYR A 58 1.57 -12.81 -1.32
N GLU A 59 1.81 -14.00 -1.83
CA GLU A 59 2.70 -14.16 -2.99
C GLU A 59 2.22 -13.31 -4.17
N GLU A 60 0.90 -13.10 -4.27
CA GLU A 60 0.38 -12.32 -5.37
C GLU A 60 0.61 -10.84 -5.12
N VAL A 61 0.61 -10.44 -3.85
CA VAL A 61 0.87 -9.05 -3.49
C VAL A 61 2.30 -8.70 -3.89
N ILE A 62 3.22 -9.65 -3.64
CA ILE A 62 4.63 -9.47 -4.00
C ILE A 62 4.74 -9.28 -5.51
N LYS A 63 4.03 -10.13 -6.26
CA LYS A 63 3.99 -10.05 -7.72
C LYS A 63 3.54 -8.65 -8.17
N ALA A 64 2.48 -8.13 -7.54
CA ALA A 64 1.96 -6.80 -7.87
C ALA A 64 3.05 -5.74 -7.67
N LEU A 65 3.71 -5.81 -6.51
CA LEU A 65 4.79 -4.88 -6.20
C LEU A 65 5.90 -5.03 -7.25
N ASN A 66 6.12 -6.27 -7.66
CA ASN A 66 7.12 -6.59 -8.67
C ASN A 66 6.79 -5.90 -10.01
N LEU A 67 5.52 -5.90 -10.39
CA LEU A 67 5.11 -5.28 -11.66
C LEU A 67 5.34 -3.78 -11.61
N LEU A 68 5.04 -3.16 -10.47
CA LEU A 68 5.22 -1.72 -10.32
C LEU A 68 6.70 -1.36 -10.44
N HIS A 69 7.56 -2.18 -9.82
CA HIS A 69 9.00 -1.95 -9.89
C HIS A 69 9.49 -2.08 -11.34
N LEU A 70 8.97 -3.08 -12.06
CA LEU A 70 9.35 -3.30 -13.45
C LEU A 70 9.08 -2.06 -14.32
N ALA A 71 7.97 -1.36 -14.06
CA ALA A 71 7.64 -0.16 -14.83
C ALA A 71 8.22 1.13 -14.20
N GLY A 72 9.09 0.97 -13.21
CA GLY A 72 9.70 2.07 -12.49
C GLY A 72 8.76 2.93 -11.68
N ILE A 73 7.85 2.30 -10.94
CA ILE A 73 6.93 3.05 -10.08
C ILE A 73 7.50 3.10 -8.66
N LYS A 74 8.16 2.03 -8.26
CA LYS A 74 8.75 1.95 -6.92
C LYS A 74 9.67 0.74 -6.81
N GLY B 1 -16.26 0.52 1.76
CA GLY B 1 -15.29 0.88 2.83
C GLY B 1 -15.47 2.31 3.31
N SER B 2 -15.14 2.55 4.58
CA SER B 2 -15.26 3.88 5.15
C SER B 2 -13.95 4.65 5.05
N VAL B 3 -12.93 4.17 5.77
CA VAL B 3 -11.61 4.79 5.76
C VAL B 3 -10.52 3.78 6.15
N PRO B 4 -9.83 3.16 5.16
CA PRO B 4 -8.78 2.16 5.40
C PRO B 4 -7.71 2.53 6.44
N VAL B 5 -6.75 1.61 6.58
CA VAL B 5 -5.60 1.81 7.44
C VAL B 5 -4.40 1.93 6.50
N ILE B 6 -3.67 3.03 6.61
CA ILE B 6 -2.54 3.28 5.71
C ILE B 6 -1.22 3.33 6.46
N LEU B 7 -0.25 2.54 5.99
CA LEU B 7 1.10 2.51 6.57
C LEU B 7 2.08 2.99 5.51
N GLU B 8 2.87 4.01 5.88
CA GLU B 8 3.83 4.62 4.98
C GLU B 8 5.27 4.45 5.46
N VAL B 9 6.13 4.02 4.53
CA VAL B 9 7.56 3.84 4.77
C VAL B 9 8.29 5.14 4.42
N ALA B 10 8.52 5.96 5.46
CA ALA B 10 9.17 7.27 5.29
C ALA B 10 10.67 7.15 5.04
N GLY B 11 11.27 6.02 5.38
CA GLY B 11 12.71 5.85 5.18
C GLY B 11 13.22 4.50 5.60
N ILE B 12 14.23 4.51 6.47
CA ILE B 12 14.82 3.29 7.01
C ILE B 12 14.49 3.15 8.49
N GLY B 13 13.39 2.49 8.78
CA GLY B 13 12.97 2.28 10.16
C GLY B 13 11.94 3.28 10.66
N LYS B 14 11.65 4.31 9.85
CA LYS B 14 10.66 5.33 10.22
C LYS B 14 9.39 5.11 9.42
N TYR B 15 8.25 5.09 10.13
CA TYR B 15 6.96 4.88 9.48
C TYR B 15 5.88 5.82 9.98
N ALA B 16 4.89 6.01 9.11
CA ALA B 16 3.74 6.86 9.37
C ALA B 16 2.47 6.04 9.19
N ILE B 17 1.46 6.25 10.03
CA ILE B 17 0.22 5.47 9.89
C ILE B 17 -1.03 6.35 9.91
N SER B 18 -1.93 6.10 8.97
CA SER B 18 -3.18 6.85 8.88
C SER B 18 -4.34 5.93 9.23
N ILE B 19 -4.99 6.25 10.34
CA ILE B 19 -6.10 5.48 10.85
C ILE B 19 -7.39 6.30 10.79
N GLY B 20 -8.30 5.92 9.89
CA GLY B 20 -9.58 6.62 9.77
C GLY B 20 -9.43 8.14 9.69
N GLY B 21 -8.50 8.63 8.88
CA GLY B 21 -8.31 10.06 8.73
C GLY B 21 -7.24 10.64 9.64
N GLU B 22 -6.94 9.98 10.77
CA GLU B 22 -5.92 10.50 11.69
C GLU B 22 -4.53 9.96 11.31
N ARG B 23 -3.59 10.86 11.13
CA ARG B 23 -2.22 10.50 10.73
C ARG B 23 -1.25 10.58 11.91
N GLN B 24 -0.45 9.52 12.09
CA GLN B 24 0.56 9.49 13.15
C GLN B 24 1.95 9.35 12.50
N GLU B 25 2.87 10.24 12.87
CA GLU B 25 4.22 10.23 12.30
C GLU B 25 5.29 9.97 13.36
N GLY B 26 6.43 9.45 12.90
CA GLY B 26 7.56 9.18 13.78
C GLY B 26 7.43 7.87 14.54
N LEU B 27 6.71 6.90 13.96
CA LEU B 27 6.54 5.62 14.63
C LEU B 27 7.66 4.64 14.32
N THR B 28 7.92 3.77 15.29
CA THR B 28 8.94 2.72 15.18
C THR B 28 8.31 1.44 14.66
N GLU B 29 9.13 0.43 14.36
CA GLU B 29 8.62 -0.83 13.86
C GLU B 29 7.82 -1.58 14.92
N GLU B 30 8.33 -1.66 16.15
CA GLU B 30 7.62 -2.34 17.23
C GLU B 30 6.29 -1.67 17.54
N MET B 31 6.28 -0.33 17.50
CA MET B 31 5.06 0.42 17.77
C MET B 31 4.06 0.28 16.63
N VAL B 32 4.54 0.31 15.38
CA VAL B 32 3.66 0.18 14.22
C VAL B 32 2.92 -1.16 14.29
N THR B 33 3.61 -2.19 14.80
CA THR B 33 3.03 -3.51 14.96
C THR B 33 1.88 -3.46 15.96
N GLN B 34 2.17 -2.88 17.13
CA GLN B 34 1.19 -2.72 18.21
C GLN B 34 -0.12 -2.10 17.73
N LEU B 35 0.01 -0.98 17.04
CA LEU B 35 -1.14 -0.25 16.50
C LEU B 35 -1.85 -1.06 15.42
N SER B 36 -1.09 -1.61 14.48
CA SER B 36 -1.66 -2.40 13.39
C SER B 36 -2.45 -3.60 13.93
N ARG B 37 -1.86 -4.27 14.92
CA ARG B 37 -2.47 -5.44 15.55
C ARG B 37 -3.74 -5.07 16.32
N GLN B 38 -3.69 -3.97 17.08
CA GLN B 38 -4.85 -3.54 17.86
C GLN B 38 -6.01 -3.15 16.94
N GLU B 39 -5.71 -2.49 15.83
CA GLU B 39 -6.76 -2.07 14.91
C GLU B 39 -7.36 -3.28 14.18
N PHE B 40 -6.53 -4.26 13.85
CA PHE B 40 -7.01 -5.45 13.16
C PHE B 40 -7.84 -6.35 14.07
N ASP B 41 -7.53 -6.38 15.37
CA ASP B 41 -8.28 -7.22 16.31
C ASP B 41 -9.65 -6.62 16.60
N LYS B 42 -9.79 -5.30 16.48
CA LYS B 42 -11.06 -4.63 16.71
C LYS B 42 -11.94 -4.67 15.46
N ASP B 43 -11.30 -4.55 14.29
CA ASP B 43 -12.00 -4.60 13.01
C ASP B 43 -11.32 -5.61 12.09
N ASN B 44 -12.00 -6.71 11.80
CA ASN B 44 -11.44 -7.76 10.95
C ASN B 44 -11.58 -7.48 9.46
N ASN B 45 -12.39 -6.50 9.08
CA ASN B 45 -12.56 -6.16 7.65
C ASN B 45 -11.83 -4.87 7.26
N THR B 46 -10.86 -4.47 8.08
CA THR B 46 -10.10 -3.25 7.84
C THR B 46 -9.19 -3.38 6.62
N LEU B 47 -9.44 -2.59 5.58
CA LEU B 47 -8.61 -2.61 4.38
C LEU B 47 -7.21 -2.10 4.72
N PHE B 48 -6.19 -2.91 4.46
CA PHE B 48 -4.80 -2.53 4.76
C PHE B 48 -4.03 -2.24 3.48
N LEU B 49 -3.40 -1.06 3.46
CA LEU B 49 -2.62 -0.62 2.32
C LEU B 49 -1.27 -0.05 2.76
N VAL B 50 -0.21 -0.39 2.02
CA VAL B 50 1.14 0.05 2.37
C VAL B 50 1.82 0.79 1.22
N GLY B 51 2.49 1.90 1.52
CA GLY B 51 3.18 2.66 0.49
C GLY B 51 4.56 3.10 0.97
N GLY B 52 5.51 3.16 0.04
CA GLY B 52 6.87 3.56 0.37
C GLY B 52 7.30 4.78 -0.45
N ALA B 53 8.24 5.54 0.10
CA ALA B 53 8.73 6.73 -0.58
C ALA B 53 9.76 6.38 -1.66
N LYS B 54 10.04 7.34 -2.52
CA LYS B 54 10.98 7.14 -3.63
C LYS B 54 12.40 6.85 -3.15
N GLU B 55 12.76 7.35 -1.97
CA GLU B 55 14.10 7.16 -1.42
C GLU B 55 14.25 5.85 -0.62
N VAL B 56 13.17 5.08 -0.46
CA VAL B 56 13.26 3.82 0.29
C VAL B 56 13.60 2.63 -0.62
N PRO B 57 14.53 1.73 -0.20
CA PRO B 57 14.89 0.56 -0.99
C PRO B 57 13.73 -0.43 -1.05
N TYR B 58 13.51 -1.09 -2.18
CA TYR B 58 12.39 -2.04 -2.30
C TYR B 58 12.51 -3.17 -1.29
N GLU B 59 13.73 -3.64 -1.04
CA GLU B 59 13.95 -4.72 -0.08
C GLU B 59 13.37 -4.37 1.30
N GLU B 60 13.36 -3.08 1.63
CA GLU B 60 12.85 -2.67 2.93
C GLU B 60 11.32 -2.70 2.92
N VAL B 61 10.73 -2.43 1.75
CA VAL B 61 9.28 -2.47 1.62
C VAL B 61 8.80 -3.89 1.84
N ILE B 62 9.57 -4.86 1.29
CA ILE B 62 9.26 -6.28 1.45
C ILE B 62 9.29 -6.64 2.93
N LYS B 63 10.34 -6.16 3.61
CA LYS B 63 10.50 -6.38 5.05
C LYS B 63 9.27 -5.87 5.82
N ALA B 64 8.81 -4.66 5.46
CA ALA B 64 7.64 -4.07 6.11
C ALA B 64 6.42 -4.98 5.94
N LEU B 65 6.21 -5.43 4.70
CA LEU B 65 5.10 -6.34 4.40
C LEU B 65 5.26 -7.62 5.21
N ASN B 66 6.51 -8.05 5.35
CA ASN B 66 6.85 -9.24 6.13
C ASN B 66 6.42 -9.08 7.59
N LEU B 67 6.67 -7.89 8.16
CA LEU B 67 6.33 -7.66 9.57
C LEU B 67 4.81 -7.70 9.76
N LEU B 68 4.07 -7.15 8.81
CA LEU B 68 2.61 -7.15 8.90
C LEU B 68 2.08 -8.58 8.84
N HIS B 69 2.65 -9.39 7.97
CA HIS B 69 2.25 -10.79 7.84
C HIS B 69 2.54 -11.53 9.15
N LEU B 70 3.70 -11.26 9.75
CA LEU B 70 4.08 -11.91 11.00
C LEU B 70 3.05 -11.66 12.11
N ALA B 71 2.48 -10.46 12.16
CA ALA B 71 1.47 -10.14 13.18
C ALA B 71 0.04 -10.46 12.71
N GLY B 72 -0.08 -11.15 11.58
CA GLY B 72 -1.36 -11.51 10.99
C GLY B 72 -2.21 -10.34 10.50
N ILE B 73 -1.59 -9.39 9.82
CA ILE B 73 -2.32 -8.25 9.26
C ILE B 73 -2.69 -8.55 7.80
N LYS B 74 -1.79 -9.24 7.11
CA LYS B 74 -2.01 -9.60 5.71
C LYS B 74 -0.96 -10.60 5.23
N GLY A 1 1.40 16.25 1.04
CA GLY A 1 0.73 15.53 -0.07
C GLY A 1 -0.71 15.94 -0.27
N SER A 2 -1.20 15.85 -1.50
CA SER A 2 -2.58 16.21 -1.80
C SER A 2 -3.48 14.99 -1.78
N VAL A 3 -3.27 14.08 -2.74
CA VAL A 3 -4.06 12.85 -2.83
C VAL A 3 -3.27 11.75 -3.58
N PRO A 4 -2.59 10.85 -2.83
CA PRO A 4 -1.78 9.75 -3.41
C PRO A 4 -2.44 8.94 -4.52
N VAL A 5 -1.69 7.94 -4.98
CA VAL A 5 -2.17 6.98 -5.98
C VAL A 5 -2.31 5.65 -5.24
N ILE A 6 -3.50 5.08 -5.26
CA ILE A 6 -3.76 3.84 -4.54
C ILE A 6 -4.10 2.68 -5.48
N LEU A 7 -3.38 1.57 -5.31
CA LEU A 7 -3.63 0.35 -6.11
C LEU A 7 -4.08 -0.74 -5.15
N GLU A 8 -5.23 -1.34 -5.46
CA GLU A 8 -5.83 -2.37 -4.64
C GLU A 8 -5.93 -3.72 -5.36
N VAL A 9 -5.47 -4.77 -4.68
CA VAL A 9 -5.54 -6.14 -5.17
C VAL A 9 -6.86 -6.77 -4.73
N ALA A 10 -7.84 -6.74 -5.63
CA ALA A 10 -9.18 -7.27 -5.35
C ALA A 10 -9.24 -8.79 -5.36
N GLY A 11 -8.27 -9.44 -6.00
CA GLY A 11 -8.28 -10.90 -6.06
C GLY A 11 -7.09 -11.49 -6.77
N ILE A 12 -7.38 -12.26 -7.82
CA ILE A 12 -6.35 -12.90 -8.64
C ILE A 12 -6.40 -12.33 -10.05
N GLY A 13 -5.64 -11.26 -10.27
CA GLY A 13 -5.59 -10.64 -11.57
C GLY A 13 -6.52 -9.43 -11.71
N LYS A 14 -7.36 -9.18 -10.70
CA LYS A 14 -8.27 -8.04 -10.73
C LYS A 14 -7.75 -6.96 -9.77
N TYR A 15 -7.69 -5.72 -10.28
CA TYR A 15 -7.21 -4.61 -9.47
C TYR A 15 -8.06 -3.35 -9.61
N ALA A 16 -7.97 -2.53 -8.57
CA ALA A 16 -8.68 -1.26 -8.48
C ALA A 16 -7.67 -0.15 -8.24
N ILE A 17 -7.86 1.03 -8.85
CA ILE A 17 -6.91 2.12 -8.65
C ILE A 17 -7.61 3.44 -8.33
N SER A 18 -7.10 4.12 -7.31
CA SER A 18 -7.65 5.41 -6.89
C SER A 18 -6.66 6.51 -7.19
N ILE A 19 -7.04 7.38 -8.13
CA ILE A 19 -6.22 8.48 -8.57
C ILE A 19 -6.83 9.82 -8.15
N GLY A 20 -6.20 10.50 -7.20
CA GLY A 20 -6.69 11.80 -6.75
C GLY A 20 -8.19 11.81 -6.44
N GLY A 21 -8.66 10.80 -5.71
CA GLY A 21 -10.07 10.75 -5.34
C GLY A 21 -10.92 9.93 -6.30
N GLU A 22 -10.50 9.78 -7.56
CA GLU A 22 -11.29 8.99 -8.53
C GLU A 22 -10.88 7.52 -8.48
N ARG A 23 -11.87 6.65 -8.29
CA ARG A 23 -11.64 5.20 -8.20
C ARG A 23 -12.02 4.47 -9.48
N GLN A 24 -11.12 3.61 -9.97
CA GLN A 24 -11.39 2.81 -11.17
C GLN A 24 -11.34 1.33 -10.79
N GLU A 25 -12.40 0.60 -11.14
CA GLU A 25 -12.49 -0.83 -10.82
C GLU A 25 -12.54 -1.71 -12.07
N GLY A 26 -12.12 -2.96 -11.90
CA GLY A 26 -12.14 -3.92 -12.99
C GLY A 26 -10.96 -3.80 -13.92
N LEU A 27 -9.82 -3.32 -13.43
CA LEU A 27 -8.65 -3.16 -14.27
C LEU A 27 -7.80 -4.42 -14.32
N THR A 28 -7.13 -4.60 -15.47
CA THR A 28 -6.25 -5.72 -15.72
C THR A 28 -4.81 -5.36 -15.35
N GLU A 29 -3.89 -6.29 -15.48
CA GLU A 29 -2.49 -6.03 -15.16
C GLU A 29 -1.84 -5.11 -16.20
N GLU A 30 -2.06 -5.38 -17.48
CA GLU A 30 -1.48 -4.55 -18.55
C GLU A 30 -2.02 -3.12 -18.47
N MET A 31 -3.31 -2.99 -18.17
CA MET A 31 -3.94 -1.68 -18.07
C MET A 31 -3.49 -0.93 -16.82
N VAL A 32 -3.38 -1.63 -15.68
CA VAL A 32 -2.93 -0.99 -14.44
C VAL A 32 -1.53 -0.39 -14.63
N THR A 33 -0.70 -1.10 -15.41
CA THR A 33 0.65 -0.65 -15.71
C THR A 33 0.59 0.67 -16.50
N GLN A 34 -0.20 0.65 -17.58
CA GLN A 34 -0.38 1.82 -18.45
C GLN A 34 -0.73 3.08 -17.65
N LEU A 35 -1.75 2.95 -16.81
CA LEU A 35 -2.21 4.06 -15.99
C LEU A 35 -1.17 4.48 -14.95
N SER A 36 -0.59 3.50 -14.26
CA SER A 36 0.43 3.78 -13.25
C SER A 36 1.63 4.52 -13.86
N ARG A 37 2.05 4.06 -15.04
CA ARG A 37 3.19 4.65 -15.75
C ARG A 37 2.87 6.08 -16.21
N GLN A 38 1.68 6.29 -16.76
CA GLN A 38 1.29 7.60 -17.25
C GLN A 38 1.19 8.61 -16.12
N GLU A 39 0.69 8.17 -14.97
CA GLU A 39 0.54 9.07 -13.83
C GLU A 39 1.91 9.42 -13.23
N PHE A 40 2.82 8.44 -13.22
CA PHE A 40 4.15 8.69 -12.67
C PHE A 40 5.01 9.58 -13.58
N ASP A 41 4.80 9.51 -14.90
CA ASP A 41 5.57 10.33 -15.83
C ASP A 41 5.12 11.78 -15.78
N LYS A 42 3.86 12.01 -15.39
CA LYS A 42 3.33 13.38 -15.29
C LYS A 42 3.69 13.99 -13.92
N ASP A 43 3.66 13.17 -12.88
CA ASP A 43 4.00 13.61 -11.52
C ASP A 43 5.07 12.68 -10.92
N ASN A 44 6.24 13.24 -10.64
CA ASN A 44 7.34 12.44 -10.10
C ASN A 44 7.29 12.32 -8.57
N ASN A 45 6.55 13.18 -7.89
CA ASN A 45 6.47 13.12 -6.42
C ASN A 45 5.18 12.44 -5.94
N THR A 46 4.55 11.66 -6.83
CA THR A 46 3.31 10.96 -6.52
C THR A 46 3.52 9.84 -5.50
N LEU A 47 2.93 9.97 -4.31
CA LEU A 47 3.03 8.93 -3.30
C LEU A 47 2.30 7.68 -3.77
N PHE A 48 2.99 6.56 -3.83
CA PHE A 48 2.40 5.30 -4.28
C PHE A 48 2.19 4.33 -3.12
N LEU A 49 0.96 3.84 -2.99
CA LEU A 49 0.60 2.91 -1.94
C LEU A 49 -0.21 1.73 -2.50
N VAL A 50 0.08 0.54 -2.00
CA VAL A 50 -0.58 -0.68 -2.48
C VAL A 50 -1.21 -1.48 -1.34
N GLY A 51 -2.43 -1.96 -1.54
CA GLY A 51 -3.11 -2.75 -0.53
C GLY A 51 -3.80 -3.96 -1.12
N GLY A 52 -3.83 -5.06 -0.35
CA GLY A 52 -4.46 -6.29 -0.82
C GLY A 52 -5.58 -6.74 0.11
N ALA A 53 -6.53 -7.50 -0.43
CA ALA A 53 -7.67 -7.98 0.34
C ALA A 53 -7.31 -9.22 1.17
N LYS A 54 -8.16 -9.53 2.15
CA LYS A 54 -7.95 -10.67 3.05
C LYS A 54 -7.91 -12.01 2.30
N GLU A 55 -8.65 -12.10 1.20
CA GLU A 55 -8.71 -13.33 0.40
C GLU A 55 -7.55 -13.43 -0.61
N VAL A 56 -6.72 -12.39 -0.72
CA VAL A 56 -5.60 -12.41 -1.66
C VAL A 56 -4.37 -13.11 -1.06
N PRO A 57 -3.68 -13.98 -1.83
CA PRO A 57 -2.47 -14.64 -1.35
C PRO A 57 -1.32 -13.65 -1.29
N TYR A 58 -0.47 -13.70 -0.28
CA TYR A 58 0.63 -12.75 -0.15
C TYR A 58 1.57 -12.81 -1.35
N GLU A 59 1.81 -14.03 -1.87
CA GLU A 59 2.71 -14.20 -3.02
C GLU A 59 2.24 -13.35 -4.20
N GLU A 60 0.93 -13.12 -4.31
CA GLU A 60 0.40 -12.35 -5.41
C GLU A 60 0.64 -10.87 -5.17
N VAL A 61 0.63 -10.47 -3.88
CA VAL A 61 0.89 -9.09 -3.53
C VAL A 61 2.32 -8.73 -3.91
N ILE A 62 3.24 -9.67 -3.67
CA ILE A 62 4.65 -9.50 -4.01
C ILE A 62 4.77 -9.31 -5.53
N LYS A 63 4.06 -10.15 -6.27
CA LYS A 63 4.04 -10.07 -7.73
C LYS A 63 3.57 -8.68 -8.19
N ALA A 64 2.50 -8.17 -7.56
CA ALA A 64 1.97 -6.84 -7.89
C ALA A 64 3.03 -5.76 -7.68
N LEU A 65 3.69 -5.84 -6.53
CA LEU A 65 4.76 -4.89 -6.21
C LEU A 65 5.87 -5.02 -7.25
N ASN A 66 6.13 -6.25 -7.66
CA ASN A 66 7.14 -6.54 -8.68
C ASN A 66 6.80 -5.85 -10.00
N LEU A 67 5.52 -5.87 -10.39
CA LEU A 67 5.11 -5.26 -11.66
C LEU A 67 5.31 -3.74 -11.62
N LEU A 68 5.01 -3.14 -10.47
CA LEU A 68 5.15 -1.71 -10.31
C LEU A 68 6.63 -1.31 -10.42
N HIS A 69 7.50 -2.12 -9.80
CA HIS A 69 8.93 -1.86 -9.85
C HIS A 69 9.43 -1.97 -11.29
N LEU A 70 8.93 -2.97 -12.02
CA LEU A 70 9.33 -3.18 -13.41
C LEU A 70 9.03 -1.94 -14.26
N ALA A 71 7.91 -1.27 -14.01
CA ALA A 71 7.55 -0.07 -14.78
C ALA A 71 8.10 1.21 -14.14
N GLY A 72 8.97 1.07 -13.14
CA GLY A 72 9.55 2.20 -12.42
C GLY A 72 8.57 3.03 -11.61
N ILE A 73 7.67 2.38 -10.88
CA ILE A 73 6.73 3.10 -10.03
C ILE A 73 7.29 3.16 -8.60
N LYS A 74 7.95 2.08 -8.19
CA LYS A 74 8.53 2.00 -6.86
C LYS A 74 9.40 0.76 -6.71
N GLY B 1 -16.25 0.58 1.72
CA GLY B 1 -15.28 0.94 2.78
C GLY B 1 -15.45 2.37 3.26
N SER B 2 -15.10 2.62 4.52
CA SER B 2 -15.21 3.96 5.10
C SER B 2 -13.89 4.70 5.00
N VAL B 3 -12.88 4.22 5.72
CA VAL B 3 -11.55 4.84 5.72
C VAL B 3 -10.46 3.83 6.12
N PRO B 4 -9.81 3.19 5.13
CA PRO B 4 -8.75 2.18 5.35
C PRO B 4 -7.69 2.53 6.40
N VAL B 5 -6.73 1.62 6.54
CA VAL B 5 -5.58 1.80 7.41
C VAL B 5 -4.38 1.92 6.48
N ILE B 6 -3.65 3.03 6.59
CA ILE B 6 -2.52 3.28 5.70
C ILE B 6 -1.19 3.31 6.45
N LEU B 7 -0.22 2.52 5.98
CA LEU B 7 1.12 2.48 6.57
C LEU B 7 2.10 2.98 5.51
N GLU B 8 2.90 3.98 5.88
CA GLU B 8 3.86 4.60 4.98
C GLU B 8 5.31 4.43 5.46
N VAL B 9 6.15 3.98 4.54
CA VAL B 9 7.58 3.81 4.76
C VAL B 9 8.31 5.12 4.44
N ALA B 10 8.56 5.92 5.47
CA ALA B 10 9.21 7.22 5.32
C ALA B 10 10.71 7.11 5.06
N GLY B 11 11.31 5.98 5.42
CA GLY B 11 12.74 5.82 5.21
C GLY B 11 13.26 4.46 5.63
N ILE B 12 14.26 4.48 6.50
CA ILE B 12 14.87 3.26 7.03
C ILE B 12 14.54 3.12 8.51
N GLY B 13 13.43 2.46 8.80
CA GLY B 13 13.02 2.24 10.18
C GLY B 13 11.99 3.24 10.68
N LYS B 14 11.69 4.26 9.88
CA LYS B 14 10.71 5.28 10.25
C LYS B 14 9.43 5.07 9.44
N TYR B 15 8.30 5.06 10.14
CA TYR B 15 7.01 4.84 9.48
C TYR B 15 5.92 5.78 9.99
N ALA B 16 4.93 5.98 9.11
CA ALA B 16 3.78 6.82 9.37
C ALA B 16 2.51 6.01 9.18
N ILE B 17 1.49 6.21 10.01
CA ILE B 17 0.25 5.44 9.88
C ILE B 17 -0.99 6.32 9.91
N SER B 18 -1.88 6.08 8.96
CA SER B 18 -3.14 6.83 8.87
C SER B 18 -4.31 5.92 9.22
N ILE B 19 -4.94 6.23 10.33
CA ILE B 19 -6.07 5.46 10.84
C ILE B 19 -7.36 6.28 10.77
N GLY B 20 -8.26 5.91 9.87
CA GLY B 20 -9.53 6.62 9.74
C GLY B 20 -9.39 8.13 9.68
N GLY B 21 -8.46 8.61 8.86
CA GLY B 21 -8.26 10.05 8.72
C GLY B 21 -7.20 10.63 9.64
N GLU B 22 -6.90 9.97 10.76
CA GLU B 22 -5.87 10.48 11.67
C GLU B 22 -4.50 9.93 11.30
N ARG B 23 -3.54 10.84 11.12
CA ARG B 23 -2.18 10.48 10.74
C ARG B 23 -1.20 10.54 11.90
N GLN B 24 -0.41 9.49 12.09
CA GLN B 24 0.60 9.44 13.14
C GLN B 24 1.98 9.31 12.50
N GLU B 25 2.91 10.19 12.87
CA GLU B 25 4.26 10.19 12.31
C GLU B 25 5.33 9.91 13.36
N GLY B 26 6.47 9.39 12.92
CA GLY B 26 7.58 9.12 13.81
C GLY B 26 7.45 7.81 14.55
N LEU B 27 6.74 6.84 13.98
CA LEU B 27 6.55 5.55 14.64
C LEU B 27 7.69 4.57 14.33
N THR B 28 7.94 3.70 15.31
CA THR B 28 8.97 2.67 15.20
C THR B 28 8.35 1.38 14.70
N GLU B 29 9.16 0.35 14.49
CA GLU B 29 8.64 -0.93 14.01
C GLU B 29 7.83 -1.65 15.08
N GLU B 30 8.33 -1.71 16.32
CA GLU B 30 7.62 -2.36 17.41
C GLU B 30 6.28 -1.67 17.68
N MET B 31 6.29 -0.34 17.62
CA MET B 31 5.08 0.44 17.85
C MET B 31 4.08 0.30 16.71
N VAL B 32 4.56 0.31 15.45
CA VAL B 32 3.67 0.18 14.30
C VAL B 32 2.93 -1.17 14.37
N THR B 33 3.63 -2.19 14.88
CA THR B 33 3.05 -3.52 15.04
C THR B 33 1.90 -3.46 16.04
N GLN B 34 2.19 -2.89 17.22
CA GLN B 34 1.22 -2.74 18.31
C GLN B 34 -0.09 -2.11 17.81
N LEU B 35 0.03 -0.98 17.13
CA LEU B 35 -1.12 -0.25 16.60
C LEU B 35 -1.83 -1.06 15.51
N SER B 36 -1.07 -1.60 14.58
CA SER B 36 -1.65 -2.38 13.49
C SER B 36 -2.42 -3.59 14.01
N ARG B 37 -1.85 -4.25 15.02
CA ARG B 37 -2.47 -5.43 15.64
C ARG B 37 -3.74 -5.06 16.40
N GLN B 38 -3.69 -3.96 17.15
CA GLN B 38 -4.85 -3.52 17.93
C GLN B 38 -6.00 -3.11 17.03
N GLU B 39 -5.69 -2.46 15.90
CA GLU B 39 -6.74 -2.02 14.99
C GLU B 39 -7.35 -3.21 14.26
N PHE B 40 -6.54 -4.21 13.92
CA PHE B 40 -7.04 -5.39 13.23
C PHE B 40 -7.88 -6.29 14.14
N ASP B 41 -7.57 -6.33 15.44
CA ASP B 41 -8.34 -7.16 16.37
C ASP B 41 -9.71 -6.55 16.65
N LYS B 42 -9.82 -5.23 16.51
CA LYS B 42 -11.09 -4.54 16.74
C LYS B 42 -11.96 -4.58 15.48
N ASP B 43 -11.32 -4.45 14.31
CA ASP B 43 -12.02 -4.50 13.04
C ASP B 43 -11.36 -5.53 12.12
N ASN B 44 -12.10 -6.58 11.75
CA ASN B 44 -11.56 -7.64 10.91
C ASN B 44 -11.68 -7.34 9.42
N ASN B 45 -12.54 -6.39 9.03
CA ASN B 45 -12.70 -6.06 7.61
C ASN B 45 -11.93 -4.79 7.22
N THR B 46 -10.94 -4.42 8.04
CA THR B 46 -10.14 -3.21 7.80
C THR B 46 -9.24 -3.36 6.58
N LEU B 47 -9.47 -2.57 5.54
CA LEU B 47 -8.63 -2.61 4.35
C LEU B 47 -7.24 -2.10 4.70
N PHE B 48 -6.21 -2.91 4.44
CA PHE B 48 -4.84 -2.54 4.75
C PHE B 48 -4.05 -2.24 3.48
N LEU B 49 -3.42 -1.08 3.46
CA LEU B 49 -2.62 -0.63 2.32
C LEU B 49 -1.28 -0.07 2.77
N VAL B 50 -0.23 -0.40 2.03
CA VAL B 50 1.13 0.03 2.37
C VAL B 50 1.81 0.77 1.23
N GLY B 51 2.49 1.88 1.53
CA GLY B 51 3.20 2.63 0.50
C GLY B 51 4.57 3.07 0.97
N GLY B 52 5.52 3.13 0.04
CA GLY B 52 6.88 3.53 0.36
C GLY B 52 7.32 4.72 -0.45
N ALA B 53 8.28 5.49 0.09
CA ALA B 53 8.79 6.68 -0.58
C ALA B 53 9.81 6.33 -1.66
N LYS B 54 10.08 7.31 -2.54
CA LYS B 54 11.03 7.14 -3.64
C LYS B 54 12.45 6.82 -3.17
N GLU B 55 12.83 7.34 -2.00
CA GLU B 55 14.16 7.11 -1.44
C GLU B 55 14.26 5.80 -0.66
N VAL B 56 13.15 5.08 -0.49
CA VAL B 56 13.16 3.83 0.24
C VAL B 56 13.56 2.64 -0.66
N PRO B 57 14.45 1.74 -0.18
CA PRO B 57 14.87 0.56 -0.95
C PRO B 57 13.71 -0.44 -1.01
N TYR B 58 13.49 -1.10 -2.15
CA TYR B 58 12.38 -2.04 -2.26
C TYR B 58 12.52 -3.19 -1.25
N GLU B 59 13.74 -3.65 -1.01
CA GLU B 59 13.97 -4.75 -0.07
C GLU B 59 13.40 -4.40 1.31
N GLU B 60 13.39 -3.12 1.66
CA GLU B 60 12.87 -2.71 2.97
C GLU B 60 11.34 -2.74 2.95
N VAL B 61 10.76 -2.46 1.78
CA VAL B 61 9.30 -2.49 1.64
C VAL B 61 8.83 -3.93 1.85
N ILE B 62 9.59 -4.89 1.30
CA ILE B 62 9.27 -6.31 1.45
C ILE B 62 9.31 -6.67 2.93
N LYS B 63 10.35 -6.21 3.61
CA LYS B 63 10.50 -6.43 5.05
C LYS B 63 9.29 -5.90 5.82
N ALA B 64 8.84 -4.70 5.47
CA ALA B 64 7.67 -4.09 6.11
C ALA B 64 6.44 -4.98 5.94
N LEU B 65 6.22 -5.42 4.70
CA LEU B 65 5.11 -6.31 4.40
C LEU B 65 5.24 -7.60 5.21
N ASN B 66 6.48 -8.05 5.35
CA ASN B 66 6.80 -9.25 6.12
C ASN B 66 6.37 -9.09 7.59
N LEU B 67 6.64 -7.91 8.17
CA LEU B 67 6.29 -7.66 9.57
C LEU B 67 4.79 -7.69 9.77
N LEU B 68 4.05 -7.11 8.81
CA LEU B 68 2.59 -7.08 8.90
C LEU B 68 2.04 -8.49 8.84
N HIS B 69 2.59 -9.32 7.95
CA HIS B 69 2.15 -10.71 7.83
C HIS B 69 2.43 -11.46 9.13
N LEU B 70 3.58 -11.21 9.73
CA LEU B 70 3.97 -11.87 10.99
C LEU B 70 2.93 -11.60 12.08
N ALA B 71 2.39 -10.39 12.13
CA ALA B 71 1.39 -10.04 13.15
C ALA B 71 -0.05 -10.33 12.68
N GLY B 72 -0.19 -11.00 11.54
CA GLY B 72 -1.48 -11.32 10.96
C GLY B 72 -2.29 -10.13 10.48
N ILE B 73 -1.66 -9.19 9.79
CA ILE B 73 -2.36 -8.03 9.24
C ILE B 73 -2.72 -8.33 7.78
N LYS B 74 -1.83 -9.02 7.09
CA LYS B 74 -2.04 -9.36 5.69
C LYS B 74 -0.97 -10.33 5.18
N GLY A 1 1.01 16.53 0.84
CA GLY A 1 0.33 15.74 -0.22
C GLY A 1 -1.13 16.12 -0.37
N SER A 2 -1.68 15.92 -1.56
CA SER A 2 -3.07 16.25 -1.83
C SER A 2 -3.95 15.00 -1.77
N VAL A 3 -3.73 14.09 -2.72
CA VAL A 3 -4.49 12.84 -2.77
C VAL A 3 -3.69 11.74 -3.49
N PRO A 4 -2.97 10.87 -2.74
CA PRO A 4 -2.15 9.78 -3.29
C PRO A 4 -2.77 8.95 -4.43
N VAL A 5 -1.99 7.97 -4.87
CA VAL A 5 -2.42 6.99 -5.87
C VAL A 5 -2.50 5.66 -5.14
N ILE A 6 -3.66 5.01 -5.19
CA ILE A 6 -3.88 3.75 -4.49
C ILE A 6 -4.16 2.59 -5.44
N LEU A 7 -3.41 1.50 -5.27
CA LEU A 7 -3.62 0.28 -6.07
C LEU A 7 -4.06 -0.83 -5.13
N GLU A 8 -5.20 -1.45 -5.46
CA GLU A 8 -5.79 -2.50 -4.65
C GLU A 8 -5.87 -3.83 -5.39
N VAL A 9 -5.41 -4.88 -4.70
CA VAL A 9 -5.45 -6.26 -5.21
C VAL A 9 -6.76 -6.91 -4.79
N ALA A 10 -7.74 -6.90 -5.69
CA ALA A 10 -9.07 -7.44 -5.44
C ALA A 10 -9.11 -8.97 -5.46
N GLY A 11 -8.13 -9.60 -6.09
CA GLY A 11 -8.11 -11.06 -6.16
C GLY A 11 -6.90 -11.64 -6.87
N ILE A 12 -7.16 -12.39 -7.92
CA ILE A 12 -6.11 -13.00 -8.73
C ILE A 12 -6.15 -12.42 -10.13
N GLY A 13 -5.39 -11.35 -10.33
CA GLY A 13 -5.32 -10.71 -11.63
C GLY A 13 -6.25 -9.52 -11.78
N LYS A 14 -7.11 -9.28 -10.77
CA LYS A 14 -8.04 -8.15 -10.80
C LYS A 14 -7.55 -7.07 -9.84
N TYR A 15 -7.52 -5.83 -10.33
CA TYR A 15 -7.06 -4.72 -9.50
C TYR A 15 -7.93 -3.47 -9.66
N ALA A 16 -7.88 -2.65 -8.61
CA ALA A 16 -8.61 -1.39 -8.54
C ALA A 16 -7.64 -0.26 -8.28
N ILE A 17 -7.84 0.90 -8.89
CA ILE A 17 -6.94 2.03 -8.67
C ILE A 17 -7.68 3.32 -8.33
N SER A 18 -7.20 4.01 -7.31
CA SER A 18 -7.80 5.27 -6.88
C SER A 18 -6.83 6.41 -7.16
N ILE A 19 -7.23 7.26 -8.09
CA ILE A 19 -6.44 8.39 -8.51
C ILE A 19 -7.09 9.71 -8.09
N GLY A 20 -6.50 10.41 -7.12
CA GLY A 20 -7.04 11.67 -6.67
C GLY A 20 -8.55 11.64 -6.40
N GLY A 21 -9.00 10.62 -5.68
CA GLY A 21 -10.42 10.51 -5.35
C GLY A 21 -11.22 9.67 -6.32
N GLU A 22 -10.77 9.53 -7.58
CA GLU A 22 -11.51 8.74 -8.56
C GLU A 22 -11.06 7.28 -8.51
N ARG A 23 -12.01 6.37 -8.36
CA ARG A 23 -11.74 4.94 -8.27
C ARG A 23 -12.09 4.20 -9.56
N GLN A 24 -11.16 3.37 -10.04
CA GLN A 24 -11.40 2.57 -11.25
C GLN A 24 -11.32 1.08 -10.89
N GLU A 25 -12.36 0.33 -11.25
CA GLU A 25 -12.43 -1.10 -10.93
C GLU A 25 -12.45 -1.98 -12.18
N GLY A 26 -12.03 -3.23 -12.02
CA GLY A 26 -12.03 -4.19 -13.12
C GLY A 26 -10.83 -4.03 -14.03
N LEU A 27 -9.73 -3.52 -13.50
CA LEU A 27 -8.53 -3.32 -14.31
C LEU A 27 -7.66 -4.56 -14.37
N THR A 28 -6.98 -4.71 -15.51
CA THR A 28 -6.07 -5.83 -15.76
C THR A 28 -4.66 -5.45 -15.36
N GLU A 29 -3.73 -6.42 -15.39
CA GLU A 29 -2.35 -6.13 -15.02
C GLU A 29 -1.69 -5.21 -16.05
N GLU A 30 -1.86 -5.48 -17.33
CA GLU A 30 -1.27 -4.64 -18.38
C GLU A 30 -1.85 -3.24 -18.32
N MET A 31 -3.15 -3.14 -18.05
CA MET A 31 -3.81 -1.85 -17.97
C MET A 31 -3.41 -1.09 -16.71
N VAL A 32 -3.31 -1.79 -15.57
CA VAL A 32 -2.91 -1.15 -14.32
C VAL A 32 -1.52 -0.52 -14.47
N THR A 33 -0.67 -1.18 -15.24
CA THR A 33 0.69 -0.69 -15.52
C THR A 33 0.61 0.62 -16.28
N GLN A 34 -0.17 0.60 -17.38
CA GLN A 34 -0.36 1.78 -18.24
C GLN A 34 -0.77 3.02 -17.43
N LEU A 35 -1.80 2.85 -16.61
CA LEU A 35 -2.31 3.94 -15.77
C LEU A 35 -1.29 4.37 -14.73
N SER A 36 -0.70 3.41 -14.03
CA SER A 36 0.29 3.71 -13.00
C SER A 36 1.48 4.50 -13.57
N ARG A 37 1.94 4.06 -14.75
CA ARG A 37 3.06 4.71 -15.43
C ARG A 37 2.70 6.13 -15.90
N GLN A 38 1.50 6.29 -16.46
CA GLN A 38 1.07 7.59 -16.94
C GLN A 38 0.93 8.58 -15.80
N GLU A 39 0.41 8.13 -14.65
CA GLU A 39 0.25 9.01 -13.51
C GLU A 39 1.59 9.38 -12.89
N PHE A 40 2.53 8.44 -12.86
CA PHE A 40 3.83 8.71 -12.29
C PHE A 40 4.68 9.63 -13.18
N ASP A 41 4.49 9.55 -14.51
CA ASP A 41 5.25 10.40 -15.43
C ASP A 41 4.76 11.85 -15.39
N LYS A 42 3.48 12.04 -15.03
CA LYS A 42 2.92 13.39 -14.94
C LYS A 42 3.23 14.00 -13.58
N ASP A 43 3.24 13.18 -12.53
CA ASP A 43 3.56 13.63 -11.18
C ASP A 43 4.64 12.73 -10.58
N ASN A 44 5.82 13.31 -10.34
CA ASN A 44 6.94 12.54 -9.80
C ASN A 44 6.89 12.41 -8.28
N ASN A 45 6.12 13.25 -7.60
CA ASN A 45 6.02 13.18 -6.14
C ASN A 45 4.71 12.53 -5.67
N THR A 46 4.07 11.79 -6.57
CA THR A 46 2.81 11.12 -6.26
C THR A 46 2.99 10.00 -5.26
N LEU A 47 2.36 10.10 -4.09
CA LEU A 47 2.45 9.06 -3.07
C LEU A 47 1.87 7.75 -3.63
N PHE A 48 2.71 6.71 -3.73
CA PHE A 48 2.25 5.42 -4.23
C PHE A 48 2.08 4.43 -3.09
N LEU A 49 0.88 3.88 -3.00
CA LEU A 49 0.52 2.93 -1.95
C LEU A 49 -0.26 1.74 -2.51
N VAL A 50 0.04 0.55 -2.00
CA VAL A 50 -0.60 -0.68 -2.48
C VAL A 50 -1.23 -1.48 -1.34
N GLY A 51 -2.43 -2.04 -1.57
CA GLY A 51 -3.09 -2.84 -0.55
C GLY A 51 -3.75 -4.07 -1.15
N GLY A 52 -3.77 -5.16 -0.38
CA GLY A 52 -4.37 -6.40 -0.85
C GLY A 52 -5.49 -6.89 0.06
N ALA A 53 -6.41 -7.66 -0.51
CA ALA A 53 -7.55 -8.19 0.25
C ALA A 53 -7.18 -9.42 1.08
N LYS A 54 -8.05 -9.75 2.03
CA LYS A 54 -7.84 -10.90 2.93
C LYS A 54 -7.80 -12.22 2.17
N GLU A 55 -8.54 -12.32 1.07
CA GLU A 55 -8.58 -13.54 0.27
C GLU A 55 -7.44 -13.63 -0.75
N VAL A 56 -6.62 -12.59 -0.86
CA VAL A 56 -5.51 -12.59 -1.81
C VAL A 56 -4.26 -13.27 -1.21
N PRO A 57 -3.56 -14.14 -1.98
CA PRO A 57 -2.33 -14.79 -1.51
C PRO A 57 -1.21 -13.77 -1.44
N TYR A 58 -0.36 -13.82 -0.42
CA TYR A 58 0.72 -12.85 -0.29
C TYR A 58 1.67 -12.90 -1.48
N GLU A 59 1.93 -14.10 -1.99
CA GLU A 59 2.84 -14.27 -3.13
C GLU A 59 2.38 -13.40 -4.31
N GLU A 60 1.06 -13.20 -4.44
CA GLU A 60 0.54 -12.41 -5.54
C GLU A 60 0.76 -10.93 -5.27
N VAL A 61 0.73 -10.55 -3.99
CA VAL A 61 0.97 -9.17 -3.61
C VAL A 61 2.40 -8.79 -3.98
N ILE A 62 3.32 -9.72 -3.73
CA ILE A 62 4.73 -9.53 -4.07
C ILE A 62 4.86 -9.31 -5.58
N LYS A 63 4.18 -10.17 -6.34
CA LYS A 63 4.16 -10.06 -7.80
C LYS A 63 3.67 -8.67 -8.24
N ALA A 64 2.58 -8.20 -7.63
CA ALA A 64 2.03 -6.88 -7.95
C ALA A 64 3.06 -5.78 -7.72
N LEU A 65 3.71 -5.84 -6.55
CA LEU A 65 4.75 -4.87 -6.21
C LEU A 65 5.88 -4.96 -7.24
N ASN A 66 6.17 -6.19 -7.66
CA ASN A 66 7.19 -6.46 -8.65
C ASN A 66 6.87 -5.76 -9.98
N LEU A 67 5.60 -5.82 -10.39
CA LEU A 67 5.20 -5.20 -11.67
C LEU A 67 5.36 -3.70 -11.61
N LEU A 68 5.01 -3.10 -10.46
CA LEU A 68 5.13 -1.65 -10.29
C LEU A 68 6.60 -1.24 -10.37
N HIS A 69 7.47 -2.02 -9.73
CA HIS A 69 8.91 -1.73 -9.76
C HIS A 69 9.43 -1.81 -11.19
N LEU A 70 8.96 -2.82 -11.94
CA LEU A 70 9.38 -3.01 -13.32
C LEU A 70 9.08 -1.78 -14.18
N ALA A 71 7.94 -1.13 -13.93
CA ALA A 71 7.57 0.07 -14.70
C ALA A 71 8.08 1.37 -14.04
N GLY A 72 8.92 1.23 -13.02
CA GLY A 72 9.47 2.37 -12.28
C GLY A 72 8.46 3.17 -11.47
N ILE A 73 7.56 2.48 -10.77
CA ILE A 73 6.59 3.18 -9.92
C ILE A 73 7.13 3.22 -8.48
N LYS A 74 7.79 2.14 -8.07
CA LYS A 74 8.35 2.04 -6.73
C LYS A 74 9.19 0.78 -6.60
N GLY B 1 -16.44 0.92 2.01
CA GLY B 1 -15.40 1.33 3.00
C GLY B 1 -15.55 2.77 3.44
N SER B 2 -15.10 3.07 4.65
CA SER B 2 -15.17 4.43 5.18
C SER B 2 -13.84 5.14 5.04
N VAL B 3 -12.83 4.67 5.75
CA VAL B 3 -11.49 5.27 5.70
C VAL B 3 -10.41 4.23 6.08
N PRO B 4 -9.78 3.58 5.09
CA PRO B 4 -8.74 2.55 5.29
C PRO B 4 -7.67 2.87 6.34
N VAL B 5 -6.74 1.91 6.48
CA VAL B 5 -5.57 2.06 7.33
C VAL B 5 -4.37 2.12 6.40
N ILE B 6 -3.57 3.18 6.51
CA ILE B 6 -2.42 3.37 5.63
C ILE B 6 -1.10 3.36 6.39
N LEU B 7 -0.16 2.54 5.92
CA LEU B 7 1.18 2.46 6.50
C LEU B 7 2.18 2.95 5.46
N GLU B 8 2.99 3.94 5.85
CA GLU B 8 3.97 4.54 4.95
C GLU B 8 5.41 4.34 5.45
N VAL B 9 6.26 3.91 4.52
CA VAL B 9 7.69 3.70 4.78
C VAL B 9 8.44 4.99 4.45
N ALA B 10 8.71 5.79 5.49
CA ALA B 10 9.38 7.08 5.35
C ALA B 10 10.88 6.94 5.10
N GLY B 11 11.46 5.80 5.45
CA GLY B 11 12.89 5.60 5.24
C GLY B 11 13.39 4.24 5.66
N ILE B 12 14.39 4.24 6.54
CA ILE B 12 14.96 3.00 7.07
C ILE B 12 14.61 2.84 8.54
N GLY B 13 13.50 2.19 8.81
CA GLY B 13 13.06 1.96 10.18
C GLY B 13 12.05 2.97 10.68
N LYS B 14 11.77 4.00 9.89
CA LYS B 14 10.80 5.03 10.27
C LYS B 14 9.51 4.85 9.44
N TYR B 15 8.38 4.86 10.14
CA TYR B 15 7.09 4.68 9.47
C TYR B 15 6.02 5.65 9.98
N ALA B 16 5.05 5.86 9.10
CA ALA B 16 3.91 6.73 9.37
C ALA B 16 2.62 5.94 9.18
N ILE B 17 1.61 6.16 10.02
CA ILE B 17 0.35 5.44 9.87
C ILE B 17 -0.86 6.36 9.89
N SER B 18 -1.77 6.16 8.94
CA SER B 18 -2.98 6.95 8.84
C SER B 18 -4.18 6.07 9.17
N ILE B 19 -4.82 6.40 10.28
CA ILE B 19 -5.97 5.67 10.78
C ILE B 19 -7.22 6.52 10.71
N GLY B 20 -8.14 6.19 9.80
CA GLY B 20 -9.39 6.95 9.69
C GLY B 20 -9.19 8.47 9.64
N GLY B 21 -8.23 8.92 8.83
CA GLY B 21 -7.99 10.36 8.71
C GLY B 21 -6.90 10.88 9.63
N GLU B 22 -6.63 10.20 10.75
CA GLU B 22 -5.59 10.66 11.68
C GLU B 22 -4.24 10.07 11.30
N ARG B 23 -3.24 10.93 11.14
CA ARG B 23 -1.89 10.52 10.76
C ARG B 23 -0.93 10.56 11.93
N GLN B 24 -0.15 9.48 12.10
CA GLN B 24 0.85 9.40 13.17
C GLN B 24 2.23 9.24 12.53
N GLU B 25 3.17 10.11 12.91
CA GLU B 25 4.52 10.07 12.35
C GLU B 25 5.59 9.78 13.41
N GLY B 26 6.72 9.27 12.95
CA GLY B 26 7.84 8.96 13.85
C GLY B 26 7.66 7.65 14.57
N LEU B 27 6.93 6.71 13.98
CA LEU B 27 6.69 5.42 14.61
C LEU B 27 7.80 4.41 14.32
N THR B 28 8.05 3.53 15.30
CA THR B 28 9.06 2.49 15.19
C THR B 28 8.42 1.21 14.65
N GLU B 29 9.24 0.21 14.35
CA GLU B 29 8.71 -1.06 13.84
C GLU B 29 7.88 -1.79 14.89
N GLU B 30 8.38 -1.89 16.12
CA GLU B 30 7.66 -2.54 17.20
C GLU B 30 6.34 -1.81 17.50
N MET B 31 6.38 -0.49 17.46
CA MET B 31 5.19 0.31 17.71
C MET B 31 4.20 0.23 16.55
N VAL B 32 4.69 0.25 15.31
CA VAL B 32 3.81 0.15 14.14
C VAL B 32 3.03 -1.16 14.18
N THR B 33 3.68 -2.21 14.69
CA THR B 33 3.06 -3.53 14.82
C THR B 33 1.90 -3.44 15.82
N GLN B 34 2.20 -2.88 17.01
CA GLN B 34 1.21 -2.71 18.08
C GLN B 34 -0.06 -2.04 17.59
N LEU B 35 0.11 -0.90 16.92
CA LEU B 35 -1.01 -0.14 16.38
C LEU B 35 -1.74 -0.90 15.28
N SER B 36 -1.00 -1.46 14.34
CA SER B 36 -1.60 -2.22 13.25
C SER B 36 -2.44 -3.39 13.76
N ARG B 37 -1.89 -4.10 14.75
CA ARG B 37 -2.56 -5.24 15.35
C ARG B 37 -3.82 -4.82 16.10
N GLN B 38 -3.72 -3.73 16.87
CA GLN B 38 -4.86 -3.26 17.65
C GLN B 38 -5.99 -2.81 16.74
N GLU B 39 -5.66 -2.15 15.62
CA GLU B 39 -6.68 -1.69 14.70
C GLU B 39 -7.34 -2.85 13.96
N PHE B 40 -6.55 -3.86 13.61
CA PHE B 40 -7.08 -5.02 12.90
C PHE B 40 -7.95 -5.89 13.81
N ASP B 41 -7.64 -5.95 15.11
CA ASP B 41 -8.43 -6.77 16.03
C ASP B 41 -9.78 -6.12 16.33
N LYS B 42 -9.86 -4.79 16.22
CA LYS B 42 -11.11 -4.08 16.46
C LYS B 42 -11.98 -4.08 15.20
N ASP B 43 -11.33 -4.00 14.04
CA ASP B 43 -12.03 -4.01 12.76
C ASP B 43 -11.40 -5.06 11.84
N ASN B 44 -12.16 -6.12 11.54
CA ASN B 44 -11.66 -7.20 10.70
C ASN B 44 -11.76 -6.89 9.20
N ASN B 45 -12.59 -5.92 8.81
CA ASN B 45 -12.74 -5.57 7.40
C ASN B 45 -12.00 -4.28 7.04
N THR B 46 -11.03 -3.89 7.88
CA THR B 46 -10.26 -2.68 7.65
C THR B 46 -9.34 -2.80 6.44
N LEU B 47 -9.56 -1.96 5.42
CA LEU B 47 -8.70 -1.99 4.23
C LEU B 47 -7.26 -1.66 4.62
N PHE B 48 -6.34 -2.60 4.40
CA PHE B 48 -4.94 -2.39 4.73
C PHE B 48 -4.12 -2.13 3.47
N LEU B 49 -3.44 -1.00 3.46
CA LEU B 49 -2.63 -0.57 2.33
C LEU B 49 -1.27 -0.04 2.79
N VAL B 50 -0.23 -0.37 2.03
CA VAL B 50 1.14 0.04 2.38
C VAL B 50 1.83 0.78 1.23
N GLY B 51 2.57 1.84 1.53
CA GLY B 51 3.28 2.59 0.50
C GLY B 51 4.67 2.99 0.96
N GLY B 52 5.62 3.03 0.02
CA GLY B 52 6.99 3.41 0.35
C GLY B 52 7.48 4.60 -0.45
N ALA B 53 8.45 5.33 0.10
CA ALA B 53 8.99 6.52 -0.55
C ALA B 53 10.02 6.16 -1.63
N LYS B 54 10.31 7.14 -2.49
CA LYS B 54 11.27 6.98 -3.59
C LYS B 54 12.68 6.66 -3.11
N GLU B 55 13.04 7.17 -1.94
CA GLU B 55 14.37 6.94 -1.37
C GLU B 55 14.47 5.63 -0.58
N VAL B 56 13.35 4.93 -0.41
CA VAL B 56 13.35 3.67 0.33
C VAL B 56 13.75 2.49 -0.56
N PRO B 57 14.62 1.57 -0.07
CA PRO B 57 15.02 0.38 -0.85
C PRO B 57 13.85 -0.60 -0.90
N TYR B 58 13.62 -1.25 -2.04
CA TYR B 58 12.49 -2.18 -2.16
C TYR B 58 12.61 -3.33 -1.17
N GLU B 59 13.84 -3.80 -0.92
CA GLU B 59 14.06 -4.91 0.02
C GLU B 59 13.46 -4.57 1.39
N GLU B 60 13.47 -3.28 1.75
CA GLU B 60 12.93 -2.89 3.04
C GLU B 60 11.41 -2.89 3.01
N VAL B 61 10.84 -2.59 1.85
CA VAL B 61 9.39 -2.60 1.69
C VAL B 61 8.90 -4.02 1.89
N ILE B 62 9.64 -4.99 1.34
CA ILE B 62 9.30 -6.41 1.48
C ILE B 62 9.31 -6.78 2.96
N LYS B 63 10.36 -6.35 3.67
CA LYS B 63 10.49 -6.58 5.10
C LYS B 63 9.29 -6.02 5.86
N ALA B 64 8.87 -4.80 5.52
CA ALA B 64 7.71 -4.17 6.16
C ALA B 64 6.46 -5.02 5.96
N LEU B 65 6.24 -5.45 4.73
CA LEU B 65 5.09 -6.31 4.41
C LEU B 65 5.19 -7.61 5.22
N ASN B 66 6.42 -8.09 5.34
CA ASN B 66 6.71 -9.30 6.11
C ASN B 66 6.28 -9.15 7.57
N LEU B 67 6.58 -7.98 8.17
CA LEU B 67 6.23 -7.74 9.57
C LEU B 67 4.72 -7.72 9.76
N LEU B 68 4.01 -7.12 8.80
CA LEU B 68 2.56 -7.05 8.88
C LEU B 68 1.95 -8.45 8.81
N HIS B 69 2.50 -9.28 7.91
CA HIS B 69 2.02 -10.66 7.77
C HIS B 69 2.25 -11.43 9.06
N LEU B 70 3.43 -11.22 9.67
CA LEU B 70 3.78 -11.89 10.93
C LEU B 70 2.74 -11.61 12.02
N ALA B 71 2.23 -10.39 12.08
CA ALA B 71 1.23 -10.03 13.10
C ALA B 71 -0.21 -10.26 12.61
N GLY B 72 -0.35 -10.93 11.46
CA GLY B 72 -1.65 -11.20 10.86
C GLY B 72 -2.43 -9.99 10.38
N ILE B 73 -1.75 -9.06 9.71
CA ILE B 73 -2.42 -7.88 9.16
C ILE B 73 -2.78 -8.15 7.70
N LYS B 74 -1.88 -8.84 7.00
CA LYS B 74 -2.07 -9.17 5.60
C LYS B 74 -0.98 -10.10 5.10
N GLY A 1 -0.50 17.30 0.05
CA GLY A 1 -1.09 16.67 -1.16
C GLY A 1 -2.59 16.44 -1.02
N SER A 2 -3.25 16.25 -2.16
CA SER A 2 -4.70 16.01 -2.16
C SER A 2 -5.01 14.56 -1.81
N VAL A 3 -4.72 13.64 -2.73
CA VAL A 3 -4.97 12.22 -2.51
C VAL A 3 -3.99 11.35 -3.32
N PRO A 4 -3.11 10.57 -2.64
CA PRO A 4 -2.11 9.71 -3.32
C PRO A 4 -2.66 8.84 -4.46
N VAL A 5 -1.79 7.93 -4.93
CA VAL A 5 -2.17 6.95 -5.93
C VAL A 5 -2.29 5.61 -5.20
N ILE A 6 -3.47 5.03 -5.22
CA ILE A 6 -3.72 3.78 -4.50
C ILE A 6 -4.05 2.62 -5.44
N LEU A 7 -3.34 1.51 -5.27
CA LEU A 7 -3.57 0.30 -6.06
C LEU A 7 -4.04 -0.80 -5.12
N GLU A 8 -5.19 -1.38 -5.44
CA GLU A 8 -5.80 -2.43 -4.63
C GLU A 8 -5.91 -3.77 -5.36
N VAL A 9 -5.45 -4.82 -4.68
CA VAL A 9 -5.51 -6.20 -5.18
C VAL A 9 -6.82 -6.84 -4.74
N ALA A 10 -7.80 -6.83 -5.65
CA ALA A 10 -9.13 -7.36 -5.38
C ALA A 10 -9.19 -8.88 -5.39
N GLY A 11 -8.21 -9.52 -6.03
CA GLY A 11 -8.21 -10.99 -6.10
C GLY A 11 -7.02 -11.57 -6.82
N ILE A 12 -7.29 -12.32 -7.87
CA ILE A 12 -6.26 -12.95 -8.69
C ILE A 12 -6.30 -12.37 -10.10
N GLY A 13 -5.54 -11.30 -10.31
CA GLY A 13 -5.48 -10.67 -11.61
C GLY A 13 -6.40 -9.46 -11.73
N LYS A 14 -7.24 -9.21 -10.73
CA LYS A 14 -8.15 -8.07 -10.74
C LYS A 14 -7.65 -7.00 -9.79
N TYR A 15 -7.59 -5.76 -10.29
CA TYR A 15 -7.10 -4.65 -9.48
C TYR A 15 -7.96 -3.38 -9.62
N ALA A 16 -7.87 -2.55 -8.59
CA ALA A 16 -8.58 -1.28 -8.51
C ALA A 16 -7.56 -0.17 -8.27
N ILE A 17 -7.75 1.00 -8.89
CA ILE A 17 -6.79 2.10 -8.68
C ILE A 17 -7.50 3.41 -8.35
N SER A 18 -7.00 4.08 -7.32
CA SER A 18 -7.55 5.37 -6.91
C SER A 18 -6.54 6.47 -7.22
N ILE A 19 -6.92 7.32 -8.15
CA ILE A 19 -6.08 8.42 -8.61
C ILE A 19 -6.63 9.76 -8.14
N GLY A 20 -5.96 10.39 -7.18
CA GLY A 20 -6.40 11.70 -6.68
C GLY A 20 -7.89 11.76 -6.40
N GLY A 21 -8.43 10.77 -5.68
CA GLY A 21 -9.84 10.77 -5.34
C GLY A 21 -10.71 9.96 -6.30
N GLU A 22 -10.29 9.79 -7.55
CA GLU A 22 -11.09 9.01 -8.51
C GLU A 22 -10.70 7.54 -8.47
N ARG A 23 -11.69 6.67 -8.31
CA ARG A 23 -11.48 5.23 -8.23
C ARG A 23 -11.88 4.50 -9.52
N GLN A 24 -10.98 3.64 -10.00
CA GLN A 24 -11.25 2.84 -11.20
C GLN A 24 -11.22 1.35 -10.82
N GLU A 25 -12.28 0.62 -11.18
CA GLU A 25 -12.38 -0.81 -10.84
C GLU A 25 -12.44 -1.69 -12.10
N GLY A 26 -12.05 -2.95 -11.93
CA GLY A 26 -12.08 -3.91 -13.02
C GLY A 26 -10.89 -3.79 -13.95
N LEU A 27 -9.76 -3.33 -13.43
CA LEU A 27 -8.57 -3.16 -14.25
C LEU A 27 -7.72 -4.43 -14.32
N THR A 28 -7.04 -4.60 -15.45
CA THR A 28 -6.17 -5.74 -15.70
C THR A 28 -4.74 -5.40 -15.31
N GLU A 29 -3.84 -6.38 -15.37
CA GLU A 29 -2.44 -6.14 -15.03
C GLU A 29 -1.76 -5.23 -16.05
N GLU A 30 -1.97 -5.49 -17.35
CA GLU A 30 -1.38 -4.66 -18.40
C GLU A 30 -1.92 -3.24 -18.33
N MET A 31 -3.22 -3.10 -18.02
CA MET A 31 -3.84 -1.79 -17.92
C MET A 31 -3.42 -1.04 -16.66
N VAL A 32 -3.31 -1.75 -15.53
CA VAL A 32 -2.89 -1.11 -14.27
C VAL A 32 -1.49 -0.51 -14.44
N THR A 33 -0.64 -1.23 -15.20
CA THR A 33 0.72 -0.78 -15.48
C THR A 33 0.68 0.53 -16.26
N GLN A 34 -0.10 0.53 -17.35
CA GLN A 34 -0.28 1.69 -18.21
C GLN A 34 -0.66 2.93 -17.42
N LEU A 35 -1.69 2.79 -16.59
CA LEU A 35 -2.19 3.88 -15.75
C LEU A 35 -1.16 4.31 -14.71
N SER A 36 -0.56 3.35 -14.01
CA SER A 36 0.43 3.65 -12.99
C SER A 36 1.61 4.43 -13.57
N ARG A 37 2.08 3.99 -14.74
CA ARG A 37 3.19 4.64 -15.43
C ARG A 37 2.82 6.05 -15.90
N GLN A 38 1.63 6.20 -16.45
CA GLN A 38 1.20 7.51 -16.94
C GLN A 38 1.07 8.50 -15.80
N GLU A 39 0.56 8.06 -14.66
CA GLU A 39 0.39 8.95 -13.51
C GLU A 39 1.75 9.33 -12.91
N PHE A 40 2.68 8.38 -12.87
CA PHE A 40 4.00 8.64 -12.32
C PHE A 40 4.82 9.55 -13.23
N ASP A 41 4.63 9.48 -14.55
CA ASP A 41 5.38 10.33 -15.48
C ASP A 41 4.89 11.77 -15.44
N LYS A 42 3.62 11.97 -15.08
CA LYS A 42 3.05 13.32 -14.99
C LYS A 42 3.38 13.95 -13.63
N ASP A 43 3.40 13.12 -12.59
CA ASP A 43 3.73 13.57 -11.24
C ASP A 43 4.82 12.69 -10.65
N ASN A 44 6.00 13.25 -10.41
CA ASN A 44 7.12 12.49 -9.87
C ASN A 44 7.08 12.37 -8.34
N ASN A 45 6.32 13.23 -7.66
CA ASN A 45 6.24 13.17 -6.20
C ASN A 45 4.96 12.47 -5.73
N THR A 46 4.34 11.68 -6.62
CA THR A 46 3.11 10.97 -6.30
C THR A 46 3.36 9.85 -5.29
N LEU A 47 2.73 9.93 -4.13
CA LEU A 47 2.88 8.88 -3.12
C LEU A 47 2.20 7.61 -3.63
N PHE A 48 2.97 6.53 -3.74
CA PHE A 48 2.44 5.26 -4.23
C PHE A 48 2.24 4.28 -3.08
N LEU A 49 1.02 3.79 -2.96
CA LEU A 49 0.64 2.84 -1.92
C LEU A 49 -0.16 1.68 -2.48
N VAL A 50 0.13 0.47 -1.99
CA VAL A 50 -0.53 -0.74 -2.47
C VAL A 50 -1.17 -1.55 -1.34
N GLY A 51 -2.39 -2.03 -1.56
CA GLY A 51 -3.06 -2.83 -0.53
C GLY A 51 -3.76 -4.04 -1.13
N GLY A 52 -3.78 -5.14 -0.38
CA GLY A 52 -4.41 -6.36 -0.84
C GLY A 52 -5.54 -6.80 0.09
N ALA A 53 -6.50 -7.55 -0.46
CA ALA A 53 -7.64 -8.03 0.33
C ALA A 53 -7.28 -9.27 1.15
N LYS A 54 -8.13 -9.59 2.11
CA LYS A 54 -7.94 -10.73 3.00
C LYS A 54 -7.88 -12.07 2.24
N GLU A 55 -8.62 -12.17 1.14
CA GLU A 55 -8.66 -13.39 0.34
C GLU A 55 -7.51 -13.48 -0.68
N VAL A 56 -6.68 -12.45 -0.77
CA VAL A 56 -5.56 -12.45 -1.71
C VAL A 56 -4.33 -13.15 -1.12
N PRO A 57 -3.64 -14.02 -1.90
CA PRO A 57 -2.42 -14.70 -1.44
C PRO A 57 -1.27 -13.70 -1.37
N TYR A 58 -0.42 -13.77 -0.35
CA TYR A 58 0.68 -12.81 -0.23
C TYR A 58 1.64 -12.88 -1.43
N GLU A 59 1.87 -14.09 -1.94
CA GLU A 59 2.77 -14.26 -3.09
C GLU A 59 2.31 -13.40 -4.26
N GLU A 60 0.99 -13.19 -4.38
CA GLU A 60 0.48 -12.39 -5.49
C GLU A 60 0.71 -10.92 -5.23
N VAL A 61 0.70 -10.53 -3.95
CA VAL A 61 0.95 -9.14 -3.58
C VAL A 61 2.38 -8.79 -3.96
N ILE A 62 3.31 -9.73 -3.70
CA ILE A 62 4.72 -9.56 -4.05
C ILE A 62 4.85 -9.35 -5.55
N LYS A 63 4.15 -10.20 -6.32
CA LYS A 63 4.13 -10.12 -7.77
C LYS A 63 3.65 -8.73 -8.22
N ALA A 64 2.58 -8.23 -7.60
CA ALA A 64 2.04 -6.91 -7.93
C ALA A 64 3.09 -5.82 -7.70
N LEU A 65 3.74 -5.89 -6.55
CA LEU A 65 4.81 -4.93 -6.22
C LEU A 65 5.92 -5.04 -7.26
N ASN A 66 6.19 -6.28 -7.68
CA ASN A 66 7.20 -6.56 -8.69
C ASN A 66 6.88 -5.86 -10.01
N LEU A 67 5.59 -5.91 -10.41
CA LEU A 67 5.19 -5.28 -11.68
C LEU A 67 5.37 -3.76 -11.62
N LEU A 68 5.05 -3.18 -10.48
CA LEU A 68 5.18 -1.74 -10.31
C LEU A 68 6.65 -1.33 -10.40
N HIS A 69 7.52 -2.12 -9.77
CA HIS A 69 8.97 -1.85 -9.81
C HIS A 69 9.48 -1.95 -11.25
N LEU A 70 8.99 -2.95 -11.99
CA LEU A 70 9.39 -3.16 -13.37
C LEU A 70 9.09 -1.92 -14.23
N ALA A 71 7.96 -1.26 -13.97
CA ALA A 71 7.59 -0.05 -14.74
C ALA A 71 8.13 1.23 -14.09
N GLY A 72 8.98 1.09 -13.07
CA GLY A 72 9.55 2.23 -12.35
C GLY A 72 8.56 3.05 -11.54
N ILE A 73 7.66 2.39 -10.82
CA ILE A 73 6.71 3.09 -9.97
C ILE A 73 7.26 3.15 -8.54
N LYS A 74 7.94 2.08 -8.13
CA LYS A 74 8.51 1.99 -6.79
C LYS A 74 9.39 0.75 -6.66
N GLY B 1 -16.86 2.37 3.17
CA GLY B 1 -15.97 2.66 4.33
C GLY B 1 -15.57 4.12 4.40
N SER B 2 -15.09 4.55 5.56
CA SER B 2 -14.67 5.93 5.74
C SER B 2 -13.27 6.14 5.19
N VAL B 3 -12.26 5.60 5.88
CA VAL B 3 -10.88 5.73 5.44
C VAL B 3 -10.03 4.54 5.92
N PRO B 4 -9.49 3.71 4.99
CA PRO B 4 -8.67 2.52 5.32
C PRO B 4 -7.57 2.75 6.36
N VAL B 5 -6.72 1.73 6.52
CA VAL B 5 -5.54 1.80 7.36
C VAL B 5 -4.34 1.90 6.43
N ILE B 6 -3.61 3.00 6.53
CA ILE B 6 -2.47 3.24 5.64
C ILE B 6 -1.14 3.27 6.40
N LEU B 7 -0.17 2.47 5.92
CA LEU B 7 1.16 2.44 6.51
C LEU B 7 2.15 2.94 5.47
N GLU B 8 2.93 3.95 5.86
CA GLU B 8 3.90 4.57 4.97
C GLU B 8 5.34 4.39 5.45
N VAL B 9 6.20 3.96 4.52
CA VAL B 9 7.62 3.78 4.77
C VAL B 9 8.36 5.08 4.44
N ALA B 10 8.64 5.88 5.48
CA ALA B 10 9.30 7.17 5.32
C ALA B 10 10.79 7.05 5.08
N GLY B 11 11.39 5.91 5.43
CA GLY B 11 12.82 5.73 5.23
C GLY B 11 13.33 4.38 5.66
N ILE B 12 14.33 4.39 6.53
CA ILE B 12 14.91 3.16 7.07
C ILE B 12 14.58 3.01 8.54
N GLY B 13 13.46 2.35 8.82
CA GLY B 13 13.04 2.13 10.19
C GLY B 13 12.00 3.13 10.68
N LYS B 14 11.71 4.16 9.89
CA LYS B 14 10.72 5.16 10.25
C LYS B 14 9.45 4.96 9.45
N TYR B 15 8.31 4.95 10.14
CA TYR B 15 7.03 4.74 9.48
C TYR B 15 5.94 5.68 9.99
N ALA B 16 4.95 5.87 9.12
CA ALA B 16 3.79 6.71 9.38
C ALA B 16 2.52 5.89 9.20
N ILE B 17 1.50 6.09 10.04
CA ILE B 17 0.27 5.31 9.89
C ILE B 17 -0.97 6.20 9.91
N SER B 18 -1.87 5.97 8.96
CA SER B 18 -3.11 6.71 8.87
C SER B 18 -4.28 5.79 9.22
N ILE B 19 -4.91 6.09 10.34
CA ILE B 19 -6.02 5.31 10.85
C ILE B 19 -7.33 6.07 10.73
N GLY B 20 -8.19 5.66 9.80
CA GLY B 20 -9.49 6.31 9.63
C GLY B 20 -9.40 7.85 9.59
N GLY B 21 -8.47 8.38 8.81
CA GLY B 21 -8.33 9.83 8.70
C GLY B 21 -7.27 10.42 9.62
N GLU B 22 -6.95 9.76 10.74
CA GLU B 22 -5.93 10.29 11.65
C GLU B 22 -4.55 9.76 11.29
N ARG B 23 -3.59 10.67 11.13
CA ARG B 23 -2.22 10.31 10.75
C ARG B 23 -1.26 10.39 11.93
N GLN B 24 -0.45 9.33 12.10
CA GLN B 24 0.57 9.30 13.17
C GLN B 24 1.95 9.17 12.53
N GLU B 25 2.87 10.07 12.90
CA GLU B 25 4.22 10.07 12.34
C GLU B 25 5.29 9.81 13.40
N GLY B 26 6.45 9.32 12.95
CA GLY B 26 7.56 9.06 13.84
C GLY B 26 7.44 7.74 14.57
N LEU B 27 6.74 6.78 13.98
CA LEU B 27 6.55 5.48 14.61
C LEU B 27 7.68 4.51 14.31
N THR B 28 7.93 3.62 15.28
CA THR B 28 8.97 2.60 15.17
C THR B 28 8.38 1.30 14.64
N GLU B 29 9.22 0.31 14.37
CA GLU B 29 8.74 -0.97 13.86
C GLU B 29 7.92 -1.72 14.92
N GLU B 30 8.41 -1.78 16.15
CA GLU B 30 7.68 -2.45 17.23
C GLU B 30 6.35 -1.76 17.51
N MET B 31 6.36 -0.42 17.44
CA MET B 31 5.15 0.36 17.68
C MET B 31 4.16 0.24 16.53
N VAL B 32 4.64 0.26 15.28
CA VAL B 32 3.77 0.15 14.12
C VAL B 32 3.03 -1.19 14.16
N THR B 33 3.72 -2.23 14.64
CA THR B 33 3.14 -3.56 14.78
C THR B 33 1.99 -3.52 15.78
N GLN B 34 2.27 -2.95 16.96
CA GLN B 34 1.30 -2.81 18.03
C GLN B 34 0.00 -2.15 17.54
N LEU B 35 0.16 -1.02 16.87
CA LEU B 35 -0.97 -0.26 16.34
C LEU B 35 -1.70 -1.04 15.25
N SER B 36 -0.95 -1.59 14.31
CA SER B 36 -1.55 -2.35 13.21
C SER B 36 -2.38 -3.53 13.73
N ARG B 37 -1.84 -4.24 14.71
CA ARG B 37 -2.50 -5.38 15.32
C ARG B 37 -3.76 -4.96 16.09
N GLN B 38 -3.66 -3.87 16.84
CA GLN B 38 -4.80 -3.39 17.63
C GLN B 38 -5.94 -2.96 16.71
N GLU B 39 -5.62 -2.30 15.61
CA GLU B 39 -6.64 -1.84 14.69
C GLU B 39 -7.30 -3.02 13.95
N PHE B 40 -6.50 -4.02 13.61
CA PHE B 40 -7.02 -5.19 12.91
C PHE B 40 -7.89 -6.06 13.81
N ASP B 41 -7.57 -6.11 15.12
CA ASP B 41 -8.35 -6.92 16.05
C ASP B 41 -9.71 -6.28 16.36
N LYS B 42 -9.78 -4.94 16.24
CA LYS B 42 -11.05 -4.25 16.49
C LYS B 42 -11.92 -4.25 15.24
N ASP B 43 -11.28 -4.17 14.07
CA ASP B 43 -11.99 -4.20 12.80
C ASP B 43 -11.35 -5.25 11.89
N ASN B 44 -12.12 -6.30 11.57
CA ASN B 44 -11.62 -7.38 10.74
C ASN B 44 -11.74 -7.09 9.23
N ASN B 45 -12.59 -6.13 8.85
CA ASN B 45 -12.75 -5.79 7.43
C ASN B 45 -11.97 -4.54 7.05
N THR B 46 -10.97 -4.17 7.87
CA THR B 46 -10.15 -2.99 7.63
C THR B 46 -9.24 -3.17 6.41
N LEU B 47 -9.43 -2.35 5.38
CA LEU B 47 -8.59 -2.42 4.19
C LEU B 47 -7.17 -1.98 4.57
N PHE B 48 -6.20 -2.88 4.36
CA PHE B 48 -4.80 -2.59 4.68
C PHE B 48 -4.00 -2.29 3.42
N LEU B 49 -3.38 -1.12 3.40
CA LEU B 49 -2.57 -0.67 2.27
C LEU B 49 -1.22 -0.12 2.74
N VAL B 50 -0.17 -0.45 2.00
CA VAL B 50 1.18 -0.02 2.36
C VAL B 50 1.88 0.73 1.21
N GLY B 51 2.56 1.84 1.51
CA GLY B 51 3.26 2.59 0.49
C GLY B 51 4.63 3.02 0.97
N GLY B 52 5.59 3.07 0.03
CA GLY B 52 6.95 3.48 0.37
C GLY B 52 7.40 4.69 -0.45
N ALA B 53 8.33 5.45 0.10
CA ALA B 53 8.83 6.65 -0.57
C ALA B 53 9.87 6.32 -1.64
N LYS B 54 10.15 7.29 -2.51
CA LYS B 54 11.09 7.13 -3.60
C LYS B 54 12.52 6.80 -3.12
N GLU B 55 12.89 7.31 -1.95
CA GLU B 55 14.21 7.07 -1.38
C GLU B 55 14.31 5.76 -0.61
N VAL B 56 13.20 5.04 -0.45
CA VAL B 56 13.20 3.77 0.28
C VAL B 56 13.63 2.60 -0.61
N PRO B 57 14.50 1.68 -0.12
CA PRO B 57 14.92 0.51 -0.88
C PRO B 57 13.78 -0.50 -0.95
N TYR B 58 13.56 -1.15 -2.09
CA TYR B 58 12.45 -2.10 -2.21
C TYR B 58 12.58 -3.25 -1.21
N GLU B 59 13.81 -3.71 -0.96
CA GLU B 59 14.04 -4.81 -0.03
C GLU B 59 13.45 -4.48 1.35
N GLU B 60 13.44 -3.19 1.71
CA GLU B 60 12.93 -2.80 3.01
C GLU B 60 11.40 -2.82 2.99
N VAL B 61 10.82 -2.54 1.81
CA VAL B 61 9.37 -2.57 1.68
C VAL B 61 8.88 -4.00 1.88
N ILE B 62 9.64 -4.95 1.31
CA ILE B 62 9.33 -6.38 1.46
C ILE B 62 9.36 -6.75 2.94
N LYS B 63 10.41 -6.30 3.62
CA LYS B 63 10.55 -6.53 5.06
C LYS B 63 9.34 -6.00 5.83
N ALA B 64 8.90 -4.77 5.48
CA ALA B 64 7.74 -4.16 6.12
C ALA B 64 6.50 -5.03 5.94
N LEU B 65 6.28 -5.48 4.70
CA LEU B 65 5.15 -6.35 4.39
C LEU B 65 5.27 -7.64 5.21
N ASN B 66 6.51 -8.11 5.35
CA ASN B 66 6.80 -9.31 6.11
C ASN B 66 6.38 -9.16 7.58
N LEU B 67 6.66 -7.98 8.15
CA LEU B 67 6.31 -7.74 9.56
C LEU B 67 4.80 -7.74 9.75
N LEU B 68 4.08 -7.16 8.80
CA LEU B 68 2.62 -7.10 8.87
C LEU B 68 2.04 -8.52 8.81
N HIS B 69 2.59 -9.34 7.92
CA HIS B 69 2.14 -10.73 7.78
C HIS B 69 2.40 -11.49 9.08
N LEU B 70 3.56 -11.26 9.69
CA LEU B 70 3.93 -11.92 10.94
C LEU B 70 2.90 -11.66 12.04
N ALA B 71 2.36 -10.43 12.08
CA ALA B 71 1.37 -10.08 13.11
C ALA B 71 -0.08 -10.34 12.63
N GLY B 72 -0.22 -11.01 11.48
CA GLY B 72 -1.51 -11.31 10.89
C GLY B 72 -2.32 -10.11 10.41
N ILE B 73 -1.66 -9.18 9.73
CA ILE B 73 -2.36 -8.01 9.18
C ILE B 73 -2.71 -8.29 7.72
N LYS B 74 -1.81 -8.99 7.02
CA LYS B 74 -2.03 -9.33 5.62
C LYS B 74 -0.96 -10.30 5.13
N GLY A 1 -0.28 17.27 -0.11
CA GLY A 1 -0.91 16.63 -1.30
C GLY A 1 -2.41 16.46 -1.14
N SER A 2 -3.09 16.22 -2.25
CA SER A 2 -4.55 16.03 -2.23
C SER A 2 -4.89 14.59 -1.85
N VAL A 3 -4.65 13.66 -2.77
CA VAL A 3 -4.93 12.25 -2.53
C VAL A 3 -3.97 11.34 -3.33
N PRO A 4 -3.10 10.56 -2.64
CA PRO A 4 -2.13 9.65 -3.28
C PRO A 4 -2.69 8.78 -4.42
N VAL A 5 -1.84 7.86 -4.88
CA VAL A 5 -2.22 6.86 -5.87
C VAL A 5 -2.32 5.53 -5.14
N ILE A 6 -3.49 4.92 -5.16
CA ILE A 6 -3.74 3.67 -4.44
C ILE A 6 -4.09 2.53 -5.38
N LEU A 7 -3.40 1.40 -5.21
CA LEU A 7 -3.65 0.19 -6.01
C LEU A 7 -4.11 -0.92 -5.06
N GLU A 8 -5.27 -1.49 -5.37
CA GLU A 8 -5.87 -2.55 -4.56
C GLU A 8 -5.98 -3.87 -5.31
N VAL A 9 -5.50 -4.93 -4.64
CA VAL A 9 -5.54 -6.29 -5.16
C VAL A 9 -6.86 -6.95 -4.73
N ALA A 10 -7.85 -6.91 -5.62
CA ALA A 10 -9.17 -7.45 -5.35
C ALA A 10 -9.22 -8.98 -5.37
N GLY A 11 -8.23 -9.60 -6.01
CA GLY A 11 -8.22 -11.06 -6.08
C GLY A 11 -7.02 -11.63 -6.81
N ILE A 12 -7.29 -12.38 -7.88
CA ILE A 12 -6.24 -12.98 -8.70
C ILE A 12 -6.29 -12.40 -10.10
N GLY A 13 -5.59 -11.29 -10.30
CA GLY A 13 -5.56 -10.66 -11.60
C GLY A 13 -6.50 -9.47 -11.72
N LYS A 14 -7.34 -9.25 -10.72
CA LYS A 14 -8.28 -8.12 -10.72
C LYS A 14 -7.79 -7.04 -9.76
N TYR A 15 -7.73 -5.80 -10.25
CA TYR A 15 -7.25 -4.69 -9.42
C TYR A 15 -8.09 -3.43 -9.57
N ALA A 16 -8.01 -2.60 -8.52
CA ALA A 16 -8.71 -1.32 -8.44
C ALA A 16 -7.69 -0.23 -8.20
N ILE A 17 -7.86 0.95 -8.82
CA ILE A 17 -6.90 2.04 -8.62
C ILE A 17 -7.59 3.36 -8.30
N SER A 18 -7.07 4.05 -7.29
CA SER A 18 -7.61 5.34 -6.88
C SER A 18 -6.58 6.42 -7.19
N ILE A 19 -6.95 7.29 -8.12
CA ILE A 19 -6.10 8.36 -8.58
C ILE A 19 -6.63 9.71 -8.12
N GLY A 20 -5.96 10.35 -7.16
CA GLY A 20 -6.38 11.66 -6.69
C GLY A 20 -7.87 11.76 -6.39
N GLY A 21 -8.42 10.77 -5.66
CA GLY A 21 -9.83 10.79 -5.32
C GLY A 21 -10.70 9.99 -6.28
N GLU A 22 -10.28 9.81 -7.54
CA GLU A 22 -11.10 9.05 -8.49
C GLU A 22 -10.73 7.56 -8.44
N ARG A 23 -11.74 6.72 -8.28
CA ARG A 23 -11.55 5.26 -8.19
C ARG A 23 -11.95 4.54 -9.47
N GLN A 24 -11.06 3.66 -9.96
CA GLN A 24 -11.34 2.86 -11.15
C GLN A 24 -11.30 1.38 -10.79
N GLU A 25 -12.35 0.64 -11.14
CA GLU A 25 -12.45 -0.79 -10.82
C GLU A 25 -12.48 -1.67 -12.08
N GLY A 26 -12.05 -2.93 -11.90
CA GLY A 26 -12.06 -3.87 -13.00
C GLY A 26 -10.86 -3.77 -13.91
N LEU A 27 -9.73 -3.29 -13.40
CA LEU A 27 -8.54 -3.13 -14.21
C LEU A 27 -7.69 -4.40 -14.27
N THR A 28 -7.04 -4.58 -15.42
CA THR A 28 -6.16 -5.72 -15.66
C THR A 28 -4.73 -5.38 -15.27
N GLU A 29 -3.83 -6.35 -15.31
CA GLU A 29 -2.44 -6.10 -14.96
C GLU A 29 -1.77 -5.18 -15.99
N GLU A 30 -1.96 -5.45 -17.28
CA GLU A 30 -1.37 -4.62 -18.32
C GLU A 30 -1.92 -3.20 -18.26
N MET A 31 -3.22 -3.08 -17.96
CA MET A 31 -3.86 -1.78 -17.87
C MET A 31 -3.42 -1.03 -16.61
N VAL A 32 -3.33 -1.73 -15.48
CA VAL A 32 -2.89 -1.11 -14.22
C VAL A 32 -1.49 -0.50 -14.39
N THR A 33 -0.65 -1.18 -15.19
CA THR A 33 0.70 -0.71 -15.47
C THR A 33 0.64 0.60 -16.24
N GLN A 34 -0.13 0.60 -17.32
CA GLN A 34 -0.32 1.77 -18.18
C GLN A 34 -0.69 3.01 -17.38
N LEU A 35 -1.73 2.88 -16.55
CA LEU A 35 -2.20 3.98 -15.72
C LEU A 35 -1.17 4.39 -14.68
N SER A 36 -0.60 3.42 -13.97
CA SER A 36 0.39 3.70 -12.95
C SER A 36 1.58 4.47 -13.52
N ARG A 37 2.04 4.03 -14.70
CA ARG A 37 3.16 4.67 -15.38
C ARG A 37 2.81 6.10 -15.83
N GLN A 38 1.62 6.26 -16.38
CA GLN A 38 1.19 7.57 -16.86
C GLN A 38 1.06 8.56 -15.71
N GLU A 39 0.54 8.11 -14.57
CA GLU A 39 0.38 8.99 -13.42
C GLU A 39 1.73 9.36 -12.81
N PHE A 40 2.67 8.42 -12.78
CA PHE A 40 3.98 8.68 -12.23
C PHE A 40 4.81 9.60 -13.11
N ASP A 41 4.62 9.54 -14.44
CA ASP A 41 5.37 10.40 -15.36
C ASP A 41 4.86 11.84 -15.32
N LYS A 42 3.58 12.02 -14.96
CA LYS A 42 3.00 13.35 -14.88
C LYS A 42 3.29 13.98 -13.51
N ASP A 43 3.27 13.17 -12.46
CA ASP A 43 3.56 13.63 -11.10
C ASP A 43 4.61 12.72 -10.46
N ASN A 44 5.83 13.25 -10.32
CA ASN A 44 6.94 12.48 -9.75
C ASN A 44 6.87 12.37 -8.23
N ASN A 45 6.00 13.14 -7.57
CA ASN A 45 5.90 13.08 -6.10
C ASN A 45 4.63 12.34 -5.65
N THR A 46 4.05 11.54 -6.54
CA THR A 46 2.83 10.80 -6.25
C THR A 46 3.06 9.69 -5.24
N LEU A 47 2.41 9.76 -4.08
CA LEU A 47 2.55 8.70 -3.06
C LEU A 47 2.01 7.38 -3.63
N PHE A 48 2.87 6.38 -3.77
CA PHE A 48 2.44 5.08 -4.28
C PHE A 48 2.27 4.09 -3.14
N LEU A 49 1.04 3.58 -3.03
CA LEU A 49 0.68 2.65 -1.96
C LEU A 49 -0.16 1.49 -2.51
N VAL A 50 0.09 0.28 -1.99
CA VAL A 50 -0.63 -0.90 -2.45
C VAL A 50 -1.28 -1.67 -1.30
N GLY A 51 -2.48 -2.21 -1.52
CA GLY A 51 -3.16 -2.97 -0.50
C GLY A 51 -3.85 -4.20 -1.09
N GLY A 52 -3.88 -5.30 -0.34
CA GLY A 52 -4.50 -6.52 -0.82
C GLY A 52 -5.62 -7.01 0.10
N ALA A 53 -6.54 -7.79 -0.47
CA ALA A 53 -7.67 -8.32 0.30
C ALA A 53 -7.27 -9.54 1.12
N LYS A 54 -8.13 -9.88 2.09
CA LYS A 54 -7.90 -11.02 2.99
C LYS A 54 -7.84 -12.35 2.24
N GLU A 55 -8.55 -12.46 1.14
CA GLU A 55 -8.58 -13.69 0.34
C GLU A 55 -7.44 -13.75 -0.68
N VAL A 56 -6.65 -12.69 -0.80
CA VAL A 56 -5.54 -12.66 -1.75
C VAL A 56 -4.28 -13.32 -1.18
N PRO A 57 -3.56 -14.16 -1.97
CA PRO A 57 -2.31 -14.79 -1.54
C PRO A 57 -1.21 -13.74 -1.47
N TYR A 58 -0.36 -13.77 -0.45
CA TYR A 58 0.70 -12.76 -0.34
C TYR A 58 1.66 -12.83 -1.53
N GLU A 59 1.91 -14.03 -2.04
CA GLU A 59 2.82 -14.20 -3.18
C GLU A 59 2.36 -13.34 -4.36
N GLU A 60 1.05 -13.11 -4.47
CA GLU A 60 0.54 -12.31 -5.57
C GLU A 60 0.77 -10.83 -5.31
N VAL A 61 0.75 -10.45 -4.03
CA VAL A 61 1.00 -9.06 -3.66
C VAL A 61 2.44 -8.71 -4.02
N ILE A 62 3.35 -9.66 -3.78
CA ILE A 62 4.77 -9.48 -4.11
C ILE A 62 4.89 -9.27 -5.63
N LYS A 63 4.22 -10.13 -6.38
CA LYS A 63 4.19 -10.04 -7.84
C LYS A 63 3.68 -8.66 -8.30
N ALA A 64 2.59 -8.19 -7.68
CA ALA A 64 2.03 -6.88 -8.02
C ALA A 64 3.06 -5.78 -7.78
N LEU A 65 3.69 -5.85 -6.62
CA LEU A 65 4.75 -4.89 -6.27
C LEU A 65 5.88 -4.97 -7.30
N ASN A 66 6.16 -6.20 -7.72
CA ASN A 66 7.19 -6.46 -8.72
C ASN A 66 6.85 -5.77 -10.05
N LEU A 67 5.58 -5.82 -10.44
CA LEU A 67 5.18 -5.20 -11.72
C LEU A 67 5.35 -3.69 -11.67
N LEU A 68 5.03 -3.10 -10.52
CA LEU A 68 5.17 -1.65 -10.36
C LEU A 68 6.64 -1.25 -10.45
N HIS A 69 7.50 -2.04 -9.83
CA HIS A 69 8.94 -1.78 -9.87
C HIS A 69 9.45 -1.88 -11.31
N LEU A 70 8.97 -2.89 -12.04
CA LEU A 70 9.37 -3.09 -13.44
C LEU A 70 9.10 -1.85 -14.29
N ALA A 71 7.96 -1.18 -14.05
CA ALA A 71 7.62 0.02 -14.82
C ALA A 71 8.16 1.31 -14.18
N GLY A 72 9.03 1.16 -13.18
CA GLY A 72 9.61 2.29 -12.46
C GLY A 72 8.63 3.11 -11.64
N ILE A 73 7.73 2.45 -10.92
CA ILE A 73 6.78 3.15 -10.06
C ILE A 73 7.34 3.21 -8.64
N LYS A 74 8.03 2.15 -8.24
CA LYS A 74 8.62 2.07 -6.90
C LYS A 74 9.57 0.88 -6.80
N GLY B 1 -16.84 2.11 3.29
CA GLY B 1 -15.94 2.45 4.44
C GLY B 1 -15.58 3.92 4.47
N SER B 2 -15.07 4.37 5.63
CA SER B 2 -14.70 5.77 5.79
C SER B 2 -13.30 6.02 5.22
N VAL B 3 -12.28 5.52 5.90
CA VAL B 3 -10.90 5.69 5.45
C VAL B 3 -10.01 4.51 5.92
N PRO B 4 -9.48 3.70 4.97
CA PRO B 4 -8.62 2.53 5.28
C PRO B 4 -7.50 2.78 6.31
N VAL B 5 -6.65 1.76 6.45
CA VAL B 5 -5.47 1.84 7.30
C VAL B 5 -4.28 1.93 6.35
N ILE B 6 -3.51 3.02 6.46
CA ILE B 6 -2.37 3.24 5.57
C ILE B 6 -1.05 3.29 6.33
N LEU B 7 -0.08 2.52 5.85
CA LEU B 7 1.27 2.49 6.44
C LEU B 7 2.26 2.99 5.40
N GLU B 8 3.04 4.01 5.77
CA GLU B 8 4.02 4.62 4.90
C GLU B 8 5.45 4.44 5.40
N VAL B 9 6.31 3.98 4.48
CA VAL B 9 7.73 3.80 4.74
C VAL B 9 8.49 5.08 4.41
N ALA B 10 8.72 5.90 5.43
CA ALA B 10 9.39 7.19 5.29
C ALA B 10 10.89 7.06 5.04
N GLY B 11 11.47 5.91 5.40
CA GLY B 11 12.89 5.72 5.21
C GLY B 11 13.38 4.35 5.63
N ILE B 12 14.38 4.36 6.52
CA ILE B 12 14.95 3.12 7.05
C ILE B 12 14.61 2.99 8.53
N GLY B 13 13.47 2.38 8.82
CA GLY B 13 13.04 2.18 10.19
C GLY B 13 12.03 3.21 10.69
N LYS B 14 11.76 4.23 9.87
CA LYS B 14 10.79 5.27 10.24
C LYS B 14 9.51 5.08 9.42
N TYR B 15 8.37 5.08 10.11
CA TYR B 15 7.09 4.88 9.43
C TYR B 15 6.00 5.81 9.93
N ALA B 16 5.01 6.00 9.06
CA ALA B 16 3.85 6.84 9.33
C ALA B 16 2.58 6.00 9.14
N ILE B 17 1.56 6.20 9.98
CA ILE B 17 0.34 5.41 9.83
C ILE B 17 -0.92 6.29 9.87
N SER B 18 -1.82 6.04 8.93
CA SER B 18 -3.08 6.77 8.85
C SER B 18 -4.22 5.83 9.18
N ILE B 19 -4.87 6.12 10.30
CA ILE B 19 -5.97 5.31 10.80
C ILE B 19 -7.29 6.07 10.69
N GLY B 20 -8.16 5.65 9.78
CA GLY B 20 -9.46 6.29 9.61
C GLY B 20 -9.38 7.82 9.57
N GLY B 21 -8.46 8.36 8.79
CA GLY B 21 -8.33 9.80 8.68
C GLY B 21 -7.28 10.42 9.60
N GLU B 22 -6.96 9.76 10.72
CA GLU B 22 -5.96 10.30 11.64
C GLU B 22 -4.57 9.79 11.26
N ARG B 23 -3.62 10.72 11.11
CA ARG B 23 -2.25 10.38 10.73
C ARG B 23 -1.27 10.47 11.91
N GLN B 24 -0.46 9.41 12.08
CA GLN B 24 0.55 9.39 13.14
C GLN B 24 1.93 9.24 12.51
N GLU B 25 2.86 10.13 12.88
CA GLU B 25 4.21 10.12 12.32
C GLU B 25 5.28 9.83 13.38
N GLY B 26 6.42 9.32 12.93
CA GLY B 26 7.54 9.02 13.81
C GLY B 26 7.40 7.70 14.53
N LEU B 27 6.70 6.74 13.94
CA LEU B 27 6.52 5.44 14.56
C LEU B 27 7.65 4.46 14.26
N THR B 28 7.93 3.60 15.24
CA THR B 28 8.95 2.58 15.15
C THR B 28 8.35 1.29 14.60
N GLU B 29 9.19 0.29 14.32
CA GLU B 29 8.68 -0.98 13.80
C GLU B 29 7.87 -1.71 14.86
N GLU B 30 8.35 -1.79 16.09
CA GLU B 30 7.63 -2.46 17.17
C GLU B 30 6.31 -1.75 17.45
N MET B 31 6.33 -0.41 17.39
CA MET B 31 5.13 0.37 17.63
C MET B 31 4.14 0.25 16.48
N VAL B 32 4.62 0.27 15.23
CA VAL B 32 3.75 0.14 14.07
C VAL B 32 2.99 -1.20 14.12
N THR B 33 3.66 -2.23 14.64
CA THR B 33 3.07 -3.55 14.78
C THR B 33 1.92 -3.49 15.77
N GLN B 34 2.20 -2.92 16.95
CA GLN B 34 1.22 -2.76 18.02
C GLN B 34 -0.08 -2.12 17.53
N LEU B 35 0.06 -0.98 16.87
CA LEU B 35 -1.07 -0.24 16.33
C LEU B 35 -1.78 -1.02 15.24
N SER B 36 -1.02 -1.56 14.29
CA SER B 36 -1.60 -2.32 13.18
C SER B 36 -2.43 -3.50 13.69
N ARG B 37 -1.88 -4.21 14.68
CA ARG B 37 -2.55 -5.35 15.28
C ARG B 37 -3.81 -4.93 16.03
N GLN B 38 -3.72 -3.85 16.79
CA GLN B 38 -4.88 -3.37 17.56
C GLN B 38 -6.00 -2.93 16.64
N GLU B 39 -5.68 -2.28 15.53
CA GLU B 39 -6.70 -1.82 14.61
C GLU B 39 -7.35 -2.98 13.87
N PHE B 40 -6.56 -4.00 13.52
CA PHE B 40 -7.08 -5.16 12.82
C PHE B 40 -7.95 -6.03 13.73
N ASP B 41 -7.66 -6.07 15.02
CA ASP B 41 -8.45 -6.88 15.95
C ASP B 41 -9.79 -6.22 16.27
N LYS B 42 -9.85 -4.89 16.15
CA LYS B 42 -11.09 -4.16 16.39
C LYS B 42 -11.97 -4.12 15.14
N ASP B 43 -11.33 -4.02 13.97
CA ASP B 43 -12.04 -4.00 12.70
C ASP B 43 -11.41 -5.02 11.75
N ASN B 44 -12.11 -6.13 11.52
CA ASN B 44 -11.60 -7.19 10.65
C ASN B 44 -11.74 -6.86 9.15
N ASN B 45 -12.47 -5.81 8.79
CA ASN B 45 -12.64 -5.46 7.37
C ASN B 45 -11.81 -4.22 6.99
N THR B 46 -10.80 -3.89 7.82
CA THR B 46 -9.95 -2.73 7.58
C THR B 46 -9.06 -2.90 6.37
N LEU B 47 -9.22 -2.05 5.35
CA LEU B 47 -8.37 -2.11 4.16
C LEU B 47 -6.92 -1.83 4.55
N PHE B 48 -6.04 -2.80 4.37
CA PHE B 48 -4.62 -2.63 4.70
C PHE B 48 -3.82 -2.36 3.44
N LEU B 49 -3.18 -1.19 3.43
CA LEU B 49 -2.38 -0.75 2.28
C LEU B 49 -1.05 -0.14 2.74
N VAL B 50 0.01 -0.43 1.97
CA VAL B 50 1.35 0.06 2.33
C VAL B 50 2.02 0.81 1.17
N GLY B 51 2.74 1.89 1.47
CA GLY B 51 3.42 2.66 0.44
C GLY B 51 4.80 3.09 0.91
N GLY B 52 5.75 3.13 -0.02
CA GLY B 52 7.11 3.53 0.32
C GLY B 52 7.60 4.71 -0.48
N ALA B 53 8.58 5.44 0.08
CA ALA B 53 9.13 6.62 -0.59
C ALA B 53 10.14 6.25 -1.67
N LYS B 54 10.45 7.22 -2.53
CA LYS B 54 11.37 7.04 -3.65
C LYS B 54 12.79 6.69 -3.18
N GLU B 55 13.17 7.19 -2.02
CA GLU B 55 14.50 6.93 -1.46
C GLU B 55 14.57 5.63 -0.67
N VAL B 56 13.44 4.95 -0.48
CA VAL B 56 13.41 3.70 0.28
C VAL B 56 13.79 2.50 -0.60
N PRO B 57 14.64 1.57 -0.08
CA PRO B 57 15.01 0.36 -0.83
C PRO B 57 13.82 -0.60 -0.88
N TYR B 58 13.57 -1.26 -2.00
CA TYR B 58 12.42 -2.16 -2.10
C TYR B 58 12.54 -3.32 -1.11
N GLU B 59 13.76 -3.79 -0.87
CA GLU B 59 13.99 -4.90 0.06
C GLU B 59 13.40 -4.57 1.43
N GLU B 60 13.37 -3.28 1.80
CA GLU B 60 12.84 -2.88 3.08
C GLU B 60 11.32 -2.90 3.06
N VAL B 61 10.74 -2.62 1.89
CA VAL B 61 9.29 -2.64 1.75
C VAL B 61 8.80 -4.08 1.93
N ILE B 62 9.57 -5.03 1.39
CA ILE B 62 9.26 -6.45 1.53
C ILE B 62 9.28 -6.82 3.01
N LYS B 63 10.34 -6.39 3.69
CA LYS B 63 10.47 -6.61 5.13
C LYS B 63 9.28 -6.05 5.91
N ALA B 64 8.87 -4.81 5.57
CA ALA B 64 7.72 -4.18 6.22
C ALA B 64 6.46 -5.03 6.03
N LEU B 65 6.25 -5.46 4.78
CA LEU B 65 5.12 -6.32 4.45
C LEU B 65 5.20 -7.61 5.26
N ASN B 66 6.44 -8.10 5.41
CA ASN B 66 6.72 -9.31 6.16
C ASN B 66 6.29 -9.16 7.63
N LEU B 67 6.58 -7.98 8.21
CA LEU B 67 6.24 -7.74 9.61
C LEU B 67 4.73 -7.74 9.82
N LEU B 68 4.01 -7.16 8.86
CA LEU B 68 2.54 -7.11 8.94
C LEU B 68 1.97 -8.52 8.89
N HIS B 69 2.53 -9.34 7.99
CA HIS B 69 2.07 -10.72 7.86
C HIS B 69 2.33 -11.50 9.16
N LEU B 70 3.49 -11.26 9.77
CA LEU B 70 3.86 -11.92 11.01
C LEU B 70 2.83 -11.67 12.12
N ALA B 71 2.30 -10.45 12.18
CA ALA B 71 1.30 -10.12 13.20
C ALA B 71 -0.14 -10.39 12.72
N GLY B 72 -0.28 -11.08 11.59
CA GLY B 72 -1.57 -11.39 10.99
C GLY B 72 -2.38 -10.20 10.51
N ILE B 73 -1.73 -9.27 9.83
CA ILE B 73 -2.43 -8.11 9.28
C ILE B 73 -2.78 -8.40 7.81
N LYS B 74 -1.90 -9.10 7.12
CA LYS B 74 -2.12 -9.45 5.72
C LYS B 74 -1.11 -10.50 5.26
N GLY A 1 -0.81 17.36 -0.02
CA GLY A 1 -1.40 16.79 -1.26
C GLY A 1 -2.89 16.53 -1.13
N SER A 2 -3.54 16.23 -2.23
CA SER A 2 -4.97 15.96 -2.25
C SER A 2 -5.25 14.50 -1.88
N VAL A 3 -4.94 13.59 -2.79
CA VAL A 3 -5.15 12.16 -2.56
C VAL A 3 -4.14 11.31 -3.37
N PRO A 4 -3.25 10.54 -2.69
CA PRO A 4 -2.24 9.69 -3.35
C PRO A 4 -2.76 8.81 -4.50
N VAL A 5 -1.88 7.93 -4.96
CA VAL A 5 -2.23 6.93 -5.97
C VAL A 5 -2.33 5.60 -5.23
N ILE A 6 -3.51 4.98 -5.27
CA ILE A 6 -3.74 3.73 -4.55
C ILE A 6 -4.05 2.57 -5.49
N LEU A 7 -3.33 1.46 -5.32
CA LEU A 7 -3.54 0.25 -6.11
C LEU A 7 -3.98 -0.86 -5.17
N GLU A 8 -5.11 -1.48 -5.50
CA GLU A 8 -5.71 -2.54 -4.68
C GLU A 8 -5.79 -3.87 -5.43
N VAL A 9 -5.32 -4.93 -4.74
CA VAL A 9 -5.38 -6.30 -5.25
C VAL A 9 -6.70 -6.94 -4.82
N ALA A 10 -7.68 -6.92 -5.74
CA ALA A 10 -9.01 -7.45 -5.48
C ALA A 10 -9.08 -8.97 -5.49
N GLY A 11 -8.11 -9.62 -6.13
CA GLY A 11 -8.12 -11.08 -6.18
C GLY A 11 -6.93 -11.67 -6.91
N ILE A 12 -7.22 -12.42 -7.97
CA ILE A 12 -6.20 -13.05 -8.80
C ILE A 12 -6.25 -12.47 -10.20
N GLY A 13 -5.49 -11.39 -10.40
CA GLY A 13 -5.43 -10.74 -11.69
C GLY A 13 -6.36 -9.54 -11.81
N LYS A 14 -7.19 -9.29 -10.81
CA LYS A 14 -8.11 -8.15 -10.82
C LYS A 14 -7.60 -7.08 -9.86
N TYR A 15 -7.55 -5.84 -10.35
CA TYR A 15 -7.08 -4.73 -9.54
C TYR A 15 -7.93 -3.46 -9.68
N ALA A 16 -7.85 -2.63 -8.65
CA ALA A 16 -8.55 -1.37 -8.58
C ALA A 16 -7.55 -0.24 -8.34
N ILE A 17 -7.75 0.92 -8.95
CA ILE A 17 -6.81 2.03 -8.74
C ILE A 17 -7.53 3.34 -8.41
N SER A 18 -7.03 4.01 -7.38
CA SER A 18 -7.59 5.29 -6.97
C SER A 18 -6.60 6.41 -7.27
N ILE A 19 -6.98 7.26 -8.20
CA ILE A 19 -6.15 8.37 -8.64
C ILE A 19 -6.72 9.70 -8.18
N GLY A 20 -6.07 10.35 -7.21
CA GLY A 20 -6.54 11.64 -6.73
C GLY A 20 -8.03 11.69 -6.45
N GLY A 21 -8.55 10.69 -5.72
CA GLY A 21 -9.96 10.67 -5.40
C GLY A 21 -10.82 9.85 -6.36
N GLU A 22 -10.38 9.69 -7.61
CA GLU A 22 -11.17 8.92 -8.58
C GLU A 22 -10.76 7.44 -8.54
N ARG A 23 -11.76 6.57 -8.38
CA ARG A 23 -11.52 5.12 -8.30
C ARG A 23 -11.92 4.40 -9.59
N GLN A 24 -11.01 3.52 -10.07
CA GLN A 24 -11.27 2.73 -11.27
C GLN A 24 -11.24 1.24 -10.90
N GLU A 25 -12.29 0.51 -11.26
CA GLU A 25 -12.38 -0.92 -10.93
C GLU A 25 -12.43 -1.80 -12.17
N GLY A 26 -12.02 -3.06 -12.01
CA GLY A 26 -12.04 -4.02 -13.10
C GLY A 26 -10.84 -3.89 -14.03
N LEU A 27 -9.72 -3.42 -13.50
CA LEU A 27 -8.53 -3.23 -14.32
C LEU A 27 -7.68 -4.49 -14.38
N THR A 28 -6.99 -4.66 -15.52
CA THR A 28 -6.11 -5.80 -15.76
C THR A 28 -4.68 -5.43 -15.36
N GLU A 29 -3.77 -6.39 -15.39
CA GLU A 29 -2.38 -6.13 -15.04
C GLU A 29 -1.71 -5.22 -16.06
N GLU A 30 -1.88 -5.50 -17.35
CA GLU A 30 -1.30 -4.66 -18.40
C GLU A 30 -1.86 -3.24 -18.34
N MET A 31 -3.15 -3.13 -18.06
CA MET A 31 -3.81 -1.82 -17.97
C MET A 31 -3.39 -1.07 -16.71
N VAL A 32 -3.27 -1.77 -15.58
CA VAL A 32 -2.87 -1.14 -14.33
C VAL A 32 -1.47 -0.53 -14.48
N THR A 33 -0.62 -1.20 -15.26
CA THR A 33 0.74 -0.74 -15.53
C THR A 33 0.67 0.58 -16.31
N GLN A 34 -0.10 0.56 -17.40
CA GLN A 34 -0.29 1.74 -18.26
C GLN A 34 -0.68 2.97 -17.46
N LEU A 35 -1.71 2.81 -16.63
CA LEU A 35 -2.21 3.90 -15.79
C LEU A 35 -1.17 4.34 -14.77
N SER A 36 -0.57 3.37 -14.06
CA SER A 36 0.42 3.68 -13.05
C SER A 36 1.60 4.46 -13.62
N ARG A 37 2.06 4.02 -14.80
CA ARG A 37 3.17 4.67 -15.48
C ARG A 37 2.81 6.08 -15.94
N GLN A 38 1.62 6.23 -16.49
CA GLN A 38 1.17 7.54 -16.99
C GLN A 38 1.04 8.53 -15.85
N GLU A 39 0.52 8.09 -14.71
CA GLU A 39 0.36 8.99 -13.57
C GLU A 39 1.70 9.36 -12.96
N PHE A 40 2.64 8.41 -12.93
CA PHE A 40 3.95 8.66 -12.36
C PHE A 40 4.79 9.57 -13.26
N ASP A 41 4.60 9.50 -14.58
CA ASP A 41 5.37 10.34 -15.50
C ASP A 41 4.88 11.79 -15.46
N LYS A 42 3.61 11.98 -15.09
CA LYS A 42 3.05 13.33 -15.00
C LYS A 42 3.37 13.96 -13.64
N ASP A 43 3.37 13.13 -12.61
CA ASP A 43 3.69 13.59 -11.25
C ASP A 43 4.78 12.68 -10.66
N ASN A 44 5.95 13.26 -10.39
CA ASN A 44 7.07 12.49 -9.85
C ASN A 44 7.02 12.37 -8.33
N ASN A 45 6.27 13.24 -7.65
CA ASN A 45 6.18 13.19 -6.19
C ASN A 45 4.90 12.49 -5.73
N THR A 46 4.28 11.71 -6.62
CA THR A 46 3.04 11.01 -6.30
C THR A 46 3.27 9.88 -5.30
N LEU A 47 2.65 9.97 -4.13
CA LEU A 47 2.79 8.91 -3.13
C LEU A 47 2.13 7.63 -3.64
N PHE A 48 2.91 6.56 -3.75
CA PHE A 48 2.40 5.29 -4.24
C PHE A 48 2.21 4.30 -3.09
N LEU A 49 0.98 3.79 -2.98
CA LEU A 49 0.61 2.86 -1.94
C LEU A 49 -0.18 1.68 -2.50
N VAL A 50 0.12 0.48 -2.00
CA VAL A 50 -0.53 -0.74 -2.48
C VAL A 50 -1.17 -1.55 -1.34
N GLY A 51 -2.38 -2.06 -1.56
CA GLY A 51 -3.04 -2.86 -0.55
C GLY A 51 -3.71 -4.08 -1.14
N GLY A 52 -3.76 -5.17 -0.37
CA GLY A 52 -4.38 -6.41 -0.83
C GLY A 52 -5.51 -6.84 0.07
N ALA A 53 -6.47 -7.58 -0.48
CA ALA A 53 -7.64 -8.04 0.29
C ALA A 53 -7.31 -9.30 1.10
N LYS A 54 -8.17 -9.60 2.07
CA LYS A 54 -8.00 -10.75 2.95
C LYS A 54 -8.00 -12.09 2.20
N GLU A 55 -8.75 -12.15 1.10
CA GLU A 55 -8.83 -13.38 0.30
C GLU A 55 -7.68 -13.50 -0.71
N VAL A 56 -6.82 -12.49 -0.81
CA VAL A 56 -5.70 -12.53 -1.75
C VAL A 56 -4.46 -13.18 -1.11
N PRO A 57 -3.75 -14.06 -1.85
CA PRO A 57 -2.53 -14.69 -1.35
C PRO A 57 -1.41 -13.66 -1.27
N TYR A 58 -0.54 -13.70 -0.26
CA TYR A 58 0.53 -12.72 -0.13
C TYR A 58 1.48 -12.78 -1.34
N GLU A 59 1.68 -13.97 -1.89
CA GLU A 59 2.56 -14.14 -3.04
C GLU A 59 2.10 -13.25 -4.21
N GLU A 60 0.78 -13.00 -4.30
CA GLU A 60 0.27 -12.18 -5.39
C GLU A 60 0.64 -10.72 -5.16
N VAL A 61 0.61 -10.32 -3.89
CA VAL A 61 0.95 -8.95 -3.53
C VAL A 61 2.40 -8.68 -3.91
N ILE A 62 3.28 -9.64 -3.65
CA ILE A 62 4.70 -9.52 -4.01
C ILE A 62 4.82 -9.34 -5.51
N LYS A 63 4.12 -10.18 -6.26
CA LYS A 63 4.10 -10.10 -7.72
C LYS A 63 3.64 -8.71 -8.19
N ALA A 64 2.58 -8.20 -7.56
CA ALA A 64 2.05 -6.86 -7.89
C ALA A 64 3.12 -5.80 -7.67
N LEU A 65 3.77 -5.87 -6.50
CA LEU A 65 4.84 -4.92 -6.18
C LEU A 65 5.96 -5.04 -7.21
N ASN A 66 6.22 -6.28 -7.64
CA ASN A 66 7.23 -6.58 -8.64
C ASN A 66 6.90 -5.87 -9.97
N LEU A 67 5.64 -5.89 -10.37
CA LEU A 67 5.23 -5.27 -11.63
C LEU A 67 5.41 -3.75 -11.58
N LEU A 68 5.09 -3.16 -10.43
CA LEU A 68 5.23 -1.72 -10.25
C LEU A 68 6.69 -1.31 -10.35
N HIS A 69 7.57 -2.10 -9.72
CA HIS A 69 9.00 -1.83 -9.75
C HIS A 69 9.51 -1.94 -11.19
N LEU A 70 9.02 -2.92 -11.92
CA LEU A 70 9.42 -3.13 -13.30
C LEU A 70 9.12 -1.90 -14.17
N ALA A 71 8.00 -1.23 -13.91
CA ALA A 71 7.63 -0.04 -14.68
C ALA A 71 8.16 1.27 -14.03
N GLY A 72 9.01 1.13 -13.02
CA GLY A 72 9.58 2.25 -12.29
C GLY A 72 8.58 3.08 -11.48
N ILE A 73 7.68 2.41 -10.76
CA ILE A 73 6.73 3.10 -9.91
C ILE A 73 7.28 3.16 -8.48
N LYS A 74 7.97 2.10 -8.08
CA LYS A 74 8.56 2.03 -6.75
C LYS A 74 9.53 0.86 -6.65
N GLY B 1 -16.85 2.64 3.26
CA GLY B 1 -16.02 2.95 4.47
C GLY B 1 -15.58 4.40 4.52
N SER B 2 -15.02 4.80 5.65
CA SER B 2 -14.56 6.17 5.83
C SER B 2 -13.16 6.35 5.26
N VAL B 3 -12.15 5.78 5.94
CA VAL B 3 -10.77 5.88 5.49
C VAL B 3 -9.95 4.67 5.96
N PRO B 4 -9.42 3.83 5.02
CA PRO B 4 -8.63 2.63 5.35
C PRO B 4 -7.53 2.83 6.38
N VAL B 5 -6.70 1.80 6.54
CA VAL B 5 -5.51 1.85 7.39
C VAL B 5 -4.32 1.93 6.45
N ILE B 6 -3.55 3.01 6.55
CA ILE B 6 -2.40 3.24 5.67
C ILE B 6 -1.08 3.24 6.43
N LEU B 7 -0.12 2.44 5.95
CA LEU B 7 1.21 2.38 6.53
C LEU B 7 2.22 2.86 5.48
N GLU B 8 3.03 3.84 5.87
CA GLU B 8 4.01 4.44 4.97
C GLU B 8 5.45 4.25 5.46
N VAL B 9 6.31 3.80 4.54
CA VAL B 9 7.73 3.63 4.80
C VAL B 9 8.47 4.93 4.48
N ALA B 10 8.73 5.73 5.52
CA ALA B 10 9.39 7.01 5.37
C ALA B 10 10.89 6.91 5.12
N GLY B 11 11.49 5.77 5.48
CA GLY B 11 12.92 5.61 5.28
C GLY B 11 13.44 4.26 5.72
N ILE B 12 14.44 4.28 6.60
CA ILE B 12 15.04 3.07 7.14
C ILE B 12 14.68 2.93 8.61
N GLY B 13 13.56 2.27 8.88
CA GLY B 13 13.13 2.06 10.25
C GLY B 13 12.09 3.06 10.74
N LYS B 14 11.79 4.09 9.93
CA LYS B 14 10.82 5.10 10.30
C LYS B 14 9.54 4.90 9.48
N TYR B 15 8.40 4.89 10.17
CA TYR B 15 7.12 4.70 9.51
C TYR B 15 6.02 5.63 10.02
N ALA B 16 5.04 5.83 9.14
CA ALA B 16 3.88 6.67 9.42
C ALA B 16 2.61 5.87 9.23
N ILE B 17 1.59 6.06 10.07
CA ILE B 17 0.34 5.31 9.92
C ILE B 17 -0.89 6.21 9.94
N SER B 18 -1.79 5.98 8.98
CA SER B 18 -3.02 6.74 8.90
C SER B 18 -4.19 5.83 9.24
N ILE B 19 -4.83 6.13 10.36
CA ILE B 19 -5.95 5.36 10.86
C ILE B 19 -7.25 6.15 10.75
N GLY B 20 -8.12 5.75 9.81
CA GLY B 20 -9.41 6.43 9.65
C GLY B 20 -9.30 7.96 9.62
N GLY B 21 -8.35 8.48 8.83
CA GLY B 21 -8.19 9.92 8.72
C GLY B 21 -7.13 10.50 9.64
N GLU B 22 -6.82 9.83 10.77
CA GLU B 22 -5.81 10.35 11.69
C GLU B 22 -4.43 9.79 11.32
N ARG B 23 -3.47 10.70 11.16
CA ARG B 23 -2.10 10.34 10.78
C ARG B 23 -1.12 10.41 11.96
N GLN B 24 -0.33 9.35 12.14
CA GLN B 24 0.68 9.30 13.20
C GLN B 24 2.07 9.17 12.56
N GLU B 25 3.00 10.05 12.94
CA GLU B 25 4.35 10.04 12.38
C GLU B 25 5.42 9.77 13.44
N GLY B 26 6.57 9.27 12.98
CA GLY B 26 7.68 8.99 13.87
C GLY B 26 7.54 7.67 14.61
N LEU B 27 6.83 6.71 14.01
CA LEU B 27 6.63 5.42 14.64
C LEU B 27 7.75 4.44 14.35
N THR B 28 8.00 3.55 15.31
CA THR B 28 9.02 2.52 15.21
C THR B 28 8.41 1.23 14.66
N GLU B 29 9.24 0.23 14.39
CA GLU B 29 8.73 -1.03 13.86
C GLU B 29 7.90 -1.77 14.91
N GLU B 30 8.40 -1.85 16.15
CA GLU B 30 7.67 -2.53 17.22
C GLU B 30 6.36 -1.81 17.51
N MET B 31 6.38 -0.49 17.46
CA MET B 31 5.18 0.31 17.71
C MET B 31 4.19 0.21 16.56
N VAL B 32 4.68 0.22 15.31
CA VAL B 32 3.80 0.11 14.15
C VAL B 32 3.03 -1.21 14.19
N THR B 33 3.70 -2.26 14.70
CA THR B 33 3.10 -3.57 14.83
C THR B 33 1.95 -3.51 15.83
N GLN B 34 2.24 -2.94 17.01
CA GLN B 34 1.26 -2.79 18.09
C GLN B 34 -0.02 -2.13 17.59
N LEU B 35 0.14 -1.00 16.92
CA LEU B 35 -0.98 -0.25 16.38
C LEU B 35 -1.71 -1.02 15.30
N SER B 36 -0.97 -1.59 14.35
CA SER B 36 -1.57 -2.35 13.26
C SER B 36 -2.40 -3.53 13.78
N ARG B 37 -1.85 -4.23 14.77
CA ARG B 37 -2.52 -5.38 15.39
C ARG B 37 -3.78 -4.95 16.14
N GLN B 38 -3.69 -3.86 16.90
CA GLN B 38 -4.82 -3.37 17.68
C GLN B 38 -5.96 -2.93 16.76
N GLU B 39 -5.63 -2.26 15.66
CA GLU B 39 -6.66 -1.81 14.74
C GLU B 39 -7.31 -2.97 14.00
N PHE B 40 -6.51 -3.98 13.66
CA PHE B 40 -7.03 -5.14 12.95
C PHE B 40 -7.90 -6.02 13.85
N ASP B 41 -7.58 -6.08 15.16
CA ASP B 41 -8.37 -6.90 16.08
C ASP B 41 -9.72 -6.26 16.38
N LYS B 42 -9.80 -4.92 16.26
CA LYS B 42 -11.05 -4.22 16.50
C LYS B 42 -11.93 -4.23 15.24
N ASP B 43 -11.29 -4.14 14.07
CA ASP B 43 -11.99 -4.16 12.79
C ASP B 43 -11.35 -5.21 11.89
N ASN B 44 -12.12 -6.26 11.55
CA ASN B 44 -11.61 -7.34 10.71
C ASN B 44 -11.73 -7.03 9.22
N ASN B 45 -12.59 -6.08 8.84
CA ASN B 45 -12.75 -5.73 7.42
C ASN B 45 -11.97 -4.48 7.04
N THR B 46 -10.97 -4.12 7.87
CA THR B 46 -10.17 -2.93 7.64
C THR B 46 -9.26 -3.09 6.41
N LEU B 47 -9.44 -2.27 5.39
CA LEU B 47 -8.59 -2.34 4.21
C LEU B 47 -7.17 -1.92 4.59
N PHE B 48 -6.21 -2.83 4.37
CA PHE B 48 -4.81 -2.55 4.69
C PHE B 48 -4.01 -2.26 3.44
N LEU B 49 -3.37 -1.10 3.43
CA LEU B 49 -2.57 -0.66 2.29
C LEU B 49 -1.22 -0.11 2.75
N VAL B 50 -0.17 -0.44 2.01
CA VAL B 50 1.19 -0.02 2.36
C VAL B 50 1.89 0.71 1.22
N GLY B 51 2.60 1.80 1.51
CA GLY B 51 3.30 2.55 0.48
C GLY B 51 4.69 2.96 0.95
N GLY B 52 5.63 3.03 0.02
CA GLY B 52 7.00 3.42 0.33
C GLY B 52 7.44 4.64 -0.45
N ALA B 53 8.38 5.41 0.11
CA ALA B 53 8.87 6.62 -0.54
C ALA B 53 9.93 6.31 -1.61
N LYS B 54 10.18 7.30 -2.47
CA LYS B 54 11.15 7.16 -3.57
C LYS B 54 12.56 6.88 -3.07
N GLU B 55 12.92 7.41 -1.91
CA GLU B 55 14.25 7.21 -1.34
C GLU B 55 14.38 5.90 -0.56
N VAL B 56 13.28 5.16 -0.41
CA VAL B 56 13.31 3.88 0.31
C VAL B 56 13.68 2.71 -0.61
N PRO B 57 14.56 1.78 -0.16
CA PRO B 57 14.92 0.61 -0.95
C PRO B 57 13.74 -0.35 -1.01
N TYR B 58 13.51 -1.03 -2.14
CA TYR B 58 12.38 -1.95 -2.25
C TYR B 58 12.50 -3.09 -1.24
N GLU B 59 13.73 -3.52 -0.96
CA GLU B 59 13.96 -4.61 0.00
C GLU B 59 13.34 -4.26 1.37
N GLU B 60 13.29 -2.96 1.70
CA GLU B 60 12.74 -2.56 2.99
C GLU B 60 11.22 -2.72 2.97
N VAL B 61 10.63 -2.43 1.81
CA VAL B 61 9.19 -2.55 1.66
C VAL B 61 8.77 -4.00 1.85
N ILE B 62 9.57 -4.93 1.29
CA ILE B 62 9.30 -6.36 1.43
C ILE B 62 9.34 -6.74 2.91
N LYS B 63 10.38 -6.27 3.60
CA LYS B 63 10.53 -6.51 5.03
C LYS B 63 9.31 -5.99 5.80
N ALA B 64 8.86 -4.77 5.45
CA ALA B 64 7.68 -4.18 6.09
C ALA B 64 6.47 -5.07 5.90
N LEU B 65 6.26 -5.51 4.66
CA LEU B 65 5.14 -6.40 4.35
C LEU B 65 5.26 -7.69 5.17
N ASN B 66 6.50 -8.14 5.31
CA ASN B 66 6.82 -9.34 6.08
C ASN B 66 6.38 -9.18 7.53
N LEU B 67 6.64 -8.01 8.12
CA LEU B 67 6.29 -7.77 9.52
C LEU B 67 4.77 -7.78 9.72
N LEU B 68 4.05 -7.20 8.76
CA LEU B 68 2.60 -7.15 8.83
C LEU B 68 2.02 -8.55 8.76
N HIS B 69 2.57 -9.37 7.87
CA HIS B 69 2.11 -10.75 7.72
C HIS B 69 2.37 -11.52 9.02
N LEU B 70 3.53 -11.27 9.63
CA LEU B 70 3.89 -11.94 10.88
C LEU B 70 2.87 -11.67 11.99
N ALA B 71 2.33 -10.45 12.02
CA ALA B 71 1.33 -10.10 13.05
C ALA B 71 -0.11 -10.35 12.57
N GLY B 72 -0.26 -11.03 11.43
CA GLY B 72 -1.55 -11.33 10.83
C GLY B 72 -2.34 -10.12 10.35
N ILE B 73 -1.70 -9.19 9.68
CA ILE B 73 -2.37 -8.02 9.13
C ILE B 73 -2.74 -8.31 7.67
N LYS B 74 -1.87 -9.03 6.98
CA LYS B 74 -2.09 -9.37 5.58
C LYS B 74 -1.10 -10.43 5.12
N GLY A 1 -0.60 17.43 -0.01
CA GLY A 1 -1.18 16.88 -1.26
C GLY A 1 -2.66 16.58 -1.12
N SER A 2 -3.30 16.24 -2.24
CA SER A 2 -4.72 15.94 -2.24
C SER A 2 -4.97 14.47 -1.87
N VAL A 3 -4.67 13.56 -2.79
CA VAL A 3 -4.84 12.13 -2.56
C VAL A 3 -3.86 11.30 -3.40
N PRO A 4 -2.95 10.52 -2.74
CA PRO A 4 -1.94 9.68 -3.42
C PRO A 4 -2.48 8.81 -4.57
N VAL A 5 -1.62 7.89 -5.03
CA VAL A 5 -1.98 6.89 -6.03
C VAL A 5 -2.09 5.57 -5.29
N ILE A 6 -3.28 4.98 -5.31
CA ILE A 6 -3.53 3.72 -4.58
C ILE A 6 -3.88 2.58 -5.52
N LEU A 7 -3.18 1.45 -5.35
CA LEU A 7 -3.45 0.25 -6.13
C LEU A 7 -3.89 -0.87 -5.18
N GLU A 8 -5.04 -1.46 -5.48
CA GLU A 8 -5.64 -2.50 -4.66
C GLU A 8 -5.76 -3.83 -5.39
N VAL A 9 -5.30 -4.89 -4.71
CA VAL A 9 -5.38 -6.25 -5.21
C VAL A 9 -6.69 -6.89 -4.74
N ALA A 10 -7.69 -6.89 -5.64
CA ALA A 10 -9.02 -7.41 -5.35
C ALA A 10 -9.08 -8.94 -5.36
N GLY A 11 -8.12 -9.59 -6.00
CA GLY A 11 -8.13 -11.05 -6.05
C GLY A 11 -6.95 -11.65 -6.78
N ILE A 12 -7.26 -12.40 -7.84
CA ILE A 12 -6.24 -13.03 -8.68
C ILE A 12 -6.30 -12.45 -10.08
N GLY A 13 -5.55 -11.37 -10.29
CA GLY A 13 -5.52 -10.74 -11.59
C GLY A 13 -6.43 -9.53 -11.71
N LYS A 14 -7.25 -9.27 -10.69
CA LYS A 14 -8.16 -8.13 -10.70
C LYS A 14 -7.64 -7.04 -9.77
N TYR A 15 -7.61 -5.81 -10.26
CA TYR A 15 -7.10 -4.69 -9.46
C TYR A 15 -7.96 -3.43 -9.61
N ALA A 16 -7.85 -2.59 -8.57
CA ALA A 16 -8.55 -1.32 -8.49
C ALA A 16 -7.54 -0.21 -8.25
N ILE A 17 -7.73 0.97 -8.86
CA ILE A 17 -6.77 2.06 -8.65
C ILE A 17 -7.46 3.38 -8.31
N SER A 18 -6.95 4.06 -7.30
CA SER A 18 -7.48 5.35 -6.89
C SER A 18 -6.47 6.45 -7.20
N ILE A 19 -6.85 7.30 -8.13
CA ILE A 19 -6.01 8.39 -8.60
C ILE A 19 -6.57 9.74 -8.13
N GLY A 20 -5.89 10.38 -7.18
CA GLY A 20 -6.33 11.68 -6.69
C GLY A 20 -7.83 11.75 -6.40
N GLY A 21 -8.35 10.76 -5.67
CA GLY A 21 -9.77 10.77 -5.33
C GLY A 21 -10.64 9.95 -6.28
N GLU A 22 -10.22 9.78 -7.53
CA GLU A 22 -11.02 9.00 -8.50
C GLU A 22 -10.64 7.53 -8.46
N ARG A 23 -11.64 6.67 -8.29
CA ARG A 23 -11.43 5.23 -8.20
C ARG A 23 -11.85 4.50 -9.48
N GLN A 24 -10.98 3.61 -9.96
CA GLN A 24 -11.27 2.80 -11.16
C GLN A 24 -11.23 1.32 -10.78
N GLU A 25 -12.30 0.59 -11.13
CA GLU A 25 -12.40 -0.83 -10.79
C GLU A 25 -12.46 -1.72 -12.03
N GLY A 26 -12.05 -2.99 -11.86
CA GLY A 26 -12.09 -3.94 -12.95
C GLY A 26 -10.90 -3.83 -13.88
N LEU A 27 -9.76 -3.37 -13.38
CA LEU A 27 -8.58 -3.19 -14.22
C LEU A 27 -7.73 -4.46 -14.28
N THR A 28 -7.06 -4.63 -15.42
CA THR A 28 -6.16 -5.76 -15.66
C THR A 28 -4.74 -5.40 -15.27
N GLU A 29 -3.83 -6.36 -15.30
CA GLU A 29 -2.44 -6.10 -14.94
C GLU A 29 -1.76 -5.20 -15.97
N GLU A 30 -1.95 -5.48 -17.26
CA GLU A 30 -1.36 -4.66 -18.32
C GLU A 30 -1.89 -3.23 -18.27
N MET A 31 -3.19 -3.09 -17.99
CA MET A 31 -3.82 -1.78 -17.91
C MET A 31 -3.39 -1.03 -16.65
N VAL A 32 -3.27 -1.72 -15.52
CA VAL A 32 -2.85 -1.10 -14.27
C VAL A 32 -1.44 -0.50 -14.44
N THR A 33 -0.60 -1.20 -15.22
CA THR A 33 0.75 -0.75 -15.50
C THR A 33 0.71 0.56 -16.28
N GLN A 34 -0.08 0.54 -17.37
CA GLN A 34 -0.26 1.71 -18.24
C GLN A 34 -0.64 2.96 -17.44
N LEU A 35 -1.66 2.81 -16.61
CA LEU A 35 -2.14 3.90 -15.77
C LEU A 35 -1.11 4.34 -14.74
N SER A 36 -0.52 3.38 -14.03
CA SER A 36 0.49 3.68 -13.02
C SER A 36 1.66 4.46 -13.61
N ARG A 37 2.12 4.01 -14.78
CA ARG A 37 3.24 4.65 -15.48
C ARG A 37 2.86 6.06 -15.94
N GLN A 38 1.66 6.23 -16.49
CA GLN A 38 1.23 7.53 -16.98
C GLN A 38 1.09 8.53 -15.82
N GLU A 39 0.59 8.09 -14.68
CA GLU A 39 0.42 8.98 -13.55
C GLU A 39 1.76 9.38 -12.95
N PHE A 40 2.71 8.43 -12.91
CA PHE A 40 4.03 8.71 -12.36
C PHE A 40 4.85 9.62 -13.27
N ASP A 41 4.66 9.55 -14.59
CA ASP A 41 5.41 10.40 -15.51
C ASP A 41 4.90 11.84 -15.47
N LYS A 42 3.63 12.02 -15.10
CA LYS A 42 3.05 13.36 -15.02
C LYS A 42 3.37 14.00 -13.67
N ASP A 43 3.37 13.19 -12.60
CA ASP A 43 3.68 13.66 -11.26
C ASP A 43 4.76 12.78 -10.64
N ASN A 44 5.95 13.33 -10.46
CA ASN A 44 7.07 12.59 -9.90
C ASN A 44 7.03 12.47 -8.38
N ASN A 45 6.18 13.27 -7.71
CA ASN A 45 6.09 13.19 -6.24
C ASN A 45 4.85 12.43 -5.78
N THR A 46 4.28 11.61 -6.67
CA THR A 46 3.08 10.85 -6.37
C THR A 46 3.35 9.73 -5.37
N LEU A 47 2.71 9.79 -4.20
CA LEU A 47 2.88 8.74 -3.20
C LEU A 47 2.22 7.45 -3.70
N PHE A 48 3.01 6.39 -3.84
CA PHE A 48 2.49 5.11 -4.33
C PHE A 48 2.34 4.12 -3.18
N LEU A 49 1.14 3.54 -3.09
CA LEU A 49 0.82 2.58 -2.03
C LEU A 49 0.04 1.39 -2.58
N VAL A 50 0.36 0.20 -2.07
CA VAL A 50 -0.28 -1.04 -2.52
C VAL A 50 -0.93 -1.80 -1.36
N GLY A 51 -2.17 -2.24 -1.56
CA GLY A 51 -2.88 -2.99 -0.53
C GLY A 51 -3.67 -4.15 -1.12
N GLY A 52 -3.75 -5.24 -0.37
CA GLY A 52 -4.48 -6.42 -0.83
C GLY A 52 -5.58 -6.83 0.12
N ALA A 53 -6.60 -7.53 -0.41
CA ALA A 53 -7.72 -7.97 0.40
C ALA A 53 -7.37 -9.22 1.22
N LYS A 54 -8.21 -9.52 2.20
CA LYS A 54 -7.99 -10.68 3.08
C LYS A 54 -7.99 -12.01 2.33
N GLU A 55 -8.71 -12.08 1.22
CA GLU A 55 -8.80 -13.31 0.43
C GLU A 55 -7.67 -13.47 -0.60
N VAL A 56 -6.76 -12.50 -0.71
CA VAL A 56 -5.66 -12.59 -1.68
C VAL A 56 -4.37 -13.18 -1.06
N PRO A 57 -3.69 -14.12 -1.75
CA PRO A 57 -2.43 -14.70 -1.24
C PRO A 57 -1.34 -13.62 -1.19
N TYR A 58 -0.46 -13.65 -0.19
CA TYR A 58 0.59 -12.64 -0.07
C TYR A 58 1.53 -12.68 -1.28
N GLU A 59 1.76 -13.88 -1.82
CA GLU A 59 2.64 -14.04 -2.98
C GLU A 59 2.16 -13.14 -4.14
N GLU A 60 0.84 -12.90 -4.23
CA GLU A 60 0.32 -12.08 -5.31
C GLU A 60 0.61 -10.61 -5.05
N VAL A 61 0.60 -10.22 -3.77
CA VAL A 61 0.89 -8.84 -3.41
C VAL A 61 2.33 -8.52 -3.80
N ILE A 62 3.23 -9.50 -3.58
CA ILE A 62 4.63 -9.34 -3.95
C ILE A 62 4.75 -9.10 -5.45
N LYS A 63 4.06 -9.94 -6.22
CA LYS A 63 4.02 -9.81 -7.67
C LYS A 63 3.55 -8.41 -8.09
N ALA A 64 2.49 -7.92 -7.45
CA ALA A 64 1.95 -6.58 -7.74
C ALA A 64 3.02 -5.52 -7.52
N LEU A 65 3.66 -5.57 -6.35
CA LEU A 65 4.74 -4.63 -6.02
C LEU A 65 5.87 -4.79 -7.06
N ASN A 66 6.12 -6.03 -7.45
CA ASN A 66 7.14 -6.36 -8.44
C ASN A 66 6.81 -5.69 -9.78
N LEU A 67 5.53 -5.73 -10.17
CA LEU A 67 5.11 -5.15 -11.45
C LEU A 67 5.35 -3.64 -11.46
N LEU A 68 5.07 -3.01 -10.32
CA LEU A 68 5.25 -1.57 -10.20
C LEU A 68 6.73 -1.21 -10.32
N HIS A 69 7.59 -2.02 -9.70
CA HIS A 69 9.03 -1.79 -9.77
C HIS A 69 9.51 -1.93 -11.21
N LEU A 70 8.95 -2.90 -11.94
CA LEU A 70 9.33 -3.13 -13.33
C LEU A 70 9.09 -1.88 -14.18
N ALA A 71 7.99 -1.17 -13.92
CA ALA A 71 7.69 0.05 -14.69
C ALA A 71 8.30 1.32 -14.07
N GLY A 72 9.18 1.14 -13.07
CA GLY A 72 9.82 2.24 -12.37
C GLY A 72 8.89 3.11 -11.54
N ILE A 73 7.97 2.50 -10.80
CA ILE A 73 7.07 3.23 -9.93
C ILE A 73 7.69 3.33 -8.52
N LYS A 74 8.43 2.29 -8.13
CA LYS A 74 9.09 2.26 -6.83
C LYS A 74 10.52 2.78 -6.92
N GLY B 1 -16.96 2.42 3.24
CA GLY B 1 -16.14 2.71 4.44
C GLY B 1 -15.67 4.15 4.50
N SER B 2 -15.07 4.55 5.61
CA SER B 2 -14.58 5.90 5.79
C SER B 2 -13.17 6.06 5.21
N VAL B 3 -12.19 5.50 5.89
CA VAL B 3 -10.80 5.56 5.44
C VAL B 3 -9.98 4.36 5.94
N PRO B 4 -9.45 3.51 5.02
CA PRO B 4 -8.66 2.31 5.38
C PRO B 4 -7.55 2.53 6.41
N VAL B 5 -6.69 1.52 6.56
CA VAL B 5 -5.51 1.60 7.41
C VAL B 5 -4.32 1.69 6.47
N ILE B 6 -3.57 2.78 6.56
CA ILE B 6 -2.43 3.02 5.67
C ILE B 6 -1.11 3.08 6.43
N LEU B 7 -0.13 2.30 5.95
CA LEU B 7 1.21 2.29 6.54
C LEU B 7 2.20 2.77 5.48
N GLU B 8 2.97 3.79 5.84
CA GLU B 8 3.94 4.40 4.95
C GLU B 8 5.38 4.25 5.44
N VAL B 9 6.25 3.82 4.52
CA VAL B 9 7.68 3.65 4.76
C VAL B 9 8.41 4.95 4.41
N ALA B 10 8.67 5.76 5.43
CA ALA B 10 9.32 7.07 5.26
C ALA B 10 10.82 6.96 5.00
N GLY B 11 11.42 5.83 5.36
CA GLY B 11 12.85 5.68 5.15
C GLY B 11 13.39 4.32 5.60
N ILE B 12 14.38 4.37 6.49
CA ILE B 12 14.99 3.16 7.03
C ILE B 12 14.65 3.04 8.51
N GLY B 13 13.53 2.39 8.80
CA GLY B 13 13.11 2.18 10.16
C GLY B 13 12.06 3.18 10.65
N LYS B 14 11.75 4.20 9.84
CA LYS B 14 10.77 5.21 10.19
C LYS B 14 9.48 4.98 9.39
N TYR B 15 8.34 4.99 10.10
CA TYR B 15 7.05 4.76 9.45
C TYR B 15 5.95 5.69 9.96
N ALA B 16 4.96 5.87 9.08
CA ALA B 16 3.80 6.70 9.34
C ALA B 16 2.54 5.87 9.15
N ILE B 17 1.52 6.07 9.98
CA ILE B 17 0.28 5.29 9.83
C ILE B 17 -0.96 6.17 9.85
N SER B 18 -1.87 5.91 8.91
CA SER B 18 -3.12 6.64 8.82
C SER B 18 -4.27 5.72 9.17
N ILE B 19 -4.91 6.02 10.29
CA ILE B 19 -6.02 5.23 10.80
C ILE B 19 -7.33 6.00 10.69
N GLY B 20 -8.20 5.58 9.77
CA GLY B 20 -9.49 6.23 9.59
C GLY B 20 -9.41 7.75 9.55
N GLY B 21 -8.49 8.29 8.76
CA GLY B 21 -8.35 9.74 8.64
C GLY B 21 -7.29 10.34 9.55
N GLU B 22 -6.97 9.68 10.68
CA GLU B 22 -5.96 10.22 11.60
C GLU B 22 -4.57 9.69 11.23
N ARG B 23 -3.62 10.62 11.07
CA ARG B 23 -2.25 10.27 10.68
C ARG B 23 -1.27 10.37 11.86
N GLN B 24 -0.45 9.33 12.05
CA GLN B 24 0.57 9.31 13.11
C GLN B 24 1.95 9.19 12.46
N GLU B 25 2.86 10.10 12.84
CA GLU B 25 4.22 10.11 12.27
C GLU B 25 5.29 9.85 13.31
N GLY B 26 6.45 9.35 12.86
CA GLY B 26 7.56 9.09 13.75
C GLY B 26 7.44 7.77 14.49
N LEU B 27 6.75 6.80 13.91
CA LEU B 27 6.55 5.51 14.57
C LEU B 27 7.68 4.53 14.27
N THR B 28 7.95 3.65 15.24
CA THR B 28 8.97 2.62 15.13
C THR B 28 8.36 1.34 14.60
N GLU B 29 9.19 0.34 14.29
CA GLU B 29 8.69 -0.93 13.78
C GLU B 29 7.88 -1.67 14.85
N GLU B 30 8.38 -1.74 16.08
CA GLU B 30 7.67 -2.43 17.16
C GLU B 30 6.34 -1.74 17.45
N MET B 31 6.34 -0.42 17.41
CA MET B 31 5.12 0.35 17.66
C MET B 31 4.12 0.23 16.52
N VAL B 32 4.62 0.24 15.27
CA VAL B 32 3.74 0.12 14.11
C VAL B 32 2.99 -1.23 14.16
N THR B 33 3.69 -2.25 14.66
CA THR B 33 3.11 -3.59 14.79
C THR B 33 1.96 -3.53 15.79
N GLN B 34 2.25 -2.96 16.98
CA GLN B 34 1.27 -2.82 18.06
C GLN B 34 -0.02 -2.18 17.57
N LEU B 35 0.13 -1.05 16.89
CA LEU B 35 -1.00 -0.31 16.35
C LEU B 35 -1.73 -1.08 15.26
N SER B 36 -0.99 -1.64 14.32
CA SER B 36 -1.59 -2.41 13.23
C SER B 36 -2.41 -3.58 13.76
N ARG B 37 -1.85 -4.29 14.75
CA ARG B 37 -2.51 -5.43 15.36
C ARG B 37 -3.77 -5.00 16.12
N GLN B 38 -3.68 -3.91 16.87
CA GLN B 38 -4.82 -3.42 17.65
C GLN B 38 -5.96 -2.98 16.74
N GLU B 39 -5.64 -2.33 15.62
CA GLU B 39 -6.67 -1.87 14.70
C GLU B 39 -7.33 -3.04 13.98
N PHE B 40 -6.54 -4.07 13.64
CA PHE B 40 -7.09 -5.22 12.94
C PHE B 40 -7.95 -6.09 13.86
N ASP B 41 -7.63 -6.14 15.16
CA ASP B 41 -8.42 -6.96 16.09
C ASP B 41 -9.76 -6.30 16.39
N LYS B 42 -9.83 -4.97 16.27
CA LYS B 42 -11.08 -4.25 16.52
C LYS B 42 -11.95 -4.24 15.27
N ASP B 43 -11.33 -4.15 14.09
CA ASP B 43 -12.05 -4.16 12.82
C ASP B 43 -11.44 -5.20 11.88
N ASN B 44 -12.18 -6.28 11.63
CA ASN B 44 -11.69 -7.36 10.78
C ASN B 44 -11.81 -7.05 9.29
N ASN B 45 -12.58 -6.02 8.90
CA ASN B 45 -12.73 -5.68 7.49
C ASN B 45 -11.89 -4.46 7.10
N THR B 46 -10.87 -4.15 7.91
CA THR B 46 -10.01 -3.00 7.67
C THR B 46 -9.11 -3.21 6.45
N LEU B 47 -9.27 -2.38 5.42
CA LEU B 47 -8.43 -2.48 4.23
C LEU B 47 -7.00 -2.06 4.59
N PHE B 48 -6.04 -2.96 4.42
CA PHE B 48 -4.64 -2.68 4.73
C PHE B 48 -3.84 -2.42 3.46
N LEU B 49 -3.12 -1.30 3.45
CA LEU B 49 -2.32 -0.91 2.31
C LEU B 49 -0.95 -0.37 2.74
N VAL B 50 0.08 -0.72 1.98
CA VAL B 50 1.46 -0.31 2.30
C VAL B 50 2.10 0.46 1.13
N GLY B 51 2.73 1.60 1.44
CA GLY B 51 3.40 2.39 0.42
C GLY B 51 4.73 2.93 0.92
N GLY B 52 5.70 3.03 0.00
CA GLY B 52 7.02 3.53 0.35
C GLY B 52 7.41 4.74 -0.47
N ALA B 53 8.31 5.56 0.06
CA ALA B 53 8.77 6.76 -0.63
C ALA B 53 9.80 6.42 -1.69
N LYS B 54 10.08 7.38 -2.57
CA LYS B 54 11.03 7.21 -3.67
C LYS B 54 12.45 6.92 -3.19
N GLU B 55 12.80 7.42 -2.01
CA GLU B 55 14.14 7.25 -1.45
C GLU B 55 14.31 5.94 -0.66
N VAL B 56 13.25 5.13 -0.52
CA VAL B 56 13.35 3.88 0.24
C VAL B 56 13.65 2.67 -0.67
N PRO B 57 14.59 1.77 -0.27
CA PRO B 57 14.89 0.58 -1.07
C PRO B 57 13.69 -0.37 -1.10
N TYR B 58 13.43 -1.05 -2.22
CA TYR B 58 12.29 -1.96 -2.31
C TYR B 58 12.39 -3.09 -1.29
N GLU B 59 13.63 -3.54 -1.02
CA GLU B 59 13.84 -4.62 -0.05
C GLU B 59 13.22 -4.27 1.31
N GLU B 60 13.18 -2.97 1.64
CA GLU B 60 12.62 -2.56 2.93
C GLU B 60 11.10 -2.64 2.90
N VAL B 61 10.52 -2.37 1.73
CA VAL B 61 9.07 -2.45 1.57
C VAL B 61 8.62 -3.88 1.78
N ILE B 62 9.41 -4.83 1.25
CA ILE B 62 9.14 -6.25 1.42
C ILE B 62 9.12 -6.60 2.91
N LYS B 63 10.16 -6.15 3.60
CA LYS B 63 10.27 -6.36 5.05
C LYS B 63 9.04 -5.83 5.77
N ALA B 64 8.60 -4.61 5.41
CA ALA B 64 7.41 -4.01 6.02
C ALA B 64 6.19 -4.90 5.83
N LEU B 65 5.96 -5.33 4.59
CA LEU B 65 4.84 -6.22 4.28
C LEU B 65 5.01 -7.53 5.07
N ASN B 66 6.26 -7.97 5.18
CA ASN B 66 6.60 -9.17 5.93
C ASN B 66 6.21 -9.02 7.40
N LEU B 67 6.48 -7.84 7.98
CA LEU B 67 6.17 -7.60 9.39
C LEU B 67 4.67 -7.66 9.63
N LEU B 68 3.90 -7.13 8.68
CA LEU B 68 2.44 -7.13 8.79
C LEU B 68 1.92 -8.56 8.75
N HIS B 69 2.49 -9.37 7.87
CA HIS B 69 2.09 -10.78 7.75
C HIS B 69 2.39 -11.52 9.05
N LEU B 70 3.53 -11.21 9.66
CA LEU B 70 3.93 -11.84 10.92
C LEU B 70 2.88 -11.62 12.01
N ALA B 71 2.28 -10.44 12.05
CA ALA B 71 1.26 -10.14 13.07
C ALA B 71 -0.16 -10.50 12.59
N GLY B 72 -0.27 -11.19 11.45
CA GLY B 72 -1.53 -11.57 10.87
C GLY B 72 -2.39 -10.43 10.37
N ILE B 73 -1.79 -9.47 9.69
CA ILE B 73 -2.54 -8.35 9.11
C ILE B 73 -2.93 -8.69 7.67
N LYS B 74 -2.09 -9.48 6.99
CA LYS B 74 -2.36 -9.88 5.61
C LYS B 74 -3.04 -11.24 5.57
N GLY A 1 -0.48 17.43 -0.05
CA GLY A 1 -1.06 16.84 -1.29
C GLY A 1 -2.55 16.57 -1.15
N SER A 2 -3.20 16.22 -2.26
CA SER A 2 -4.62 15.93 -2.26
C SER A 2 -4.88 14.47 -1.89
N VAL A 3 -4.59 13.55 -2.81
CA VAL A 3 -4.80 12.12 -2.58
C VAL A 3 -3.82 11.27 -3.41
N PRO A 4 -2.91 10.49 -2.75
CA PRO A 4 -1.91 9.64 -3.44
C PRO A 4 -2.47 8.77 -4.58
N VAL A 5 -1.62 7.84 -5.05
CA VAL A 5 -2.00 6.86 -6.04
C VAL A 5 -2.11 5.52 -5.30
N ILE A 6 -3.30 4.93 -5.31
CA ILE A 6 -3.55 3.69 -4.57
C ILE A 6 -3.90 2.53 -5.50
N LEU A 7 -3.21 1.41 -5.34
CA LEU A 7 -3.47 0.20 -6.11
C LEU A 7 -3.93 -0.90 -5.15
N GLU A 8 -5.08 -1.47 -5.45
CA GLU A 8 -5.69 -2.52 -4.62
C GLU A 8 -5.82 -3.85 -5.35
N VAL A 9 -5.39 -4.91 -4.67
CA VAL A 9 -5.47 -6.28 -5.17
C VAL A 9 -6.79 -6.91 -4.71
N ALA A 10 -7.78 -6.91 -5.62
CA ALA A 10 -9.12 -7.43 -5.33
C ALA A 10 -9.19 -8.95 -5.34
N GLY A 11 -8.22 -9.61 -5.99
CA GLY A 11 -8.24 -11.06 -6.04
C GLY A 11 -7.06 -11.67 -6.78
N ILE A 12 -7.36 -12.41 -7.84
CA ILE A 12 -6.36 -13.05 -8.67
C ILE A 12 -6.41 -12.48 -10.08
N GLY A 13 -5.67 -11.40 -10.29
CA GLY A 13 -5.63 -10.76 -11.60
C GLY A 13 -6.54 -9.55 -11.72
N LYS A 14 -7.36 -9.28 -10.70
CA LYS A 14 -8.26 -8.13 -10.70
C LYS A 14 -7.73 -7.05 -9.76
N TYR A 15 -7.70 -5.81 -10.24
CA TYR A 15 -7.20 -4.70 -9.43
C TYR A 15 -8.04 -3.44 -9.57
N ALA A 16 -7.94 -2.61 -8.53
CA ALA A 16 -8.64 -1.33 -8.43
C ALA A 16 -7.62 -0.23 -8.20
N ILE A 17 -7.81 0.94 -8.80
CA ILE A 17 -6.84 2.04 -8.61
C ILE A 17 -7.53 3.36 -8.29
N SER A 18 -7.00 4.04 -7.27
CA SER A 18 -7.52 5.34 -6.86
C SER A 18 -6.50 6.42 -7.19
N ILE A 19 -6.88 7.29 -8.11
CA ILE A 19 -6.03 8.37 -8.57
C ILE A 19 -6.57 9.72 -8.13
N GLY A 20 -5.88 10.35 -7.17
CA GLY A 20 -6.30 11.67 -6.69
C GLY A 20 -7.80 11.76 -6.38
N GLY A 21 -8.33 10.78 -5.65
CA GLY A 21 -9.74 10.80 -5.31
C GLY A 21 -10.63 10.00 -6.24
N GLU A 22 -10.22 9.81 -7.50
CA GLU A 22 -11.04 9.04 -8.45
C GLU A 22 -10.66 7.56 -8.40
N ARG A 23 -11.68 6.71 -8.24
CA ARG A 23 -11.48 5.26 -8.14
C ARG A 23 -11.90 4.54 -9.42
N GLN A 24 -11.01 3.65 -9.91
CA GLN A 24 -11.31 2.85 -11.11
C GLN A 24 -11.28 1.36 -10.73
N GLU A 25 -12.33 0.63 -11.08
CA GLU A 25 -12.43 -0.80 -10.76
C GLU A 25 -12.48 -1.68 -12.00
N GLY A 26 -12.03 -2.93 -11.84
CA GLY A 26 -12.05 -3.89 -12.93
C GLY A 26 -10.85 -3.78 -13.86
N LEU A 27 -9.72 -3.30 -13.35
CA LEU A 27 -8.54 -3.15 -14.19
C LEU A 27 -7.68 -4.41 -14.24
N THR A 28 -7.02 -4.60 -15.39
CA THR A 28 -6.14 -5.74 -15.63
C THR A 28 -4.71 -5.38 -15.24
N GLU A 29 -3.81 -6.36 -15.27
CA GLU A 29 -2.42 -6.10 -14.92
C GLU A 29 -1.75 -5.20 -15.96
N GLU A 30 -1.94 -5.48 -17.24
CA GLU A 30 -1.35 -4.65 -18.30
C GLU A 30 -1.90 -3.23 -18.26
N MET A 31 -3.20 -3.11 -17.96
CA MET A 31 -3.84 -1.80 -17.87
C MET A 31 -3.40 -1.04 -16.63
N VAL A 32 -3.29 -1.75 -15.49
CA VAL A 32 -2.87 -1.10 -14.25
C VAL A 32 -1.47 -0.50 -14.42
N THR A 33 -0.63 -1.19 -15.20
CA THR A 33 0.73 -0.72 -15.48
C THR A 33 0.68 0.58 -16.26
N GLN A 34 -0.12 0.58 -17.34
CA GLN A 34 -0.29 1.75 -18.21
C GLN A 34 -0.66 3.00 -17.41
N LEU A 35 -1.68 2.87 -16.57
CA LEU A 35 -2.14 3.98 -15.74
C LEU A 35 -1.10 4.40 -14.72
N SER A 36 -0.52 3.43 -14.01
CA SER A 36 0.49 3.72 -13.00
C SER A 36 1.68 4.47 -13.59
N ARG A 37 2.13 4.02 -14.77
CA ARG A 37 3.24 4.64 -15.47
C ARG A 37 2.91 6.06 -15.93
N GLN A 38 1.71 6.24 -16.48
CA GLN A 38 1.29 7.55 -16.96
C GLN A 38 1.17 8.56 -15.82
N GLU A 39 0.66 8.11 -14.67
CA GLU A 39 0.51 9.01 -13.54
C GLU A 39 1.86 9.39 -12.95
N PHE A 40 2.80 8.45 -12.92
CA PHE A 40 4.11 8.72 -12.37
C PHE A 40 4.95 9.62 -13.27
N ASP A 41 4.75 9.54 -14.60
CA ASP A 41 5.50 10.39 -15.52
C ASP A 41 5.00 11.84 -15.49
N LYS A 42 3.73 12.02 -15.12
CA LYS A 42 3.15 13.37 -15.04
C LYS A 42 3.47 14.01 -13.68
N ASP A 43 3.47 13.20 -12.63
CA ASP A 43 3.77 13.67 -11.28
C ASP A 43 4.85 12.78 -10.65
N ASN A 44 6.06 13.31 -10.53
CA ASN A 44 7.18 12.55 -9.97
C ASN A 44 7.14 12.46 -8.45
N ASN A 45 6.24 13.19 -7.78
CA ASN A 45 6.15 13.13 -6.31
C ASN A 45 4.89 12.38 -5.84
N THR A 46 4.33 11.56 -6.74
CA THR A 46 3.11 10.80 -6.44
C THR A 46 3.39 9.69 -5.43
N LEU A 47 2.77 9.76 -4.25
CA LEU A 47 2.93 8.71 -3.24
C LEU A 47 2.26 7.43 -3.75
N PHE A 48 3.03 6.36 -3.87
CA PHE A 48 2.50 5.08 -4.34
C PHE A 48 2.33 4.10 -3.19
N LEU A 49 1.15 3.53 -3.08
CA LEU A 49 0.82 2.58 -2.03
C LEU A 49 0.03 1.39 -2.57
N VAL A 50 0.35 0.20 -2.06
CA VAL A 50 -0.29 -1.04 -2.51
C VAL A 50 -0.94 -1.81 -1.36
N GLY A 51 -2.19 -2.24 -1.55
CA GLY A 51 -2.90 -2.99 -0.52
C GLY A 51 -3.64 -4.18 -1.13
N GLY A 52 -3.70 -5.27 -0.37
CA GLY A 52 -4.39 -6.47 -0.83
C GLY A 52 -5.51 -6.88 0.11
N ALA A 53 -6.50 -7.59 -0.43
CA ALA A 53 -7.64 -8.04 0.37
C ALA A 53 -7.31 -9.28 1.19
N LYS A 54 -8.16 -9.57 2.18
CA LYS A 54 -7.98 -10.72 3.07
C LYS A 54 -7.97 -12.05 2.32
N GLU A 55 -8.72 -12.15 1.23
CA GLU A 55 -8.80 -13.37 0.43
C GLU A 55 -7.66 -13.50 -0.58
N VAL A 56 -6.80 -12.49 -0.69
CA VAL A 56 -5.68 -12.54 -1.65
C VAL A 56 -4.42 -13.15 -1.00
N PRO A 57 -3.72 -14.07 -1.71
CA PRO A 57 -2.47 -14.64 -1.20
C PRO A 57 -1.39 -13.58 -1.15
N TYR A 58 -0.51 -13.60 -0.15
CA TYR A 58 0.54 -12.60 -0.05
C TYR A 58 1.48 -12.65 -1.25
N GLU A 59 1.70 -13.84 -1.79
CA GLU A 59 2.58 -14.01 -2.95
C GLU A 59 2.11 -13.12 -4.11
N GLU A 60 0.79 -12.88 -4.20
CA GLU A 60 0.26 -12.07 -5.28
C GLU A 60 0.57 -10.59 -5.04
N VAL A 61 0.56 -10.20 -3.76
CA VAL A 61 0.86 -8.82 -3.41
C VAL A 61 2.31 -8.51 -3.80
N ILE A 62 3.19 -9.48 -3.58
CA ILE A 62 4.60 -9.33 -3.94
C ILE A 62 4.71 -9.10 -5.45
N LYS A 63 4.01 -9.94 -6.21
CA LYS A 63 3.98 -9.82 -7.67
C LYS A 63 3.51 -8.41 -8.09
N ALA A 64 2.46 -7.92 -7.45
CA ALA A 64 1.93 -6.58 -7.74
C ALA A 64 3.00 -5.51 -7.53
N LEU A 65 3.65 -5.57 -6.35
CA LEU A 65 4.73 -4.63 -6.04
C LEU A 65 5.86 -4.79 -7.06
N ASN A 66 6.10 -6.05 -7.45
CA ASN A 66 7.11 -6.38 -8.44
C ASN A 66 6.79 -5.72 -9.79
N LEU A 67 5.50 -5.75 -10.18
CA LEU A 67 5.09 -5.17 -11.45
C LEU A 67 5.33 -3.66 -11.47
N LEU A 68 5.06 -3.02 -10.34
CA LEU A 68 5.25 -1.58 -10.20
C LEU A 68 6.72 -1.24 -10.34
N HIS A 69 7.58 -2.04 -9.73
CA HIS A 69 9.03 -1.83 -9.80
C HIS A 69 9.51 -1.97 -11.24
N LEU A 70 8.95 -2.94 -11.96
CA LEU A 70 9.31 -3.17 -13.35
C LEU A 70 9.08 -1.93 -14.22
N ALA A 71 8.00 -1.21 -13.96
CA ALA A 71 7.69 0.01 -14.74
C ALA A 71 8.34 1.27 -14.12
N GLY A 72 9.21 1.08 -13.15
CA GLY A 72 9.87 2.17 -12.44
C GLY A 72 8.96 3.06 -11.61
N ILE A 73 8.05 2.45 -10.87
CA ILE A 73 7.16 3.21 -9.99
C ILE A 73 7.79 3.30 -8.59
N LYS A 74 8.55 2.27 -8.20
CA LYS A 74 9.20 2.24 -6.90
C LYS A 74 10.69 1.96 -7.07
N GLY B 1 -16.98 2.31 3.27
CA GLY B 1 -16.13 2.60 4.46
C GLY B 1 -15.68 4.06 4.51
N SER B 2 -15.06 4.44 5.62
CA SER B 2 -14.58 5.81 5.79
C SER B 2 -13.18 5.97 5.21
N VAL B 3 -12.17 5.42 5.91
CA VAL B 3 -10.79 5.51 5.44
C VAL B 3 -9.96 4.31 5.95
N PRO B 4 -9.43 3.46 5.03
CA PRO B 4 -8.62 2.27 5.38
C PRO B 4 -7.51 2.51 6.42
N VAL B 5 -6.65 1.50 6.57
CA VAL B 5 -5.47 1.59 7.42
C VAL B 5 -4.28 1.69 6.47
N ILE B 6 -3.53 2.79 6.56
CA ILE B 6 -2.40 3.03 5.67
C ILE B 6 -1.07 3.09 6.42
N LEU B 7 -0.10 2.32 5.94
CA LEU B 7 1.25 2.30 6.52
C LEU B 7 2.23 2.81 5.46
N GLU B 8 3.01 3.82 5.83
CA GLU B 8 3.97 4.45 4.92
C GLU B 8 5.41 4.30 5.42
N VAL B 9 6.27 3.88 4.49
CA VAL B 9 7.71 3.73 4.74
C VAL B 9 8.43 5.04 4.39
N ALA B 10 8.69 5.84 5.43
CA ALA B 10 9.34 7.14 5.27
C ALA B 10 10.85 7.04 5.02
N GLY B 11 11.46 5.91 5.37
CA GLY B 11 12.88 5.75 5.17
C GLY B 11 13.42 4.41 5.62
N ILE B 12 14.42 4.46 6.51
CA ILE B 12 15.03 3.25 7.05
C ILE B 12 14.69 3.12 8.53
N GLY B 13 13.56 2.48 8.82
CA GLY B 13 13.15 2.27 10.19
C GLY B 13 12.09 3.25 10.67
N LYS B 14 11.78 4.27 9.86
CA LYS B 14 10.78 5.28 10.22
C LYS B 14 9.51 5.04 9.41
N TYR B 15 8.37 5.06 10.11
CA TYR B 15 7.09 4.84 9.44
C TYR B 15 5.98 5.77 9.92
N ALA B 16 4.99 5.94 9.05
CA ALA B 16 3.83 6.77 9.31
C ALA B 16 2.57 5.94 9.11
N ILE B 17 1.55 6.14 9.95
CA ILE B 17 0.32 5.35 9.80
C ILE B 17 -0.95 6.22 9.83
N SER B 18 -1.84 5.96 8.89
CA SER B 18 -3.11 6.68 8.81
C SER B 18 -4.24 5.75 9.16
N ILE B 19 -4.90 6.05 10.28
CA ILE B 19 -5.98 5.25 10.79
C ILE B 19 -7.31 5.99 10.68
N GLY B 20 -8.18 5.56 9.76
CA GLY B 20 -9.49 6.21 9.60
C GLY B 20 -9.42 7.73 9.55
N GLY B 21 -8.50 8.27 8.75
CA GLY B 21 -8.38 9.72 8.63
C GLY B 21 -7.33 10.34 9.54
N GLU B 22 -7.00 9.68 10.66
CA GLU B 22 -5.98 10.24 11.57
C GLU B 22 -4.60 9.74 11.19
N ARG B 23 -3.66 10.66 11.04
CA ARG B 23 -2.28 10.32 10.66
C ARG B 23 -1.30 10.42 11.83
N GLN B 24 -0.48 9.38 12.01
CA GLN B 24 0.53 9.36 13.08
C GLN B 24 1.92 9.24 12.43
N GLU B 25 2.84 10.13 12.81
CA GLU B 25 4.18 10.14 12.25
C GLU B 25 5.26 9.86 13.30
N GLY B 26 6.39 9.32 12.85
CA GLY B 26 7.50 9.03 13.74
C GLY B 26 7.38 7.72 14.48
N LEU B 27 6.68 6.76 13.90
CA LEU B 27 6.50 5.46 14.54
C LEU B 27 7.63 4.48 14.23
N THR B 28 7.91 3.62 15.21
CA THR B 28 8.94 2.59 15.11
C THR B 28 8.33 1.30 14.57
N GLU B 29 9.17 0.30 14.28
CA GLU B 29 8.67 -0.97 13.76
C GLU B 29 7.86 -1.71 14.83
N GLU B 30 8.36 -1.79 16.06
CA GLU B 30 7.65 -2.46 17.14
C GLU B 30 6.33 -1.76 17.44
N MET B 31 6.34 -0.42 17.38
CA MET B 31 5.14 0.36 17.64
C MET B 31 4.13 0.24 16.50
N VAL B 32 4.62 0.25 15.24
CA VAL B 32 3.74 0.13 14.08
C VAL B 32 2.98 -1.20 14.14
N THR B 33 3.66 -2.25 14.64
CA THR B 33 3.07 -3.57 14.79
C THR B 33 1.92 -3.51 15.79
N GLN B 34 2.21 -2.93 16.96
CA GLN B 34 1.23 -2.78 18.05
C GLN B 34 -0.07 -2.16 17.56
N LEU B 35 0.06 -1.02 16.88
CA LEU B 35 -1.09 -0.29 16.34
C LEU B 35 -1.81 -1.09 15.25
N SER B 36 -1.06 -1.64 14.31
CA SER B 36 -1.63 -2.42 13.22
C SER B 36 -2.44 -3.60 13.75
N ARG B 37 -1.88 -4.29 14.74
CA ARG B 37 -2.52 -5.45 15.36
C ARG B 37 -3.79 -5.05 16.11
N GLN B 38 -3.71 -3.95 16.87
CA GLN B 38 -4.85 -3.49 17.64
C GLN B 38 -6.00 -3.06 16.73
N GLU B 39 -5.69 -2.41 15.62
CA GLU B 39 -6.73 -1.96 14.70
C GLU B 39 -7.38 -3.13 13.98
N PHE B 40 -6.58 -4.15 13.64
CA PHE B 40 -7.12 -5.32 12.94
C PHE B 40 -7.98 -6.19 13.86
N ASP B 41 -7.67 -6.23 15.16
CA ASP B 41 -8.45 -7.04 16.09
C ASP B 41 -9.79 -6.39 16.41
N LYS B 42 -9.86 -5.06 16.28
CA LYS B 42 -11.10 -4.34 16.52
C LYS B 42 -11.99 -4.35 15.28
N ASP B 43 -11.37 -4.24 14.10
CA ASP B 43 -12.09 -4.26 12.83
C ASP B 43 -11.47 -5.29 11.90
N ASN B 44 -12.17 -6.40 11.68
CA ASN B 44 -11.67 -7.47 10.83
C ASN B 44 -11.82 -7.16 9.33
N ASN B 45 -12.52 -6.09 8.96
CA ASN B 45 -12.68 -5.75 7.55
C ASN B 45 -11.84 -4.52 7.16
N THR B 46 -10.83 -4.21 7.96
CA THR B 46 -9.96 -3.06 7.72
C THR B 46 -9.07 -3.25 6.49
N LEU B 47 -9.25 -2.44 5.47
CA LEU B 47 -8.40 -2.53 4.27
C LEU B 47 -6.99 -2.11 4.63
N PHE B 48 -6.02 -3.00 4.44
CA PHE B 48 -4.62 -2.70 4.75
C PHE B 48 -3.83 -2.45 3.48
N LEU B 49 -3.13 -1.31 3.46
CA LEU B 49 -2.32 -0.91 2.31
C LEU B 49 -0.96 -0.37 2.74
N VAL B 50 0.08 -0.72 1.98
CA VAL B 50 1.45 -0.30 2.30
C VAL B 50 2.11 0.46 1.14
N GLY B 51 2.73 1.61 1.45
CA GLY B 51 3.39 2.40 0.43
C GLY B 51 4.74 2.89 0.91
N GLY B 52 5.71 2.97 -0.01
CA GLY B 52 7.05 3.42 0.33
C GLY B 52 7.46 4.64 -0.47
N ALA B 53 8.37 5.44 0.07
CA ALA B 53 8.84 6.65 -0.60
C ALA B 53 9.88 6.34 -1.68
N LYS B 54 10.12 7.32 -2.55
CA LYS B 54 11.07 7.17 -3.66
C LYS B 54 12.50 6.88 -3.18
N GLU B 55 12.87 7.41 -2.02
CA GLU B 55 14.20 7.21 -1.46
C GLU B 55 14.34 5.90 -0.67
N VAL B 56 13.24 5.15 -0.51
CA VAL B 56 13.29 3.89 0.22
C VAL B 56 13.61 2.70 -0.71
N PRO B 57 14.52 1.79 -0.28
CA PRO B 57 14.85 0.61 -1.08
C PRO B 57 13.64 -0.34 -1.12
N TYR B 58 13.39 -1.02 -2.23
CA TYR B 58 12.25 -1.92 -2.31
C TYR B 58 12.35 -3.06 -1.29
N GLU B 59 13.58 -3.50 -1.02
CA GLU B 59 13.81 -4.58 -0.06
C GLU B 59 13.19 -4.24 1.30
N GLU B 60 13.15 -2.93 1.63
CA GLU B 60 12.60 -2.52 2.92
C GLU B 60 11.07 -2.62 2.90
N VAL B 61 10.49 -2.34 1.73
CA VAL B 61 9.04 -2.43 1.59
C VAL B 61 8.60 -3.87 1.80
N ILE B 62 9.39 -4.81 1.27
CA ILE B 62 9.12 -6.23 1.42
C ILE B 62 9.11 -6.58 2.91
N LYS B 63 10.15 -6.13 3.61
CA LYS B 63 10.26 -6.34 5.06
C LYS B 63 9.02 -5.82 5.79
N ALA B 64 8.59 -4.61 5.42
CA ALA B 64 7.39 -4.00 6.03
C ALA B 64 6.17 -4.90 5.85
N LEU B 65 5.95 -5.32 4.60
CA LEU B 65 4.84 -6.22 4.29
C LEU B 65 5.00 -7.52 5.08
N ASN B 66 6.26 -7.97 5.20
CA ASN B 66 6.60 -9.17 5.94
C ASN B 66 6.22 -9.02 7.42
N LEU B 67 6.48 -7.84 7.99
CA LEU B 67 6.18 -7.60 9.40
C LEU B 67 4.67 -7.67 9.65
N LEU B 68 3.91 -7.14 8.69
CA LEU B 68 2.45 -7.15 8.80
C LEU B 68 1.93 -8.59 8.77
N HIS B 69 2.51 -9.40 7.88
CA HIS B 69 2.12 -10.80 7.78
C HIS B 69 2.41 -11.53 9.08
N LEU B 70 3.55 -11.22 9.69
CA LEU B 70 3.96 -11.85 10.95
C LEU B 70 2.91 -11.64 12.04
N ALA B 71 2.30 -10.46 12.10
CA ALA B 71 1.28 -10.17 13.11
C ALA B 71 -0.13 -10.55 12.65
N GLY B 72 -0.23 -11.25 11.52
CA GLY B 72 -1.49 -11.66 10.93
C GLY B 72 -2.36 -10.53 10.43
N ILE B 73 -1.77 -9.57 9.74
CA ILE B 73 -2.52 -8.46 9.16
C ILE B 73 -2.92 -8.82 7.72
N LYS B 74 -2.08 -9.60 7.05
CA LYS B 74 -2.34 -10.01 5.67
C LYS B 74 -2.26 -11.54 5.54
N GLY A 1 -0.49 17.41 -0.13
CA GLY A 1 -1.08 16.79 -1.34
C GLY A 1 -2.56 16.50 -1.19
N SER A 2 -3.23 16.22 -2.31
CA SER A 2 -4.66 15.93 -2.29
C SER A 2 -4.92 14.47 -1.92
N VAL A 3 -4.62 13.55 -2.84
CA VAL A 3 -4.82 12.12 -2.60
C VAL A 3 -3.84 11.28 -3.43
N PRO A 4 -2.94 10.50 -2.77
CA PRO A 4 -1.94 9.64 -3.46
C PRO A 4 -2.48 8.77 -4.59
N VAL A 5 -1.63 7.84 -5.04
CA VAL A 5 -2.01 6.85 -6.04
C VAL A 5 -2.11 5.52 -5.30
N ILE A 6 -3.31 4.94 -5.30
CA ILE A 6 -3.55 3.69 -4.57
C ILE A 6 -3.91 2.54 -5.50
N LEU A 7 -3.22 1.40 -5.32
CA LEU A 7 -3.48 0.20 -6.10
C LEU A 7 -3.93 -0.91 -5.15
N GLU A 8 -5.10 -1.48 -5.45
CA GLU A 8 -5.71 -2.52 -4.63
C GLU A 8 -5.82 -3.86 -5.37
N VAL A 9 -5.38 -4.92 -4.69
CA VAL A 9 -5.44 -6.28 -5.20
C VAL A 9 -6.76 -6.93 -4.76
N ALA A 10 -7.74 -6.90 -5.66
CA ALA A 10 -9.08 -7.42 -5.37
C ALA A 10 -9.14 -8.96 -5.40
N GLY A 11 -8.17 -9.60 -6.04
CA GLY A 11 -8.19 -11.06 -6.10
C GLY A 11 -6.99 -11.65 -6.83
N ILE A 12 -7.29 -12.39 -7.90
CA ILE A 12 -6.26 -13.01 -8.73
C ILE A 12 -6.32 -12.43 -10.14
N GLY A 13 -5.59 -11.34 -10.34
CA GLY A 13 -5.55 -10.70 -11.63
C GLY A 13 -6.47 -9.49 -11.75
N LYS A 14 -7.30 -9.25 -10.74
CA LYS A 14 -8.21 -8.11 -10.73
C LYS A 14 -7.69 -7.03 -9.79
N TYR A 15 -7.67 -5.79 -10.26
CA TYR A 15 -7.18 -4.68 -9.46
C TYR A 15 -8.03 -3.42 -9.59
N ALA A 16 -7.93 -2.59 -8.55
CA ALA A 16 -8.63 -1.32 -8.45
C ALA A 16 -7.62 -0.21 -8.22
N ILE A 17 -7.81 0.96 -8.83
CA ILE A 17 -6.85 2.05 -8.63
C ILE A 17 -7.53 3.39 -8.31
N SER A 18 -7.00 4.07 -7.30
CA SER A 18 -7.52 5.37 -6.90
C SER A 18 -6.51 6.44 -7.22
N ILE A 19 -6.88 7.31 -8.14
CA ILE A 19 -6.02 8.38 -8.60
C ILE A 19 -6.57 9.74 -8.15
N GLY A 20 -5.88 10.38 -7.19
CA GLY A 20 -6.31 11.70 -6.71
C GLY A 20 -7.80 11.79 -6.40
N GLY A 21 -8.33 10.80 -5.68
CA GLY A 21 -9.74 10.81 -5.32
C GLY A 21 -10.63 10.01 -6.28
N GLU A 22 -10.21 9.84 -7.53
CA GLU A 22 -11.02 9.07 -8.49
C GLU A 22 -10.66 7.59 -8.43
N ARG A 23 -11.68 6.74 -8.27
CA ARG A 23 -11.48 5.29 -8.17
C ARG A 23 -11.89 4.57 -9.45
N GLN A 24 -11.02 3.69 -9.93
CA GLN A 24 -11.31 2.88 -11.13
C GLN A 24 -11.28 1.40 -10.76
N GLU A 25 -12.34 0.67 -11.10
CA GLU A 25 -12.44 -0.75 -10.78
C GLU A 25 -12.49 -1.64 -12.03
N GLY A 26 -12.07 -2.89 -11.86
CA GLY A 26 -12.09 -3.86 -12.96
C GLY A 26 -10.91 -3.75 -13.89
N LEU A 27 -9.77 -3.28 -13.38
CA LEU A 27 -8.58 -3.12 -14.21
C LEU A 27 -7.73 -4.39 -14.27
N THR A 28 -7.07 -4.57 -15.41
CA THR A 28 -6.19 -5.71 -15.65
C THR A 28 -4.78 -5.37 -15.24
N GLU A 29 -3.88 -6.35 -15.22
CA GLU A 29 -2.50 -6.11 -14.84
C GLU A 29 -1.79 -5.23 -15.88
N GLU A 30 -1.97 -5.50 -17.17
CA GLU A 30 -1.36 -4.70 -18.21
C GLU A 30 -1.90 -3.26 -18.19
N MET A 31 -3.20 -3.13 -17.92
CA MET A 31 -3.83 -1.81 -17.85
C MET A 31 -3.39 -1.06 -16.59
N VAL A 32 -3.30 -1.76 -15.46
CA VAL A 32 -2.88 -1.12 -14.21
C VAL A 32 -1.49 -0.51 -14.37
N THR A 33 -0.64 -1.20 -15.15
CA THR A 33 0.72 -0.74 -15.43
C THR A 33 0.67 0.57 -16.20
N GLN A 34 -0.11 0.57 -17.29
CA GLN A 34 -0.29 1.74 -18.16
C GLN A 34 -0.67 2.99 -17.36
N LEU A 35 -1.69 2.85 -16.53
CA LEU A 35 -2.17 3.96 -15.69
C LEU A 35 -1.12 4.37 -14.66
N SER A 36 -0.54 3.41 -13.96
CA SER A 36 0.46 3.71 -12.94
C SER A 36 1.64 4.47 -13.52
N ARG A 37 2.10 4.03 -14.70
CA ARG A 37 3.22 4.67 -15.39
C ARG A 37 2.86 6.07 -15.84
N GLN A 38 1.66 6.24 -16.40
CA GLN A 38 1.23 7.54 -16.89
C GLN A 38 1.10 8.54 -15.75
N GLU A 39 0.59 8.11 -14.60
CA GLU A 39 0.44 9.01 -13.47
C GLU A 39 1.79 9.39 -12.87
N PHE A 40 2.72 8.43 -12.83
CA PHE A 40 4.03 8.70 -12.28
C PHE A 40 4.87 9.60 -13.19
N ASP A 41 4.67 9.53 -14.51
CA ASP A 41 5.43 10.36 -15.44
C ASP A 41 4.92 11.81 -15.41
N LYS A 42 3.65 12.01 -15.04
CA LYS A 42 3.09 13.35 -14.96
C LYS A 42 3.40 13.99 -13.61
N ASP A 43 3.41 13.17 -12.56
CA ASP A 43 3.73 13.64 -11.22
C ASP A 43 4.80 12.75 -10.59
N ASN A 44 6.02 13.26 -10.48
CA ASN A 44 7.13 12.49 -9.93
C ASN A 44 7.09 12.38 -8.40
N ASN A 45 6.25 13.18 -7.73
CA ASN A 45 6.17 13.11 -6.27
C ASN A 45 4.90 12.38 -5.80
N THR A 46 4.32 11.57 -6.69
CA THR A 46 3.10 10.82 -6.37
C THR A 46 3.37 9.70 -5.37
N LEU A 47 2.75 9.78 -4.20
CA LEU A 47 2.91 8.73 -3.20
C LEU A 47 2.25 7.44 -3.71
N PHE A 48 3.03 6.37 -3.85
CA PHE A 48 2.50 5.09 -4.32
C PHE A 48 2.34 4.11 -3.18
N LEU A 49 1.15 3.53 -3.08
CA LEU A 49 0.82 2.58 -2.03
C LEU A 49 0.03 1.38 -2.57
N VAL A 50 0.35 0.19 -2.06
CA VAL A 50 -0.28 -1.05 -2.51
C VAL A 50 -0.94 -1.81 -1.36
N GLY A 51 -2.19 -2.24 -1.56
CA GLY A 51 -2.90 -3.00 -0.53
C GLY A 51 -3.64 -4.17 -1.14
N GLY A 52 -3.70 -5.28 -0.38
CA GLY A 52 -4.38 -6.47 -0.85
C GLY A 52 -5.51 -6.89 0.08
N ALA A 53 -6.49 -7.62 -0.47
CA ALA A 53 -7.63 -8.07 0.33
C ALA A 53 -7.30 -9.32 1.15
N LYS A 54 -8.15 -9.61 2.13
CA LYS A 54 -7.96 -10.76 3.01
C LYS A 54 -7.95 -12.11 2.27
N GLU A 55 -8.70 -12.18 1.17
CA GLU A 55 -8.77 -13.41 0.38
C GLU A 55 -7.63 -13.55 -0.65
N VAL A 56 -6.76 -12.53 -0.75
CA VAL A 56 -5.65 -12.57 -1.69
C VAL A 56 -4.40 -13.18 -1.06
N PRO A 57 -3.69 -14.11 -1.77
CA PRO A 57 -2.46 -14.70 -1.27
C PRO A 57 -1.36 -13.64 -1.21
N TYR A 58 -0.49 -13.66 -0.20
CA TYR A 58 0.56 -12.64 -0.11
C TYR A 58 1.49 -12.68 -1.30
N GLU A 59 1.72 -13.89 -1.85
CA GLU A 59 2.60 -14.03 -3.01
C GLU A 59 2.13 -13.15 -4.17
N GLU A 60 0.81 -12.91 -4.25
CA GLU A 60 0.29 -12.09 -5.34
C GLU A 60 0.60 -10.63 -5.09
N VAL A 61 0.58 -10.23 -3.82
CA VAL A 61 0.88 -8.85 -3.46
C VAL A 61 2.33 -8.53 -3.84
N ILE A 62 3.21 -9.50 -3.62
CA ILE A 62 4.63 -9.36 -3.98
C ILE A 62 4.74 -9.12 -5.49
N LYS A 63 4.05 -9.97 -6.25
CA LYS A 63 4.02 -9.84 -7.70
C LYS A 63 3.55 -8.45 -8.12
N ALA A 64 2.48 -7.96 -7.49
CA ALA A 64 1.95 -6.62 -7.78
C ALA A 64 3.01 -5.55 -7.56
N LEU A 65 3.65 -5.60 -6.39
CA LEU A 65 4.72 -4.66 -6.06
C LEU A 65 5.86 -4.81 -7.08
N ASN A 66 6.10 -6.05 -7.47
CA ASN A 66 7.12 -6.37 -8.47
C ASN A 66 6.80 -5.71 -9.81
N LEU A 67 5.52 -5.75 -10.21
CA LEU A 67 5.10 -5.17 -11.49
C LEU A 67 5.32 -3.66 -11.50
N LEU A 68 5.05 -3.03 -10.36
CA LEU A 68 5.22 -1.59 -10.23
C LEU A 68 6.69 -1.22 -10.36
N HIS A 69 7.56 -2.02 -9.73
CA HIS A 69 8.99 -1.79 -9.80
C HIS A 69 9.48 -1.92 -11.24
N LEU A 70 8.95 -2.90 -11.96
CA LEU A 70 9.33 -3.13 -13.36
C LEU A 70 9.08 -1.90 -14.22
N ALA A 71 7.97 -1.19 -13.98
CA ALA A 71 7.65 0.01 -14.75
C ALA A 71 8.24 1.29 -14.13
N GLY A 72 9.11 1.13 -13.14
CA GLY A 72 9.73 2.24 -12.43
C GLY A 72 8.78 3.10 -11.62
N ILE A 73 7.87 2.47 -10.88
CA ILE A 73 6.96 3.21 -10.02
C ILE A 73 7.54 3.28 -8.60
N LYS A 74 8.24 2.22 -8.20
CA LYS A 74 8.86 2.17 -6.89
C LYS A 74 10.12 1.30 -6.91
N GLY B 1 -16.93 2.32 3.36
CA GLY B 1 -16.05 2.62 4.53
C GLY B 1 -15.61 4.07 4.56
N SER B 2 -15.04 4.49 5.69
CA SER B 2 -14.56 5.86 5.86
C SER B 2 -13.16 6.01 5.27
N VAL B 3 -12.16 5.47 5.95
CA VAL B 3 -10.78 5.55 5.48
C VAL B 3 -9.95 4.34 5.99
N PRO B 4 -9.41 3.50 5.06
CA PRO B 4 -8.61 2.30 5.42
C PRO B 4 -7.50 2.54 6.44
N VAL B 5 -6.63 1.53 6.59
CA VAL B 5 -5.45 1.62 7.43
C VAL B 5 -4.26 1.71 6.49
N ILE B 6 -3.52 2.81 6.56
CA ILE B 6 -2.39 3.04 5.67
C ILE B 6 -1.07 3.10 6.42
N LEU B 7 -0.09 2.34 5.94
CA LEU B 7 1.26 2.32 6.51
C LEU B 7 2.24 2.82 5.45
N GLU B 8 3.01 3.84 5.83
CA GLU B 8 3.98 4.46 4.94
C GLU B 8 5.42 4.30 5.43
N VAL B 9 6.29 3.87 4.51
CA VAL B 9 7.72 3.70 4.76
C VAL B 9 8.46 5.00 4.42
N ALA B 10 8.71 5.81 5.45
CA ALA B 10 9.37 7.10 5.30
C ALA B 10 10.87 6.99 5.05
N GLY B 11 11.46 5.86 5.42
CA GLY B 11 12.90 5.69 5.23
C GLY B 11 13.42 4.34 5.66
N ILE B 12 14.41 4.36 6.55
CA ILE B 12 15.00 3.14 7.09
C ILE B 12 14.66 3.02 8.56
N GLY B 13 13.51 2.38 8.84
CA GLY B 13 13.09 2.18 10.22
C GLY B 13 12.06 3.19 10.70
N LYS B 14 11.76 4.20 9.89
CA LYS B 14 10.77 5.22 10.24
C LYS B 14 9.50 5.00 9.44
N TYR B 15 8.35 5.02 10.13
CA TYR B 15 7.07 4.81 9.46
C TYR B 15 5.98 5.76 9.95
N ALA B 16 4.99 5.93 9.08
CA ALA B 16 3.83 6.77 9.33
C ALA B 16 2.57 5.94 9.15
N ILE B 17 1.55 6.14 9.97
CA ILE B 17 0.32 5.36 9.84
C ILE B 17 -0.95 6.23 9.88
N SER B 18 -1.85 5.97 8.93
CA SER B 18 -3.10 6.70 8.85
C SER B 18 -4.26 5.76 9.20
N ILE B 19 -4.90 6.05 10.32
CA ILE B 19 -6.00 5.25 10.82
C ILE B 19 -7.32 6.00 10.71
N GLY B 20 -8.19 5.58 9.80
CA GLY B 20 -9.49 6.21 9.63
C GLY B 20 -9.43 7.74 9.59
N GLY B 21 -8.50 8.28 8.79
CA GLY B 21 -8.38 9.73 8.67
C GLY B 21 -7.33 10.34 9.59
N GLU B 22 -7.01 9.69 10.71
CA GLU B 22 -5.99 10.23 11.63
C GLU B 22 -4.60 9.73 11.26
N ARG B 23 -3.67 10.66 11.09
CA ARG B 23 -2.29 10.32 10.71
C ARG B 23 -1.32 10.42 11.88
N GLN B 24 -0.50 9.38 12.06
CA GLN B 24 0.51 9.36 13.12
C GLN B 24 1.91 9.24 12.48
N GLU B 25 2.82 10.13 12.86
CA GLU B 25 4.17 10.14 12.29
C GLU B 25 5.25 9.87 13.35
N GLY B 26 6.38 9.34 12.90
CA GLY B 26 7.50 9.07 13.78
C GLY B 26 7.39 7.76 14.52
N LEU B 27 6.68 6.79 13.93
CA LEU B 27 6.50 5.49 14.59
C LEU B 27 7.64 4.52 14.27
N THR B 28 7.91 3.65 15.24
CA THR B 28 8.94 2.63 15.13
C THR B 28 8.34 1.35 14.56
N GLU B 29 9.19 0.37 14.24
CA GLU B 29 8.69 -0.89 13.70
C GLU B 29 7.90 -1.67 14.74
N GLU B 30 8.40 -1.74 15.98
CA GLU B 30 7.69 -2.44 17.05
C GLU B 30 6.36 -1.76 17.36
N MET B 31 6.37 -0.43 17.32
CA MET B 31 5.17 0.34 17.59
C MET B 31 4.16 0.22 16.46
N VAL B 32 4.64 0.26 15.20
CA VAL B 32 3.76 0.14 14.04
C VAL B 32 3.01 -1.20 14.09
N THR B 33 3.69 -2.23 14.59
CA THR B 33 3.09 -3.55 14.73
C THR B 33 1.94 -3.51 15.73
N GLN B 34 2.23 -2.94 16.91
CA GLN B 34 1.26 -2.79 17.99
C GLN B 34 -0.04 -2.15 17.51
N LEU B 35 0.09 -1.01 16.83
CA LEU B 35 -1.05 -0.29 16.30
C LEU B 35 -1.77 -1.06 15.20
N SER B 36 -1.02 -1.61 14.25
CA SER B 36 -1.60 -2.38 13.16
C SER B 36 -2.44 -3.56 13.68
N ARG B 37 -1.87 -4.26 14.67
CA ARG B 37 -2.54 -5.41 15.27
C ARG B 37 -3.79 -4.99 16.04
N GLN B 38 -3.70 -3.90 16.79
CA GLN B 38 -4.83 -3.42 17.58
C GLN B 38 -5.97 -2.98 16.66
N GLU B 39 -5.67 -2.33 15.56
CA GLU B 39 -6.71 -1.87 14.64
C GLU B 39 -7.36 -3.04 13.91
N PHE B 40 -6.56 -4.05 13.57
CA PHE B 40 -7.09 -5.22 12.86
C PHE B 40 -7.93 -6.10 13.78
N ASP B 41 -7.62 -6.14 15.08
CA ASP B 41 -8.40 -6.96 16.01
C ASP B 41 -9.75 -6.31 16.33
N LYS B 42 -9.82 -4.98 16.22
CA LYS B 42 -11.08 -4.27 16.47
C LYS B 42 -11.96 -4.26 15.22
N ASP B 43 -11.33 -4.19 14.05
CA ASP B 43 -12.05 -4.20 12.77
C ASP B 43 -11.42 -5.23 11.84
N ASN B 44 -12.11 -6.35 11.64
CA ASN B 44 -11.60 -7.42 10.79
C ASN B 44 -11.73 -7.12 9.29
N ASN B 45 -12.50 -6.09 8.92
CA ASN B 45 -12.67 -5.75 7.50
C ASN B 45 -11.85 -4.51 7.11
N THR B 46 -10.83 -4.19 7.92
CA THR B 46 -9.99 -3.03 7.67
C THR B 46 -9.09 -3.22 6.45
N LEU B 47 -9.27 -2.40 5.41
CA LEU B 47 -8.42 -2.49 4.23
C LEU B 47 -6.99 -2.07 4.60
N PHE B 48 -6.03 -2.97 4.42
CA PHE B 48 -4.63 -2.68 4.73
C PHE B 48 -3.83 -2.43 3.46
N LEU B 49 -3.12 -1.30 3.45
CA LEU B 49 -2.32 -0.90 2.30
C LEU B 49 -0.95 -0.36 2.75
N VAL B 50 0.09 -0.71 1.98
CA VAL B 50 1.45 -0.30 2.30
C VAL B 50 2.11 0.47 1.14
N GLY B 51 2.74 1.60 1.46
CA GLY B 51 3.41 2.40 0.43
C GLY B 51 4.76 2.89 0.92
N GLY B 52 5.72 2.97 0.00
CA GLY B 52 7.06 3.43 0.35
C GLY B 52 7.47 4.64 -0.45
N ALA B 53 8.40 5.43 0.10
CA ALA B 53 8.88 6.64 -0.58
C ALA B 53 9.92 6.31 -1.64
N LYS B 54 10.17 7.30 -2.52
CA LYS B 54 11.13 7.15 -3.62
C LYS B 54 12.55 6.86 -3.14
N GLU B 55 12.92 7.38 -1.97
CA GLU B 55 14.25 7.18 -1.42
C GLU B 55 14.39 5.87 -0.63
N VAL B 56 13.30 5.12 -0.48
CA VAL B 56 13.33 3.85 0.25
C VAL B 56 13.66 2.67 -0.67
N PRO B 57 14.57 1.76 -0.25
CA PRO B 57 14.90 0.57 -1.05
C PRO B 57 13.71 -0.37 -1.09
N TYR B 58 13.44 -1.04 -2.20
CA TYR B 58 12.29 -1.95 -2.28
C TYR B 58 12.40 -3.08 -1.27
N GLU B 59 13.63 -3.53 -0.99
CA GLU B 59 13.85 -4.62 -0.04
C GLU B 59 13.23 -4.27 1.32
N GLU B 60 13.18 -2.97 1.66
CA GLU B 60 12.63 -2.57 2.95
C GLU B 60 11.11 -2.66 2.92
N VAL B 61 10.53 -2.37 1.76
CA VAL B 61 9.07 -2.45 1.62
C VAL B 61 8.63 -3.89 1.82
N ILE B 62 9.43 -4.83 1.28
CA ILE B 62 9.15 -6.26 1.43
C ILE B 62 9.14 -6.62 2.92
N LYS B 63 10.18 -6.17 3.61
CA LYS B 63 10.30 -6.39 5.06
C LYS B 63 9.07 -5.85 5.79
N ALA B 64 8.64 -4.64 5.44
CA ALA B 64 7.45 -4.03 6.04
C ALA B 64 6.22 -4.92 5.86
N LEU B 65 6.00 -5.33 4.61
CA LEU B 65 4.87 -6.22 4.30
C LEU B 65 5.03 -7.52 5.09
N ASN B 66 6.28 -7.97 5.21
CA ASN B 66 6.62 -9.19 5.95
C ASN B 66 6.23 -9.03 7.42
N LEU B 67 6.50 -7.87 8.00
CA LEU B 67 6.21 -7.62 9.41
C LEU B 67 4.70 -7.67 9.66
N LEU B 68 3.93 -7.13 8.71
CA LEU B 68 2.48 -7.12 8.82
C LEU B 68 1.94 -8.54 8.78
N HIS B 69 2.50 -9.36 7.89
CA HIS B 69 2.08 -10.76 7.77
C HIS B 69 2.37 -11.51 9.07
N LEU B 70 3.52 -11.22 9.68
CA LEU B 70 3.92 -11.87 10.93
C LEU B 70 2.89 -11.64 12.04
N ALA B 71 2.31 -10.44 12.09
CA ALA B 71 1.30 -10.14 13.12
C ALA B 71 -0.12 -10.46 12.65
N GLY B 72 -0.25 -11.15 11.52
CA GLY B 72 -1.53 -11.51 10.94
C GLY B 72 -2.37 -10.35 10.46
N ILE B 73 -1.75 -9.40 9.77
CA ILE B 73 -2.49 -8.26 9.21
C ILE B 73 -2.87 -8.57 7.76
N LYS B 74 -1.99 -9.31 7.06
CA LYS B 74 -2.23 -9.68 5.68
C LYS B 74 -1.56 -11.01 5.35
N GLY A 1 -0.58 17.28 0.04
CA GLY A 1 -1.17 16.74 -1.22
C GLY A 1 -2.64 16.43 -1.10
N SER A 2 -3.30 16.23 -2.24
CA SER A 2 -4.73 15.93 -2.26
C SER A 2 -4.97 14.47 -1.89
N VAL A 3 -4.66 13.57 -2.82
CA VAL A 3 -4.84 12.13 -2.60
C VAL A 3 -3.85 11.31 -3.44
N PRO A 4 -2.93 10.54 -2.79
CA PRO A 4 -1.92 9.72 -3.49
C PRO A 4 -2.46 8.84 -4.63
N VAL A 5 -1.58 7.93 -5.09
CA VAL A 5 -1.95 6.94 -6.09
C VAL A 5 -2.06 5.61 -5.36
N ILE A 6 -3.24 5.02 -5.37
CA ILE A 6 -3.49 3.77 -4.66
C ILE A 6 -3.84 2.62 -5.59
N LEU A 7 -3.13 1.50 -5.43
CA LEU A 7 -3.40 0.28 -6.21
C LEU A 7 -3.84 -0.82 -5.25
N GLU A 8 -5.01 -1.39 -5.54
CA GLU A 8 -5.61 -2.43 -4.71
C GLU A 8 -5.73 -3.76 -5.44
N VAL A 9 -5.26 -4.81 -4.76
CA VAL A 9 -5.34 -6.18 -5.26
C VAL A 9 -6.65 -6.81 -4.80
N ALA A 10 -7.65 -6.78 -5.69
CA ALA A 10 -8.99 -7.29 -5.40
C ALA A 10 -9.07 -8.82 -5.40
N GLY A 11 -8.10 -9.48 -6.05
CA GLY A 11 -8.12 -10.94 -6.10
C GLY A 11 -6.95 -11.55 -6.83
N ILE A 12 -7.26 -12.30 -7.88
CA ILE A 12 -6.25 -12.95 -8.72
C ILE A 12 -6.31 -12.37 -10.12
N GLY A 13 -5.56 -11.29 -10.34
CA GLY A 13 -5.52 -10.67 -11.65
C GLY A 13 -6.44 -9.46 -11.78
N LYS A 14 -7.26 -9.19 -10.75
CA LYS A 14 -8.17 -8.06 -10.76
C LYS A 14 -7.66 -6.97 -9.82
N TYR A 15 -7.61 -5.73 -10.32
CA TYR A 15 -7.12 -4.62 -9.52
C TYR A 15 -7.96 -3.35 -9.65
N ALA A 16 -7.86 -2.53 -8.62
CA ALA A 16 -8.56 -1.25 -8.53
C ALA A 16 -7.54 -0.15 -8.29
N ILE A 17 -7.72 1.02 -8.89
CA ILE A 17 -6.77 2.12 -8.68
C ILE A 17 -7.45 3.44 -8.34
N SER A 18 -6.94 4.12 -7.33
CA SER A 18 -7.47 5.40 -6.91
C SER A 18 -6.46 6.49 -7.23
N ILE A 19 -6.85 7.36 -8.16
CA ILE A 19 -6.01 8.45 -8.62
C ILE A 19 -6.56 9.80 -8.16
N GLY A 20 -5.88 10.42 -7.20
CA GLY A 20 -6.31 11.74 -6.71
C GLY A 20 -7.81 11.80 -6.40
N GLY A 21 -8.33 10.82 -5.67
CA GLY A 21 -9.73 10.82 -5.32
C GLY A 21 -10.62 10.02 -6.27
N GLU A 22 -10.21 9.84 -7.53
CA GLU A 22 -11.02 9.07 -8.48
C GLU A 22 -10.63 7.59 -8.44
N ARG A 23 -11.64 6.73 -8.28
CA ARG A 23 -11.43 5.28 -8.19
C ARG A 23 -11.85 4.55 -9.47
N GLN A 24 -10.97 3.68 -9.96
CA GLN A 24 -11.26 2.88 -11.16
C GLN A 24 -11.22 1.39 -10.79
N GLU A 25 -12.28 0.66 -11.14
CA GLU A 25 -12.38 -0.77 -10.81
C GLU A 25 -12.45 -1.66 -12.06
N GLY A 26 -12.04 -2.91 -11.90
CA GLY A 26 -12.07 -3.87 -12.98
C GLY A 26 -10.89 -3.75 -13.93
N LEU A 27 -9.76 -3.29 -13.42
CA LEU A 27 -8.58 -3.11 -14.26
C LEU A 27 -7.72 -4.37 -14.34
N THR A 28 -7.08 -4.54 -15.49
CA THR A 28 -6.19 -5.68 -15.75
C THR A 28 -4.76 -5.31 -15.38
N GLU A 29 -3.85 -6.29 -15.43
CA GLU A 29 -2.46 -6.03 -15.10
C GLU A 29 -1.80 -5.13 -16.14
N GLU A 30 -2.00 -5.42 -17.42
CA GLU A 30 -1.41 -4.60 -18.49
C GLU A 30 -1.96 -3.18 -18.45
N MET A 31 -3.25 -3.05 -18.15
CA MET A 31 -3.89 -1.73 -18.08
C MET A 31 -3.44 -0.96 -16.84
N VAL A 32 -3.28 -1.65 -15.70
CA VAL A 32 -2.84 -1.01 -14.47
C VAL A 32 -1.44 -0.42 -14.66
N THR A 33 -0.61 -1.13 -15.45
CA THR A 33 0.74 -0.68 -15.75
C THR A 33 0.71 0.62 -16.54
N GLN A 34 -0.08 0.60 -17.62
CA GLN A 34 -0.25 1.77 -18.51
C GLN A 34 -0.62 3.03 -17.72
N LEU A 35 -1.63 2.89 -16.87
CA LEU A 35 -2.11 3.99 -16.06
C LEU A 35 -1.07 4.43 -15.02
N SER A 36 -0.47 3.47 -14.33
CA SER A 36 0.53 3.78 -13.32
C SER A 36 1.72 4.54 -13.92
N ARG A 37 2.15 4.10 -15.10
CA ARG A 37 3.27 4.72 -15.81
C ARG A 37 2.92 6.13 -16.28
N GLN A 38 1.72 6.30 -16.83
CA GLN A 38 1.31 7.62 -17.31
C GLN A 38 1.20 8.62 -16.17
N GLU A 39 0.68 8.18 -15.02
CA GLU A 39 0.54 9.07 -13.88
C GLU A 39 1.90 9.44 -13.29
N PHE A 40 2.82 8.47 -13.28
CA PHE A 40 4.15 8.73 -12.73
C PHE A 40 4.99 9.61 -13.64
N ASP A 41 4.79 9.54 -14.96
CA ASP A 41 5.55 10.37 -15.90
C ASP A 41 5.07 11.83 -15.85
N LYS A 42 3.81 12.03 -15.46
CA LYS A 42 3.27 13.38 -15.37
C LYS A 42 3.61 14.02 -14.01
N ASP A 43 3.58 13.20 -12.95
CA ASP A 43 3.90 13.66 -11.60
C ASP A 43 4.96 12.74 -10.98
N ASN A 44 6.14 13.29 -10.70
CA ASN A 44 7.23 12.50 -10.13
C ASN A 44 7.19 12.42 -8.61
N ASN A 45 6.29 13.15 -7.94
CA ASN A 45 6.20 13.09 -6.47
C ASN A 45 4.94 12.36 -6.00
N THR A 46 4.36 11.55 -6.89
CA THR A 46 3.13 10.82 -6.58
C THR A 46 3.38 9.70 -5.57
N LEU A 47 2.78 9.79 -4.39
CA LEU A 47 2.92 8.76 -3.38
C LEU A 47 2.25 7.48 -3.87
N PHE A 48 3.01 6.39 -3.94
CA PHE A 48 2.48 5.10 -4.40
C PHE A 48 2.32 4.13 -3.24
N LEU A 49 1.12 3.57 -3.12
CA LEU A 49 0.79 2.62 -2.05
C LEU A 49 0.03 1.42 -2.59
N VAL A 50 0.36 0.24 -2.07
CA VAL A 50 -0.26 -1.00 -2.53
C VAL A 50 -0.92 -1.77 -1.37
N GLY A 51 -2.17 -2.17 -1.56
CA GLY A 51 -2.89 -2.92 -0.53
C GLY A 51 -3.68 -4.07 -1.14
N GLY A 52 -3.78 -5.18 -0.40
CA GLY A 52 -4.51 -6.34 -0.86
C GLY A 52 -5.64 -6.73 0.08
N ALA A 53 -6.63 -7.45 -0.43
CA ALA A 53 -7.77 -7.88 0.37
C ALA A 53 -7.43 -9.13 1.19
N LYS A 54 -8.28 -9.42 2.17
CA LYS A 54 -8.09 -10.57 3.04
C LYS A 54 -8.12 -11.91 2.29
N GLU A 55 -8.86 -11.96 1.19
CA GLU A 55 -8.99 -13.17 0.39
C GLU A 55 -7.85 -13.37 -0.62
N VAL A 56 -6.92 -12.42 -0.73
CA VAL A 56 -5.80 -12.55 -1.67
C VAL A 56 -4.57 -13.17 -0.99
N PRO A 57 -3.75 -13.99 -1.70
CA PRO A 57 -2.56 -14.58 -1.13
C PRO A 57 -1.42 -13.55 -1.09
N TYR A 58 -0.55 -13.59 -0.09
CA TYR A 58 0.54 -12.61 0.01
C TYR A 58 1.47 -12.67 -1.21
N GLU A 59 1.69 -13.87 -1.74
CA GLU A 59 2.56 -14.03 -2.90
C GLU A 59 2.10 -13.15 -4.06
N GLU A 60 0.79 -12.88 -4.15
CA GLU A 60 0.27 -12.07 -5.24
C GLU A 60 0.57 -10.59 -4.99
N VAL A 61 0.58 -10.20 -3.72
CA VAL A 61 0.88 -8.82 -3.35
C VAL A 61 2.32 -8.51 -3.75
N ILE A 62 3.20 -9.50 -3.55
CA ILE A 62 4.62 -9.37 -3.92
C ILE A 62 4.71 -9.16 -5.42
N LYS A 63 4.01 -10.01 -6.17
CA LYS A 63 3.97 -9.92 -7.63
C LYS A 63 3.52 -8.52 -8.08
N ALA A 64 2.47 -7.99 -7.45
CA ALA A 64 1.96 -6.65 -7.77
C ALA A 64 3.05 -5.59 -7.57
N LEU A 65 3.70 -5.65 -6.41
CA LEU A 65 4.79 -4.73 -6.10
C LEU A 65 5.90 -4.89 -7.14
N ASN A 66 6.11 -6.14 -7.55
CA ASN A 66 7.13 -6.48 -8.55
C ASN A 66 6.80 -5.80 -9.89
N LEU A 67 5.53 -5.80 -10.28
CA LEU A 67 5.12 -5.20 -11.56
C LEU A 67 5.37 -3.70 -11.54
N LEU A 68 5.08 -3.07 -10.40
CA LEU A 68 5.28 -1.63 -10.27
C LEU A 68 6.76 -1.28 -10.40
N HIS A 69 7.61 -2.09 -9.79
CA HIS A 69 9.06 -1.88 -9.86
C HIS A 69 9.53 -2.04 -11.31
N LEU A 70 8.98 -3.02 -12.02
CA LEU A 70 9.33 -3.26 -13.41
C LEU A 70 9.09 -2.02 -14.28
N ALA A 71 8.00 -1.29 -14.01
CA ALA A 71 7.69 -0.09 -14.79
C ALA A 71 8.30 1.19 -14.17
N GLY A 72 9.17 1.02 -13.17
CA GLY A 72 9.80 2.11 -12.47
C GLY A 72 8.87 2.99 -11.66
N ILE A 73 7.96 2.39 -10.91
CA ILE A 73 7.05 3.15 -10.06
C ILE A 73 7.63 3.22 -8.64
N LYS A 74 8.34 2.16 -8.23
CA LYS A 74 8.95 2.11 -6.91
C LYS A 74 10.16 1.17 -6.91
N GLY B 1 -16.80 2.42 3.18
CA GLY B 1 -16.00 2.71 4.41
C GLY B 1 -15.52 4.15 4.47
N SER B 2 -15.06 4.56 5.64
CA SER B 2 -14.56 5.93 5.81
C SER B 2 -13.15 6.06 5.24
N VAL B 3 -12.16 5.50 5.94
CA VAL B 3 -10.77 5.56 5.48
C VAL B 3 -9.96 4.35 5.99
N PRO B 4 -9.45 3.49 5.09
CA PRO B 4 -8.67 2.28 5.45
C PRO B 4 -7.56 2.51 6.48
N VAL B 5 -6.71 1.48 6.64
CA VAL B 5 -5.54 1.55 7.48
C VAL B 5 -4.33 1.64 6.54
N ILE B 6 -3.59 2.74 6.64
CA ILE B 6 -2.45 2.97 5.75
C ILE B 6 -1.13 3.02 6.51
N LEU B 7 -0.16 2.24 6.03
CA LEU B 7 1.18 2.23 6.62
C LEU B 7 2.16 2.71 5.57
N GLU B 8 2.94 3.74 5.93
CA GLU B 8 3.89 4.36 5.03
C GLU B 8 5.33 4.19 5.50
N VAL B 9 6.18 3.75 4.58
CA VAL B 9 7.62 3.59 4.83
C VAL B 9 8.34 4.89 4.48
N ALA B 10 8.59 5.71 5.51
CA ALA B 10 9.23 7.01 5.34
C ALA B 10 10.73 6.91 5.07
N GLY B 11 11.35 5.79 5.43
CA GLY B 11 12.78 5.65 5.22
C GLY B 11 13.32 4.30 5.66
N ILE B 12 14.32 4.34 6.55
CA ILE B 12 14.93 3.14 7.10
C ILE B 12 14.60 3.02 8.58
N GLY B 13 13.47 2.36 8.87
CA GLY B 13 13.06 2.16 10.24
C GLY B 13 12.02 3.16 10.72
N LYS B 14 11.71 4.17 9.91
CA LYS B 14 10.72 5.18 10.28
C LYS B 14 9.44 4.95 9.48
N TYR B 15 8.31 4.97 10.19
CA TYR B 15 7.02 4.74 9.52
C TYR B 15 5.92 5.68 10.02
N ALA B 16 4.93 5.85 9.15
CA ALA B 16 3.77 6.69 9.39
C ALA B 16 2.50 5.86 9.19
N ILE B 17 1.48 6.06 10.03
CA ILE B 17 0.25 5.28 9.88
C ILE B 17 -1.00 6.15 9.90
N SER B 18 -1.89 5.90 8.94
CA SER B 18 -3.15 6.64 8.86
C SER B 18 -4.30 5.71 9.22
N ILE B 19 -4.95 6.02 10.33
CA ILE B 19 -6.04 5.23 10.85
C ILE B 19 -7.36 6.00 10.73
N GLY B 20 -8.22 5.57 9.80
CA GLY B 20 -9.52 6.23 9.63
C GLY B 20 -9.43 7.75 9.57
N GLY B 21 -8.51 8.28 8.77
CA GLY B 21 -8.38 9.72 8.65
C GLY B 21 -7.32 10.34 9.57
N GLU B 22 -7.00 9.69 10.69
CA GLU B 22 -5.99 10.24 11.60
C GLU B 22 -4.60 9.70 11.24
N ARG B 23 -3.65 10.63 11.08
CA ARG B 23 -2.27 10.28 10.71
C ARG B 23 -1.30 10.38 11.89
N GLN B 24 -0.48 9.33 12.06
CA GLN B 24 0.53 9.31 13.13
C GLN B 24 1.92 9.18 12.49
N GLU B 25 2.83 10.08 12.87
CA GLU B 25 4.18 10.08 12.30
C GLU B 25 5.26 9.82 13.36
N GLY B 26 6.41 9.32 12.91
CA GLY B 26 7.53 9.06 13.80
C GLY B 26 7.41 7.75 14.55
N LEU B 27 6.70 6.78 13.97
CA LEU B 27 6.51 5.50 14.64
C LEU B 27 7.63 4.50 14.35
N THR B 28 7.90 3.65 15.34
CA THR B 28 8.93 2.61 15.24
C THR B 28 8.32 1.32 14.72
N GLU B 29 9.16 0.32 14.45
CA GLU B 29 8.65 -0.95 13.96
C GLU B 29 7.85 -1.69 15.03
N GLU B 30 8.36 -1.75 16.25
CA GLU B 30 7.66 -2.43 17.35
C GLU B 30 6.33 -1.72 17.65
N MET B 31 6.33 -0.40 17.60
CA MET B 31 5.12 0.38 17.85
C MET B 31 4.11 0.25 16.72
N VAL B 32 4.59 0.21 15.47
CA VAL B 32 3.70 0.07 14.32
C VAL B 32 2.97 -1.27 14.39
N THR B 33 3.67 -2.29 14.90
CA THR B 33 3.09 -3.63 15.06
C THR B 33 1.95 -3.58 16.07
N GLN B 34 2.24 -3.01 17.25
CA GLN B 34 1.27 -2.88 18.34
C GLN B 34 -0.03 -2.24 17.86
N LEU B 35 0.11 -1.11 17.18
CA LEU B 35 -1.04 -0.37 16.64
C LEU B 35 -1.78 -1.16 15.57
N SER B 36 -1.04 -1.73 14.62
CA SER B 36 -1.63 -2.50 13.54
C SER B 36 -2.44 -3.69 14.08
N ARG B 37 -1.88 -4.37 15.08
CA ARG B 37 -2.53 -5.52 15.70
C ARG B 37 -3.79 -5.11 16.47
N GLN B 38 -3.70 -4.00 17.22
CA GLN B 38 -4.85 -3.55 18.00
C GLN B 38 -5.99 -3.12 17.08
N GLU B 39 -5.68 -2.47 15.97
CA GLU B 39 -6.71 -2.04 15.04
C GLU B 39 -7.35 -3.22 14.31
N PHE B 40 -6.54 -4.23 13.99
CA PHE B 40 -7.05 -5.40 13.30
C PHE B 40 -7.90 -6.29 14.22
N ASP B 41 -7.58 -6.33 15.52
CA ASP B 41 -8.35 -7.15 16.45
C ASP B 41 -9.71 -6.53 16.74
N LYS B 42 -9.81 -5.20 16.60
CA LYS B 42 -11.07 -4.50 16.83
C LYS B 42 -11.95 -4.52 15.58
N ASP B 43 -11.33 -4.39 14.40
CA ASP B 43 -12.03 -4.43 13.13
C ASP B 43 -11.37 -5.45 12.20
N ASN B 44 -12.12 -6.49 11.84
CA ASN B 44 -11.59 -7.55 10.97
C ASN B 44 -11.74 -7.25 9.49
N ASN B 45 -12.44 -6.16 9.11
CA ASN B 45 -12.61 -5.83 7.70
C ASN B 45 -11.80 -4.58 7.30
N THR B 46 -10.79 -4.25 8.12
CA THR B 46 -9.94 -3.09 7.88
C THR B 46 -9.05 -3.27 6.64
N LEU B 47 -9.25 -2.47 5.61
CA LEU B 47 -8.42 -2.54 4.42
C LEU B 47 -7.00 -2.11 4.76
N PHE B 48 -6.02 -2.98 4.51
CA PHE B 48 -4.62 -2.67 4.81
C PHE B 48 -3.83 -2.43 3.53
N LEU B 49 -3.15 -1.28 3.50
CA LEU B 49 -2.35 -0.89 2.35
C LEU B 49 -0.98 -0.37 2.77
N VAL B 50 0.06 -0.73 2.01
CA VAL B 50 1.43 -0.33 2.32
C VAL B 50 2.08 0.44 1.16
N GLY B 51 2.68 1.59 1.47
CA GLY B 51 3.35 2.39 0.45
C GLY B 51 4.67 2.93 0.95
N GLY B 52 5.64 3.04 0.04
CA GLY B 52 6.96 3.55 0.40
C GLY B 52 7.35 4.76 -0.40
N ALA B 53 8.27 5.57 0.13
CA ALA B 53 8.72 6.78 -0.55
C ALA B 53 9.76 6.47 -1.64
N LYS B 54 10.01 7.43 -2.50
CA LYS B 54 10.98 7.28 -3.59
C LYS B 54 12.40 7.03 -3.09
N GLU B 55 12.72 7.55 -1.92
CA GLU B 55 14.07 7.40 -1.35
C GLU B 55 14.27 6.09 -0.58
N VAL B 56 13.23 5.27 -0.45
CA VAL B 56 13.35 3.99 0.27
C VAL B 56 13.67 2.83 -0.70
N PRO B 57 14.47 1.83 -0.28
CA PRO B 57 14.79 0.68 -1.14
C PRO B 57 13.62 -0.30 -1.16
N TYR B 58 13.37 -0.98 -2.28
CA TYR B 58 12.26 -1.93 -2.37
C TYR B 58 12.38 -3.05 -1.34
N GLU B 59 13.60 -3.49 -1.07
CA GLU B 59 13.84 -4.58 -0.11
C GLU B 59 13.22 -4.23 1.25
N GLU B 60 13.14 -2.93 1.58
CA GLU B 60 12.59 -2.54 2.87
C GLU B 60 11.08 -2.62 2.85
N VAL B 61 10.49 -2.36 1.69
CA VAL B 61 9.04 -2.45 1.54
C VAL B 61 8.61 -3.90 1.76
N ILE B 62 9.41 -4.83 1.23
CA ILE B 62 9.16 -6.26 1.40
C ILE B 62 9.18 -6.60 2.89
N LYS B 63 10.23 -6.13 3.57
CA LYS B 63 10.38 -6.33 5.00
C LYS B 63 9.14 -5.83 5.77
N ALA B 64 8.67 -4.63 5.41
CA ALA B 64 7.48 -4.05 6.05
C ALA B 64 6.26 -4.97 5.87
N LEU B 65 6.04 -5.41 4.63
CA LEU B 65 4.94 -6.31 4.33
C LEU B 65 5.12 -7.61 5.13
N ASN B 66 6.38 -8.02 5.27
CA ASN B 66 6.73 -9.22 6.03
C ASN B 66 6.32 -9.07 7.50
N LEU B 67 6.56 -7.89 8.08
CA LEU B 67 6.23 -7.66 9.49
C LEU B 67 4.73 -7.73 9.70
N LEU B 68 3.96 -7.18 8.75
CA LEU B 68 2.51 -7.19 8.85
C LEU B 68 1.99 -8.62 8.82
N HIS B 69 2.58 -9.43 7.94
CA HIS B 69 2.18 -10.84 7.82
C HIS B 69 2.50 -11.58 9.13
N LEU B 70 3.65 -11.26 9.72
CA LEU B 70 4.06 -11.89 10.98
C LEU B 70 3.01 -11.68 12.09
N ALA B 71 2.41 -10.49 12.13
CA ALA B 71 1.39 -10.19 13.15
C ALA B 71 -0.03 -10.53 12.68
N GLY B 72 -0.14 -11.22 11.55
CA GLY B 72 -1.42 -11.60 10.96
C GLY B 72 -2.28 -10.45 10.48
N ILE B 73 -1.68 -9.49 9.79
CA ILE B 73 -2.43 -8.36 9.24
C ILE B 73 -2.81 -8.68 7.79
N LYS B 74 -1.94 -9.41 7.09
CA LYS B 74 -2.19 -9.79 5.70
C LYS B 74 -1.44 -11.07 5.34
N GLY A 1 -0.53 17.20 -0.07
CA GLY A 1 -1.13 16.65 -1.31
C GLY A 1 -2.62 16.41 -1.17
N SER A 2 -3.30 16.22 -2.30
CA SER A 2 -4.73 15.97 -2.30
C SER A 2 -5.03 14.52 -1.92
N VAL A 3 -4.76 13.60 -2.85
CA VAL A 3 -5.00 12.18 -2.62
C VAL A 3 -4.03 11.31 -3.44
N PRO A 4 -3.11 10.55 -2.78
CA PRO A 4 -2.12 9.68 -3.45
C PRO A 4 -2.65 8.80 -4.59
N VAL A 5 -1.78 7.89 -5.05
CA VAL A 5 -2.14 6.89 -6.04
C VAL A 5 -2.20 5.55 -5.31
N ILE A 6 -3.37 4.91 -5.35
CA ILE A 6 -3.58 3.65 -4.64
C ILE A 6 -3.92 2.51 -5.58
N LEU A 7 -3.21 1.38 -5.40
CA LEU A 7 -3.47 0.17 -6.19
C LEU A 7 -3.92 -0.93 -5.24
N GLU A 8 -5.08 -1.50 -5.53
CA GLU A 8 -5.68 -2.54 -4.70
C GLU A 8 -5.78 -3.88 -5.44
N VAL A 9 -5.29 -4.93 -4.78
CA VAL A 9 -5.34 -6.29 -5.28
C VAL A 9 -6.66 -6.95 -4.85
N ALA A 10 -7.65 -6.93 -5.75
CA ALA A 10 -8.98 -7.45 -5.46
C ALA A 10 -9.03 -8.99 -5.47
N GLY A 11 -8.05 -9.63 -6.12
CA GLY A 11 -8.06 -11.08 -6.16
C GLY A 11 -6.86 -11.67 -6.89
N ILE A 12 -7.17 -12.43 -7.95
CA ILE A 12 -6.14 -13.06 -8.78
C ILE A 12 -6.19 -12.48 -10.18
N GLY A 13 -5.48 -11.38 -10.39
CA GLY A 13 -5.44 -10.76 -11.70
C GLY A 13 -6.38 -9.56 -11.83
N LYS A 14 -7.21 -9.32 -10.81
CA LYS A 14 -8.15 -8.19 -10.82
C LYS A 14 -7.64 -7.11 -9.87
N TYR A 15 -7.60 -5.87 -10.37
CA TYR A 15 -7.11 -4.75 -9.56
C TYR A 15 -7.96 -3.49 -9.69
N ALA A 16 -7.87 -2.66 -8.66
CA ALA A 16 -8.58 -1.39 -8.57
C ALA A 16 -7.58 -0.28 -8.32
N ILE A 17 -7.76 0.89 -8.92
CA ILE A 17 -6.81 2.00 -8.71
C ILE A 17 -7.53 3.31 -8.38
N SER A 18 -7.02 4.00 -7.36
CA SER A 18 -7.58 5.28 -6.95
C SER A 18 -6.58 6.38 -7.27
N ILE A 19 -6.97 7.23 -8.19
CA ILE A 19 -6.14 8.33 -8.66
C ILE A 19 -6.71 9.67 -8.21
N GLY A 20 -6.04 10.31 -7.25
CA GLY A 20 -6.49 11.62 -6.76
C GLY A 20 -7.99 11.67 -6.46
N GLY A 21 -8.50 10.68 -5.73
CA GLY A 21 -9.90 10.66 -5.38
C GLY A 21 -10.78 9.84 -6.33
N GLU A 22 -10.36 9.67 -7.59
CA GLU A 22 -11.16 8.90 -8.55
C GLU A 22 -10.75 7.42 -8.50
N ARG A 23 -11.74 6.55 -8.34
CA ARG A 23 -11.52 5.10 -8.26
C ARG A 23 -11.91 4.37 -9.55
N GLN A 24 -11.03 3.51 -10.03
CA GLN A 24 -11.30 2.71 -11.22
C GLN A 24 -11.25 1.21 -10.86
N GLU A 25 -12.30 0.48 -11.21
CA GLU A 25 -12.38 -0.95 -10.88
C GLU A 25 -12.43 -1.84 -12.13
N GLY A 26 -12.01 -3.09 -11.97
CA GLY A 26 -12.03 -4.05 -13.05
C GLY A 26 -10.85 -3.92 -13.99
N LEU A 27 -9.73 -3.43 -13.48
CA LEU A 27 -8.55 -3.24 -14.32
C LEU A 27 -7.67 -4.49 -14.39
N THR A 28 -7.02 -4.65 -15.55
CA THR A 28 -6.11 -5.76 -15.80
C THR A 28 -4.69 -5.38 -15.42
N GLU A 29 -3.77 -6.33 -15.46
CA GLU A 29 -2.38 -6.05 -15.12
C GLU A 29 -1.72 -5.13 -16.16
N GLU A 30 -1.91 -5.42 -17.45
CA GLU A 30 -1.34 -4.60 -18.51
C GLU A 30 -1.90 -3.19 -18.47
N MET A 31 -3.20 -3.06 -18.18
CA MET A 31 -3.84 -1.76 -18.12
C MET A 31 -3.42 -0.99 -16.87
N VAL A 32 -3.26 -1.68 -15.74
CA VAL A 32 -2.84 -1.02 -14.50
C VAL A 32 -1.43 -0.43 -14.68
N THR A 33 -0.60 -1.13 -15.47
CA THR A 33 0.77 -0.67 -15.75
C THR A 33 0.71 0.64 -16.54
N GLN A 34 -0.06 0.62 -17.64
CA GLN A 34 -0.25 1.78 -18.51
C GLN A 34 -0.63 3.03 -17.73
N LEU A 35 -1.65 2.88 -16.88
CA LEU A 35 -2.15 3.97 -16.07
C LEU A 35 -1.13 4.42 -15.03
N SER A 36 -0.51 3.47 -14.33
CA SER A 36 0.48 3.79 -13.32
C SER A 36 1.65 4.58 -13.90
N ARG A 37 2.11 4.15 -15.09
CA ARG A 37 3.21 4.79 -15.78
C ARG A 37 2.84 6.20 -16.25
N GLN A 38 1.64 6.35 -16.80
CA GLN A 38 1.19 7.66 -17.28
C GLN A 38 1.05 8.66 -16.13
N GLU A 39 0.55 8.20 -14.99
CA GLU A 39 0.38 9.08 -13.85
C GLU A 39 1.73 9.48 -13.25
N PHE A 40 2.68 8.55 -13.24
CA PHE A 40 3.99 8.82 -12.69
C PHE A 40 4.81 9.75 -13.59
N ASP A 41 4.61 9.68 -14.91
CA ASP A 41 5.34 10.53 -15.83
C ASP A 41 4.82 11.97 -15.79
N LYS A 42 3.56 12.15 -15.41
CA LYS A 42 2.97 13.48 -15.30
C LYS A 42 3.28 14.11 -13.95
N ASP A 43 3.26 13.29 -12.89
CA ASP A 43 3.57 13.74 -11.53
C ASP A 43 4.64 12.85 -10.93
N ASN A 44 5.72 13.45 -10.43
CA ASN A 44 6.83 12.69 -9.85
C ASN A 44 6.77 12.60 -8.32
N ASN A 45 5.83 13.27 -7.67
CA ASN A 45 5.72 13.20 -6.20
C ASN A 45 4.49 12.41 -5.75
N THR A 46 3.95 11.58 -6.65
CA THR A 46 2.76 10.78 -6.36
C THR A 46 3.05 9.67 -5.34
N LEU A 47 2.39 9.71 -4.19
CA LEU A 47 2.57 8.66 -3.19
C LEU A 47 2.03 7.33 -3.75
N PHE A 48 2.89 6.33 -3.88
CA PHE A 48 2.47 5.03 -4.40
C PHE A 48 2.32 4.04 -3.26
N LEU A 49 1.12 3.49 -3.14
CA LEU A 49 0.79 2.54 -2.08
C LEU A 49 0.00 1.34 -2.61
N VAL A 50 0.33 0.16 -2.09
CA VAL A 50 -0.32 -1.08 -2.54
C VAL A 50 -0.97 -1.85 -1.37
N GLY A 51 -2.22 -2.28 -1.56
CA GLY A 51 -2.93 -3.03 -0.54
C GLY A 51 -3.72 -4.17 -1.15
N GLY A 52 -3.84 -5.28 -0.40
CA GLY A 52 -4.56 -6.44 -0.89
C GLY A 52 -5.67 -6.88 0.06
N ALA A 53 -6.64 -7.61 -0.48
CA ALA A 53 -7.77 -8.10 0.31
C ALA A 53 -7.39 -9.33 1.14
N LYS A 54 -8.22 -9.65 2.12
CA LYS A 54 -7.99 -10.78 3.02
C LYS A 54 -7.94 -12.12 2.27
N GLU A 55 -8.66 -12.22 1.16
CA GLU A 55 -8.73 -13.45 0.38
C GLU A 55 -7.59 -13.58 -0.65
N VAL A 56 -6.71 -12.58 -0.76
CA VAL A 56 -5.62 -12.66 -1.74
C VAL A 56 -4.32 -13.22 -1.12
N PRO A 57 -3.62 -14.15 -1.81
CA PRO A 57 -2.37 -14.72 -1.31
C PRO A 57 -1.28 -13.64 -1.24
N TYR A 58 -0.42 -13.66 -0.24
CA TYR A 58 0.63 -12.64 -0.12
C TYR A 58 1.56 -12.66 -1.33
N GLU A 59 1.81 -13.85 -1.87
CA GLU A 59 2.69 -14.01 -3.04
C GLU A 59 2.21 -13.12 -4.19
N GLU A 60 0.89 -12.88 -4.28
CA GLU A 60 0.36 -12.06 -5.36
C GLU A 60 0.65 -10.58 -5.10
N VAL A 61 0.63 -10.20 -3.82
CA VAL A 61 0.91 -8.82 -3.46
C VAL A 61 2.35 -8.48 -3.85
N ILE A 62 3.25 -9.46 -3.63
CA ILE A 62 4.65 -9.30 -3.99
C ILE A 62 4.76 -9.05 -5.50
N LYS A 63 4.07 -9.89 -6.27
CA LYS A 63 4.02 -9.76 -7.72
C LYS A 63 3.55 -8.35 -8.14
N ALA A 64 2.49 -7.86 -7.50
CA ALA A 64 1.97 -6.53 -7.78
C ALA A 64 3.04 -5.46 -7.55
N LEU A 65 3.68 -5.52 -6.38
CA LEU A 65 4.76 -4.58 -6.06
C LEU A 65 5.89 -4.73 -7.08
N ASN A 66 6.13 -5.98 -7.48
CA ASN A 66 7.15 -6.30 -8.47
C ASN A 66 6.82 -5.65 -9.82
N LEU A 67 5.54 -5.68 -10.20
CA LEU A 67 5.11 -5.10 -11.47
C LEU A 67 5.35 -3.60 -11.50
N LEU A 68 5.09 -2.95 -10.36
CA LEU A 68 5.28 -1.51 -10.25
C LEU A 68 6.75 -1.16 -10.38
N HIS A 69 7.61 -1.97 -9.75
CA HIS A 69 9.05 -1.76 -9.84
C HIS A 69 9.53 -1.91 -11.28
N LEU A 70 8.97 -2.88 -11.99
CA LEU A 70 9.34 -3.12 -13.39
C LEU A 70 9.11 -1.88 -14.26
N ALA A 71 8.02 -1.16 -14.01
CA ALA A 71 7.71 0.05 -14.79
C ALA A 71 8.34 1.32 -14.18
N GLY A 72 9.23 1.14 -13.20
CA GLY A 72 9.88 2.22 -12.50
C GLY A 72 8.96 3.12 -11.68
N ILE A 73 8.05 2.51 -10.94
CA ILE A 73 7.15 3.26 -10.06
C ILE A 73 7.77 3.34 -8.66
N LYS A 74 8.51 2.30 -8.27
CA LYS A 74 9.15 2.26 -6.96
C LYS A 74 10.67 2.37 -7.10
N GLY B 1 -16.75 2.32 3.27
CA GLY B 1 -15.92 2.63 4.46
C GLY B 1 -15.49 4.09 4.52
N SER B 2 -15.03 4.53 5.69
CA SER B 2 -14.60 5.91 5.86
C SER B 2 -13.20 6.11 5.29
N VAL B 3 -12.19 5.58 5.98
CA VAL B 3 -10.80 5.70 5.52
C VAL B 3 -9.95 4.51 6.02
N PRO B 4 -9.44 3.65 5.09
CA PRO B 4 -8.62 2.47 5.43
C PRO B 4 -7.50 2.70 6.46
N VAL B 5 -6.66 1.66 6.61
CA VAL B 5 -5.48 1.73 7.46
C VAL B 5 -4.28 1.78 6.51
N ILE B 6 -3.49 2.84 6.62
CA ILE B 6 -2.34 3.03 5.73
C ILE B 6 -1.02 3.08 6.49
N LEU B 7 -0.05 2.30 6.01
CA LEU B 7 1.29 2.28 6.59
C LEU B 7 2.28 2.76 5.54
N GLU B 8 3.05 3.80 5.90
CA GLU B 8 4.02 4.41 5.01
C GLU B 8 5.46 4.23 5.49
N VAL B 9 6.30 3.76 4.57
CA VAL B 9 7.73 3.58 4.83
C VAL B 9 8.47 4.87 4.49
N ALA B 10 8.73 5.68 5.53
CA ALA B 10 9.39 6.98 5.38
C ALA B 10 10.88 6.86 5.11
N GLY B 11 11.48 5.72 5.46
CA GLY B 11 12.91 5.54 5.25
C GLY B 11 13.43 4.20 5.69
N ILE B 12 14.43 4.23 6.57
CA ILE B 12 15.02 3.02 7.11
C ILE B 12 14.69 2.89 8.59
N GLY B 13 13.56 2.26 8.88
CA GLY B 13 13.14 2.07 10.27
C GLY B 13 12.12 3.08 10.75
N LYS B 14 11.83 4.10 9.94
CA LYS B 14 10.85 5.13 10.31
C LYS B 14 9.57 4.92 9.49
N TYR B 15 8.44 4.92 10.20
CA TYR B 15 7.15 4.71 9.53
C TYR B 15 6.05 5.66 10.03
N ALA B 16 5.07 5.84 9.16
CA ALA B 16 3.91 6.68 9.41
C ALA B 16 2.64 5.87 9.21
N ILE B 17 1.62 6.08 10.05
CA ILE B 17 0.37 5.30 9.89
C ILE B 17 -0.87 6.19 9.92
N SER B 18 -1.77 5.96 8.97
CA SER B 18 -3.01 6.72 8.90
C SER B 18 -4.18 5.79 9.25
N ILE B 19 -4.81 6.11 10.37
CA ILE B 19 -5.92 5.33 10.88
C ILE B 19 -7.23 6.11 10.77
N GLY B 20 -8.09 5.69 9.85
CA GLY B 20 -9.39 6.36 9.68
C GLY B 20 -9.28 7.88 9.63
N GLY B 21 -8.36 8.40 8.83
CA GLY B 21 -8.20 9.85 8.71
C GLY B 21 -7.14 10.44 9.62
N GLU B 22 -6.83 9.79 10.74
CA GLU B 22 -5.81 10.32 11.66
C GLU B 22 -4.43 9.77 11.29
N ARG B 23 -3.46 10.68 11.13
CA ARG B 23 -2.10 10.31 10.74
C ARG B 23 -1.12 10.40 11.93
N GLN B 24 -0.32 9.35 12.10
CA GLN B 24 0.69 9.31 13.17
C GLN B 24 2.08 9.17 12.53
N GLU B 25 3.01 10.05 12.91
CA GLU B 25 4.37 10.04 12.33
C GLU B 25 5.44 9.78 13.40
N GLY B 26 6.58 9.25 12.94
CA GLY B 26 7.69 8.98 13.83
C GLY B 26 7.56 7.67 14.57
N LEU B 27 6.84 6.71 14.00
CA LEU B 27 6.63 5.43 14.66
C LEU B 27 7.74 4.42 14.37
N THR B 28 7.99 3.56 15.36
CA THR B 28 9.00 2.51 15.27
C THR B 28 8.36 1.23 14.74
N GLU B 29 9.18 0.22 14.46
CA GLU B 29 8.65 -1.04 13.96
C GLU B 29 7.85 -1.77 15.03
N GLU B 30 8.35 -1.84 16.26
CA GLU B 30 7.65 -2.51 17.35
C GLU B 30 6.32 -1.79 17.66
N MET B 31 6.34 -0.46 17.61
CA MET B 31 5.14 0.32 17.88
C MET B 31 4.13 0.21 16.74
N VAL B 32 4.61 0.17 15.49
CA VAL B 32 3.71 0.05 14.35
C VAL B 32 2.97 -1.29 14.40
N THR B 33 3.66 -2.33 14.91
CA THR B 33 3.07 -3.65 15.05
C THR B 33 1.93 -3.60 16.07
N GLN B 34 2.22 -3.04 17.25
CA GLN B 34 1.25 -2.89 18.34
C GLN B 34 -0.04 -2.24 17.86
N LEU B 35 0.11 -1.11 17.18
CA LEU B 35 -1.02 -0.36 16.65
C LEU B 35 -1.77 -1.13 15.57
N SER B 36 -1.03 -1.71 14.62
CA SER B 36 -1.64 -2.47 13.54
C SER B 36 -2.49 -3.63 14.07
N ARG B 37 -1.93 -4.33 15.07
CA ARG B 37 -2.60 -5.47 15.69
C ARG B 37 -3.86 -5.03 16.45
N GLN B 38 -3.75 -3.94 17.20
CA GLN B 38 -4.89 -3.45 17.98
C GLN B 38 -6.02 -3.00 17.07
N GLU B 39 -5.69 -2.35 15.95
CA GLU B 39 -6.72 -1.89 15.03
C GLU B 39 -7.38 -3.06 14.31
N PHE B 40 -6.60 -4.09 13.98
CA PHE B 40 -7.14 -5.25 13.28
C PHE B 40 -8.01 -6.11 14.21
N ASP B 41 -7.71 -6.14 15.50
CA ASP B 41 -8.50 -6.94 16.45
C ASP B 41 -9.84 -6.27 16.74
N LYS B 42 -9.90 -4.94 16.60
CA LYS B 42 -11.14 -4.20 16.84
C LYS B 42 -12.00 -4.20 15.57
N ASP B 43 -11.37 -4.09 14.42
CA ASP B 43 -12.07 -4.10 13.12
C ASP B 43 -11.44 -5.14 12.22
N ASN B 44 -12.26 -6.04 11.66
CA ASN B 44 -11.76 -7.10 10.80
C ASN B 44 -11.90 -6.79 9.31
N ASN B 45 -12.54 -5.67 8.94
CA ASN B 45 -12.70 -5.31 7.52
C ASN B 45 -11.83 -4.11 7.13
N THR B 46 -10.80 -3.83 7.94
CA THR B 46 -9.90 -2.69 7.70
C THR B 46 -9.02 -2.92 6.47
N LEU B 47 -9.15 -2.07 5.45
CA LEU B 47 -8.30 -2.19 4.26
C LEU B 47 -6.85 -1.89 4.65
N PHE B 48 -5.97 -2.87 4.46
CA PHE B 48 -4.55 -2.69 4.80
C PHE B 48 -3.74 -2.46 3.54
N LEU B 49 -3.07 -1.31 3.51
CA LEU B 49 -2.26 -0.90 2.36
C LEU B 49 -0.89 -0.36 2.79
N VAL B 50 0.13 -0.70 2.01
CA VAL B 50 1.51 -0.29 2.32
C VAL B 50 2.16 0.47 1.16
N GLY B 51 2.78 1.62 1.46
CA GLY B 51 3.45 2.41 0.44
C GLY B 51 4.77 2.96 0.94
N GLY B 52 5.75 3.08 0.04
CA GLY B 52 7.06 3.59 0.42
C GLY B 52 7.49 4.79 -0.41
N ALA B 53 8.42 5.57 0.13
CA ALA B 53 8.93 6.75 -0.55
C ALA B 53 9.93 6.39 -1.64
N LYS B 54 10.23 7.36 -2.50
CA LYS B 54 11.16 7.15 -3.62
C LYS B 54 12.58 6.83 -3.15
N GLU B 55 12.94 7.33 -1.97
CA GLU B 55 14.28 7.12 -1.43
C GLU B 55 14.43 5.82 -0.64
N VAL B 56 13.34 5.04 -0.48
CA VAL B 56 13.42 3.79 0.28
C VAL B 56 13.70 2.58 -0.62
N PRO B 57 14.62 1.66 -0.23
CA PRO B 57 14.92 0.46 -1.02
C PRO B 57 13.71 -0.46 -1.06
N TYR B 58 13.45 -1.14 -2.18
CA TYR B 58 12.29 -2.03 -2.27
C TYR B 58 12.38 -3.17 -1.24
N GLU B 59 13.60 -3.62 -0.97
CA GLU B 59 13.81 -4.71 -0.01
C GLU B 59 13.19 -4.35 1.35
N GLU B 60 13.15 -3.06 1.69
CA GLU B 60 12.60 -2.64 2.98
C GLU B 60 11.08 -2.70 2.95
N VAL B 61 10.50 -2.43 1.77
CA VAL B 61 9.05 -2.49 1.62
C VAL B 61 8.59 -3.93 1.83
N ILE B 62 9.38 -4.87 1.31
CA ILE B 62 9.10 -6.30 1.47
C ILE B 62 9.08 -6.64 2.96
N LYS B 63 10.11 -6.19 3.66
CA LYS B 63 10.22 -6.39 5.09
C LYS B 63 8.99 -5.85 5.83
N ALA B 64 8.54 -4.65 5.46
CA ALA B 64 7.36 -4.04 6.06
C ALA B 64 6.13 -4.94 5.87
N LEU B 65 5.91 -5.36 4.62
CA LEU B 65 4.79 -6.26 4.31
C LEU B 65 4.96 -7.56 5.10
N ASN B 66 6.21 -8.00 5.23
CA ASN B 66 6.54 -9.21 5.97
C ASN B 66 6.15 -9.05 7.45
N LEU B 67 6.43 -7.87 8.01
CA LEU B 67 6.12 -7.62 9.43
C LEU B 67 4.62 -7.70 9.67
N LEU B 68 3.85 -7.16 8.73
CA LEU B 68 2.39 -7.18 8.84
C LEU B 68 1.87 -8.61 8.80
N HIS B 69 2.45 -9.43 7.93
CA HIS B 69 2.06 -10.82 7.81
C HIS B 69 2.37 -11.57 9.11
N LEU B 70 3.51 -11.25 9.72
CA LEU B 70 3.92 -11.88 10.98
C LEU B 70 2.88 -11.67 12.08
N ALA B 71 2.28 -10.48 12.14
CA ALA B 71 1.27 -10.20 13.16
C ALA B 71 -0.15 -10.57 12.70
N GLY B 72 -0.26 -11.28 11.58
CA GLY B 72 -1.52 -11.68 10.99
C GLY B 72 -2.40 -10.54 10.49
N ILE B 73 -1.80 -9.58 9.82
CA ILE B 73 -2.56 -8.46 9.24
C ILE B 73 -2.95 -8.80 7.80
N LYS B 74 -2.09 -9.58 7.11
CA LYS B 74 -2.35 -9.97 5.73
C LYS B 74 -2.64 -11.47 5.66
N GLY A 1 -0.52 17.33 -0.01
CA GLY A 1 -1.09 16.74 -1.26
C GLY A 1 -2.57 16.45 -1.14
N SER A 2 -3.23 16.23 -2.27
CA SER A 2 -4.65 15.94 -2.28
C SER A 2 -4.91 14.48 -1.92
N VAL A 3 -4.61 13.56 -2.85
CA VAL A 3 -4.80 12.14 -2.62
C VAL A 3 -3.82 11.30 -3.46
N PRO A 4 -2.90 10.53 -2.82
CA PRO A 4 -1.89 9.69 -3.51
C PRO A 4 -2.44 8.81 -4.65
N VAL A 5 -1.59 7.90 -5.11
CA VAL A 5 -1.97 6.90 -6.11
C VAL A 5 -2.07 5.57 -5.37
N ILE A 6 -3.26 4.98 -5.38
CA ILE A 6 -3.50 3.73 -4.66
C ILE A 6 -3.86 2.59 -5.59
N LEU A 7 -3.17 1.45 -5.41
CA LEU A 7 -3.45 0.24 -6.20
C LEU A 7 -3.90 -0.85 -5.24
N GLU A 8 -5.07 -1.41 -5.52
CA GLU A 8 -5.68 -2.44 -4.69
C GLU A 8 -5.80 -3.79 -5.41
N VAL A 9 -5.34 -4.83 -4.73
CA VAL A 9 -5.42 -6.22 -5.22
C VAL A 9 -6.75 -6.83 -4.78
N ALA A 10 -7.74 -6.80 -5.68
CA ALA A 10 -9.08 -7.31 -5.39
C ALA A 10 -9.16 -8.83 -5.41
N GLY A 11 -8.19 -9.49 -6.05
CA GLY A 11 -8.22 -10.95 -6.11
C GLY A 11 -7.05 -11.55 -6.84
N ILE A 12 -7.36 -12.31 -7.89
CA ILE A 12 -6.35 -12.96 -8.72
C ILE A 12 -6.40 -12.40 -10.12
N GLY A 13 -5.71 -11.29 -10.33
CA GLY A 13 -5.68 -10.66 -11.63
C GLY A 13 -6.61 -9.46 -11.77
N LYS A 14 -7.40 -9.19 -10.73
CA LYS A 14 -8.32 -8.04 -10.74
C LYS A 14 -7.78 -6.96 -9.80
N TYR A 15 -7.73 -5.72 -10.30
CA TYR A 15 -7.22 -4.62 -9.50
C TYR A 15 -8.05 -3.34 -9.64
N ALA A 16 -7.94 -2.51 -8.60
CA ALA A 16 -8.63 -1.23 -8.51
C ALA A 16 -7.59 -0.14 -8.27
N ILE A 17 -7.78 1.05 -8.87
CA ILE A 17 -6.82 2.14 -8.68
C ILE A 17 -7.49 3.45 -8.34
N SER A 18 -6.97 4.13 -7.32
CA SER A 18 -7.49 5.43 -6.91
C SER A 18 -6.47 6.50 -7.24
N ILE A 19 -6.85 7.37 -8.16
CA ILE A 19 -6.01 8.44 -8.63
C ILE A 19 -6.55 9.80 -8.18
N GLY A 20 -5.86 10.44 -7.23
CA GLY A 20 -6.29 11.75 -6.74
C GLY A 20 -7.78 11.83 -6.43
N GLY A 21 -8.30 10.84 -5.69
CA GLY A 21 -9.71 10.86 -5.34
C GLY A 21 -10.60 10.06 -6.28
N GLU A 22 -10.20 9.87 -7.55
CA GLU A 22 -11.02 9.10 -8.49
C GLU A 22 -10.64 7.62 -8.46
N ARG A 23 -11.65 6.77 -8.29
CA ARG A 23 -11.45 5.33 -8.19
C ARG A 23 -11.88 4.60 -9.48
N GLN A 24 -11.01 3.71 -9.97
CA GLN A 24 -11.31 2.90 -11.16
C GLN A 24 -11.28 1.42 -10.79
N GLU A 25 -12.34 0.69 -11.13
CA GLU A 25 -12.44 -0.73 -10.80
C GLU A 25 -12.52 -1.62 -12.05
N GLY A 26 -12.11 -2.88 -11.88
CA GLY A 26 -12.14 -3.84 -12.98
C GLY A 26 -10.96 -3.73 -13.92
N LEU A 27 -9.83 -3.25 -13.42
CA LEU A 27 -8.65 -3.09 -14.25
C LEU A 27 -7.80 -4.36 -14.33
N THR A 28 -7.14 -4.52 -15.47
CA THR A 28 -6.27 -5.66 -15.74
C THR A 28 -4.83 -5.30 -15.36
N GLU A 29 -3.92 -6.27 -15.41
CA GLU A 29 -2.52 -6.02 -15.07
C GLU A 29 -1.86 -5.13 -16.12
N GLU A 30 -2.07 -5.41 -17.41
CA GLU A 30 -1.47 -4.60 -18.48
C GLU A 30 -1.99 -3.17 -18.43
N MET A 31 -3.28 -3.03 -18.13
CA MET A 31 -3.90 -1.71 -18.05
C MET A 31 -3.44 -0.94 -16.81
N VAL A 32 -3.31 -1.65 -15.67
CA VAL A 32 -2.86 -1.01 -14.44
C VAL A 32 -1.44 -0.43 -14.63
N THR A 33 -0.62 -1.14 -15.43
CA THR A 33 0.74 -0.70 -15.72
C THR A 33 0.70 0.60 -16.51
N GLN A 34 -0.09 0.60 -17.59
CA GLN A 34 -0.26 1.77 -18.47
C GLN A 34 -0.60 3.03 -17.68
N LEU A 35 -1.61 2.92 -16.83
CA LEU A 35 -2.07 4.02 -16.00
C LEU A 35 -1.03 4.45 -14.99
N SER A 36 -0.44 3.48 -14.29
CA SER A 36 0.58 3.77 -13.28
C SER A 36 1.76 4.53 -13.88
N ARG A 37 2.20 4.08 -15.06
CA ARG A 37 3.32 4.69 -15.77
C ARG A 37 2.98 6.11 -16.24
N GLN A 38 1.79 6.29 -16.78
CA GLN A 38 1.38 7.61 -17.28
C GLN A 38 1.29 8.62 -16.13
N GLU A 39 0.79 8.19 -14.98
CA GLU A 39 0.65 9.08 -13.85
C GLU A 39 2.02 9.43 -13.26
N PHE A 40 2.93 8.47 -13.24
CA PHE A 40 4.26 8.70 -12.69
C PHE A 40 5.11 9.58 -13.61
N ASP A 41 4.90 9.50 -14.93
CA ASP A 41 5.68 10.33 -15.86
C ASP A 41 5.22 11.79 -15.82
N LYS A 42 3.96 12.02 -15.42
CA LYS A 42 3.43 13.38 -15.33
C LYS A 42 3.78 14.00 -13.98
N ASP A 43 3.77 13.19 -12.92
CA ASP A 43 4.11 13.66 -11.57
C ASP A 43 5.16 12.74 -10.95
N ASN A 44 6.37 13.27 -10.75
CA ASN A 44 7.47 12.48 -10.20
C ASN A 44 7.46 12.44 -8.66
N ASN A 45 6.39 12.93 -8.02
CA ASN A 45 6.31 12.91 -6.55
C ASN A 45 5.04 12.21 -6.06
N THR A 46 4.41 11.43 -6.94
CA THR A 46 3.17 10.72 -6.62
C THR A 46 3.41 9.60 -5.60
N LEU A 47 2.82 9.72 -4.41
CA LEU A 47 2.96 8.67 -3.40
C LEU A 47 2.28 7.40 -3.88
N PHE A 48 3.04 6.31 -3.96
CA PHE A 48 2.50 5.03 -4.42
C PHE A 48 2.34 4.05 -3.26
N LEU A 49 1.13 3.50 -3.14
CA LEU A 49 0.81 2.56 -2.08
C LEU A 49 0.02 1.37 -2.61
N VAL A 50 0.34 0.18 -2.07
CA VAL A 50 -0.30 -1.06 -2.52
C VAL A 50 -0.97 -1.81 -1.37
N GLY A 51 -2.24 -2.18 -1.55
CA GLY A 51 -2.97 -2.92 -0.52
C GLY A 51 -3.73 -4.08 -1.12
N GLY A 52 -3.79 -5.18 -0.38
CA GLY A 52 -4.51 -6.37 -0.85
C GLY A 52 -5.62 -6.79 0.08
N ALA A 53 -6.60 -7.52 -0.45
CA ALA A 53 -7.75 -7.98 0.34
C ALA A 53 -7.41 -9.22 1.17
N LYS A 54 -8.25 -9.50 2.16
CA LYS A 54 -8.07 -10.64 3.05
C LYS A 54 -8.06 -11.98 2.30
N GLU A 55 -8.81 -12.07 1.21
CA GLU A 55 -8.89 -13.30 0.42
C GLU A 55 -7.74 -13.44 -0.58
N VAL A 56 -6.87 -12.43 -0.69
CA VAL A 56 -5.75 -12.46 -1.62
C VAL A 56 -4.49 -13.07 -0.97
N PRO A 57 -3.79 -14.01 -1.66
CA PRO A 57 -2.56 -14.59 -1.12
C PRO A 57 -1.47 -13.54 -1.08
N TYR A 58 -0.59 -13.56 -0.07
CA TYR A 58 0.47 -12.56 0.03
C TYR A 58 1.41 -12.61 -1.18
N GLU A 59 1.62 -13.81 -1.71
CA GLU A 59 2.50 -13.99 -2.87
C GLU A 59 2.03 -13.10 -4.03
N GLU A 60 0.71 -12.86 -4.12
CA GLU A 60 0.18 -12.04 -5.21
C GLU A 60 0.49 -10.57 -4.97
N VAL A 61 0.49 -10.18 -3.70
CA VAL A 61 0.80 -8.79 -3.34
C VAL A 61 2.23 -8.48 -3.74
N ILE A 62 3.12 -9.46 -3.53
CA ILE A 62 4.53 -9.32 -3.89
C ILE A 62 4.63 -9.10 -5.40
N LYS A 63 3.93 -9.94 -6.15
CA LYS A 63 3.89 -9.82 -7.60
C LYS A 63 3.44 -8.43 -8.04
N ALA A 64 2.39 -7.90 -7.40
CA ALA A 64 1.88 -6.56 -7.70
C ALA A 64 2.97 -5.51 -7.50
N LEU A 65 3.62 -5.58 -6.34
CA LEU A 65 4.72 -4.66 -6.04
C LEU A 65 5.84 -4.85 -7.06
N ASN A 66 6.05 -6.11 -7.45
CA ASN A 66 7.05 -6.46 -8.45
C ASN A 66 6.73 -5.81 -9.79
N LEU A 67 5.45 -5.81 -10.18
CA LEU A 67 5.03 -5.23 -11.46
C LEU A 67 5.31 -3.73 -11.48
N LEU A 68 5.05 -3.09 -10.34
CA LEU A 68 5.28 -1.65 -10.24
C LEU A 68 6.76 -1.33 -10.38
N HIS A 69 7.60 -2.16 -9.75
CA HIS A 69 9.05 -1.98 -9.84
C HIS A 69 9.51 -2.13 -11.30
N LEU A 70 8.94 -3.10 -12.00
CA LEU A 70 9.29 -3.34 -13.39
C LEU A 70 9.08 -2.10 -14.26
N ALA A 71 8.00 -1.36 -14.01
CA ALA A 71 7.71 -0.15 -14.79
C ALA A 71 8.37 1.10 -14.19
N GLY A 72 9.25 0.91 -13.21
CA GLY A 72 9.93 1.99 -12.51
C GLY A 72 9.04 2.90 -11.69
N ILE A 73 8.12 2.31 -10.93
CA ILE A 73 7.24 3.09 -10.06
C ILE A 73 7.86 3.16 -8.66
N LYS A 74 8.60 2.12 -8.27
CA LYS A 74 9.25 2.07 -6.98
C LYS A 74 10.71 1.66 -7.10
N GLY B 1 -16.86 2.37 3.24
CA GLY B 1 -16.03 2.64 4.44
C GLY B 1 -15.55 4.08 4.50
N SER B 2 -15.06 4.49 5.66
CA SER B 2 -14.58 5.85 5.84
C SER B 2 -13.17 6.01 5.27
N VAL B 3 -12.17 5.45 5.97
CA VAL B 3 -10.79 5.53 5.51
C VAL B 3 -9.97 4.32 6.02
N PRO B 4 -9.45 3.46 5.11
CA PRO B 4 -8.65 2.26 5.46
C PRO B 4 -7.54 2.50 6.50
N VAL B 5 -6.69 1.48 6.64
CA VAL B 5 -5.51 1.56 7.49
C VAL B 5 -4.32 1.64 6.55
N ILE B 6 -3.56 2.74 6.64
CA ILE B 6 -2.42 2.97 5.75
C ILE B 6 -1.11 3.03 6.51
N LEU B 7 -0.12 2.26 6.02
CA LEU B 7 1.22 2.27 6.60
C LEU B 7 2.20 2.76 5.55
N GLU B 8 2.96 3.80 5.91
CA GLU B 8 3.92 4.44 5.01
C GLU B 8 5.36 4.27 5.48
N VAL B 9 6.21 3.84 4.56
CA VAL B 9 7.65 3.68 4.80
C VAL B 9 8.36 4.98 4.46
N ALA B 10 8.61 5.80 5.50
CA ALA B 10 9.25 7.10 5.34
C ALA B 10 10.74 7.01 5.09
N GLY B 11 11.36 5.88 5.45
CA GLY B 11 12.80 5.74 5.25
C GLY B 11 13.34 4.40 5.68
N ILE B 12 14.33 4.44 6.56
CA ILE B 12 14.95 3.24 7.11
C ILE B 12 14.63 3.09 8.58
N GLY B 13 13.46 2.50 8.87
CA GLY B 13 13.06 2.30 10.25
C GLY B 13 12.02 3.31 10.74
N LYS B 14 11.71 4.31 9.92
CA LYS B 14 10.72 5.33 10.27
C LYS B 14 9.44 5.09 9.47
N TYR B 15 8.30 5.08 10.18
CA TYR B 15 7.01 4.84 9.52
C TYR B 15 5.90 5.77 10.02
N ALA B 16 4.91 5.94 9.14
CA ALA B 16 3.74 6.76 9.40
C ALA B 16 2.49 5.92 9.20
N ILE B 17 1.46 6.12 10.03
CA ILE B 17 0.23 5.33 9.88
C ILE B 17 -1.02 6.19 9.90
N SER B 18 -1.91 5.94 8.96
CA SER B 18 -3.18 6.66 8.88
C SER B 18 -4.32 5.72 9.23
N ILE B 19 -4.96 6.02 10.34
CA ILE B 19 -6.06 5.23 10.87
C ILE B 19 -7.38 5.98 10.75
N GLY B 20 -8.24 5.55 9.83
CA GLY B 20 -9.54 6.20 9.66
C GLY B 20 -9.47 7.72 9.62
N GLY B 21 -8.56 8.26 8.81
CA GLY B 21 -8.43 9.71 8.69
C GLY B 21 -7.37 10.32 9.60
N GLU B 22 -7.04 9.67 10.72
CA GLU B 22 -6.03 10.23 11.63
C GLU B 22 -4.64 9.70 11.27
N ARG B 23 -3.69 10.63 11.11
CA ARG B 23 -2.32 10.29 10.72
C ARG B 23 -1.35 10.40 11.91
N GLN B 24 -0.51 9.37 12.08
CA GLN B 24 0.49 9.36 13.14
C GLN B 24 1.88 9.24 12.50
N GLU B 25 2.80 10.13 12.88
CA GLU B 25 4.15 10.14 12.31
C GLU B 25 5.22 9.90 13.37
N GLY B 26 6.37 9.38 12.92
CA GLY B 26 7.50 9.13 13.80
C GLY B 26 7.38 7.82 14.55
N LEU B 27 6.67 6.85 13.98
CA LEU B 27 6.48 5.56 14.64
C LEU B 27 7.62 4.57 14.34
N THR B 28 7.88 3.72 15.33
CA THR B 28 8.91 2.68 15.24
C THR B 28 8.30 1.39 14.71
N GLU B 29 9.13 0.39 14.45
CA GLU B 29 8.64 -0.89 13.95
C GLU B 29 7.85 -1.63 15.02
N GLU B 30 8.35 -1.69 16.24
CA GLU B 30 7.65 -2.38 17.34
C GLU B 30 6.32 -1.70 17.63
N MET B 31 6.31 -0.36 17.58
CA MET B 31 5.09 0.39 17.83
C MET B 31 4.08 0.25 16.69
N VAL B 32 4.57 0.23 15.45
CA VAL B 32 3.68 0.08 14.29
C VAL B 32 2.97 -1.27 14.36
N THR B 33 3.67 -2.28 14.88
CA THR B 33 3.10 -3.61 15.03
C THR B 33 1.95 -3.58 16.03
N GLN B 34 2.24 -3.01 17.21
CA GLN B 34 1.26 -2.87 18.30
C GLN B 34 -0.06 -2.26 17.81
N LEU B 35 0.06 -1.13 17.13
CA LEU B 35 -1.09 -0.41 16.61
C LEU B 35 -1.81 -1.20 15.52
N SER B 36 -1.06 -1.77 14.57
CA SER B 36 -1.64 -2.55 13.50
C SER B 36 -2.45 -3.73 14.03
N ARG B 37 -1.88 -4.42 15.03
CA ARG B 37 -2.53 -5.57 15.65
C ARG B 37 -3.79 -5.17 16.41
N GLN B 38 -3.72 -4.08 17.17
CA GLN B 38 -4.86 -3.63 17.94
C GLN B 38 -6.02 -3.22 17.03
N GLU B 39 -5.71 -2.57 15.91
CA GLU B 39 -6.76 -2.15 14.99
C GLU B 39 -7.38 -3.33 14.27
N PHE B 40 -6.56 -4.33 13.94
CA PHE B 40 -7.06 -5.51 13.24
C PHE B 40 -7.89 -6.40 14.15
N ASP B 41 -7.58 -6.44 15.46
CA ASP B 41 -8.34 -7.28 16.38
C ASP B 41 -9.72 -6.66 16.68
N LYS B 42 -9.83 -5.34 16.54
CA LYS B 42 -11.10 -4.65 16.77
C LYS B 42 -11.98 -4.69 15.52
N ASP B 43 -11.35 -4.57 14.35
CA ASP B 43 -12.07 -4.62 13.07
C ASP B 43 -11.41 -5.64 12.14
N ASN B 44 -12.14 -6.73 11.86
CA ASN B 44 -11.60 -7.78 11.00
C ASN B 44 -11.81 -7.51 9.51
N ASN B 45 -12.25 -6.30 9.13
CA ASN B 45 -12.45 -5.96 7.72
C ASN B 45 -11.67 -4.70 7.32
N THR B 46 -10.67 -4.33 8.13
CA THR B 46 -9.86 -3.15 7.88
C THR B 46 -8.97 -3.32 6.65
N LEU B 47 -9.19 -2.52 5.62
CA LEU B 47 -8.36 -2.58 4.42
C LEU B 47 -6.94 -2.15 4.77
N PHE B 48 -5.96 -3.01 4.52
CA PHE B 48 -4.56 -2.70 4.82
C PHE B 48 -3.77 -2.45 3.54
N LEU B 49 -3.09 -1.31 3.51
CA LEU B 49 -2.30 -0.90 2.36
C LEU B 49 -0.93 -0.36 2.78
N VAL B 50 0.11 -0.71 2.00
CA VAL B 50 1.47 -0.29 2.31
C VAL B 50 2.11 0.49 1.15
N GLY B 51 2.68 1.66 1.46
CA GLY B 51 3.34 2.47 0.45
C GLY B 51 4.68 2.98 0.94
N GLY B 52 5.64 3.07 0.03
CA GLY B 52 6.98 3.54 0.39
C GLY B 52 7.39 4.76 -0.42
N ALA B 53 8.32 5.54 0.11
CA ALA B 53 8.80 6.75 -0.55
C ALA B 53 9.83 6.43 -1.64
N LYS B 54 10.07 7.40 -2.52
CA LYS B 54 11.02 7.26 -3.62
C LYS B 54 12.44 6.97 -3.15
N GLU B 55 12.81 7.50 -1.98
CA GLU B 55 14.15 7.30 -1.42
C GLU B 55 14.29 5.98 -0.65
N VAL B 56 13.20 5.23 -0.50
CA VAL B 56 13.23 3.97 0.22
C VAL B 56 13.55 2.79 -0.73
N PRO B 57 14.46 1.87 -0.33
CA PRO B 57 14.78 0.70 -1.15
C PRO B 57 13.59 -0.25 -1.18
N TYR B 58 13.33 -0.93 -2.30
CA TYR B 58 12.19 -1.84 -2.38
C TYR B 58 12.31 -2.97 -1.36
N GLU B 59 13.54 -3.42 -1.09
CA GLU B 59 13.78 -4.50 -0.14
C GLU B 59 13.16 -4.15 1.23
N GLU B 60 13.12 -2.85 1.56
CA GLU B 60 12.57 -2.44 2.85
C GLU B 60 11.06 -2.53 2.84
N VAL B 61 10.46 -2.26 1.67
CA VAL B 61 9.01 -2.35 1.53
C VAL B 61 8.58 -3.79 1.75
N ILE B 62 9.37 -4.72 1.22
CA ILE B 62 9.10 -6.15 1.38
C ILE B 62 9.11 -6.50 2.87
N LYS B 63 10.15 -6.03 3.56
CA LYS B 63 10.28 -6.25 5.00
C LYS B 63 9.04 -5.73 5.74
N ALA B 64 8.57 -4.52 5.38
CA ALA B 64 7.38 -3.95 6.00
C ALA B 64 6.18 -4.86 5.82
N LEU B 65 5.96 -5.30 4.58
CA LEU B 65 4.86 -6.22 4.28
C LEU B 65 5.06 -7.52 5.07
N ASN B 66 6.32 -7.93 5.18
CA ASN B 66 6.69 -9.12 5.93
C ASN B 66 6.31 -8.98 7.41
N LEU B 67 6.56 -7.80 7.97
CA LEU B 67 6.25 -7.55 9.39
C LEU B 67 4.75 -7.66 9.64
N LEU B 68 3.97 -7.14 8.70
CA LEU B 68 2.51 -7.18 8.81
C LEU B 68 2.02 -8.63 8.78
N HIS B 69 2.62 -9.42 7.89
CA HIS B 69 2.26 -10.84 7.78
C HIS B 69 2.58 -11.57 9.09
N LEU B 70 3.72 -11.24 9.70
CA LEU B 70 4.13 -11.86 10.95
C LEU B 70 3.08 -11.67 12.05
N ALA B 71 2.47 -10.50 12.11
CA ALA B 71 1.45 -10.22 13.13
C ALA B 71 0.03 -10.62 12.66
N GLY B 72 -0.05 -11.33 11.54
CA GLY B 72 -1.31 -11.76 10.96
C GLY B 72 -2.21 -10.63 10.46
N ILE B 73 -1.63 -9.66 9.77
CA ILE B 73 -2.42 -8.56 9.20
C ILE B 73 -2.79 -8.91 7.75
N LYS B 74 -1.94 -9.68 7.08
CA LYS B 74 -2.20 -10.08 5.70
C LYS B 74 -1.97 -11.58 5.53
N GLY A 1 -0.52 17.26 0.09
CA GLY A 1 -1.09 16.69 -1.17
C GLY A 1 -2.57 16.41 -1.06
N SER A 2 -3.22 16.21 -2.21
CA SER A 2 -4.65 15.93 -2.25
C SER A 2 -4.93 14.47 -1.90
N VAL A 3 -4.61 13.57 -2.84
CA VAL A 3 -4.82 12.14 -2.62
C VAL A 3 -3.83 11.30 -3.47
N PRO A 4 -2.92 10.54 -2.81
CA PRO A 4 -1.91 9.70 -3.51
C PRO A 4 -2.45 8.83 -4.65
N VAL A 5 -1.59 7.92 -5.11
CA VAL A 5 -1.96 6.94 -6.12
C VAL A 5 -2.07 5.60 -5.39
N ILE A 6 -3.25 5.00 -5.41
CA ILE A 6 -3.50 3.75 -4.70
C ILE A 6 -3.85 2.60 -5.64
N LEU A 7 -3.15 1.48 -5.47
CA LEU A 7 -3.42 0.27 -6.26
C LEU A 7 -3.87 -0.84 -5.30
N GLU A 8 -5.03 -1.41 -5.60
CA GLU A 8 -5.64 -2.44 -4.78
C GLU A 8 -5.74 -3.79 -5.49
N VAL A 9 -5.28 -4.84 -4.81
CA VAL A 9 -5.35 -6.20 -5.31
C VAL A 9 -6.67 -6.83 -4.86
N ALA A 10 -7.67 -6.79 -5.75
CA ALA A 10 -9.00 -7.30 -5.47
C ALA A 10 -9.08 -8.83 -5.47
N GLY A 11 -8.12 -9.49 -6.12
CA GLY A 11 -8.15 -10.95 -6.16
C GLY A 11 -6.99 -11.57 -6.90
N ILE A 12 -7.31 -12.31 -7.95
CA ILE A 12 -6.29 -12.96 -8.79
C ILE A 12 -6.36 -12.38 -10.20
N GLY A 13 -5.63 -11.29 -10.41
CA GLY A 13 -5.60 -10.66 -11.72
C GLY A 13 -6.52 -9.46 -11.84
N LYS A 14 -7.34 -9.20 -10.83
CA LYS A 14 -8.26 -8.06 -10.83
C LYS A 14 -7.73 -6.97 -9.89
N TYR A 15 -7.70 -5.73 -10.38
CA TYR A 15 -7.19 -4.63 -9.57
C TYR A 15 -8.04 -3.36 -9.71
N ALA A 16 -7.92 -2.52 -8.66
CA ALA A 16 -8.61 -1.25 -8.57
C ALA A 16 -7.59 -0.15 -8.32
N ILE A 17 -7.76 1.03 -8.92
CA ILE A 17 -6.80 2.12 -8.71
C ILE A 17 -7.48 3.44 -8.37
N SER A 18 -6.96 4.11 -7.36
CA SER A 18 -7.49 5.40 -6.95
C SER A 18 -6.47 6.49 -7.27
N ILE A 19 -6.86 7.35 -8.20
CA ILE A 19 -6.02 8.43 -8.66
C ILE A 19 -6.55 9.79 -8.20
N GLY A 20 -5.87 10.42 -7.25
CA GLY A 20 -6.29 11.73 -6.75
C GLY A 20 -7.79 11.81 -6.45
N GLY A 21 -8.31 10.83 -5.72
CA GLY A 21 -9.73 10.84 -5.36
C GLY A 21 -10.61 10.04 -6.30
N GLU A 22 -10.20 9.85 -7.57
CA GLU A 22 -11.02 9.08 -8.52
C GLU A 22 -10.65 7.60 -8.48
N ARG A 23 -11.65 6.75 -8.32
CA ARG A 23 -11.44 5.30 -8.23
C ARG A 23 -11.87 4.57 -9.52
N GLN A 24 -10.99 3.69 -10.01
CA GLN A 24 -11.28 2.90 -11.21
C GLN A 24 -11.27 1.41 -10.83
N GLU A 25 -12.34 0.69 -11.19
CA GLU A 25 -12.45 -0.73 -10.85
C GLU A 25 -12.52 -1.61 -12.09
N GLY A 26 -12.13 -2.88 -11.93
CA GLY A 26 -12.17 -3.83 -13.03
C GLY A 26 -10.99 -3.73 -13.97
N LEU A 27 -9.85 -3.25 -13.47
CA LEU A 27 -8.68 -3.09 -14.31
C LEU A 27 -7.83 -4.36 -14.39
N THR A 28 -7.20 -4.53 -15.56
CA THR A 28 -6.33 -5.67 -15.82
C THR A 28 -4.89 -5.34 -15.44
N GLU A 29 -4.02 -6.34 -15.47
CA GLU A 29 -2.61 -6.12 -15.13
C GLU A 29 -1.92 -5.23 -16.17
N GLU A 30 -2.13 -5.50 -17.46
CA GLU A 30 -1.52 -4.71 -18.52
C GLU A 30 -2.03 -3.27 -18.48
N MET A 31 -3.31 -3.10 -18.19
CA MET A 31 -3.91 -1.78 -18.11
C MET A 31 -3.46 -1.02 -16.87
N VAL A 32 -3.32 -1.72 -15.73
CA VAL A 32 -2.87 -1.09 -14.50
C VAL A 32 -1.46 -0.51 -14.68
N THR A 33 -0.64 -1.23 -15.46
CA THR A 33 0.72 -0.79 -15.76
C THR A 33 0.70 0.51 -16.55
N GLN A 34 -0.09 0.51 -17.64
CA GLN A 34 -0.25 1.67 -18.51
C GLN A 34 -0.61 2.93 -17.73
N LEU A 35 -1.63 2.80 -16.89
CA LEU A 35 -2.12 3.90 -16.06
C LEU A 35 -1.08 4.35 -15.03
N SER A 36 -0.48 3.39 -14.34
CA SER A 36 0.52 3.69 -13.32
C SER A 36 1.70 4.47 -13.91
N ARG A 37 2.15 4.03 -15.09
CA ARG A 37 3.26 4.67 -15.79
C ARG A 37 2.90 6.08 -16.26
N GLN A 38 1.70 6.24 -16.81
CA GLN A 38 1.28 7.55 -17.31
C GLN A 38 1.16 8.55 -16.16
N GLU A 39 0.65 8.11 -15.02
CA GLU A 39 0.49 9.01 -13.87
C GLU A 39 1.85 9.38 -13.28
N PHE A 40 2.79 8.44 -13.26
CA PHE A 40 4.11 8.70 -12.71
C PHE A 40 4.94 9.60 -13.61
N ASP A 41 4.75 9.52 -14.94
CA ASP A 41 5.50 10.35 -15.86
C ASP A 41 5.02 11.81 -15.82
N LYS A 42 3.75 12.01 -15.44
CA LYS A 42 3.20 13.36 -15.35
C LYS A 42 3.53 13.99 -13.99
N ASP A 43 3.50 13.17 -12.94
CA ASP A 43 3.83 13.63 -11.58
C ASP A 43 4.89 12.72 -10.97
N ASN A 44 6.08 13.27 -10.73
CA ASN A 44 7.19 12.49 -10.17
C ASN A 44 7.14 12.38 -8.64
N ASN A 45 6.28 13.16 -7.98
CA ASN A 45 6.19 13.10 -6.52
C ASN A 45 4.94 12.36 -6.04
N THR A 46 4.35 11.54 -6.93
CA THR A 46 3.14 10.80 -6.63
C THR A 46 3.40 9.68 -5.61
N LEU A 47 2.78 9.78 -4.43
CA LEU A 47 2.94 8.74 -3.42
C LEU A 47 2.26 7.45 -3.90
N PHE A 48 3.00 6.36 -3.96
CA PHE A 48 2.46 5.08 -4.42
C PHE A 48 2.31 4.10 -3.25
N LEU A 49 1.11 3.53 -3.14
CA LEU A 49 0.79 2.59 -2.08
C LEU A 49 0.02 1.39 -2.61
N VAL A 50 0.34 0.20 -2.08
CA VAL A 50 -0.29 -1.04 -2.53
C VAL A 50 -0.96 -1.80 -1.39
N GLY A 51 -2.23 -2.16 -1.57
CA GLY A 51 -2.97 -2.90 -0.55
C GLY A 51 -3.74 -4.07 -1.16
N GLY A 52 -3.81 -5.18 -0.42
CA GLY A 52 -4.53 -6.35 -0.91
C GLY A 52 -5.64 -6.78 0.03
N ALA A 53 -6.62 -7.52 -0.50
CA ALA A 53 -7.75 -7.98 0.29
C ALA A 53 -7.41 -9.23 1.11
N LYS A 54 -8.25 -9.51 2.10
CA LYS A 54 -8.07 -10.65 3.00
C LYS A 54 -8.04 -11.99 2.24
N GLU A 55 -8.78 -12.08 1.14
CA GLU A 55 -8.84 -13.31 0.36
C GLU A 55 -7.69 -13.44 -0.65
N VAL A 56 -6.82 -12.42 -0.74
CA VAL A 56 -5.70 -12.46 -1.67
C VAL A 56 -4.45 -13.06 -1.01
N PRO A 57 -3.74 -14.00 -1.70
CA PRO A 57 -2.51 -14.59 -1.16
C PRO A 57 -1.42 -13.54 -1.10
N TYR A 58 -0.54 -13.56 -0.09
CA TYR A 58 0.51 -12.56 0.01
C TYR A 58 1.45 -12.61 -1.20
N GLU A 59 1.66 -13.81 -1.73
CA GLU A 59 2.55 -13.98 -2.89
C GLU A 59 2.07 -13.11 -4.06
N GLU A 60 0.76 -12.85 -4.14
CA GLU A 60 0.23 -12.04 -5.23
C GLU A 60 0.53 -10.57 -4.99
N VAL A 61 0.54 -10.17 -3.71
CA VAL A 61 0.85 -8.79 -3.35
C VAL A 61 2.28 -8.48 -3.75
N ILE A 62 3.17 -9.46 -3.53
CA ILE A 62 4.58 -9.32 -3.91
C ILE A 62 4.67 -9.10 -5.42
N LYS A 63 3.96 -9.94 -6.16
CA LYS A 63 3.91 -9.83 -7.62
C LYS A 63 3.47 -8.43 -8.05
N ALA A 64 2.43 -7.89 -7.42
CA ALA A 64 1.93 -6.55 -7.72
C ALA A 64 3.02 -5.51 -7.50
N LEU A 65 3.66 -5.57 -6.33
CA LEU A 65 4.75 -4.64 -6.01
C LEU A 65 5.88 -4.82 -7.03
N ASN A 66 6.10 -6.07 -7.43
CA ASN A 66 7.12 -6.41 -8.42
C ASN A 66 6.80 -5.75 -9.77
N LEU A 67 5.52 -5.75 -10.15
CA LEU A 67 5.11 -5.16 -11.43
C LEU A 67 5.37 -3.66 -11.43
N LEU A 68 5.10 -3.02 -10.30
CA LEU A 68 5.32 -1.58 -10.18
C LEU A 68 6.80 -1.25 -10.33
N HIS A 69 7.65 -2.09 -9.71
CA HIS A 69 9.09 -1.90 -9.80
C HIS A 69 9.56 -2.05 -11.24
N LEU A 70 8.98 -3.03 -11.95
CA LEU A 70 9.33 -3.28 -13.34
C LEU A 70 9.10 -2.04 -14.21
N ALA A 71 8.00 -1.31 -13.96
CA ALA A 71 7.70 -0.11 -14.75
C ALA A 71 8.33 1.16 -14.13
N GLY A 72 9.21 0.98 -13.15
CA GLY A 72 9.88 2.08 -12.47
C GLY A 72 8.96 2.98 -11.65
N ILE A 73 8.04 2.40 -10.90
CA ILE A 73 7.15 3.17 -10.04
C ILE A 73 7.76 3.26 -8.63
N LYS A 74 8.52 2.23 -8.24
CA LYS A 74 9.16 2.20 -6.93
C LYS A 74 10.65 1.90 -7.06
N GLY B 1 -16.83 2.33 3.10
CA GLY B 1 -15.99 2.60 4.31
C GLY B 1 -15.53 4.04 4.39
N SER B 2 -15.06 4.46 5.57
CA SER B 2 -14.60 5.82 5.77
C SER B 2 -13.18 5.99 5.22
N VAL B 3 -12.19 5.43 5.91
CA VAL B 3 -10.80 5.51 5.47
C VAL B 3 -9.99 4.31 6.00
N PRO B 4 -9.46 3.45 5.08
CA PRO B 4 -8.67 2.25 5.45
C PRO B 4 -7.57 2.48 6.49
N VAL B 5 -6.72 1.45 6.64
CA VAL B 5 -5.53 1.54 7.50
C VAL B 5 -4.34 1.63 6.56
N ILE B 6 -3.59 2.71 6.67
CA ILE B 6 -2.45 2.94 5.78
C ILE B 6 -1.13 3.00 6.54
N LEU B 7 -0.15 2.23 6.07
CA LEU B 7 1.20 2.22 6.65
C LEU B 7 2.18 2.71 5.59
N GLU B 8 2.94 3.74 5.96
CA GLU B 8 3.90 4.36 5.07
C GLU B 8 5.35 4.20 5.54
N VAL B 9 6.20 3.75 4.62
CA VAL B 9 7.63 3.59 4.86
C VAL B 9 8.36 4.90 4.52
N ALA B 10 8.58 5.71 5.54
CA ALA B 10 9.23 7.02 5.38
C ALA B 10 10.73 6.94 5.13
N GLY B 11 11.35 5.81 5.49
CA GLY B 11 12.78 5.66 5.29
C GLY B 11 13.32 4.33 5.73
N ILE B 12 14.33 4.38 6.61
CA ILE B 12 14.94 3.18 7.16
C ILE B 12 14.61 3.05 8.64
N GLY B 13 13.48 2.43 8.93
CA GLY B 13 13.05 2.23 10.31
C GLY B 13 12.02 3.23 10.80
N LYS B 14 11.71 4.24 9.98
CA LYS B 14 10.73 5.26 10.34
C LYS B 14 9.45 5.02 9.54
N TYR B 15 8.31 5.03 10.24
CA TYR B 15 7.02 4.80 9.57
C TYR B 15 5.91 5.74 10.06
N ALA B 16 4.93 5.90 9.18
CA ALA B 16 3.76 6.73 9.42
C ALA B 16 2.50 5.89 9.23
N ILE B 17 1.47 6.08 10.06
CA ILE B 17 0.25 5.29 9.89
C ILE B 17 -1.02 6.16 9.92
N SER B 18 -1.90 5.91 8.97
CA SER B 18 -3.16 6.64 8.88
C SER B 18 -4.31 5.70 9.23
N ILE B 19 -4.95 6.00 10.35
CA ILE B 19 -6.05 5.20 10.86
C ILE B 19 -7.37 5.96 10.74
N GLY B 20 -8.24 5.53 9.82
CA GLY B 20 -9.53 6.17 9.66
C GLY B 20 -9.47 7.69 9.60
N GLY B 21 -8.55 8.24 8.80
CA GLY B 21 -8.42 9.68 8.68
C GLY B 21 -7.37 10.30 9.59
N GLU B 22 -7.04 9.66 10.71
CA GLU B 22 -6.03 10.21 11.62
C GLU B 22 -4.64 9.69 11.26
N ARG B 23 -3.69 10.61 11.10
CA ARG B 23 -2.32 10.27 10.73
C ARG B 23 -1.34 10.37 11.91
N GLN B 24 -0.53 9.34 12.09
CA GLN B 24 0.49 9.33 13.16
C GLN B 24 1.88 9.22 12.53
N GLU B 25 2.78 10.13 12.90
CA GLU B 25 4.13 10.14 12.34
C GLU B 25 5.21 9.90 13.40
N GLY B 26 6.37 9.40 12.95
CA GLY B 26 7.48 9.15 13.85
C GLY B 26 7.36 7.84 14.60
N LEU B 27 6.66 6.86 14.02
CA LEU B 27 6.48 5.58 14.69
C LEU B 27 7.62 4.60 14.41
N THR B 28 7.89 3.76 15.40
CA THR B 28 8.93 2.74 15.32
C THR B 28 8.35 1.44 14.79
N GLU B 29 9.20 0.47 14.50
CA GLU B 29 8.75 -0.81 13.99
C GLU B 29 7.96 -1.60 15.05
N GLU B 30 8.45 -1.64 16.29
CA GLU B 30 7.76 -2.34 17.36
C GLU B 30 6.42 -1.68 17.66
N MET B 31 6.38 -0.35 17.61
CA MET B 31 5.15 0.39 17.86
C MET B 31 4.16 0.24 16.73
N VAL B 32 4.64 0.23 15.47
CA VAL B 32 3.76 0.08 14.32
C VAL B 32 3.04 -1.27 14.39
N THR B 33 3.75 -2.29 14.90
CA THR B 33 3.19 -3.62 15.04
C THR B 33 2.04 -3.59 16.05
N GLN B 34 2.33 -3.02 17.23
CA GLN B 34 1.34 -2.89 18.31
C GLN B 34 0.05 -2.26 17.84
N LEU B 35 0.17 -1.13 17.16
CA LEU B 35 -0.97 -0.39 16.63
C LEU B 35 -1.71 -1.18 15.55
N SER B 36 -0.97 -1.75 14.60
CA SER B 36 -1.56 -2.52 13.52
C SER B 36 -2.39 -3.69 14.04
N ARG B 37 -1.83 -4.38 15.05
CA ARG B 37 -2.49 -5.53 15.67
C ARG B 37 -3.75 -5.11 16.44
N GLN B 38 -3.66 -4.01 17.18
CA GLN B 38 -4.80 -3.55 17.96
C GLN B 38 -5.95 -3.11 17.05
N GLU B 39 -5.63 -2.47 15.94
CA GLU B 39 -6.67 -2.02 15.02
C GLU B 39 -7.32 -3.20 14.29
N PHE B 40 -6.52 -4.21 13.96
CA PHE B 40 -7.04 -5.38 13.26
C PHE B 40 -7.89 -6.26 14.18
N ASP B 41 -7.57 -6.31 15.48
CA ASP B 41 -8.34 -7.12 16.41
C ASP B 41 -9.71 -6.49 16.71
N LYS B 42 -9.79 -5.16 16.58
CA LYS B 42 -11.05 -4.46 16.81
C LYS B 42 -11.93 -4.48 15.55
N ASP B 43 -11.29 -4.36 14.39
CA ASP B 43 -12.01 -4.38 13.11
C ASP B 43 -11.35 -5.41 12.17
N ASN B 44 -12.09 -6.47 11.86
CA ASN B 44 -11.57 -7.53 11.01
C ASN B 44 -11.71 -7.24 9.51
N ASN B 45 -12.45 -6.19 9.14
CA ASN B 45 -12.62 -5.85 7.72
C ASN B 45 -11.79 -4.62 7.33
N THR B 46 -10.79 -4.29 8.14
CA THR B 46 -9.94 -3.12 7.89
C THR B 46 -9.04 -3.31 6.67
N LEU B 47 -9.24 -2.50 5.63
CA LEU B 47 -8.41 -2.58 4.44
C LEU B 47 -6.98 -2.14 4.78
N PHE B 48 -6.01 -3.00 4.51
CA PHE B 48 -4.61 -2.68 4.81
C PHE B 48 -3.81 -2.44 3.53
N LEU B 49 -3.12 -1.31 3.51
CA LEU B 49 -2.32 -0.91 2.35
C LEU B 49 -0.95 -0.38 2.78
N VAL B 50 0.09 -0.72 2.00
CA VAL B 50 1.46 -0.32 2.31
C VAL B 50 2.11 0.46 1.16
N GLY B 51 2.66 1.64 1.47
CA GLY B 51 3.32 2.45 0.46
C GLY B 51 4.65 2.97 0.97
N GLY B 52 5.63 3.06 0.06
CA GLY B 52 6.96 3.54 0.43
C GLY B 52 7.38 4.75 -0.38
N ALA B 53 8.32 5.53 0.15
CA ALA B 53 8.79 6.73 -0.52
C ALA B 53 9.84 6.41 -1.60
N LYS B 54 10.08 7.38 -2.48
CA LYS B 54 11.03 7.22 -3.58
C LYS B 54 12.46 6.93 -3.10
N GLU B 55 12.83 7.45 -1.94
CA GLU B 55 14.15 7.24 -1.38
C GLU B 55 14.28 5.92 -0.61
N VAL B 56 13.19 5.17 -0.46
CA VAL B 56 13.21 3.90 0.26
C VAL B 56 13.53 2.73 -0.68
N PRO B 57 14.45 1.81 -0.30
CA PRO B 57 14.78 0.64 -1.13
C PRO B 57 13.59 -0.31 -1.16
N TYR B 58 13.33 -0.98 -2.28
CA TYR B 58 12.19 -1.90 -2.37
C TYR B 58 12.31 -3.03 -1.35
N GLU B 59 13.55 -3.46 -1.08
CA GLU B 59 13.78 -4.55 -0.12
C GLU B 59 13.17 -4.20 1.24
N GLU B 60 13.12 -2.90 1.58
CA GLU B 60 12.57 -2.49 2.86
C GLU B 60 11.05 -2.58 2.85
N VAL B 61 10.46 -2.32 1.67
CA VAL B 61 9.01 -2.41 1.53
C VAL B 61 8.57 -3.85 1.76
N ILE B 62 9.38 -4.79 1.23
CA ILE B 62 9.11 -6.21 1.39
C ILE B 62 9.11 -6.55 2.88
N LYS B 63 10.16 -6.07 3.57
CA LYS B 63 10.29 -6.27 5.02
C LYS B 63 9.05 -5.77 5.76
N ALA B 64 8.56 -4.58 5.39
CA ALA B 64 7.37 -4.01 6.01
C ALA B 64 6.16 -4.92 5.81
N LEU B 65 5.95 -5.35 4.57
CA LEU B 65 4.84 -6.25 4.25
C LEU B 65 5.03 -7.56 5.03
N ASN B 66 6.29 -7.98 5.16
CA ASN B 66 6.64 -9.19 5.91
C ASN B 66 6.25 -9.05 7.38
N LEU B 67 6.49 -7.86 7.95
CA LEU B 67 6.17 -7.63 9.36
C LEU B 67 4.67 -7.72 9.60
N LEU B 68 3.89 -7.19 8.66
CA LEU B 68 2.43 -7.22 8.77
C LEU B 68 1.94 -8.65 8.73
N HIS B 69 2.54 -9.47 7.85
CA HIS B 69 2.17 -10.87 7.75
C HIS B 69 2.50 -11.61 9.05
N LEU B 70 3.63 -11.27 9.65
CA LEU B 70 4.06 -11.89 10.91
C LEU B 70 3.01 -11.68 12.02
N ALA B 71 2.42 -10.48 12.07
CA ALA B 71 1.40 -10.19 13.09
C ALA B 71 -0.02 -10.58 12.63
N GLY B 72 -0.12 -11.27 11.50
CA GLY B 72 -1.39 -11.68 10.93
C GLY B 72 -2.28 -10.55 10.44
N ILE B 73 -1.70 -9.58 9.76
CA ILE B 73 -2.47 -8.47 9.20
C ILE B 73 -2.88 -8.81 7.76
N LYS B 74 -2.03 -9.60 7.07
CA LYS B 74 -2.31 -9.99 5.69
C LYS B 74 -2.19 -11.51 5.54
N GLY A 1 -0.39 17.22 -0.14
CA GLY A 1 -1.01 16.58 -1.33
C GLY A 1 -2.51 16.38 -1.17
N SER A 2 -3.19 16.19 -2.30
CA SER A 2 -4.63 15.99 -2.29
C SER A 2 -4.98 14.54 -1.92
N VAL A 3 -4.72 13.62 -2.84
CA VAL A 3 -5.00 12.21 -2.60
C VAL A 3 -4.04 11.30 -3.41
N PRO A 4 -3.15 10.52 -2.72
CA PRO A 4 -2.17 9.62 -3.37
C PRO A 4 -2.72 8.75 -4.51
N VAL A 5 -1.86 7.83 -4.96
CA VAL A 5 -2.23 6.83 -5.96
C VAL A 5 -2.29 5.50 -5.22
N ILE A 6 -3.46 4.86 -5.26
CA ILE A 6 -3.67 3.60 -4.54
C ILE A 6 -4.01 2.45 -5.49
N LEU A 7 -3.31 1.33 -5.31
CA LEU A 7 -3.57 0.13 -6.11
C LEU A 7 -4.01 -0.98 -5.16
N GLU A 8 -5.17 -1.57 -5.46
CA GLU A 8 -5.77 -2.61 -4.65
C GLU A 8 -5.87 -3.95 -5.39
N VAL A 9 -5.39 -5.00 -4.72
CA VAL A 9 -5.43 -6.37 -5.25
C VAL A 9 -6.75 -7.01 -4.82
N ALA A 10 -7.73 -6.98 -5.72
CA ALA A 10 -9.06 -7.52 -5.46
C ALA A 10 -9.10 -9.04 -5.48
N GLY A 11 -8.12 -9.68 -6.12
CA GLY A 11 -8.12 -11.13 -6.19
C GLY A 11 -6.92 -11.71 -6.92
N ILE A 12 -7.21 -12.46 -7.98
CA ILE A 12 -6.18 -13.07 -8.82
C ILE A 12 -6.24 -12.48 -10.22
N GLY A 13 -5.53 -11.38 -10.42
CA GLY A 13 -5.50 -10.74 -11.72
C GLY A 13 -6.44 -9.55 -11.84
N LYS A 14 -7.27 -9.31 -10.82
CA LYS A 14 -8.21 -8.18 -10.82
C LYS A 14 -7.69 -7.10 -9.87
N TYR A 15 -7.65 -5.86 -10.36
CA TYR A 15 -7.17 -4.75 -9.55
C TYR A 15 -8.03 -3.49 -9.67
N ALA A 16 -7.94 -2.68 -8.63
CA ALA A 16 -8.65 -1.41 -8.52
C ALA A 16 -7.65 -0.30 -8.28
N ILE A 17 -7.84 0.88 -8.88
CA ILE A 17 -6.89 1.98 -8.68
C ILE A 17 -7.59 3.30 -8.36
N SER A 18 -7.07 3.98 -7.34
CA SER A 18 -7.62 5.28 -6.95
C SER A 18 -6.60 6.36 -7.26
N ILE A 19 -6.99 7.23 -8.18
CA ILE A 19 -6.14 8.31 -8.64
C ILE A 19 -6.69 9.67 -8.20
N GLY A 20 -6.01 10.31 -7.24
CA GLY A 20 -6.44 11.62 -6.76
C GLY A 20 -7.94 11.70 -6.45
N GLY A 21 -8.46 10.71 -5.73
CA GLY A 21 -9.87 10.71 -5.37
C GLY A 21 -10.75 9.90 -6.33
N GLU A 22 -10.33 9.73 -7.58
CA GLU A 22 -11.14 8.96 -8.54
C GLU A 22 -10.76 7.48 -8.50
N ARG A 23 -11.77 6.62 -8.33
CA ARG A 23 -11.55 5.18 -8.24
C ARG A 23 -11.95 4.45 -9.52
N GLN A 24 -11.06 3.58 -10.01
CA GLN A 24 -11.34 2.78 -11.22
C GLN A 24 -11.29 1.29 -10.85
N GLU A 25 -12.35 0.56 -11.21
CA GLU A 25 -12.43 -0.87 -10.89
C GLU A 25 -12.46 -1.75 -12.14
N GLY A 26 -12.01 -3.00 -11.98
CA GLY A 26 -12.03 -3.95 -13.07
C GLY A 26 -10.84 -3.82 -14.00
N LEU A 27 -9.71 -3.33 -13.50
CA LEU A 27 -8.53 -3.15 -14.33
C LEU A 27 -7.67 -4.40 -14.40
N THR A 28 -7.01 -4.58 -15.56
CA THR A 28 -6.12 -5.70 -15.81
C THR A 28 -4.70 -5.33 -15.41
N GLU A 29 -3.79 -6.30 -15.41
CA GLU A 29 -2.40 -6.03 -15.04
C GLU A 29 -1.73 -5.12 -16.09
N GLU A 30 -1.91 -5.40 -17.37
CA GLU A 30 -1.33 -4.59 -18.42
C GLU A 30 -1.89 -3.17 -18.39
N MET A 31 -3.19 -3.05 -18.11
CA MET A 31 -3.83 -1.75 -18.04
C MET A 31 -3.41 -0.97 -16.79
N VAL A 32 -3.28 -1.66 -15.66
CA VAL A 32 -2.86 -1.02 -14.41
C VAL A 32 -1.45 -0.41 -14.60
N THR A 33 -0.61 -1.10 -15.38
CA THR A 33 0.74 -0.64 -15.66
C THR A 33 0.68 0.67 -16.44
N GLN A 34 -0.10 0.65 -17.54
CA GLN A 34 -0.28 1.81 -18.42
C GLN A 34 -0.66 3.06 -17.62
N LEU A 35 -1.68 2.92 -16.78
CA LEU A 35 -2.18 4.01 -15.96
C LEU A 35 -1.14 4.45 -14.93
N SER A 36 -0.55 3.50 -14.23
CA SER A 36 0.45 3.81 -13.21
C SER A 36 1.63 4.59 -13.79
N ARG A 37 2.08 4.16 -14.98
CA ARG A 37 3.19 4.80 -15.67
C ARG A 37 2.83 6.21 -16.13
N GLN A 38 1.62 6.37 -16.68
CA GLN A 38 1.18 7.67 -17.17
C GLN A 38 1.05 8.66 -16.02
N GLU A 39 0.55 8.21 -14.88
CA GLU A 39 0.39 9.10 -13.74
C GLU A 39 1.75 9.48 -13.13
N PHE A 40 2.68 8.52 -13.11
CA PHE A 40 4.00 8.79 -12.55
C PHE A 40 4.83 9.70 -13.45
N ASP A 41 4.64 9.63 -14.78
CA ASP A 41 5.39 10.48 -15.69
C ASP A 41 4.90 11.93 -15.65
N LYS A 42 3.62 12.12 -15.27
CA LYS A 42 3.06 13.46 -15.17
C LYS A 42 3.39 14.08 -13.82
N ASP A 43 3.37 13.27 -12.76
CA ASP A 43 3.68 13.72 -11.41
C ASP A 43 4.74 12.81 -10.80
N ASN A 44 5.89 13.39 -10.44
CA ASN A 44 6.99 12.61 -9.88
C ASN A 44 6.95 12.54 -8.34
N ASN A 45 5.93 13.11 -7.69
CA ASN A 45 5.83 13.07 -6.23
C ASN A 45 4.57 12.33 -5.75
N THR A 46 3.98 11.53 -6.65
CA THR A 46 2.77 10.78 -6.34
C THR A 46 3.02 9.67 -5.33
N LEU A 47 2.38 9.73 -4.17
CA LEU A 47 2.53 8.67 -3.17
C LEU A 47 1.99 7.35 -3.73
N PHE A 48 2.86 6.35 -3.86
CA PHE A 48 2.45 5.04 -4.39
C PHE A 48 2.30 4.05 -3.24
N LEU A 49 1.09 3.50 -3.12
CA LEU A 49 0.77 2.55 -2.07
C LEU A 49 -0.02 1.35 -2.60
N VAL A 50 0.29 0.16 -2.08
CA VAL A 50 -0.35 -1.08 -2.52
C VAL A 50 -1.00 -1.84 -1.36
N GLY A 51 -2.23 -2.33 -1.57
CA GLY A 51 -2.93 -3.09 -0.55
C GLY A 51 -3.66 -4.28 -1.17
N GLY A 52 -3.74 -5.38 -0.41
CA GLY A 52 -4.41 -6.58 -0.90
C GLY A 52 -5.53 -7.03 0.02
N ALA A 53 -6.48 -7.79 -0.53
CA ALA A 53 -7.62 -8.28 0.24
C ALA A 53 -7.28 -9.51 1.07
N LYS A 54 -8.13 -9.80 2.05
CA LYS A 54 -7.94 -10.95 2.94
C LYS A 54 -7.92 -12.28 2.20
N GLU A 55 -8.66 -12.37 1.12
CA GLU A 55 -8.74 -13.59 0.32
C GLU A 55 -7.60 -13.71 -0.70
N VAL A 56 -6.76 -12.67 -0.82
CA VAL A 56 -5.64 -12.70 -1.77
C VAL A 56 -4.38 -13.29 -1.12
N PRO A 57 -3.65 -14.19 -1.83
CA PRO A 57 -2.41 -14.76 -1.31
C PRO A 57 -1.34 -13.67 -1.24
N TYR A 58 -0.48 -13.68 -0.24
CA TYR A 58 0.55 -12.65 -0.12
C TYR A 58 1.50 -12.66 -1.32
N GLU A 59 1.75 -13.86 -1.86
CA GLU A 59 2.64 -14.01 -3.03
C GLU A 59 2.16 -13.12 -4.18
N GLU A 60 0.84 -12.91 -4.28
CA GLU A 60 0.31 -12.09 -5.36
C GLU A 60 0.59 -10.62 -5.11
N VAL A 61 0.58 -10.23 -3.83
CA VAL A 61 0.86 -8.85 -3.46
C VAL A 61 2.29 -8.52 -3.84
N ILE A 62 3.19 -9.48 -3.62
CA ILE A 62 4.61 -9.32 -3.99
C ILE A 62 4.72 -9.08 -5.49
N LYS A 63 4.03 -9.93 -6.25
CA LYS A 63 3.99 -9.80 -7.71
C LYS A 63 3.52 -8.41 -8.13
N ALA A 64 2.46 -7.91 -7.49
CA ALA A 64 1.93 -6.58 -7.79
C ALA A 64 3.00 -5.51 -7.57
N LEU A 65 3.63 -5.55 -6.39
CA LEU A 65 4.70 -4.61 -6.07
C LEU A 65 5.84 -4.76 -7.08
N ASN A 66 6.08 -6.02 -7.48
CA ASN A 66 7.10 -6.33 -8.47
C ASN A 66 6.78 -5.67 -9.82
N LEU A 67 5.50 -5.71 -10.21
CA LEU A 67 5.09 -5.12 -11.49
C LEU A 67 5.33 -3.62 -11.50
N LEU A 68 5.04 -2.98 -10.37
CA LEU A 68 5.23 -1.54 -10.25
C LEU A 68 6.71 -1.18 -10.37
N HIS A 69 7.56 -1.99 -9.75
CA HIS A 69 9.01 -1.78 -9.82
C HIS A 69 9.50 -1.91 -11.26
N LEU A 70 8.94 -2.90 -11.98
CA LEU A 70 9.31 -3.13 -13.37
C LEU A 70 9.08 -1.88 -14.24
N ALA A 71 7.99 -1.16 -13.98
CA ALA A 71 7.68 0.05 -14.75
C ALA A 71 8.28 1.32 -14.12
N GLY A 72 9.15 1.15 -13.12
CA GLY A 72 9.78 2.25 -12.41
C GLY A 72 8.84 3.12 -11.59
N ILE A 73 7.93 2.50 -10.86
CA ILE A 73 7.01 3.25 -10.00
C ILE A 73 7.59 3.32 -8.58
N LYS A 74 8.31 2.27 -8.19
CA LYS A 74 8.92 2.23 -6.86
C LYS A 74 10.06 1.22 -6.83
N GLY B 1 -16.76 2.20 3.31
CA GLY B 1 -15.85 2.52 4.45
C GLY B 1 -15.48 3.99 4.51
N SER B 2 -15.01 4.43 5.67
CA SER B 2 -14.62 5.82 5.84
C SER B 2 -13.22 6.07 5.28
N VAL B 3 -12.21 5.56 5.97
CA VAL B 3 -10.82 5.72 5.52
C VAL B 3 -9.94 4.54 5.99
N PRO B 4 -9.42 3.72 5.05
CA PRO B 4 -8.56 2.54 5.36
C PRO B 4 -7.45 2.78 6.38
N VAL B 5 -6.60 1.76 6.53
CA VAL B 5 -5.41 1.84 7.38
C VAL B 5 -4.22 1.88 6.43
N ILE B 6 -3.44 2.95 6.53
CA ILE B 6 -2.29 3.15 5.64
C ILE B 6 -0.97 3.19 6.40
N LEU B 7 0.00 2.41 5.93
CA LEU B 7 1.35 2.39 6.52
C LEU B 7 2.34 2.87 5.47
N GLU B 8 3.12 3.89 5.83
CA GLU B 8 4.09 4.50 4.95
C GLU B 8 5.53 4.31 5.44
N VAL B 9 6.38 3.86 4.52
CA VAL B 9 7.80 3.66 4.79
C VAL B 9 8.55 4.96 4.47
N ALA B 10 8.80 5.76 5.50
CA ALA B 10 9.47 7.05 5.36
C ALA B 10 10.97 6.92 5.11
N GLY B 11 11.55 5.78 5.46
CA GLY B 11 12.97 5.60 5.26
C GLY B 11 13.48 4.23 5.71
N ILE B 12 14.48 4.26 6.59
CA ILE B 12 15.05 3.04 7.15
C ILE B 12 14.70 2.92 8.63
N GLY B 13 13.56 2.30 8.91
CA GLY B 13 13.13 2.12 10.28
C GLY B 13 12.12 3.13 10.76
N LYS B 14 11.83 4.15 9.96
CA LYS B 14 10.86 5.18 10.32
C LYS B 14 9.58 4.98 9.50
N TYR B 15 8.44 4.99 10.20
CA TYR B 15 7.16 4.78 9.52
C TYR B 15 6.06 5.72 10.01
N ALA B 16 5.09 5.92 9.13
CA ALA B 16 3.93 6.76 9.38
C ALA B 16 2.66 5.94 9.19
N ILE B 17 1.65 6.15 10.02
CA ILE B 17 0.41 5.39 9.87
C ILE B 17 -0.85 6.27 9.90
N SER B 18 -1.76 6.02 8.97
CA SER B 18 -3.01 6.76 8.89
C SER B 18 -4.14 5.83 9.24
N ILE B 19 -4.80 6.12 10.35
CA ILE B 19 -5.90 5.34 10.86
C ILE B 19 -7.22 6.10 10.76
N GLY B 20 -8.09 5.68 9.83
CA GLY B 20 -9.38 6.33 9.68
C GLY B 20 -9.30 7.85 9.63
N GLY B 21 -8.38 8.38 8.82
CA GLY B 21 -8.25 9.83 8.70
C GLY B 21 -7.19 10.44 9.62
N GLU B 22 -6.87 9.78 10.74
CA GLU B 22 -5.86 10.32 11.67
C GLU B 22 -4.48 9.79 11.29
N ARG B 23 -3.53 10.71 11.13
CA ARG B 23 -2.15 10.37 10.75
C ARG B 23 -1.18 10.44 11.93
N GLN B 24 -0.37 9.40 12.10
CA GLN B 24 0.64 9.36 13.17
C GLN B 24 2.02 9.22 12.54
N GLU B 25 2.95 10.11 12.92
CA GLU B 25 4.30 10.10 12.36
C GLU B 25 5.37 9.81 13.41
N GLY B 26 6.50 9.26 12.97
CA GLY B 26 7.61 8.98 13.85
C GLY B 26 7.47 7.66 14.60
N LEU B 27 6.74 6.71 14.02
CA LEU B 27 6.55 5.42 14.68
C LEU B 27 7.67 4.42 14.37
N THR B 28 7.93 3.57 15.36
CA THR B 28 8.95 2.53 15.26
C THR B 28 8.33 1.25 14.72
N GLU B 29 9.16 0.26 14.41
CA GLU B 29 8.63 -1.01 13.90
C GLU B 29 7.82 -1.75 14.96
N GLU B 30 8.34 -1.83 16.19
CA GLU B 30 7.63 -2.50 17.27
C GLU B 30 6.31 -1.79 17.58
N MET B 31 6.33 -0.46 17.53
CA MET B 31 5.13 0.33 17.80
C MET B 31 4.11 0.21 16.67
N VAL B 32 4.59 0.20 15.41
CA VAL B 32 3.70 0.09 14.26
C VAL B 32 2.95 -1.25 14.32
N THR B 33 3.63 -2.28 14.83
CA THR B 33 3.03 -3.61 14.98
C THR B 33 1.88 -3.55 15.98
N GLN B 34 2.19 -2.99 17.16
CA GLN B 34 1.21 -2.84 18.25
C GLN B 34 -0.09 -2.18 17.77
N LEU B 35 0.07 -1.05 17.09
CA LEU B 35 -1.06 -0.31 16.56
C LEU B 35 -1.80 -1.08 15.48
N SER B 36 -1.06 -1.65 14.53
CA SER B 36 -1.66 -2.41 13.45
C SER B 36 -2.49 -3.58 13.97
N ARG B 37 -1.95 -4.28 14.96
CA ARG B 37 -2.61 -5.43 15.58
C ARG B 37 -3.87 -4.99 16.35
N GLN B 38 -3.77 -3.90 17.10
CA GLN B 38 -4.91 -3.41 17.88
C GLN B 38 -6.05 -2.98 16.96
N GLU B 39 -5.72 -2.33 15.85
CA GLU B 39 -6.75 -1.87 14.92
C GLU B 39 -7.40 -3.04 14.20
N PHE B 40 -6.60 -4.06 13.86
CA PHE B 40 -7.12 -5.23 13.15
C PHE B 40 -7.98 -6.10 14.06
N ASP B 41 -7.68 -6.14 15.36
CA ASP B 41 -8.46 -6.96 16.29
C ASP B 41 -9.82 -6.31 16.58
N LYS B 42 -9.90 -4.98 16.46
CA LYS B 42 -11.15 -4.28 16.69
C LYS B 42 -12.02 -4.27 15.43
N ASP B 43 -11.38 -4.15 14.27
CA ASP B 43 -12.08 -4.17 12.99
C ASP B 43 -11.45 -5.20 12.06
N ASN B 44 -12.22 -6.20 11.64
CA ASN B 44 -11.70 -7.25 10.78
C ASN B 44 -11.88 -6.95 9.29
N ASN B 45 -12.40 -5.78 8.92
CA ASN B 45 -12.58 -5.43 7.51
C ASN B 45 -11.76 -4.19 7.11
N THR B 46 -10.75 -3.86 7.93
CA THR B 46 -9.91 -2.70 7.68
C THR B 46 -9.01 -2.89 6.46
N LEU B 47 -9.16 -2.04 5.43
CA LEU B 47 -8.31 -2.13 4.25
C LEU B 47 -6.86 -1.85 4.65
N PHE B 48 -5.98 -2.82 4.45
CA PHE B 48 -4.56 -2.65 4.79
C PHE B 48 -3.75 -2.41 3.51
N LEU B 49 -3.07 -1.27 3.50
CA LEU B 49 -2.27 -0.87 2.35
C LEU B 49 -0.90 -0.33 2.77
N VAL B 50 0.13 -0.66 1.99
CA VAL B 50 1.50 -0.25 2.31
C VAL B 50 2.16 0.51 1.15
N GLY B 51 2.84 1.62 1.46
CA GLY B 51 3.51 2.40 0.44
C GLY B 51 4.88 2.89 0.93
N GLY B 52 5.84 2.97 0.01
CA GLY B 52 7.18 3.42 0.37
C GLY B 52 7.63 4.62 -0.43
N ALA B 53 8.59 5.37 0.12
CA ALA B 53 9.10 6.58 -0.53
C ALA B 53 10.12 6.25 -1.62
N LYS B 54 10.37 7.22 -2.49
CA LYS B 54 11.31 7.07 -3.61
C LYS B 54 12.74 6.78 -3.13
N GLU B 55 13.10 7.31 -1.96
CA GLU B 55 14.44 7.11 -1.40
C GLU B 55 14.56 5.79 -0.61
N VAL B 56 13.45 5.07 -0.44
CA VAL B 56 13.48 3.81 0.30
C VAL B 56 13.77 2.62 -0.63
N PRO B 57 14.66 1.69 -0.22
CA PRO B 57 14.97 0.50 -1.02
C PRO B 57 13.75 -0.42 -1.06
N TYR B 58 13.48 -1.09 -2.18
CA TYR B 58 12.30 -1.96 -2.26
C TYR B 58 12.39 -3.10 -1.25
N GLU B 59 13.62 -3.57 -0.98
CA GLU B 59 13.82 -4.67 -0.02
C GLU B 59 13.20 -4.30 1.35
N GLU B 60 13.18 -3.01 1.68
CA GLU B 60 12.63 -2.59 2.97
C GLU B 60 11.12 -2.66 2.95
N VAL B 61 10.54 -2.38 1.78
CA VAL B 61 9.09 -2.44 1.63
C VAL B 61 8.63 -3.87 1.83
N ILE B 62 9.42 -4.82 1.31
CA ILE B 62 9.12 -6.24 1.45
C ILE B 62 9.11 -6.60 2.94
N LYS B 63 10.15 -6.15 3.64
CA LYS B 63 10.27 -6.37 5.08
C LYS B 63 9.03 -5.83 5.82
N ALA B 64 8.59 -4.62 5.45
CA ALA B 64 7.41 -4.02 6.07
C ALA B 64 6.18 -4.91 5.88
N LEU B 65 5.96 -5.31 4.63
CA LEU B 65 4.84 -6.21 4.32
C LEU B 65 4.99 -7.51 5.10
N ASN B 66 6.24 -7.97 5.22
CA ASN B 66 6.57 -9.17 5.97
C ASN B 66 6.18 -9.02 7.45
N LEU B 67 6.46 -7.84 8.02
CA LEU B 67 6.15 -7.60 9.43
C LEU B 67 4.65 -7.68 9.67
N LEU B 68 3.88 -7.12 8.73
CA LEU B 68 2.42 -7.13 8.84
C LEU B 68 1.90 -8.56 8.80
N HIS B 69 2.48 -9.38 7.91
CA HIS B 69 2.07 -10.78 7.80
C HIS B 69 2.38 -11.52 9.10
N LEU B 70 3.52 -11.21 9.70
CA LEU B 70 3.92 -11.85 10.96
C LEU B 70 2.87 -11.64 12.06
N ALA B 71 2.27 -10.45 12.11
CA ALA B 71 1.26 -10.16 13.12
C ALA B 71 -0.16 -10.50 12.64
N GLY B 72 -0.27 -11.19 11.51
CA GLY B 72 -1.56 -11.56 10.92
C GLY B 72 -2.40 -10.41 10.44
N ILE B 73 -1.79 -9.44 9.76
CA ILE B 73 -2.53 -8.32 9.21
C ILE B 73 -2.91 -8.62 7.75
N LYS B 74 -2.05 -9.37 7.05
CA LYS B 74 -2.30 -9.73 5.67
C LYS B 74 -1.49 -10.96 5.27
N GLY A 1 -0.61 17.31 0.25
CA GLY A 1 -1.16 16.72 -1.01
C GLY A 1 -2.65 16.45 -0.92
N SER A 2 -3.28 16.21 -2.06
CA SER A 2 -4.71 15.95 -2.11
C SER A 2 -5.00 14.48 -1.78
N VAL A 3 -4.68 13.59 -2.71
CA VAL A 3 -4.91 12.16 -2.52
C VAL A 3 -3.91 11.31 -3.35
N PRO A 4 -3.01 10.54 -2.71
CA PRO A 4 -2.01 9.70 -3.39
C PRO A 4 -2.55 8.84 -4.54
N VAL A 5 -1.67 7.94 -5.02
CA VAL A 5 -2.04 6.96 -6.03
C VAL A 5 -2.14 5.62 -5.31
N ILE A 6 -3.31 5.00 -5.36
CA ILE A 6 -3.55 3.75 -4.66
C ILE A 6 -3.89 2.61 -5.60
N LEU A 7 -3.18 1.49 -5.44
CA LEU A 7 -3.42 0.28 -6.23
C LEU A 7 -3.87 -0.83 -5.27
N GLU A 8 -5.03 -1.40 -5.57
CA GLU A 8 -5.63 -2.43 -4.73
C GLU A 8 -5.77 -3.78 -5.46
N VAL A 9 -5.32 -4.83 -4.77
CA VAL A 9 -5.43 -6.20 -5.26
C VAL A 9 -6.78 -6.78 -4.81
N ALA A 10 -7.70 -6.91 -5.76
CA ALA A 10 -9.05 -7.40 -5.49
C ALA A 10 -9.15 -8.92 -5.51
N GLY A 11 -8.20 -9.59 -6.16
CA GLY A 11 -8.25 -11.05 -6.22
C GLY A 11 -7.07 -11.67 -6.95
N ILE A 12 -7.39 -12.41 -8.01
CA ILE A 12 -6.38 -13.06 -8.84
C ILE A 12 -6.43 -12.48 -10.24
N GLY A 13 -5.68 -11.39 -10.45
CA GLY A 13 -5.62 -10.76 -11.75
C GLY A 13 -6.52 -9.54 -11.89
N LYS A 14 -7.34 -9.26 -10.86
CA LYS A 14 -8.24 -8.10 -10.87
C LYS A 14 -7.70 -7.03 -9.92
N TYR A 15 -7.69 -5.78 -10.40
CA TYR A 15 -7.18 -4.69 -9.58
C TYR A 15 -8.02 -3.41 -9.70
N ALA A 16 -7.92 -2.59 -8.66
CA ALA A 16 -8.61 -1.31 -8.56
C ALA A 16 -7.59 -0.20 -8.30
N ILE A 17 -7.78 0.98 -8.90
CA ILE A 17 -6.81 2.06 -8.68
C ILE A 17 -7.50 3.39 -8.34
N SER A 18 -6.99 4.06 -7.33
CA SER A 18 -7.52 5.35 -6.92
C SER A 18 -6.51 6.44 -7.23
N ILE A 19 -6.89 7.31 -8.15
CA ILE A 19 -6.04 8.40 -8.61
C ILE A 19 -6.60 9.74 -8.15
N GLY A 20 -5.91 10.38 -7.19
CA GLY A 20 -6.35 11.68 -6.70
C GLY A 20 -7.83 11.76 -6.39
N GLY A 21 -8.36 10.78 -5.66
CA GLY A 21 -9.78 10.78 -5.31
C GLY A 21 -10.66 9.99 -6.25
N GLU A 22 -10.24 9.81 -7.51
CA GLU A 22 -11.06 9.04 -8.47
C GLU A 22 -10.69 7.56 -8.43
N ARG A 23 -11.70 6.70 -8.27
CA ARG A 23 -11.48 5.25 -8.19
C ARG A 23 -11.90 4.54 -9.48
N GLN A 24 -11.01 3.66 -9.97
CA GLN A 24 -11.30 2.87 -11.17
C GLN A 24 -11.29 1.38 -10.81
N GLU A 25 -12.36 0.67 -11.16
CA GLU A 25 -12.48 -0.75 -10.85
C GLU A 25 -12.55 -1.64 -12.10
N GLY A 26 -12.15 -2.89 -11.94
CA GLY A 26 -12.20 -3.85 -13.04
C GLY A 26 -11.02 -3.75 -13.98
N LEU A 27 -9.88 -3.28 -13.48
CA LEU A 27 -8.69 -3.11 -14.32
C LEU A 27 -7.86 -4.39 -14.40
N THR A 28 -7.22 -4.56 -15.55
CA THR A 28 -6.36 -5.70 -15.82
C THR A 28 -4.91 -5.37 -15.44
N GLU A 29 -4.05 -6.39 -15.45
CA GLU A 29 -2.65 -6.16 -15.10
C GLU A 29 -1.94 -5.29 -16.14
N GLU A 30 -2.14 -5.56 -17.42
CA GLU A 30 -1.52 -4.76 -18.48
C GLU A 30 -2.02 -3.33 -18.44
N MET A 31 -3.31 -3.16 -18.15
CA MET A 31 -3.91 -1.83 -18.09
C MET A 31 -3.46 -1.07 -16.84
N VAL A 32 -3.32 -1.77 -15.71
CA VAL A 32 -2.88 -1.13 -14.47
C VAL A 32 -1.46 -0.58 -14.65
N THR A 33 -0.64 -1.29 -15.44
CA THR A 33 0.72 -0.86 -15.72
C THR A 33 0.71 0.44 -16.51
N GLN A 34 -0.07 0.44 -17.61
CA GLN A 34 -0.23 1.61 -18.48
C GLN A 34 -0.57 2.87 -17.70
N LEU A 35 -1.60 2.75 -16.86
CA LEU A 35 -2.06 3.87 -16.03
C LEU A 35 -1.02 4.29 -15.00
N SER A 36 -0.43 3.32 -14.31
CA SER A 36 0.58 3.61 -13.30
C SER A 36 1.77 4.36 -13.90
N ARG A 37 2.20 3.90 -15.07
CA ARG A 37 3.33 4.51 -15.78
C ARG A 37 3.02 5.94 -16.24
N GLN A 38 1.81 6.13 -16.78
CA GLN A 38 1.42 7.44 -17.27
C GLN A 38 1.30 8.45 -16.14
N GLU A 39 0.79 8.01 -14.98
CA GLU A 39 0.64 8.90 -13.85
C GLU A 39 1.99 9.27 -13.25
N PHE A 40 2.94 8.32 -13.23
CA PHE A 40 4.25 8.59 -12.68
C PHE A 40 5.09 9.50 -13.59
N ASP A 41 4.89 9.41 -14.91
CA ASP A 41 5.66 10.25 -15.83
C ASP A 41 5.17 11.71 -15.77
N LYS A 42 3.90 11.91 -15.38
CA LYS A 42 3.35 13.26 -15.27
C LYS A 42 3.71 13.88 -13.91
N ASP A 43 3.68 13.06 -12.87
CA ASP A 43 4.02 13.51 -11.52
C ASP A 43 5.10 12.60 -10.93
N ASN A 44 6.24 13.18 -10.57
CA ASN A 44 7.36 12.41 -10.01
C ASN A 44 7.31 12.28 -8.49
N ASN A 45 6.49 13.09 -7.81
CA ASN A 45 6.41 13.01 -6.34
C ASN A 45 5.11 12.32 -5.88
N THR A 46 4.50 11.55 -6.78
CA THR A 46 3.24 10.85 -6.48
C THR A 46 3.45 9.73 -5.47
N LEU A 47 2.83 9.84 -4.29
CA LEU A 47 2.94 8.78 -3.28
C LEU A 47 2.25 7.52 -3.79
N PHE A 48 3.00 6.42 -3.88
CA PHE A 48 2.45 5.15 -4.35
C PHE A 48 2.28 4.17 -3.20
N LEU A 49 1.08 3.60 -3.10
CA LEU A 49 0.75 2.65 -2.03
C LEU A 49 -0.02 1.45 -2.58
N VAL A 50 0.31 0.27 -2.06
CA VAL A 50 -0.31 -0.98 -2.52
C VAL A 50 -0.99 -1.75 -1.36
N GLY A 51 -2.24 -2.15 -1.55
CA GLY A 51 -2.96 -2.90 -0.53
C GLY A 51 -3.76 -4.04 -1.13
N GLY A 52 -3.86 -5.14 -0.38
CA GLY A 52 -4.61 -6.30 -0.85
C GLY A 52 -5.73 -6.69 0.10
N ALA A 53 -6.73 -7.41 -0.43
CA ALA A 53 -7.87 -7.83 0.37
C ALA A 53 -7.54 -9.08 1.19
N LYS A 54 -8.40 -9.36 2.18
CA LYS A 54 -8.22 -10.51 3.08
C LYS A 54 -8.19 -11.84 2.33
N GLU A 55 -8.94 -11.93 1.23
CA GLU A 55 -9.01 -13.15 0.43
C GLU A 55 -7.84 -13.27 -0.57
N VAL A 56 -7.00 -12.24 -0.67
CA VAL A 56 -5.88 -12.27 -1.60
C VAL A 56 -4.63 -12.92 -0.96
N PRO A 57 -3.90 -13.79 -1.70
CA PRO A 57 -2.68 -14.43 -1.19
C PRO A 57 -1.56 -13.40 -1.11
N TYR A 58 -0.69 -13.45 -0.11
CA TYR A 58 0.39 -12.48 0.01
C TYR A 58 1.34 -12.55 -1.20
N GLU A 59 1.54 -13.74 -1.73
CA GLU A 59 2.42 -13.92 -2.88
C GLU A 59 1.96 -13.04 -4.05
N GLU A 60 0.65 -12.78 -4.13
CA GLU A 60 0.14 -11.96 -5.24
C GLU A 60 0.47 -10.49 -4.99
N VAL A 61 0.47 -10.09 -3.73
CA VAL A 61 0.81 -8.71 -3.36
C VAL A 61 2.25 -8.43 -3.76
N ILE A 62 3.12 -9.42 -3.53
CA ILE A 62 4.53 -9.30 -3.90
C ILE A 62 4.65 -9.09 -5.40
N LYS A 63 3.94 -9.93 -6.16
CA LYS A 63 3.92 -9.82 -7.62
C LYS A 63 3.48 -8.41 -8.06
N ALA A 64 2.43 -7.88 -7.41
CA ALA A 64 1.94 -6.53 -7.73
C ALA A 64 3.04 -5.50 -7.52
N LEU A 65 3.70 -5.57 -6.36
CA LEU A 65 4.79 -4.66 -6.05
C LEU A 65 5.91 -4.85 -7.08
N ASN A 66 6.12 -6.10 -7.46
CA ASN A 66 7.12 -6.46 -8.46
C ASN A 66 6.82 -5.78 -9.81
N LEU A 67 5.54 -5.77 -10.19
CA LEU A 67 5.14 -5.18 -11.46
C LEU A 67 5.40 -3.68 -11.47
N LEU A 68 5.13 -3.04 -10.33
CA LEU A 68 5.34 -1.61 -10.21
C LEU A 68 6.83 -1.28 -10.35
N HIS A 69 7.67 -2.12 -9.73
CA HIS A 69 9.11 -1.94 -9.82
C HIS A 69 9.59 -2.09 -11.26
N LEU A 70 9.00 -3.05 -11.97
CA LEU A 70 9.35 -3.30 -13.38
C LEU A 70 9.12 -2.06 -14.24
N ALA A 71 8.03 -1.32 -13.97
CA ALA A 71 7.72 -0.11 -14.74
C ALA A 71 8.38 1.15 -14.14
N GLY A 72 9.25 0.95 -13.14
CA GLY A 72 9.93 2.04 -12.45
C GLY A 72 9.03 2.94 -11.62
N ILE A 73 8.10 2.34 -10.87
CA ILE A 73 7.22 3.13 -10.00
C ILE A 73 7.84 3.19 -8.59
N LYS A 74 8.56 2.14 -8.21
CA LYS A 74 9.21 2.10 -6.90
C LYS A 74 10.66 1.65 -7.03
N GLY B 1 -16.88 2.47 2.99
CA GLY B 1 -16.03 2.73 4.19
C GLY B 1 -15.59 4.17 4.28
N SER B 2 -15.07 4.55 5.45
CA SER B 2 -14.60 5.92 5.68
C SER B 2 -13.18 6.10 5.13
N VAL B 3 -12.20 5.53 5.83
CA VAL B 3 -10.80 5.63 5.41
C VAL B 3 -9.99 4.42 5.92
N PRO B 4 -9.47 3.56 5.00
CA PRO B 4 -8.67 2.37 5.37
C PRO B 4 -7.56 2.60 6.41
N VAL B 5 -6.73 1.56 6.58
CA VAL B 5 -5.56 1.64 7.44
C VAL B 5 -4.35 1.72 6.51
N ILE B 6 -3.59 2.79 6.63
CA ILE B 6 -2.44 3.01 5.75
C ILE B 6 -1.11 3.06 6.52
N LEU B 7 -0.14 2.26 6.04
CA LEU B 7 1.19 2.23 6.64
C LEU B 7 2.18 2.72 5.58
N GLU B 8 2.95 3.74 5.94
CA GLU B 8 3.91 4.37 5.05
C GLU B 8 5.36 4.22 5.53
N VAL B 9 6.21 3.80 4.60
CA VAL B 9 7.64 3.67 4.83
C VAL B 9 8.32 5.00 4.51
N ALA B 10 8.73 5.72 5.56
CA ALA B 10 9.35 7.04 5.40
C ALA B 10 10.85 6.97 5.16
N GLY B 11 11.48 5.85 5.54
CA GLY B 11 12.92 5.72 5.33
C GLY B 11 13.46 4.38 5.77
N ILE B 12 14.45 4.44 6.66
CA ILE B 12 15.07 3.23 7.21
C ILE B 12 14.73 3.09 8.69
N GLY B 13 13.60 2.45 8.96
CA GLY B 13 13.18 2.23 10.33
C GLY B 13 12.12 3.21 10.83
N LYS B 14 11.80 4.22 10.01
CA LYS B 14 10.79 5.21 10.38
C LYS B 14 9.52 4.98 9.56
N TYR B 15 8.38 5.02 10.25
CA TYR B 15 7.09 4.78 9.58
C TYR B 15 5.98 5.73 10.06
N ALA B 16 4.99 5.89 9.17
CA ALA B 16 3.83 6.73 9.42
C ALA B 16 2.57 5.89 9.21
N ILE B 17 1.54 6.09 10.03
CA ILE B 17 0.30 5.31 9.87
C ILE B 17 -0.95 6.18 9.89
N SER B 18 -1.85 5.93 8.95
CA SER B 18 -3.10 6.67 8.85
C SER B 18 -4.25 5.74 9.20
N ILE B 19 -4.90 6.05 10.32
CA ILE B 19 -6.01 5.26 10.82
C ILE B 19 -7.32 6.01 10.71
N GLY B 20 -8.19 5.60 9.79
CA GLY B 20 -9.48 6.25 9.61
C GLY B 20 -9.41 7.77 9.56
N GLY B 21 -8.48 8.30 8.75
CA GLY B 21 -8.35 9.75 8.63
C GLY B 21 -7.30 10.36 9.55
N GLU B 22 -6.98 9.71 10.68
CA GLU B 22 -5.97 10.26 11.58
C GLU B 22 -4.58 9.74 11.22
N ARG B 23 -3.63 10.66 11.07
CA ARG B 23 -2.25 10.32 10.69
C ARG B 23 -1.29 10.41 11.88
N GLN B 24 -0.47 9.36 12.07
CA GLN B 24 0.53 9.35 13.13
C GLN B 24 1.93 9.24 12.51
N GLU B 25 2.83 10.14 12.89
CA GLU B 25 4.18 10.16 12.34
C GLU B 25 5.25 9.92 13.41
N GLY B 26 6.41 9.42 12.97
CA GLY B 26 7.52 9.17 13.87
C GLY B 26 7.40 7.86 14.61
N LEU B 27 6.71 6.88 14.03
CA LEU B 27 6.53 5.59 14.69
C LEU B 27 7.67 4.62 14.41
N THR B 28 7.94 3.78 15.41
CA THR B 28 8.98 2.77 15.32
C THR B 28 8.40 1.45 14.80
N GLU B 29 9.27 0.50 14.47
CA GLU B 29 8.81 -0.79 13.97
C GLU B 29 8.02 -1.57 15.02
N GLU B 30 8.51 -1.62 16.25
CA GLU B 30 7.82 -2.33 17.32
C GLU B 30 6.47 -1.68 17.63
N MET B 31 6.44 -0.35 17.59
CA MET B 31 5.22 0.39 17.85
C MET B 31 4.21 0.25 16.70
N VAL B 32 4.70 0.24 15.46
CA VAL B 32 3.82 0.09 14.30
C VAL B 32 3.10 -1.27 14.36
N THR B 33 3.82 -2.28 14.87
CA THR B 33 3.27 -3.62 15.01
C THR B 33 2.12 -3.60 16.01
N GLN B 34 2.40 -3.03 17.19
CA GLN B 34 1.42 -2.91 18.28
C GLN B 34 0.10 -2.30 17.80
N LEU B 35 0.22 -1.16 17.13
CA LEU B 35 -0.94 -0.44 16.60
C LEU B 35 -1.65 -1.23 15.51
N SER B 36 -0.89 -1.79 14.57
CA SER B 36 -1.48 -2.57 13.48
C SER B 36 -2.27 -3.77 14.01
N ARG B 37 -1.70 -4.44 15.01
CA ARG B 37 -2.34 -5.61 15.63
C ARG B 37 -3.61 -5.22 16.38
N GLN B 38 -3.55 -4.12 17.13
CA GLN B 38 -4.71 -3.68 17.91
C GLN B 38 -5.85 -3.25 16.99
N GLU B 39 -5.54 -2.60 15.88
CA GLU B 39 -6.57 -2.15 14.96
C GLU B 39 -7.22 -3.33 14.24
N PHE B 40 -6.42 -4.35 13.91
CA PHE B 40 -6.95 -5.51 13.21
C PHE B 40 -7.81 -6.39 14.12
N ASP B 41 -7.49 -6.44 15.43
CA ASP B 41 -8.26 -7.27 16.36
C ASP B 41 -9.63 -6.63 16.63
N LYS B 42 -9.72 -5.30 16.49
CA LYS B 42 -10.98 -4.60 16.71
C LYS B 42 -11.84 -4.63 15.44
N ASP B 43 -11.21 -4.52 14.29
CA ASP B 43 -11.91 -4.55 13.00
C ASP B 43 -11.26 -5.60 12.10
N ASN B 44 -12.04 -6.59 11.68
CA ASN B 44 -11.54 -7.67 10.83
C ASN B 44 -11.64 -7.36 9.34
N ASN B 45 -12.44 -6.36 8.95
CA ASN B 45 -12.58 -6.03 7.52
C ASN B 45 -11.80 -4.75 7.15
N THR B 46 -10.83 -4.39 7.98
CA THR B 46 -10.02 -3.19 7.75
C THR B 46 -9.11 -3.34 6.53
N LEU B 47 -9.32 -2.51 5.51
CA LEU B 47 -8.47 -2.55 4.33
C LEU B 47 -7.06 -2.11 4.69
N PHE B 48 -6.07 -2.97 4.45
CA PHE B 48 -4.67 -2.65 4.78
C PHE B 48 -3.87 -2.39 3.51
N LEU B 49 -3.18 -1.26 3.49
CA LEU B 49 -2.38 -0.85 2.35
C LEU B 49 -1.00 -0.33 2.78
N VAL B 50 0.03 -0.68 2.01
CA VAL B 50 1.40 -0.28 2.32
C VAL B 50 2.05 0.49 1.16
N GLY B 51 2.65 1.64 1.47
CA GLY B 51 3.32 2.45 0.45
C GLY B 51 4.64 3.00 0.95
N GLY B 52 5.61 3.12 0.05
CA GLY B 52 6.93 3.63 0.41
C GLY B 52 7.31 4.85 -0.41
N ALA B 53 8.23 5.66 0.13
CA ALA B 53 8.67 6.87 -0.55
C ALA B 53 9.71 6.57 -1.62
N LYS B 54 9.95 7.54 -2.50
CA LYS B 54 10.90 7.41 -3.60
C LYS B 54 12.32 7.10 -3.12
N GLU B 55 12.69 7.62 -1.96
CA GLU B 55 14.02 7.42 -1.40
C GLU B 55 14.14 6.10 -0.61
N VAL B 56 13.04 5.37 -0.46
CA VAL B 56 13.05 4.09 0.25
C VAL B 56 13.42 2.93 -0.68
N PRO B 57 14.28 1.99 -0.23
CA PRO B 57 14.65 0.81 -1.04
C PRO B 57 13.48 -0.16 -1.09
N TYR B 58 13.26 -0.84 -2.21
CA TYR B 58 12.14 -1.78 -2.32
C TYR B 58 12.27 -2.92 -1.31
N GLU B 59 13.50 -3.34 -1.04
CA GLU B 59 13.75 -4.42 -0.08
C GLU B 59 13.13 -4.09 1.28
N GLU B 60 13.06 -2.79 1.62
CA GLU B 60 12.51 -2.40 2.91
C GLU B 60 10.99 -2.52 2.89
N VAL B 61 10.40 -2.26 1.72
CA VAL B 61 8.95 -2.37 1.57
C VAL B 61 8.54 -3.82 1.78
N ILE B 62 9.35 -4.74 1.24
CA ILE B 62 9.10 -6.17 1.40
C ILE B 62 9.11 -6.53 2.89
N LYS B 63 10.15 -6.06 3.58
CA LYS B 63 10.28 -6.28 5.03
C LYS B 63 9.04 -5.79 5.77
N ALA B 64 8.56 -4.59 5.41
CA ALA B 64 7.36 -4.01 6.03
C ALA B 64 6.16 -4.95 5.84
N LEU B 65 5.96 -5.38 4.60
CA LEU B 65 4.86 -6.31 4.29
C LEU B 65 5.06 -7.60 5.08
N ASN B 66 6.33 -8.01 5.20
CA ASN B 66 6.69 -9.22 5.95
C ASN B 66 6.29 -9.08 7.43
N LEU B 67 6.53 -7.89 8.00
CA LEU B 67 6.20 -7.66 9.41
C LEU B 67 4.69 -7.75 9.64
N LEU B 68 3.92 -7.22 8.69
CA LEU B 68 2.47 -7.25 8.79
C LEU B 68 1.98 -8.70 8.76
N HIS B 69 2.57 -9.50 7.88
CA HIS B 69 2.21 -10.91 7.77
C HIS B 69 2.53 -11.64 9.08
N LEU B 70 3.67 -11.29 9.68
CA LEU B 70 4.09 -11.91 10.94
C LEU B 70 3.04 -11.70 12.04
N ALA B 71 2.44 -10.52 12.09
CA ALA B 71 1.42 -10.23 13.10
C ALA B 71 0.00 -10.62 12.63
N GLY B 72 -0.09 -11.31 11.50
CA GLY B 72 -1.35 -11.73 10.91
C GLY B 72 -2.25 -10.61 10.41
N ILE B 73 -1.66 -9.64 9.73
CA ILE B 73 -2.44 -8.54 9.16
C ILE B 73 -2.82 -8.88 7.71
N LYS B 74 -1.95 -9.64 7.03
CA LYS B 74 -2.19 -10.04 5.65
C LYS B 74 -1.95 -11.54 5.47
N GLY A 1 -0.32 17.32 0.12
CA GLY A 1 -0.92 16.70 -1.11
C GLY A 1 -2.41 16.49 -0.98
N SER A 2 -3.08 16.31 -2.12
CA SER A 2 -4.52 16.09 -2.14
C SER A 2 -4.86 14.65 -1.79
N VAL A 3 -4.58 13.74 -2.72
CA VAL A 3 -4.86 12.31 -2.50
C VAL A 3 -3.89 11.43 -3.31
N PRO A 4 -3.02 10.63 -2.64
CA PRO A 4 -2.03 9.75 -3.30
C PRO A 4 -2.58 8.90 -4.44
N VAL A 5 -1.74 7.98 -4.91
CA VAL A 5 -2.12 6.99 -5.93
C VAL A 5 -2.25 5.65 -5.18
N ILE A 6 -3.44 5.06 -5.22
CA ILE A 6 -3.69 3.82 -4.50
C ILE A 6 -4.03 2.67 -5.44
N LEU A 7 -3.33 1.55 -5.28
CA LEU A 7 -3.58 0.34 -6.07
C LEU A 7 -4.05 -0.76 -5.13
N GLU A 8 -5.21 -1.33 -5.44
CA GLU A 8 -5.83 -2.37 -4.63
C GLU A 8 -5.94 -3.71 -5.36
N VAL A 9 -5.49 -4.76 -4.68
CA VAL A 9 -5.56 -6.13 -5.19
C VAL A 9 -6.88 -6.77 -4.75
N ALA A 10 -7.88 -6.72 -5.63
CA ALA A 10 -9.21 -7.25 -5.35
C ALA A 10 -9.27 -8.77 -5.38
N GLY A 11 -8.30 -9.42 -6.03
CA GLY A 11 -8.31 -10.87 -6.08
C GLY A 11 -7.11 -11.47 -6.81
N ILE A 12 -7.40 -12.21 -7.87
CA ILE A 12 -6.37 -12.83 -8.69
C ILE A 12 -6.42 -12.26 -10.10
N GLY A 13 -5.70 -11.16 -10.31
CA GLY A 13 -5.66 -10.53 -11.61
C GLY A 13 -6.59 -9.33 -11.73
N LYS A 14 -7.42 -9.09 -10.71
CA LYS A 14 -8.34 -7.95 -10.72
C LYS A 14 -7.81 -6.87 -9.77
N TYR A 15 -7.78 -5.63 -10.26
CA TYR A 15 -7.27 -4.53 -9.45
C TYR A 15 -8.09 -3.25 -9.61
N ALA A 16 -8.00 -2.42 -8.57
CA ALA A 16 -8.68 -1.13 -8.48
C ALA A 16 -7.64 -0.05 -8.25
N ILE A 17 -7.80 1.13 -8.86
CA ILE A 17 -6.84 2.21 -8.66
C ILE A 17 -7.51 3.54 -8.33
N SER A 18 -6.99 4.21 -7.31
CA SER A 18 -7.51 5.51 -6.90
C SER A 18 -6.49 6.58 -7.21
N ILE A 19 -6.85 7.44 -8.15
CA ILE A 19 -6.00 8.52 -8.60
C ILE A 19 -6.53 9.89 -8.13
N GLY A 20 -5.85 10.51 -7.17
CA GLY A 20 -6.26 11.81 -6.68
C GLY A 20 -7.76 11.91 -6.39
N GLY A 21 -8.30 10.93 -5.66
CA GLY A 21 -9.71 10.95 -5.31
C GLY A 21 -10.59 10.16 -6.27
N GLU A 22 -10.18 9.98 -7.53
CA GLU A 22 -10.99 9.22 -8.49
C GLU A 22 -10.62 7.74 -8.44
N ARG A 23 -11.64 6.90 -8.28
CA ARG A 23 -11.45 5.45 -8.19
C ARG A 23 -11.87 4.73 -9.48
N GLN A 24 -11.00 3.83 -9.95
CA GLN A 24 -11.29 3.04 -11.16
C GLN A 24 -11.30 1.55 -10.79
N GLU A 25 -12.38 0.86 -11.13
CA GLU A 25 -12.52 -0.57 -10.80
C GLU A 25 -12.60 -1.44 -12.05
N GLY A 26 -12.23 -2.72 -11.89
CA GLY A 26 -12.29 -3.67 -12.98
C GLY A 26 -11.09 -3.58 -13.91
N LEU A 27 -9.95 -3.14 -13.40
CA LEU A 27 -8.76 -3.01 -14.23
C LEU A 27 -7.94 -4.30 -14.29
N THR A 28 -7.29 -4.50 -15.43
CA THR A 28 -6.44 -5.67 -15.67
C THR A 28 -5.00 -5.38 -15.26
N GLU A 29 -4.17 -6.41 -15.24
CA GLU A 29 -2.77 -6.22 -14.86
C GLU A 29 -2.02 -5.37 -15.88
N GLU A 30 -2.22 -5.64 -17.18
CA GLU A 30 -1.56 -4.87 -18.22
C GLU A 30 -2.03 -3.41 -18.21
N MET A 31 -3.33 -3.23 -17.94
CA MET A 31 -3.90 -1.89 -17.88
C MET A 31 -3.46 -1.14 -16.63
N VAL A 32 -3.36 -1.85 -15.50
CA VAL A 32 -2.92 -1.23 -14.25
C VAL A 32 -1.50 -0.67 -14.42
N THR A 33 -0.68 -1.38 -15.20
CA THR A 33 0.68 -0.95 -15.48
C THR A 33 0.67 0.37 -16.26
N GLN A 34 -0.13 0.37 -17.35
CA GLN A 34 -0.29 1.55 -18.21
C GLN A 34 -0.64 2.80 -17.41
N LEU A 35 -1.65 2.68 -16.57
CA LEU A 35 -2.12 3.78 -15.73
C LEU A 35 -1.08 4.18 -14.69
N SER A 36 -0.51 3.20 -13.99
CA SER A 36 0.49 3.49 -12.97
C SER A 36 1.70 4.23 -13.56
N ARG A 37 2.14 3.79 -14.73
CA ARG A 37 3.27 4.40 -15.42
C ARG A 37 2.95 5.82 -15.89
N GLN A 38 1.75 6.01 -16.45
CA GLN A 38 1.35 7.32 -16.94
C GLN A 38 1.23 8.32 -15.80
N GLU A 39 0.71 7.88 -14.65
CA GLU A 39 0.56 8.78 -13.51
C GLU A 39 1.91 9.16 -12.92
N PHE A 40 2.85 8.22 -12.88
CA PHE A 40 4.16 8.50 -12.33
C PHE A 40 4.99 9.40 -13.24
N ASP A 41 4.80 9.32 -14.57
CA ASP A 41 5.56 10.16 -15.49
C ASP A 41 5.06 11.60 -15.46
N LYS A 42 3.78 11.79 -15.10
CA LYS A 42 3.22 13.14 -15.03
C LYS A 42 3.54 13.78 -13.67
N ASP A 43 3.57 12.96 -12.62
CA ASP A 43 3.88 13.43 -11.27
C ASP A 43 4.98 12.54 -10.67
N ASN A 44 6.15 13.13 -10.41
CA ASN A 44 7.28 12.37 -9.87
C ASN A 44 7.24 12.26 -8.35
N ASN A 45 6.49 13.13 -7.67
CA ASN A 45 6.41 13.08 -6.21
C ASN A 45 5.12 12.40 -5.73
N THR A 46 4.48 11.63 -6.63
CA THR A 46 3.23 10.95 -6.31
C THR A 46 3.44 9.82 -5.29
N LEU A 47 2.83 9.93 -4.12
CA LEU A 47 2.94 8.88 -3.12
C LEU A 47 2.25 7.61 -3.63
N PHE A 48 3.01 6.52 -3.73
CA PHE A 48 2.46 5.25 -4.22
C PHE A 48 2.26 4.27 -3.07
N LEU A 49 1.04 3.77 -2.95
CA LEU A 49 0.65 2.84 -1.91
C LEU A 49 -0.15 1.68 -2.48
N VAL A 50 0.14 0.47 -1.99
CA VAL A 50 -0.52 -0.74 -2.48
C VAL A 50 -1.15 -1.55 -1.35
N GLY A 51 -2.39 -2.02 -1.55
CA GLY A 51 -3.06 -2.82 -0.53
C GLY A 51 -3.77 -4.02 -1.15
N GLY A 52 -3.81 -5.11 -0.40
CA GLY A 52 -4.46 -6.33 -0.87
C GLY A 52 -5.58 -6.77 0.06
N ALA A 53 -6.55 -7.51 -0.48
CA ALA A 53 -7.68 -7.99 0.30
C ALA A 53 -7.31 -9.22 1.12
N LYS A 54 -8.16 -9.55 2.09
CA LYS A 54 -7.94 -10.70 2.96
C LYS A 54 -7.92 -12.04 2.20
N GLU A 55 -8.64 -12.11 1.08
CA GLU A 55 -8.71 -13.33 0.29
C GLU A 55 -7.57 -13.47 -0.74
N VAL A 56 -6.68 -12.47 -0.84
CA VAL A 56 -5.59 -12.55 -1.81
C VAL A 56 -4.33 -13.19 -1.19
N PRO A 57 -3.64 -14.12 -1.92
CA PRO A 57 -2.42 -14.75 -1.41
C PRO A 57 -1.28 -13.74 -1.34
N TYR A 58 -0.43 -13.81 -0.32
CA TYR A 58 0.68 -12.85 -0.18
C TYR A 58 1.62 -12.90 -1.39
N GLU A 59 1.87 -14.09 -1.90
CA GLU A 59 2.77 -14.25 -3.05
C GLU A 59 2.30 -13.40 -4.23
N GLU A 60 0.98 -13.18 -4.34
CA GLU A 60 0.45 -12.40 -5.45
C GLU A 60 0.69 -10.91 -5.20
N VAL A 61 0.69 -10.53 -3.92
CA VAL A 61 0.93 -9.14 -3.56
C VAL A 61 2.37 -8.78 -3.93
N ILE A 62 3.29 -9.73 -3.69
CA ILE A 62 4.70 -9.55 -4.03
C ILE A 62 4.83 -9.35 -5.55
N LYS A 63 4.12 -10.20 -6.29
CA LYS A 63 4.10 -10.11 -7.75
C LYS A 63 3.63 -8.72 -8.21
N ALA A 64 2.57 -8.20 -7.58
CA ALA A 64 2.05 -6.87 -7.91
C ALA A 64 3.12 -5.80 -7.69
N LEU A 65 3.78 -5.88 -6.54
CA LEU A 65 4.85 -4.94 -6.21
C LEU A 65 5.97 -5.05 -7.26
N ASN A 66 6.21 -6.30 -7.68
CA ASN A 66 7.22 -6.60 -8.68
C ASN A 66 6.90 -5.90 -10.00
N LEU A 67 5.62 -5.93 -10.40
CA LEU A 67 5.21 -5.30 -11.67
C LEU A 67 5.41 -3.80 -11.62
N LEU A 68 5.10 -3.19 -10.47
CA LEU A 68 5.25 -1.75 -10.31
C LEU A 68 6.71 -1.37 -10.42
N HIS A 69 7.59 -2.16 -9.80
CA HIS A 69 9.02 -1.90 -9.86
C HIS A 69 9.52 -2.02 -11.29
N LEU A 70 9.01 -3.01 -12.02
CA LEU A 70 9.39 -3.23 -13.41
C LEU A 70 9.09 -1.98 -14.27
N ALA A 71 7.96 -1.32 -14.01
CA ALA A 71 7.59 -0.12 -14.78
C ALA A 71 8.15 1.17 -14.14
N GLY A 72 9.02 1.03 -13.13
CA GLY A 72 9.60 2.15 -12.42
C GLY A 72 8.63 2.99 -11.60
N ILE A 73 7.73 2.34 -10.87
CA ILE A 73 6.79 3.05 -10.01
C ILE A 73 7.37 3.12 -8.59
N LYS A 74 8.06 2.06 -8.19
CA LYS A 74 8.66 2.00 -6.86
C LYS A 74 9.67 0.86 -6.77
N GLY B 1 -16.91 2.19 3.09
CA GLY B 1 -16.03 2.48 4.25
C GLY B 1 -15.65 3.95 4.33
N SER B 2 -15.19 4.38 5.50
CA SER B 2 -14.77 5.77 5.71
C SER B 2 -13.37 6.00 5.16
N VAL B 3 -12.36 5.46 5.85
CA VAL B 3 -10.97 5.62 5.42
C VAL B 3 -10.11 4.42 5.90
N PRO B 4 -9.56 3.61 4.97
CA PRO B 4 -8.73 2.43 5.30
C PRO B 4 -7.63 2.68 6.34
N VAL B 5 -6.77 1.67 6.49
CA VAL B 5 -5.60 1.76 7.35
C VAL B 5 -4.40 1.86 6.41
N ILE B 6 -3.66 2.96 6.53
CA ILE B 6 -2.52 3.20 5.64
C ILE B 6 -1.20 3.24 6.40
N LEU B 7 -0.22 2.46 5.93
CA LEU B 7 1.13 2.44 6.52
C LEU B 7 2.11 2.94 5.48
N GLU B 8 2.88 3.96 5.86
CA GLU B 8 3.84 4.59 4.97
C GLU B 8 5.29 4.43 5.47
N VAL B 9 6.16 4.00 4.55
CA VAL B 9 7.59 3.83 4.80
C VAL B 9 8.32 5.14 4.46
N ALA B 10 8.55 5.96 5.49
CA ALA B 10 9.20 7.25 5.33
C ALA B 10 10.70 7.15 5.09
N GLY B 11 11.30 6.00 5.45
CA GLY B 11 12.73 5.83 5.24
C GLY B 11 13.24 4.48 5.68
N ILE B 12 14.24 4.50 6.57
CA ILE B 12 14.83 3.28 7.10
C ILE B 12 14.49 3.14 8.59
N GLY B 13 13.35 2.52 8.87
CA GLY B 13 12.93 2.31 10.24
C GLY B 13 11.89 3.32 10.72
N LYS B 14 11.61 4.34 9.91
CA LYS B 14 10.62 5.36 10.28
C LYS B 14 9.35 5.14 9.46
N TYR B 15 8.21 5.14 10.17
CA TYR B 15 6.93 4.91 9.50
C TYR B 15 5.82 5.83 10.01
N ALA B 16 4.83 6.02 9.14
CA ALA B 16 3.65 6.83 9.39
C ALA B 16 2.41 5.98 9.20
N ILE B 17 1.38 6.16 10.04
CA ILE B 17 0.16 5.36 9.88
C ILE B 17 -1.10 6.22 9.91
N SER B 18 -2.00 5.97 8.96
CA SER B 18 -3.26 6.69 8.88
C SER B 18 -4.40 5.75 9.21
N ILE B 19 -5.04 6.03 10.33
CA ILE B 19 -6.14 5.23 10.84
C ILE B 19 -7.46 5.98 10.71
N GLY B 20 -8.32 5.55 9.79
CA GLY B 20 -9.62 6.20 9.62
C GLY B 20 -9.56 7.72 9.58
N GLY B 21 -8.64 8.27 8.78
CA GLY B 21 -8.52 9.72 8.67
C GLY B 21 -7.47 10.33 9.59
N GLU B 22 -7.16 9.68 10.72
CA GLU B 22 -6.15 10.21 11.65
C GLU B 22 -4.76 9.70 11.28
N ARG B 23 -3.83 10.64 11.11
CA ARG B 23 -2.45 10.31 10.74
C ARG B 23 -1.48 10.42 11.92
N GLN B 24 -0.65 9.38 12.09
CA GLN B 24 0.36 9.37 13.16
C GLN B 24 1.75 9.27 12.53
N GLU B 25 2.64 10.19 12.91
CA GLU B 25 4.00 10.23 12.35
C GLU B 25 5.07 10.00 13.42
N GLY B 26 6.23 9.52 12.97
CA GLY B 26 7.35 9.28 13.88
C GLY B 26 7.26 7.96 14.60
N LEU B 27 6.59 6.97 14.00
CA LEU B 27 6.42 5.68 14.64
C LEU B 27 7.59 4.74 14.34
N THR B 28 7.87 3.87 15.31
CA THR B 28 8.93 2.88 15.19
C THR B 28 8.39 1.58 14.62
N GLU B 29 9.28 0.65 14.28
CA GLU B 29 8.84 -0.63 13.73
C GLU B 29 8.07 -1.45 14.76
N GLU B 30 8.57 -1.52 16.00
CA GLU B 30 7.89 -2.27 17.05
C GLU B 30 6.53 -1.64 17.38
N MET B 31 6.49 -0.31 17.35
CA MET B 31 5.25 0.39 17.64
C MET B 31 4.25 0.26 16.48
N VAL B 32 4.75 0.30 15.25
CA VAL B 32 3.89 0.16 14.07
C VAL B 32 3.17 -1.20 14.12
N THR B 33 3.87 -2.22 14.62
CA THR B 33 3.32 -3.55 14.76
C THR B 33 2.15 -3.53 15.75
N GLN B 34 2.43 -2.95 16.93
CA GLN B 34 1.43 -2.82 18.01
C GLN B 34 0.13 -2.20 17.51
N LEU B 35 0.26 -1.07 16.84
CA LEU B 35 -0.89 -0.34 16.29
C LEU B 35 -1.59 -1.13 15.20
N SER B 36 -0.83 -1.66 14.26
CA SER B 36 -1.40 -2.44 13.16
C SER B 36 -2.20 -3.64 13.67
N ARG B 37 -1.64 -4.32 14.66
CA ARG B 37 -2.28 -5.49 15.27
C ARG B 37 -3.55 -5.11 16.03
N GLN B 38 -3.48 -4.01 16.79
CA GLN B 38 -4.64 -3.56 17.56
C GLN B 38 -5.78 -3.13 16.66
N GLU B 39 -5.46 -2.48 15.55
CA GLU B 39 -6.49 -2.03 14.63
C GLU B 39 -7.16 -3.20 13.91
N PHE B 40 -6.36 -4.21 13.56
CA PHE B 40 -6.91 -5.38 12.86
C PHE B 40 -7.77 -6.25 13.78
N ASP B 41 -7.44 -6.30 15.08
CA ASP B 41 -8.22 -7.12 16.02
C ASP B 41 -9.57 -6.46 16.33
N LYS B 42 -9.64 -5.14 16.21
CA LYS B 42 -10.89 -4.43 16.47
C LYS B 42 -11.77 -4.43 15.22
N ASP B 43 -11.14 -4.35 14.05
CA ASP B 43 -11.85 -4.38 12.77
C ASP B 43 -11.23 -5.45 11.87
N ASN B 44 -12.02 -6.47 11.53
CA ASN B 44 -11.51 -7.56 10.69
C ASN B 44 -11.65 -7.26 9.20
N ASN B 45 -12.51 -6.32 8.82
CA ASN B 45 -12.68 -5.98 7.39
C ASN B 45 -11.91 -4.70 7.02
N THR B 46 -10.93 -4.33 7.85
CA THR B 46 -10.14 -3.11 7.61
C THR B 46 -9.23 -3.26 6.39
N LEU B 47 -9.44 -2.45 5.37
CA LEU B 47 -8.59 -2.49 4.18
C LEU B 47 -7.17 -2.04 4.56
N PHE B 48 -6.19 -2.93 4.34
CA PHE B 48 -4.80 -2.62 4.67
C PHE B 48 -4.00 -2.32 3.41
N LEU B 49 -3.37 -1.15 3.40
CA LEU B 49 -2.57 -0.70 2.27
C LEU B 49 -1.23 -0.14 2.73
N VAL B 50 -0.17 -0.46 2.01
CA VAL B 50 1.18 -0.03 2.36
C VAL B 50 1.88 0.71 1.22
N GLY B 51 2.54 1.83 1.53
CA GLY B 51 3.25 2.58 0.50
C GLY B 51 4.62 3.03 0.98
N GLY B 52 5.58 3.08 0.06
CA GLY B 52 6.93 3.51 0.40
C GLY B 52 7.37 4.71 -0.40
N ALA B 53 8.30 5.48 0.15
CA ALA B 53 8.80 6.69 -0.53
C ALA B 53 9.83 6.33 -1.61
N LYS B 54 10.13 7.30 -2.46
CA LYS B 54 11.07 7.11 -3.56
C LYS B 54 12.50 6.81 -3.07
N GLU B 55 12.84 7.31 -1.89
CA GLU B 55 14.17 7.10 -1.32
C GLU B 55 14.32 5.79 -0.53
N VAL B 56 13.24 5.02 -0.39
CA VAL B 56 13.32 3.77 0.36
C VAL B 56 13.67 2.57 -0.55
N PRO B 57 14.60 1.68 -0.12
CA PRO B 57 14.98 0.50 -0.92
C PRO B 57 13.81 -0.49 -0.99
N TYR B 58 13.59 -1.15 -2.13
CA TYR B 58 12.49 -2.11 -2.25
C TYR B 58 12.60 -3.25 -1.25
N GLU B 59 13.82 -3.71 -1.00
CA GLU B 59 14.04 -4.81 -0.05
C GLU B 59 13.45 -4.47 1.32
N GLU B 60 13.44 -3.18 1.67
CA GLU B 60 12.92 -2.78 2.97
C GLU B 60 11.40 -2.80 2.96
N VAL B 61 10.82 -2.53 1.79
CA VAL B 61 9.36 -2.56 1.65
C VAL B 61 8.88 -3.99 1.85
N ILE B 62 9.64 -4.94 1.30
CA ILE B 62 9.32 -6.37 1.45
C ILE B 62 9.36 -6.74 2.92
N LYS B 63 10.40 -6.27 3.62
CA LYS B 63 10.56 -6.50 5.05
C LYS B 63 9.33 -5.99 5.82
N ALA B 64 8.87 -4.78 5.47
CA ALA B 64 7.70 -4.18 6.11
C ALA B 64 6.47 -5.07 5.92
N LEU B 65 6.27 -5.52 4.68
CA LEU B 65 5.15 -6.41 4.38
C LEU B 65 5.28 -7.69 5.20
N ASN B 66 6.53 -8.15 5.33
CA ASN B 66 6.84 -9.35 6.11
C ASN B 66 6.42 -9.19 7.57
N LEU B 67 6.68 -8.02 8.15
CA LEU B 67 6.33 -7.78 9.55
C LEU B 67 4.82 -7.80 9.75
N LEU B 68 4.09 -7.21 8.79
CA LEU B 68 2.64 -7.18 8.87
C LEU B 68 2.07 -8.59 8.81
N HIS B 69 2.63 -9.42 7.93
CA HIS B 69 2.19 -10.80 7.81
C HIS B 69 2.47 -11.56 9.11
N LEU B 70 3.63 -11.29 9.72
CA LEU B 70 4.00 -11.94 10.97
C LEU B 70 2.97 -11.67 12.08
N ALA B 71 2.43 -10.45 12.12
CA ALA B 71 1.44 -10.09 13.14
C ALA B 71 0.00 -10.39 12.66
N GLY B 72 -0.14 -11.06 11.52
CA GLY B 72 -1.43 -11.39 10.93
C GLY B 72 -2.25 -10.21 10.45
N ILE B 73 -1.61 -9.27 9.77
CA ILE B 73 -2.32 -8.11 9.21
C ILE B 73 -2.68 -8.41 7.75
N LYS B 74 -1.82 -9.14 7.06
CA LYS B 74 -2.05 -9.50 5.66
C LYS B 74 -1.09 -10.59 5.22
#